data_6E9X
#
_entry.id   6E9X
#
_entity_poly.entity_id   1
_entity_poly.type   'polypeptide(L)'
_entity_poly.pdbx_seq_one_letter_code
;DERRELEKVAVKAIMAAMLGNTDEVREQLQRALEIARESGTLLAVVLALEVVARVAIEAARKGNTDAVREALEVALEIAR
ESGTKVAVVLALEVVARVAIEAARRGNVLAVILALEVALEIARESGTEEAALLAVEVVVRVSDEAKKQGNAVAVAVAEQV
AKKILEES
;
_entity_poly.pdbx_strand_id   C,A,B,P,D,J,Q,E,K,R,F,L,S,G,M,T,H,N,U,I,O
#
# COMPACT_ATOMS: atom_id res chain seq x y z
N ASP A 1 26.80 29.07 -1.19
CA ASP A 1 26.06 30.00 -2.02
C ASP A 1 25.39 29.19 -3.13
N GLU A 2 26.17 28.30 -3.76
CA GLU A 2 25.67 27.46 -4.85
C GLU A 2 24.34 26.80 -4.50
N ARG A 3 24.24 26.27 -3.28
CA ARG A 3 23.02 25.66 -2.81
C ARG A 3 21.82 26.62 -2.88
N ARG A 4 22.07 27.87 -2.51
CA ARG A 4 21.05 28.91 -2.50
C ARG A 4 20.71 29.34 -3.94
N GLU A 5 21.75 29.33 -4.76
CA GLU A 5 21.63 29.67 -6.18
C GLU A 5 20.82 28.56 -6.89
N LEU A 6 21.13 27.32 -6.53
CA LEU A 6 20.47 26.16 -7.10
C LEU A 6 19.05 26.13 -6.56
N GLU A 7 18.88 26.66 -5.36
CA GLU A 7 17.56 26.78 -4.77
C GLU A 7 16.68 27.74 -5.59
N LYS A 8 17.26 28.90 -5.94
CA LYS A 8 16.56 29.86 -6.80
C LYS A 8 16.17 29.22 -8.13
N VAL A 9 17.17 28.59 -8.76
CA VAL A 9 16.97 27.91 -10.04
C VAL A 9 15.85 26.86 -9.94
N ALA A 10 15.91 26.03 -8.90
CA ALA A 10 14.90 24.99 -8.69
C ALA A 10 13.49 25.59 -8.62
N VAL A 11 13.36 26.61 -7.78
CA VAL A 11 12.06 27.28 -7.60
C VAL A 11 11.48 27.76 -8.93
N LYS A 12 12.32 28.51 -9.65
CA LYS A 12 11.87 29.05 -10.94
C LYS A 12 11.57 27.97 -11.98
N ALA A 13 12.43 26.96 -12.05
CA ALA A 13 12.25 25.88 -13.03
C ALA A 13 11.01 25.01 -12.73
N ILE A 14 10.77 24.70 -11.46
CA ILE A 14 9.61 23.91 -11.09
C ILE A 14 8.34 24.67 -11.42
N MET A 15 8.33 25.96 -11.04
CA MET A 15 7.14 26.74 -11.35
C MET A 15 6.93 26.80 -12.88
N ALA A 16 8.01 26.97 -13.64
CA ALA A 16 7.92 26.95 -15.11
C ALA A 16 7.43 25.59 -15.66
N ALA A 17 7.87 24.51 -15.06
CA ALA A 17 7.39 23.19 -15.48
C ALA A 17 5.89 23.01 -15.19
N MET A 18 5.42 23.59 -14.08
CA MET A 18 3.99 23.53 -13.76
C MET A 18 3.10 24.31 -14.75
N LEU A 19 3.65 25.36 -15.34
CA LEU A 19 2.91 26.29 -16.21
C LEU A 19 3.08 26.10 -17.72
N GLY A 20 3.91 25.16 -18.16
CA GLY A 20 4.14 24.97 -19.58
C GLY A 20 5.05 26.04 -20.20
N ASN A 21 5.93 26.59 -19.38
CA ASN A 21 6.83 27.66 -19.82
C ASN A 21 8.17 27.04 -20.20
N THR A 22 8.19 26.52 -21.42
CA THR A 22 9.34 25.77 -21.92
C THR A 22 10.59 26.65 -21.96
N ASP A 23 10.41 27.90 -22.39
CA ASP A 23 11.56 28.80 -22.52
C ASP A 23 12.26 29.01 -21.16
N GLU A 24 11.48 29.24 -20.12
CA GLU A 24 12.03 29.46 -18.78
C GLU A 24 12.62 28.17 -18.20
N VAL A 25 11.96 27.02 -18.39
CA VAL A 25 12.55 25.75 -17.93
C VAL A 25 13.91 25.54 -18.56
N ARG A 26 13.99 25.76 -19.88
CA ARG A 26 15.26 25.63 -20.61
C ARG A 26 16.35 26.55 -20.04
N GLU A 27 16.02 27.83 -19.88
CA GLU A 27 17.00 28.77 -19.34
C GLU A 27 17.49 28.38 -17.92
N GLN A 28 16.56 28.04 -17.04
CA GLN A 28 16.92 27.70 -15.66
C GLN A 28 17.75 26.40 -15.59
N LEU A 29 17.39 25.40 -16.39
CA LEU A 29 18.20 24.17 -16.37
C LEU A 29 19.61 24.43 -16.91
N GLN A 30 19.73 25.32 -17.90
CA GLN A 30 21.07 25.69 -18.39
C GLN A 30 21.86 26.32 -17.25
N ARG A 31 21.20 27.13 -16.43
CA ARG A 31 21.92 27.70 -15.29
C ARG A 31 22.32 26.66 -14.24
N ALA A 32 21.48 25.67 -13.99
CA ALA A 32 21.90 24.59 -13.10
C ALA A 32 23.15 23.90 -13.64
N LEU A 33 23.16 23.66 -14.94
CA LEU A 33 24.34 23.04 -15.55
C LEU A 33 25.58 23.91 -15.35
N GLU A 34 25.40 25.21 -15.59
CA GLU A 34 26.55 26.11 -15.44
C GLU A 34 27.05 26.21 -14.01
N ILE A 35 26.13 26.19 -13.04
CA ILE A 35 26.56 26.17 -11.64
C ILE A 35 27.39 24.92 -11.33
N ALA A 36 26.91 23.75 -11.80
CA ALA A 36 27.69 22.53 -11.59
C ALA A 36 29.08 22.70 -12.23
N ARG A 37 29.09 23.25 -13.44
CA ARG A 37 30.34 23.51 -14.16
C ARG A 37 31.29 24.42 -13.39
N GLU A 38 30.75 25.52 -12.88
CA GLU A 38 31.58 26.52 -12.22
C GLU A 38 32.11 26.04 -10.87
N SER A 39 31.32 25.24 -10.17
CA SER A 39 31.67 24.78 -8.82
C SER A 39 32.79 23.75 -8.77
N GLY A 40 32.83 22.84 -9.75
CA GLY A 40 33.91 21.87 -9.81
C GLY A 40 33.96 20.87 -8.67
N THR A 41 32.82 20.57 -8.06
CA THR A 41 32.75 19.55 -7.01
C THR A 41 31.64 18.52 -7.28
N LEU A 42 31.77 17.34 -6.71
CA LEU A 42 30.76 16.31 -6.86
C LEU A 42 29.54 16.75 -6.08
N LEU A 43 29.73 17.48 -4.99
CA LEU A 43 28.57 17.89 -4.21
C LEU A 43 27.68 18.82 -5.05
N ALA A 44 28.30 19.70 -5.84
CA ALA A 44 27.54 20.60 -6.71
C ALA A 44 26.83 19.81 -7.83
N VAL A 45 27.52 18.81 -8.37
CA VAL A 45 26.91 17.91 -9.36
C VAL A 45 25.69 17.21 -8.78
N VAL A 46 25.83 16.69 -7.56
CA VAL A 46 24.73 16.01 -6.91
C VAL A 46 23.54 16.94 -6.72
N LEU A 47 23.81 18.14 -6.23
CA LEU A 47 22.74 19.13 -6.03
C LEU A 47 22.06 19.53 -7.34
N ALA A 48 22.86 19.77 -8.36
CA ALA A 48 22.29 20.12 -9.67
C ALA A 48 21.43 18.99 -10.22
N LEU A 49 21.92 17.74 -10.12
CA LEU A 49 21.11 16.61 -10.58
C LEU A 49 19.84 16.47 -9.76
N GLU A 50 19.90 16.75 -8.46
CA GLU A 50 18.66 16.73 -7.67
C GLU A 50 17.67 17.80 -8.17
N VAL A 51 18.17 19.00 -8.48
CA VAL A 51 17.29 20.02 -9.06
C VAL A 51 16.66 19.56 -10.37
N VAL A 52 17.49 19.02 -11.26
CA VAL A 52 17.01 18.48 -12.50
C VAL A 52 15.94 17.41 -12.29
N ALA A 53 16.18 16.52 -11.34
CA ALA A 53 15.22 15.48 -11.03
C ALA A 53 13.88 16.04 -10.59
N ARG A 54 13.93 16.99 -9.64
CA ARG A 54 12.69 17.59 -9.14
C ARG A 54 11.89 18.29 -10.26
N VAL A 55 12.59 19.01 -11.12
CA VAL A 55 11.93 19.67 -12.25
C VAL A 55 11.28 18.66 -13.21
N ALA A 56 12.03 17.62 -13.54
CA ALA A 56 11.51 16.59 -14.45
C ALA A 56 10.37 15.81 -13.83
N ILE A 57 10.40 15.57 -12.53
CA ILE A 57 9.30 14.84 -11.89
C ILE A 57 8.03 15.69 -11.91
N GLU A 58 8.18 16.97 -11.58
CA GLU A 58 7.04 17.86 -11.65
C GLU A 58 6.48 17.92 -13.08
N ALA A 59 7.37 18.03 -14.05
CA ALA A 59 6.96 18.04 -15.46
C ALA A 59 6.24 16.75 -15.82
N ALA A 60 6.76 15.61 -15.37
CA ALA A 60 6.14 14.33 -15.70
C ALA A 60 4.74 14.26 -15.11
N ARG A 61 4.54 14.84 -13.94
CA ARG A 61 3.20 14.84 -13.33
C ARG A 61 2.18 15.68 -14.10
N LYS A 62 2.66 16.70 -14.77
CA LYS A 62 1.85 17.71 -15.47
C LYS A 62 1.62 17.46 -16.96
N GLY A 63 2.26 16.45 -17.54
CA GLY A 63 2.17 16.21 -18.98
C GLY A 63 3.07 17.19 -19.75
N ASN A 64 4.11 17.70 -19.10
CA ASN A 64 4.95 18.72 -19.74
C ASN A 64 6.13 18.01 -20.39
N THR A 65 5.89 17.54 -21.61
CA THR A 65 6.85 16.70 -22.30
C THR A 65 8.14 17.46 -22.63
N ASP A 66 7.98 18.72 -22.98
CA ASP A 66 9.15 19.55 -23.32
C ASP A 66 10.08 19.66 -22.13
N ALA A 67 9.51 19.94 -20.96
CA ALA A 67 10.34 20.12 -19.77
C ALA A 67 11.01 18.80 -19.34
N VAL A 68 10.32 17.67 -19.47
CA VAL A 68 10.96 16.41 -19.18
C VAL A 68 12.16 16.21 -20.10
N ARG A 69 11.96 16.45 -21.39
CA ARG A 69 13.03 16.30 -22.37
C ARG A 69 14.23 17.22 -22.06
N GLU A 70 13.94 18.50 -21.81
CA GLU A 70 14.99 19.50 -21.49
C GLU A 70 15.76 19.07 -20.24
N ALA A 71 15.01 18.67 -19.24
CA ALA A 71 15.67 18.28 -17.99
C ALA A 71 16.56 17.05 -18.14
N LEU A 72 16.05 16.04 -18.82
CA LEU A 72 16.88 14.86 -18.98
C LEU A 72 18.07 15.06 -19.89
N GLU A 73 17.97 15.93 -20.89
CA GLU A 73 19.15 16.32 -21.68
C GLU A 73 20.20 16.97 -20.79
N VAL A 74 19.75 17.80 -19.85
CA VAL A 74 20.74 18.41 -18.94
C VAL A 74 21.36 17.36 -17.99
N ALA A 75 20.57 16.39 -17.51
CA ALA A 75 21.16 15.30 -16.75
C ALA A 75 22.23 14.56 -17.59
N LEU A 76 21.92 14.28 -18.85
CA LEU A 76 22.86 13.63 -19.77
C LEU A 76 24.14 14.47 -19.89
N GLU A 77 23.99 15.79 -20.05
CA GLU A 77 25.17 16.63 -20.20
C GLU A 77 26.01 16.70 -18.92
N ILE A 78 25.35 16.77 -17.77
CA ILE A 78 26.05 16.74 -16.49
C ILE A 78 26.81 15.40 -16.46
N ALA A 79 26.18 14.29 -16.85
CA ALA A 79 26.91 13.00 -16.87
C ALA A 79 28.09 13.02 -17.84
N ARG A 80 27.93 13.69 -18.98
CA ARG A 80 29.04 13.82 -19.93
C ARG A 80 30.19 14.67 -19.40
N GLU A 81 29.88 15.80 -18.77
CA GLU A 81 30.91 16.78 -18.39
C GLU A 81 31.63 16.56 -17.06
N SER A 82 31.01 15.81 -16.16
CA SER A 82 31.55 15.65 -14.81
C SER A 82 32.82 14.82 -14.73
N GLY A 83 32.97 13.86 -15.63
CA GLY A 83 34.13 12.98 -15.69
C GLY A 83 34.23 11.96 -14.59
N THR A 84 33.11 11.65 -13.93
CA THR A 84 33.10 10.62 -12.89
C THR A 84 32.01 9.59 -13.09
N LYS A 85 32.28 8.38 -12.62
CA LYS A 85 31.29 7.29 -12.64
C LYS A 85 30.11 7.63 -11.75
N VAL A 86 30.41 8.24 -10.60
CA VAL A 86 29.36 8.66 -9.68
C VAL A 86 28.33 9.57 -10.37
N ALA A 87 28.78 10.52 -11.18
CA ALA A 87 27.83 11.38 -11.88
C ALA A 87 26.95 10.60 -12.88
N VAL A 88 27.55 9.63 -13.56
CA VAL A 88 26.81 8.79 -14.50
C VAL A 88 25.72 7.98 -13.76
N VAL A 89 26.09 7.34 -12.66
CA VAL A 89 25.15 6.58 -11.83
C VAL A 89 24.01 7.46 -11.30
N LEU A 90 24.36 8.65 -10.82
CA LEU A 90 23.35 9.59 -10.34
C LEU A 90 22.42 10.05 -11.46
N ALA A 91 22.96 10.28 -12.64
CA ALA A 91 22.12 10.65 -13.78
C ALA A 91 21.15 9.53 -14.13
N LEU A 92 21.65 8.29 -14.16
CA LEU A 92 20.75 7.15 -14.37
C LEU A 92 19.66 7.02 -13.31
N GLU A 93 19.99 7.34 -12.04
CA GLU A 93 18.95 7.30 -11.01
C GLU A 93 17.91 8.39 -11.24
N VAL A 94 18.36 9.58 -11.65
CA VAL A 94 17.39 10.64 -12.04
C VAL A 94 16.43 10.14 -13.13
N VAL A 95 17.01 9.57 -14.19
CA VAL A 95 16.21 9.03 -15.29
C VAL A 95 15.19 7.99 -14.79
N ALA A 96 15.63 7.08 -13.93
CA ALA A 96 14.73 6.08 -13.35
C ALA A 96 13.59 6.71 -12.56
N ARG A 97 13.91 7.67 -11.69
CA ARG A 97 12.87 8.30 -10.88
C ARG A 97 11.83 8.99 -11.77
N VAL A 98 12.32 9.70 -12.79
CA VAL A 98 11.41 10.40 -13.69
C VAL A 98 10.51 9.39 -14.47
N ALA A 99 11.13 8.34 -14.99
CA ALA A 99 10.39 7.36 -15.76
C ALA A 99 9.37 6.63 -14.90
N ILE A 100 9.73 6.34 -13.65
CA ILE A 100 8.76 5.70 -12.75
C ILE A 100 7.55 6.60 -12.45
N GLU A 101 7.82 7.88 -12.14
CA GLU A 101 6.71 8.83 -11.95
C GLU A 101 5.85 8.93 -13.20
N ALA A 102 6.49 8.99 -14.37
CA ALA A 102 5.74 9.05 -15.62
C ALA A 102 4.87 7.82 -15.83
N ALA A 103 5.40 6.65 -15.53
CA ALA A 103 4.63 5.42 -15.66
C ALA A 103 3.41 5.42 -14.79
N ARG A 104 3.55 5.94 -13.58
CA ARG A 104 2.41 6.06 -12.65
C ARG A 104 1.29 7.01 -13.11
N ARG A 105 1.64 7.99 -13.95
CA ARG A 105 0.77 9.09 -14.34
C ARG A 105 0.17 8.93 -15.72
N GLY A 106 0.54 7.88 -16.45
CA GLY A 106 0.07 7.67 -17.80
C GLY A 106 0.78 8.58 -18.78
N ASN A 107 1.98 9.03 -18.41
CA ASN A 107 2.73 9.95 -19.25
C ASN A 107 3.67 9.16 -20.14
N VAL A 108 3.12 8.71 -21.25
CA VAL A 108 3.87 7.81 -22.13
C VAL A 108 5.01 8.53 -22.83
N LEU A 109 4.84 9.82 -23.16
CA LEU A 109 5.95 10.55 -23.76
C LEU A 109 7.14 10.60 -22.83
N ALA A 110 6.90 10.83 -21.54
CA ALA A 110 7.98 11.02 -20.58
C ALA A 110 8.67 9.68 -20.33
N VAL A 111 7.90 8.58 -20.34
CA VAL A 111 8.54 7.27 -20.25
C VAL A 111 9.46 7.06 -21.44
N ILE A 112 8.98 7.33 -22.65
CA ILE A 112 9.81 7.19 -23.83
C ILE A 112 11.08 8.03 -23.77
N LEU A 113 10.91 9.32 -23.43
CA LEU A 113 12.06 10.23 -23.34
C LEU A 113 13.09 9.74 -22.31
N ALA A 114 12.59 9.36 -21.13
CA ALA A 114 13.48 8.90 -20.06
C ALA A 114 14.25 7.65 -20.47
N LEU A 115 13.52 6.67 -21.01
CA LEU A 115 14.22 5.44 -21.40
C LEU A 115 15.21 5.65 -22.54
N GLU A 116 14.90 6.58 -23.46
CA GLU A 116 15.87 6.92 -24.50
C GLU A 116 17.15 7.53 -23.90
N VAL A 117 17.00 8.37 -22.89
CA VAL A 117 18.21 8.89 -22.22
C VAL A 117 18.96 7.81 -21.47
N ALA A 118 18.26 6.87 -20.85
CA ALA A 118 18.97 5.71 -20.27
C ALA A 118 19.77 4.99 -21.34
N LEU A 119 19.14 4.74 -22.49
CA LEU A 119 19.85 4.10 -23.58
C LEU A 119 21.07 4.92 -24.04
N GLU A 120 20.91 6.24 -24.14
CA GLU A 120 22.04 7.09 -24.57
C GLU A 120 23.17 7.09 -23.54
N ILE A 121 22.83 7.10 -22.25
CA ILE A 121 23.88 7.01 -21.22
C ILE A 121 24.63 5.69 -21.36
N ALA A 122 23.90 4.58 -21.54
CA ALA A 122 24.58 3.29 -21.75
C ALA A 122 25.44 3.29 -23.04
N ARG A 123 24.91 3.86 -24.12
CA ARG A 123 25.64 3.90 -25.38
C ARG A 123 26.93 4.73 -25.28
N GLU A 124 26.85 5.90 -24.62
CA GLU A 124 28.00 6.81 -24.54
C GLU A 124 29.01 6.43 -23.48
N SER A 125 28.56 5.78 -22.41
CA SER A 125 29.46 5.45 -21.31
C SER A 125 30.54 4.45 -21.68
N GLY A 126 30.20 3.47 -22.51
CA GLY A 126 31.18 2.45 -22.91
C GLY A 126 31.69 1.62 -21.73
N THR A 127 30.87 1.50 -20.70
CA THR A 127 31.18 0.59 -19.61
C THR A 127 30.11 -0.49 -19.51
N GLU A 128 30.53 -1.69 -19.16
CA GLU A 128 29.58 -2.74 -18.89
C GLU A 128 28.61 -2.38 -17.78
N GLU A 129 29.12 -1.75 -16.74
CA GLU A 129 28.29 -1.40 -15.61
C GLU A 129 27.17 -0.45 -16.00
N ALA A 130 27.45 0.53 -16.85
CA ALA A 130 26.37 1.43 -17.28
C ALA A 130 25.29 0.71 -18.07
N ALA A 131 25.69 -0.27 -18.90
CA ALA A 131 24.71 -1.10 -19.61
C ALA A 131 23.87 -1.85 -18.62
N LEU A 132 24.51 -2.50 -17.64
CA LEU A 132 23.75 -3.23 -16.61
C LEU A 132 22.77 -2.35 -15.83
N LEU A 133 23.23 -1.17 -15.43
CA LEU A 133 22.38 -0.27 -14.70
C LEU A 133 21.24 0.24 -15.57
N ALA A 134 21.52 0.51 -16.85
CA ALA A 134 20.44 0.95 -17.74
C ALA A 134 19.38 -0.13 -17.88
N VAL A 135 19.83 -1.38 -18.02
CA VAL A 135 18.86 -2.47 -18.05
C VAL A 135 18.03 -2.56 -16.76
N GLU A 136 18.68 -2.33 -15.62
CA GLU A 136 17.96 -2.27 -14.34
C GLU A 136 16.94 -1.12 -14.28
N VAL A 137 17.29 0.04 -14.83
CA VAL A 137 16.32 1.12 -14.96
C VAL A 137 15.12 0.65 -15.79
N VAL A 138 15.38 0.05 -16.96
CA VAL A 138 14.29 -0.40 -17.82
C VAL A 138 13.41 -1.40 -17.06
N VAL A 139 14.03 -2.32 -16.33
CA VAL A 139 13.24 -3.30 -15.57
C VAL A 139 12.36 -2.63 -14.50
N ARG A 140 12.92 -1.66 -13.79
CA ARG A 140 12.14 -0.94 -12.76
C ARG A 140 10.94 -0.23 -13.39
N VAL A 141 11.16 0.39 -14.54
CA VAL A 141 10.07 1.08 -15.22
C VAL A 141 9.03 0.08 -15.74
N SER A 142 9.47 -1.04 -16.31
CA SER A 142 8.56 -2.11 -16.70
C SER A 142 7.70 -2.62 -15.54
N ASP A 143 8.36 -2.89 -14.40
CA ASP A 143 7.64 -3.33 -13.21
C ASP A 143 6.57 -2.34 -12.80
N GLU A 144 6.94 -1.07 -12.76
CA GLU A 144 5.94 -0.07 -12.38
C GLU A 144 4.77 0.04 -13.36
N ALA A 145 5.10 0.01 -14.65
CA ALA A 145 4.12 0.08 -15.69
C ALA A 145 3.15 -1.11 -15.62
N LYS A 146 3.65 -2.31 -15.39
CA LYS A 146 2.79 -3.48 -15.22
C LYS A 146 1.87 -3.25 -14.01
N LYS A 147 2.45 -2.78 -12.91
CA LYS A 147 1.66 -2.56 -11.68
C LYS A 147 0.50 -1.56 -11.90
N GLN A 148 0.77 -0.51 -12.67
CA GLN A 148 -0.21 0.55 -12.94
C GLN A 148 -1.15 0.30 -14.11
N GLY A 149 -0.89 -0.76 -14.88
CA GLY A 149 -1.69 -1.07 -16.07
C GLY A 149 -1.42 -0.08 -17.20
N ASN A 150 -0.15 0.32 -17.34
CA ASN A 150 0.25 1.26 -18.37
C ASN A 150 0.88 0.47 -19.48
N ALA A 151 0.04 -0.04 -20.39
CA ALA A 151 0.51 -0.98 -21.40
C ALA A 151 1.47 -0.31 -22.38
N VAL A 152 1.25 0.98 -22.70
CA VAL A 152 2.18 1.69 -23.57
C VAL A 152 3.62 1.67 -23.00
N ALA A 153 3.72 1.93 -21.70
CA ALA A 153 5.02 1.98 -21.04
C ALA A 153 5.66 0.58 -20.91
N VAL A 154 4.83 -0.46 -20.72
CA VAL A 154 5.39 -1.80 -20.72
C VAL A 154 5.99 -2.07 -22.09
N ALA A 155 5.26 -1.71 -23.15
CA ALA A 155 5.77 -1.97 -24.48
C ALA A 155 7.03 -1.18 -24.79
N VAL A 156 7.04 0.09 -24.39
CA VAL A 156 8.22 0.92 -24.59
C VAL A 156 9.43 0.37 -23.85
N ALA A 157 9.24 -0.05 -22.61
CA ALA A 157 10.34 -0.67 -21.87
C ALA A 157 10.84 -1.92 -22.58
N GLU A 158 9.93 -2.77 -23.06
CA GLU A 158 10.38 -3.95 -23.79
C GLU A 158 11.20 -3.56 -25.03
N GLN A 159 10.73 -2.54 -25.75
CA GLN A 159 11.46 -2.09 -26.94
C GLN A 159 12.90 -1.63 -26.63
N VAL A 160 13.01 -0.81 -25.59
CA VAL A 160 14.32 -0.32 -25.19
C VAL A 160 15.22 -1.43 -24.64
N ALA A 161 14.66 -2.36 -23.85
CA ALA A 161 15.43 -3.53 -23.41
C ALA A 161 15.97 -4.28 -24.63
N LYS A 162 15.11 -4.53 -25.60
CA LYS A 162 15.55 -5.25 -26.80
C LYS A 162 16.67 -4.51 -27.49
N LYS A 163 16.54 -3.18 -27.62
CA LYS A 163 17.57 -2.39 -28.28
C LYS A 163 18.91 -2.45 -27.55
N ILE A 164 18.88 -2.28 -26.23
CA ILE A 164 20.11 -2.37 -25.44
C ILE A 164 20.69 -3.79 -25.64
N LEU A 165 19.84 -4.81 -25.55
CA LEU A 165 20.34 -6.19 -25.67
C LEU A 165 20.91 -6.49 -27.05
N GLU A 166 20.32 -5.93 -28.11
CA GLU A 166 20.88 -6.14 -29.45
C GLU A 166 22.14 -5.34 -29.75
N GLU A 167 22.16 -4.08 -29.31
CA GLU A 167 23.19 -3.12 -29.73
C GLU A 167 24.33 -2.84 -28.73
N SER A 168 24.13 -3.19 -27.46
CA SER A 168 25.14 -2.88 -26.45
C SER A 168 26.46 -3.62 -26.71
N ASP B 1 5.37 -30.34 -24.84
CA ASP B 1 4.19 -30.15 -25.66
C ASP B 1 3.03 -29.81 -24.72
N GLU B 2 2.90 -30.57 -23.63
CA GLU B 2 1.84 -30.37 -22.65
C GLU B 2 1.73 -28.90 -22.24
N ARG B 3 2.87 -28.26 -21.99
CA ARG B 3 2.90 -26.85 -21.64
C ARG B 3 2.20 -25.98 -22.69
N ARG B 4 2.46 -26.30 -23.96
CA ARG B 4 1.90 -25.57 -25.09
C ARG B 4 0.40 -25.88 -25.24
N GLU B 5 0.07 -27.13 -24.94
CA GLU B 5 -1.30 -27.61 -24.99
C GLU B 5 -2.11 -26.93 -23.85
N LEU B 6 -1.47 -26.83 -22.69
CA LEU B 6 -2.09 -26.23 -21.53
C LEU B 6 -2.16 -24.73 -21.77
N GLU B 7 -1.21 -24.23 -22.56
CA GLU B 7 -1.23 -22.83 -22.95
C GLU B 7 -2.47 -22.54 -23.82
N LYS B 8 -2.72 -23.40 -24.80
CA LYS B 8 -3.93 -23.25 -25.63
C LYS B 8 -5.19 -23.28 -24.78
N VAL B 9 -5.26 -24.30 -23.91
CA VAL B 9 -6.40 -24.47 -23.01
C VAL B 9 -6.60 -23.22 -22.14
N ALA B 10 -5.52 -22.73 -21.55
CA ALA B 10 -5.58 -21.53 -20.70
C ALA B 10 -6.17 -20.34 -21.46
N VAL B 11 -5.61 -20.10 -22.65
CA VAL B 11 -6.06 -18.99 -23.49
C VAL B 11 -7.57 -19.05 -23.73
N LYS B 12 -8.00 -20.21 -24.22
CA LYS B 12 -9.43 -20.39 -24.53
C LYS B 12 -10.33 -20.30 -23.30
N ALA B 13 -9.89 -20.91 -22.20
CA ALA B 13 -10.70 -20.90 -20.98
C ALA B 13 -10.79 -19.51 -20.33
N ILE B 14 -9.70 -18.76 -20.33
CA ILE B 14 -9.70 -17.41 -19.78
C ILE B 14 -10.63 -16.52 -20.59
N MET B 15 -10.47 -16.61 -21.91
CA MET B 15 -11.35 -15.80 -22.74
C MET B 15 -12.83 -16.19 -22.51
N ALA B 16 -13.10 -17.48 -22.39
CA ALA B 16 -14.47 -17.94 -22.07
C ALA B 16 -14.96 -17.44 -20.70
N ALA B 17 -14.08 -17.41 -19.73
CA ALA B 17 -14.47 -16.89 -18.41
C ALA B 17 -14.78 -15.38 -18.47
N MET B 18 -14.04 -14.65 -19.31
CA MET B 18 -14.32 -13.22 -19.50
C MET B 18 -15.68 -12.93 -20.14
N LEU B 19 -16.14 -13.85 -20.99
CA LEU B 19 -17.37 -13.68 -21.80
C LEU B 19 -18.64 -14.36 -21.27
N GLY B 20 -18.56 -15.10 -20.17
CA GLY B 20 -19.73 -15.78 -19.66
C GLY B 20 -20.09 -17.05 -20.46
N ASN B 21 -19.07 -17.66 -21.06
CA ASN B 21 -19.26 -18.84 -21.90
C ASN B 21 -18.98 -20.08 -21.07
N THR B 22 -20.01 -20.45 -20.30
CA THR B 22 -19.88 -21.53 -19.33
C THR B 22 -19.55 -22.86 -20.03
N ASP B 23 -20.20 -23.09 -21.17
CA ASP B 23 -19.97 -24.35 -21.89
C ASP B 23 -18.51 -24.53 -22.29
N GLU B 24 -17.91 -23.47 -22.83
CA GLU B 24 -16.52 -23.51 -23.26
C GLU B 24 -15.56 -23.59 -22.06
N VAL B 25 -15.82 -22.84 -20.98
CA VAL B 25 -14.99 -22.97 -19.78
C VAL B 25 -14.99 -24.41 -19.27
N ARG B 26 -16.18 -25.02 -19.21
CA ARG B 26 -16.31 -26.41 -18.78
C ARG B 26 -15.49 -27.36 -19.66
N GLU B 27 -15.68 -27.24 -20.97
CA GLU B 27 -14.94 -28.12 -21.88
C GLU B 27 -13.40 -27.97 -21.76
N GLN B 28 -12.92 -26.71 -21.72
CA GLN B 28 -11.47 -26.47 -21.64
C GLN B 28 -10.89 -26.95 -20.29
N LEU B 29 -11.61 -26.73 -19.19
CA LEU B 29 -11.09 -27.22 -17.90
C LEU B 29 -11.04 -28.76 -17.88
N GLN B 30 -12.02 -29.41 -18.53
CA GLN B 30 -11.98 -30.87 -18.63
C GLN B 30 -10.73 -31.30 -19.39
N ARG B 31 -10.37 -30.53 -20.41
CA ARG B 31 -9.13 -30.88 -21.12
C ARG B 31 -7.88 -30.66 -20.30
N ALA B 32 -7.85 -29.61 -19.48
CA ALA B 32 -6.71 -29.45 -18.56
C ALA B 32 -6.58 -30.66 -17.64
N LEU B 33 -7.73 -31.11 -17.14
CA LEU B 33 -7.72 -32.29 -16.27
C LEU B 33 -7.16 -33.50 -17.01
N GLU B 34 -7.64 -33.68 -18.23
CA GLU B 34 -7.19 -34.84 -19.01
C GLU B 34 -5.71 -34.77 -19.36
N ILE B 35 -5.19 -33.59 -19.64
CA ILE B 35 -3.75 -33.45 -19.87
C ILE B 35 -2.96 -33.85 -18.62
N ALA B 36 -3.41 -33.37 -17.45
CA ALA B 36 -2.71 -33.77 -16.22
C ALA B 36 -2.77 -35.30 -16.08
N ARG B 37 -3.94 -35.86 -16.36
CA ARG B 37 -4.13 -37.32 -16.30
C ARG B 37 -3.18 -38.06 -17.24
N GLU B 38 -3.10 -37.60 -18.48
CA GLU B 38 -2.31 -38.29 -19.49
C GLU B 38 -0.82 -38.19 -19.25
N SER B 39 -0.38 -37.04 -18.72
CA SER B 39 1.04 -36.79 -18.50
C SER B 39 1.69 -37.59 -17.38
N GLY B 40 0.96 -37.82 -16.29
CA GLY B 40 1.47 -38.64 -15.21
C GLY B 40 2.68 -38.08 -14.48
N THR B 41 2.82 -36.75 -14.46
CA THR B 41 3.88 -36.10 -13.69
C THR B 41 3.34 -35.00 -12.76
N LEU B 42 4.09 -34.69 -11.71
CA LEU B 42 3.70 -33.63 -10.81
C LEU B 42 3.85 -32.32 -11.54
N LEU B 43 4.81 -32.22 -12.47
CA LEU B 43 5.00 -30.95 -13.15
C LEU B 43 3.74 -30.62 -13.98
N ALA B 44 3.14 -31.65 -14.59
CA ALA B 44 1.92 -31.46 -15.38
C ALA B 44 0.74 -31.07 -14.46
N VAL B 45 0.67 -31.71 -13.29
CA VAL B 45 -0.33 -31.35 -12.28
C VAL B 45 -0.20 -29.91 -11.87
N VAL B 46 1.04 -29.48 -11.60
CA VAL B 46 1.30 -28.10 -11.21
C VAL B 46 0.85 -27.12 -12.29
N LEU B 47 1.22 -27.42 -13.53
CA LEU B 47 0.83 -26.56 -14.65
C LEU B 47 -0.68 -26.51 -14.84
N ALA B 48 -1.33 -27.66 -14.76
CA ALA B 48 -2.79 -27.69 -14.90
C ALA B 48 -3.46 -26.90 -13.79
N LEU B 49 -2.99 -27.06 -12.55
CA LEU B 49 -3.56 -26.28 -11.45
C LEU B 49 -3.31 -24.81 -11.62
N GLU B 50 -2.15 -24.43 -12.17
CA GLU B 50 -1.94 -23.00 -12.45
C GLU B 50 -2.95 -22.50 -13.51
N VAL B 51 -3.20 -23.29 -14.55
CA VAL B 51 -4.23 -22.89 -15.52
C VAL B 51 -5.60 -22.73 -14.87
N VAL B 52 -5.99 -23.71 -14.07
CA VAL B 52 -7.23 -23.63 -13.34
C VAL B 52 -7.30 -22.37 -12.47
N ALA B 53 -6.20 -22.07 -11.77
CA ALA B 53 -6.17 -20.89 -10.94
C ALA B 53 -6.39 -19.60 -11.73
N ARG B 54 -5.65 -19.48 -12.85
CA ARG B 54 -5.78 -18.28 -13.68
C ARG B 54 -7.21 -18.10 -14.21
N VAL B 55 -7.82 -19.20 -14.66
CA VAL B 55 -9.20 -19.16 -15.13
C VAL B 55 -10.17 -18.71 -14.03
N ALA B 56 -10.02 -19.33 -12.86
CA ALA B 56 -10.91 -18.99 -11.73
C ALA B 56 -10.69 -17.58 -11.24
N ILE B 57 -9.46 -17.09 -11.28
CA ILE B 57 -9.21 -15.71 -10.84
C ILE B 57 -9.87 -14.72 -11.80
N GLU B 58 -9.70 -14.98 -13.10
CA GLU B 58 -10.35 -14.13 -14.08
C GLU B 58 -11.86 -14.17 -13.90
N ALA B 59 -12.42 -15.36 -13.70
CA ALA B 59 -13.85 -15.50 -13.46
C ALA B 59 -14.28 -14.75 -12.21
N ALA B 60 -13.50 -14.83 -11.15
CA ALA B 60 -13.85 -14.15 -9.90
C ALA B 60 -13.87 -12.65 -10.11
N ARG B 61 -12.97 -12.13 -10.95
CA ARG B 61 -12.96 -10.70 -11.24
C ARG B 61 -14.19 -10.20 -12.02
N LYS B 62 -14.75 -11.09 -12.81
CA LYS B 62 -15.85 -10.80 -13.73
C LYS B 62 -17.27 -11.10 -13.21
N GLY B 63 -17.39 -11.71 -12.03
CA GLY B 63 -18.68 -12.12 -11.50
C GLY B 63 -19.17 -13.41 -12.19
N ASN B 64 -18.24 -14.21 -12.70
CA ASN B 64 -18.62 -15.41 -13.46
C ASN B 64 -18.64 -16.58 -12.50
N THR B 65 -19.78 -16.72 -11.81
CA THR B 65 -19.90 -17.70 -10.74
C THR B 65 -19.79 -19.13 -11.25
N ASP B 66 -20.35 -19.36 -12.42
CA ASP B 66 -20.31 -20.71 -13.03
C ASP B 66 -18.88 -21.13 -13.27
N ALA B 67 -18.09 -20.23 -13.85
CA ALA B 67 -16.71 -20.58 -14.18
C ALA B 67 -15.85 -20.78 -12.92
N VAL B 68 -16.08 -19.98 -11.88
CA VAL B 68 -15.37 -20.22 -10.63
C VAL B 68 -15.70 -21.61 -10.11
N ARG B 69 -16.99 -21.95 -10.10
CA ARG B 69 -17.42 -23.27 -9.62
C ARG B 69 -16.78 -24.41 -10.44
N GLU B 70 -16.87 -24.29 -11.76
CA GLU B 70 -16.30 -25.33 -12.67
C GLU B 70 -14.80 -25.49 -12.43
N ALA B 71 -14.14 -24.36 -12.34
CA ALA B 71 -12.69 -24.41 -12.15
C ALA B 71 -12.29 -25.05 -10.81
N LEU B 72 -12.96 -24.65 -9.75
CA LEU B 72 -12.59 -25.23 -8.48
C LEU B 72 -12.97 -26.70 -8.34
N GLU B 73 -14.05 -27.13 -8.99
CA GLU B 73 -14.35 -28.57 -9.06
C GLU B 73 -13.22 -29.32 -9.77
N VAL B 74 -12.67 -28.72 -10.82
CA VAL B 74 -11.53 -29.40 -11.48
C VAL B 74 -10.29 -29.41 -10.59
N ALA B 75 -10.02 -28.32 -9.84
CA ALA B 75 -8.94 -28.38 -8.87
C ALA B 75 -9.15 -29.52 -7.86
N LEU B 76 -10.38 -29.65 -7.35
CA LEU B 76 -10.74 -30.72 -6.43
C LEU B 76 -10.46 -32.09 -7.06
N GLU B 77 -10.86 -32.26 -8.32
CA GLU B 77 -10.65 -33.55 -8.96
C GLU B 77 -9.17 -33.86 -9.21
N ILE B 78 -8.39 -32.85 -9.59
CA ILE B 78 -6.95 -33.00 -9.74
C ILE B 78 -6.41 -33.42 -8.37
N ALA B 79 -6.86 -32.79 -7.28
CA ALA B 79 -6.40 -33.21 -5.93
C ALA B 79 -6.81 -34.65 -5.62
N ARG B 80 -8.00 -35.05 -6.05
CA ARG B 80 -8.45 -36.44 -5.84
C ARG B 80 -7.63 -37.44 -6.64
N GLU B 81 -7.34 -37.14 -7.91
CA GLU B 81 -6.73 -38.12 -8.83
C GLU B 81 -5.21 -38.24 -8.80
N SER B 82 -4.53 -37.20 -8.33
CA SER B 82 -3.07 -37.17 -8.40
C SER B 82 -2.37 -38.13 -7.46
N GLY B 83 -2.99 -38.42 -6.32
CA GLY B 83 -2.44 -39.34 -5.32
C GLY B 83 -1.25 -38.82 -4.55
N THR B 84 -1.06 -37.50 -4.52
CA THR B 84 0.03 -36.91 -3.74
C THR B 84 -0.44 -35.79 -2.83
N LYS B 85 0.28 -35.63 -1.72
CA LYS B 85 0.02 -34.54 -0.77
C LYS B 85 0.30 -33.20 -1.44
N VAL B 86 1.37 -33.16 -2.22
CA VAL B 86 1.72 -31.94 -2.95
C VAL B 86 0.56 -31.43 -3.81
N ALA B 87 -0.14 -32.32 -4.52
CA ALA B 87 -1.28 -31.88 -5.31
C ALA B 87 -2.42 -31.31 -4.44
N VAL B 88 -2.66 -31.92 -3.28
CA VAL B 88 -3.68 -31.44 -2.37
C VAL B 88 -3.33 -30.03 -1.86
N VAL B 89 -2.09 -29.82 -1.44
CA VAL B 89 -1.60 -28.52 -0.96
C VAL B 89 -1.70 -27.45 -2.07
N LEU B 90 -1.31 -27.82 -3.28
CA LEU B 90 -1.42 -26.91 -4.43
C LEU B 90 -2.87 -26.56 -4.74
N ALA B 91 -3.76 -27.53 -4.65
CA ALA B 91 -5.18 -27.27 -4.87
C ALA B 91 -5.71 -26.30 -3.82
N LEU B 92 -5.36 -26.52 -2.56
CA LEU B 92 -5.75 -25.57 -1.50
C LEU B 92 -5.19 -24.16 -1.73
N GLU B 93 -3.98 -24.05 -2.26
CA GLU B 93 -3.45 -22.72 -2.57
C GLU B 93 -4.23 -22.07 -3.71
N VAL B 94 -4.60 -22.84 -4.73
CA VAL B 94 -5.50 -22.32 -5.78
C VAL B 94 -6.79 -21.75 -5.17
N VAL B 95 -7.43 -22.56 -4.32
CA VAL B 95 -8.67 -22.14 -3.68
C VAL B 95 -8.47 -20.84 -2.88
N ALA B 96 -7.38 -20.74 -2.13
CA ALA B 96 -7.07 -19.52 -1.38
C ALA B 96 -6.91 -18.31 -2.29
N ARG B 97 -6.14 -18.46 -3.37
CA ARG B 97 -5.92 -17.32 -4.28
C ARG B 97 -7.23 -16.85 -4.89
N VAL B 98 -8.06 -17.81 -5.30
CA VAL B 98 -9.35 -17.44 -5.90
C VAL B 98 -10.26 -16.72 -4.86
N ALA B 99 -10.33 -17.28 -3.66
CA ALA B 99 -11.17 -16.70 -2.62
C ALA B 99 -10.69 -15.33 -2.23
N ILE B 100 -9.39 -15.13 -2.17
CA ILE B 100 -8.86 -13.79 -1.84
C ILE B 100 -9.21 -12.76 -2.93
N GLU B 101 -9.01 -13.13 -4.19
CA GLU B 101 -9.42 -12.24 -5.28
C GLU B 101 -10.91 -11.94 -5.23
N ALA B 102 -11.73 -12.96 -4.96
CA ALA B 102 -13.16 -12.76 -4.85
C ALA B 102 -13.53 -11.80 -3.71
N ALA B 103 -12.86 -11.96 -2.58
CA ALA B 103 -13.11 -11.07 -1.44
C ALA B 103 -12.82 -9.64 -1.77
N ARG B 104 -11.74 -9.41 -2.52
CA ARG B 104 -11.38 -8.06 -2.96
C ARG B 104 -12.37 -7.40 -3.92
N ARG B 105 -13.14 -8.21 -4.64
CA ARG B 105 -13.99 -7.76 -5.74
C ARG B 105 -15.46 -7.71 -5.36
N GLY B 106 -15.81 -8.11 -4.15
CA GLY B 106 -17.20 -8.15 -3.72
C GLY B 106 -17.93 -9.33 -4.30
N ASN B 107 -17.18 -10.37 -4.68
CA ASN B 107 -17.78 -11.54 -5.31
C ASN B 107 -18.09 -12.57 -4.25
N VAL B 108 -19.26 -12.40 -3.64
CA VAL B 108 -19.62 -13.24 -2.49
C VAL B 108 -19.89 -14.66 -2.91
N LEU B 109 -20.45 -14.88 -4.11
CA LEU B 109 -20.66 -16.25 -4.57
C LEU B 109 -19.35 -17.00 -4.67
N ALA B 110 -18.31 -16.34 -5.20
CA ALA B 110 -17.04 -17.00 -5.46
C ALA B 110 -16.35 -17.28 -4.12
N VAL B 111 -16.49 -16.38 -3.15
CA VAL B 111 -15.97 -16.68 -1.81
C VAL B 111 -16.65 -17.93 -1.26
N ILE B 112 -17.97 -17.98 -1.33
CA ILE B 112 -18.69 -19.15 -0.83
C ILE B 112 -18.24 -20.44 -1.52
N LEU B 113 -18.20 -20.40 -2.86
CA LEU B 113 -17.79 -21.58 -3.63
C LEU B 113 -16.37 -22.04 -3.25
N ALA B 114 -15.46 -21.09 -3.19
CA ALA B 114 -14.06 -21.42 -2.86
C ALA B 114 -13.94 -22.02 -1.47
N LEU B 115 -14.57 -21.37 -0.49
CA LEU B 115 -14.46 -21.92 0.86
C LEU B 115 -15.12 -23.28 1.01
N GLU B 116 -16.22 -23.52 0.27
CA GLU B 116 -16.82 -24.86 0.28
C GLU B 116 -15.86 -25.91 -0.29
N VAL B 117 -15.12 -25.57 -1.34
CA VAL B 117 -14.12 -26.50 -1.85
C VAL B 117 -12.97 -26.70 -0.88
N ALA B 118 -12.56 -25.66 -0.17
CA ALA B 118 -11.58 -25.87 0.92
C ALA B 118 -12.12 -26.86 1.94
N LEU B 119 -13.38 -26.67 2.34
CA LEU B 119 -13.99 -27.59 3.28
C LEU B 119 -14.04 -29.03 2.72
N GLU B 120 -14.39 -29.17 1.44
CA GLU B 120 -14.45 -30.51 0.85
C GLU B 120 -13.06 -31.15 0.75
N ILE B 121 -12.02 -30.37 0.45
CA ILE B 121 -10.66 -30.93 0.43
C ILE B 121 -10.30 -31.42 1.83
N ALA B 122 -10.59 -30.61 2.86
CA ALA B 122 -10.32 -31.06 4.24
C ALA B 122 -11.14 -32.31 4.61
N ARG B 123 -12.41 -32.35 4.22
CA ARG B 123 -13.27 -33.50 4.53
C ARG B 123 -12.79 -34.78 3.85
N GLU B 124 -12.40 -34.68 2.58
CA GLU B 124 -12.00 -35.87 1.80
C GLU B 124 -10.57 -36.32 2.08
N SER B 125 -9.70 -35.39 2.43
CA SER B 125 -8.28 -35.74 2.61
C SER B 125 -8.04 -36.66 3.79
N GLY B 126 -8.78 -36.48 4.88
CA GLY B 126 -8.60 -37.32 6.07
C GLY B 126 -7.21 -37.20 6.68
N THR B 127 -6.58 -36.04 6.49
CA THR B 127 -5.34 -35.74 7.19
C THR B 127 -5.51 -34.54 8.08
N GLU B 128 -4.86 -34.56 9.22
CA GLU B 128 -4.84 -33.39 10.08
C GLU B 128 -4.28 -32.17 9.38
N GLU B 129 -3.23 -32.38 8.61
CA GLU B 129 -2.59 -31.26 7.93
C GLU B 129 -3.54 -30.57 6.97
N ALA B 130 -4.33 -31.32 6.23
CA ALA B 130 -5.28 -30.68 5.32
C ALA B 130 -6.33 -29.85 6.06
N ALA B 131 -6.77 -30.33 7.22
CA ALA B 131 -7.69 -29.54 8.06
C ALA B 131 -7.01 -28.27 8.50
N LEU B 132 -5.77 -28.36 8.99
CA LEU B 132 -5.04 -27.16 9.40
C LEU B 132 -4.86 -26.14 8.25
N LEU B 133 -4.49 -26.64 7.09
CA LEU B 133 -4.30 -25.76 5.95
C LEU B 133 -5.62 -25.15 5.51
N ALA B 134 -6.72 -25.93 5.54
CA ALA B 134 -8.00 -25.37 5.18
C ALA B 134 -8.40 -24.24 6.14
N VAL B 135 -8.15 -24.47 7.44
CA VAL B 135 -8.42 -23.39 8.38
C VAL B 135 -7.56 -22.14 8.10
N GLU B 136 -6.31 -22.35 7.72
CA GLU B 136 -5.44 -21.23 7.29
C GLU B 136 -5.96 -20.51 6.05
N VAL B 137 -6.50 -21.25 5.09
CA VAL B 137 -7.16 -20.63 3.94
C VAL B 137 -8.33 -19.75 4.45
N VAL B 138 -9.18 -20.30 5.30
CA VAL B 138 -10.34 -19.54 5.78
C VAL B 138 -9.86 -18.28 6.50
N VAL B 139 -8.81 -18.39 7.31
CA VAL B 139 -8.29 -17.20 8.01
C VAL B 139 -7.78 -16.14 7.03
N ARG B 140 -7.05 -16.57 6.00
CA ARG B 140 -6.53 -15.61 5.00
C ARG B 140 -7.69 -14.89 4.30
N VAL B 141 -8.74 -15.65 3.96
CA VAL B 141 -9.89 -15.03 3.31
C VAL B 141 -10.62 -14.08 4.27
N SER B 142 -10.81 -14.47 5.53
CA SER B 142 -11.37 -13.61 6.55
C SER B 142 -10.58 -12.29 6.70
N ASP B 143 -9.26 -12.41 6.80
CA ASP B 143 -8.40 -11.23 6.89
C ASP B 143 -8.60 -10.29 5.71
N GLU B 144 -8.59 -10.86 4.52
CA GLU B 144 -8.81 -9.99 3.34
C GLU B 144 -10.17 -9.33 3.32
N ALA B 145 -11.20 -10.09 3.66
CA ALA B 145 -12.55 -9.60 3.69
C ALA B 145 -12.70 -8.47 4.71
N LYS B 146 -12.11 -8.61 5.89
CA LYS B 146 -12.12 -7.54 6.88
C LYS B 146 -11.44 -6.30 6.30
N LYS B 147 -10.28 -6.50 5.68
CA LYS B 147 -9.52 -5.38 5.12
C LYS B 147 -10.33 -4.60 4.06
N GLN B 148 -11.08 -5.33 3.23
CA GLN B 148 -11.86 -4.74 2.13
C GLN B 148 -13.27 -4.26 2.53
N GLY B 149 -13.70 -4.59 3.75
CA GLY B 149 -15.05 -4.25 4.20
C GLY B 149 -16.11 -5.10 3.51
N ASN B 150 -15.79 -6.37 3.30
CA ASN B 150 -16.70 -7.30 2.65
C ASN B 150 -17.34 -8.14 3.73
N ALA B 151 -18.42 -7.62 4.31
CA ALA B 151 -19.01 -8.24 5.50
C ALA B 151 -19.60 -9.61 5.16
N VAL B 152 -20.16 -9.76 3.95
CA VAL B 152 -20.69 -11.08 3.55
C VAL B 152 -19.60 -12.16 3.62
N ALA B 153 -18.42 -11.83 3.10
CA ALA B 153 -17.29 -12.76 3.08
C ALA B 153 -16.73 -13.03 4.47
N VAL B 154 -16.73 -12.02 5.35
CA VAL B 154 -16.32 -12.25 6.71
C VAL B 154 -17.28 -13.28 7.34
N ALA B 155 -18.57 -13.07 7.12
CA ALA B 155 -19.54 -13.97 7.72
C ALA B 155 -19.43 -15.39 7.15
N VAL B 156 -19.24 -15.50 5.85
CA VAL B 156 -19.07 -16.80 5.22
C VAL B 156 -17.84 -17.52 5.75
N ALA B 157 -16.73 -16.79 5.86
CA ALA B 157 -15.54 -17.40 6.44
C ALA B 157 -15.79 -17.88 7.85
N GLU B 158 -16.47 -17.08 8.68
CA GLU B 158 -16.77 -17.53 10.04
C GLU B 158 -17.63 -18.81 10.01
N GLN B 159 -18.62 -18.84 9.11
CA GLN B 159 -19.47 -20.04 9.01
C GLN B 159 -18.67 -21.32 8.67
N VAL B 160 -17.81 -21.18 7.67
CA VAL B 160 -17.00 -22.33 7.26
C VAL B 160 -15.97 -22.73 8.33
N ALA B 161 -15.36 -21.75 9.00
CA ALA B 161 -14.48 -22.05 10.14
C ALA B 161 -15.25 -22.86 11.19
N LYS B 162 -16.44 -22.40 11.53
CA LYS B 162 -17.24 -23.11 12.53
C LYS B 162 -17.52 -24.52 12.08
N LYS B 163 -17.88 -24.70 10.81
CA LYS B 163 -18.19 -26.03 10.31
C LYS B 163 -16.99 -26.97 10.36
N ILE B 164 -15.83 -26.48 9.91
CA ILE B 164 -14.62 -27.29 9.99
C ILE B 164 -14.34 -27.62 11.48
N LEU B 165 -14.46 -26.62 12.35
CA LEU B 165 -14.16 -26.85 13.76
C LEU B 165 -15.15 -27.83 14.42
N GLU B 166 -16.42 -27.80 14.02
CA GLU B 166 -17.38 -28.76 14.57
C GLU B 166 -17.26 -30.18 14.00
N GLU B 167 -17.04 -30.27 12.69
CA GLU B 167 -17.15 -31.54 11.97
C GLU B 167 -15.83 -32.26 11.62
N SER B 168 -14.70 -31.54 11.68
CA SER B 168 -13.44 -32.14 11.28
C SER B 168 -13.03 -33.29 12.19
N ASP C 1 -15.82 -8.34 35.33
CA ASP C 1 -17.06 -7.60 35.17
C ASP C 1 -16.72 -6.27 34.50
N GLU C 2 -15.68 -5.61 35.01
CA GLU C 2 -15.25 -4.32 34.47
C GLU C 2 -15.14 -4.34 32.95
N ARG C 3 -14.55 -5.40 32.41
CA ARG C 3 -14.43 -5.57 30.98
C ARG C 3 -15.79 -5.50 30.26
N ARG C 4 -16.78 -6.14 30.87
CA ARG C 4 -18.14 -6.19 30.33
C ARG C 4 -18.83 -4.83 30.50
N GLU C 5 -18.51 -4.17 31.60
CA GLU C 5 -19.03 -2.85 31.93
C GLU C 5 -18.43 -1.83 30.92
N LEU C 6 -17.13 -1.99 30.66
CA LEU C 6 -16.41 -1.12 29.75
C LEU C 6 -16.89 -1.43 28.35
N GLU C 7 -17.29 -2.68 28.14
CA GLU C 7 -17.87 -3.07 26.86
C GLU C 7 -19.19 -2.33 26.61
N LYS C 8 -20.05 -2.30 27.63
CA LYS C 8 -21.31 -1.54 27.52
C LYS C 8 -21.03 -0.07 27.22
N VAL C 9 -20.14 0.52 28.02
CA VAL C 9 -19.75 1.92 27.85
C VAL C 9 -19.23 2.18 26.44
N ALA C 10 -18.33 1.33 25.96
CA ALA C 10 -17.77 1.46 24.61
C ALA C 10 -18.87 1.48 23.55
N VAL C 11 -19.75 0.50 23.63
CA VAL C 11 -20.85 0.38 22.68
C VAL C 11 -21.67 1.68 22.62
N LYS C 12 -22.11 2.10 23.79
CA LYS C 12 -22.94 3.32 23.86
C LYS C 12 -22.19 4.58 23.40
N ALA C 13 -20.94 4.72 23.82
CA ALA C 13 -20.15 5.89 23.46
C ALA C 13 -19.82 5.95 21.96
N ILE C 14 -19.49 4.82 21.36
CA ILE C 14 -19.19 4.77 19.94
C ILE C 14 -20.43 5.13 19.13
N MET C 15 -21.56 4.53 19.52
CA MET C 15 -22.78 4.86 18.81
C MET C 15 -23.10 6.36 18.97
N ALA C 16 -22.91 6.90 20.16
CA ALA C 16 -23.09 8.35 20.38
C ALA C 16 -22.13 9.21 19.54
N ALA C 17 -20.90 8.77 19.40
CA ALA C 17 -19.94 9.50 18.58
C ALA C 17 -20.34 9.47 17.10
N MET C 18 -20.92 8.35 16.64
CA MET C 18 -21.40 8.26 15.26
C MET C 18 -22.58 9.21 14.97
N LEU C 19 -23.40 9.50 15.98
CA LEU C 19 -24.64 10.27 15.84
C LEU C 19 -24.58 11.76 16.23
N GLY C 20 -23.44 12.23 16.72
CA GLY C 20 -23.35 13.62 17.15
C GLY C 20 -24.02 13.88 18.50
N ASN C 21 -24.07 12.85 19.34
CA ASN C 21 -24.73 12.95 20.65
C ASN C 21 -23.67 13.23 21.70
N THR C 22 -23.34 14.52 21.78
CA THR C 22 -22.26 14.97 22.65
C THR C 22 -22.56 14.66 24.12
N ASP C 23 -23.81 14.87 24.51
CA ASP C 23 -24.19 14.65 25.90
C ASP C 23 -23.94 13.20 26.34
N GLU C 24 -24.34 12.24 25.49
CA GLU C 24 -24.16 10.84 25.79
C GLU C 24 -22.69 10.42 25.72
N VAL C 25 -21.93 10.92 24.74
CA VAL C 25 -20.49 10.63 24.71
C VAL C 25 -19.81 11.09 26.00
N ARG C 26 -20.14 12.31 26.43
CA ARG C 26 -19.61 12.87 27.68
C ARG C 26 -19.93 11.97 28.89
N GLU C 27 -21.21 11.63 29.02
CA GLU C 27 -21.60 10.78 30.15
C GLU C 27 -20.89 9.40 30.16
N GLN C 28 -20.85 8.75 28.99
CA GLN C 28 -20.24 7.42 28.91
C GLN C 28 -18.71 7.48 29.16
N LEU C 29 -18.05 8.49 28.63
CA LEU C 29 -16.60 8.60 28.90
C LEU C 29 -16.33 8.85 30.40
N GLN C 30 -17.20 9.64 31.04
CA GLN C 30 -17.06 9.84 32.48
C GLN C 30 -17.19 8.51 33.20
N ARG C 31 -18.09 7.65 32.72
CA ARG C 31 -18.19 6.33 33.36
C ARG C 31 -16.97 5.45 33.11
N ALA C 32 -16.36 5.52 31.93
CA ALA C 32 -15.11 4.79 31.71
C ALA C 32 -14.04 5.26 32.70
N LEU C 33 -13.98 6.58 32.90
CA LEU C 33 -13.01 7.10 33.87
C LEU C 33 -13.29 6.56 35.26
N GLU C 34 -14.56 6.58 35.65
CA GLU C 34 -14.91 6.09 36.97
C GLU C 34 -14.63 4.61 37.17
N ILE C 35 -14.86 3.80 36.13
CA ILE C 35 -14.51 2.40 36.22
C ILE C 35 -13.01 2.21 36.44
N ALA C 36 -12.20 2.96 35.67
CA ALA C 36 -10.74 2.87 35.88
C ALA C 36 -10.42 3.26 37.33
N ARG C 37 -11.05 4.32 37.80
CA ARG C 37 -10.87 4.79 39.17
C ARG C 37 -11.23 3.73 40.20
N GLU C 38 -12.38 3.11 40.03
CA GLU C 38 -12.88 2.16 41.00
C GLU C 38 -12.08 0.86 41.03
N SER C 39 -11.58 0.45 39.86
CA SER C 39 -10.86 -0.83 39.73
C SER C 39 -9.48 -0.84 40.35
N GLY C 40 -8.74 0.27 40.25
CA GLY C 40 -7.44 0.35 40.89
C GLY C 40 -6.39 -0.57 40.32
N THR C 41 -6.50 -0.94 39.05
CA THR C 41 -5.48 -1.75 38.38
C THR C 41 -5.01 -1.12 37.06
N LEU C 42 -3.82 -1.47 36.61
CA LEU C 42 -3.31 -0.99 35.36
C LEU C 42 -4.11 -1.65 34.25
N LEU C 43 -4.57 -2.88 34.47
CA LEU C 43 -5.31 -3.55 33.40
C LEU C 43 -6.61 -2.77 33.11
N ALA C 44 -7.26 -2.26 34.17
CA ALA C 44 -8.48 -1.48 34.00
C ALA C 44 -8.17 -0.14 33.30
N VAL C 45 -7.05 0.48 33.66
CA VAL C 45 -6.59 1.70 32.97
C VAL C 45 -6.39 1.45 31.51
N VAL C 46 -5.72 0.34 31.18
CA VAL C 46 -5.46 -0.01 29.79
C VAL C 46 -6.76 -0.18 29.02
N LEU C 47 -7.69 -0.93 29.61
CA LEU C 47 -8.98 -1.16 28.97
C LEU C 47 -9.77 0.14 28.78
N ALA C 48 -9.79 0.96 29.81
CA ALA C 48 -10.49 2.26 29.69
C ALA C 48 -9.87 3.13 28.60
N LEU C 49 -8.54 3.20 28.56
CA LEU C 49 -7.89 3.98 27.51
C LEU C 49 -8.16 3.40 26.14
N GLU C 50 -8.24 2.07 26.03
CA GLU C 50 -8.63 1.50 24.73
C GLU C 50 -10.06 1.92 24.34
N VAL C 51 -10.99 1.92 25.30
CA VAL C 51 -12.34 2.42 25.00
C VAL C 51 -12.32 3.88 24.54
N VAL C 52 -11.60 4.71 25.28
CA VAL C 52 -11.46 6.10 24.90
C VAL C 52 -10.89 6.24 23.48
N ALA C 53 -9.86 5.45 23.18
CA ALA C 53 -9.27 5.50 21.85
C ALA C 53 -10.27 5.16 20.75
N ARG C 54 -11.00 4.05 20.96
CA ARG C 54 -11.98 3.63 19.96
C ARG C 54 -13.06 4.71 19.73
N VAL C 55 -13.54 5.30 20.82
CA VAL C 55 -14.54 6.37 20.70
C VAL C 55 -13.99 7.57 19.93
N ALA C 56 -12.78 7.99 20.29
CA ALA C 56 -12.16 9.14 19.64
C ALA C 56 -11.85 8.87 18.18
N ILE C 57 -11.46 7.64 17.86
CA ILE C 57 -11.17 7.32 16.44
C ILE C 57 -12.46 7.36 15.62
N GLU C 58 -13.51 6.78 16.16
CA GLU C 58 -14.79 6.84 15.47
C GLU C 58 -15.23 8.29 15.29
N ALA C 59 -15.10 9.10 16.34
CA ALA C 59 -15.43 10.52 16.26
C ALA C 59 -14.59 11.23 15.21
N ALA C 60 -13.29 10.93 15.17
CA ALA C 60 -12.41 11.58 14.20
C ALA C 60 -12.83 11.23 12.78
N ARG C 61 -13.30 10.01 12.57
CA ARG C 61 -13.78 9.62 11.23
C ARG C 61 -15.04 10.34 10.77
N LYS C 62 -15.85 10.73 11.73
CA LYS C 62 -17.17 11.34 11.53
C LYS C 62 -17.21 12.88 11.53
N GLY C 63 -16.11 13.54 11.86
CA GLY C 63 -16.09 14.99 12.00
C GLY C 63 -16.72 15.41 13.33
N ASN C 64 -16.69 14.53 14.32
CA ASN C 64 -17.35 14.84 15.61
C ASN C 64 -16.32 15.43 16.53
N THR C 65 -16.13 16.74 16.40
CA THR C 65 -15.06 17.44 17.11
C THR C 65 -15.27 17.42 18.61
N ASP C 66 -16.52 17.55 19.02
CA ASP C 66 -16.85 17.54 20.46
C ASP C 66 -16.43 16.23 21.09
N ALA C 67 -16.77 15.12 20.43
CA ALA C 67 -16.46 13.82 21.00
C ALA C 67 -14.95 13.54 21.02
N VAL C 68 -14.21 13.99 20.01
CA VAL C 68 -12.78 13.85 20.06
C VAL C 68 -12.23 14.62 21.26
N ARG C 69 -12.68 15.85 21.44
CA ARG C 69 -12.23 16.67 22.56
C ARG C 69 -12.54 16.01 23.93
N GLU C 70 -13.79 15.57 24.08
CA GLU C 70 -14.24 14.92 25.34
C GLU C 70 -13.40 13.68 25.62
N ALA C 71 -13.21 12.89 24.57
CA ALA C 71 -12.45 11.64 24.76
C ALA C 71 -10.99 11.91 25.14
N LEU C 72 -10.35 12.83 24.45
CA LEU C 72 -8.98 13.08 24.79
C LEU C 72 -8.78 13.75 26.14
N GLU C 73 -9.74 14.58 26.57
CA GLU C 73 -9.71 15.11 27.95
C GLU C 73 -9.77 13.95 28.96
N VAL C 74 -10.60 12.95 28.67
CA VAL C 74 -10.64 11.81 29.60
C VAL C 74 -9.34 10.99 29.56
N ALA C 75 -8.71 10.83 28.39
CA ALA C 75 -7.39 10.21 28.35
C ALA C 75 -6.40 11.00 29.23
N LEU C 76 -6.41 12.34 29.10
CA LEU C 76 -5.56 13.21 29.91
C LEU C 76 -5.82 12.98 31.41
N GLU C 77 -7.10 12.90 31.79
CA GLU C 77 -7.40 12.72 33.20
C GLU C 77 -6.98 11.34 33.73
N ILE C 78 -7.17 10.31 32.92
CA ILE C 78 -6.71 8.97 33.26
C ILE C 78 -5.19 9.07 33.44
N ALA C 79 -4.48 9.76 32.55
CA ALA C 79 -3.01 9.92 32.72
C ALA C 79 -2.67 10.69 34.01
N ARG C 80 -3.48 11.68 34.35
CA ARG C 80 -3.26 12.43 35.60
C ARG C 80 -3.51 11.58 36.84
N GLU C 81 -4.59 10.79 36.85
CA GLU C 81 -5.03 10.09 38.07
C GLU C 81 -4.38 8.74 38.36
N SER C 82 -3.83 8.10 37.33
CA SER C 82 -3.32 6.73 37.48
C SER C 82 -2.05 6.63 38.30
N GLY C 83 -1.22 7.67 38.27
CA GLY C 83 0.03 7.72 39.01
C GLY C 83 1.14 6.82 38.49
N THR C 84 1.05 6.41 37.22
CA THR C 84 2.09 5.60 36.61
C THR C 84 2.57 6.15 35.27
N LYS C 85 3.84 5.87 34.97
CA LYS C 85 4.42 6.26 33.69
C LYS C 85 3.75 5.49 32.56
N VAL C 86 3.44 4.22 32.80
CA VAL C 86 2.76 3.40 31.82
C VAL C 86 1.43 4.06 31.37
N ALA C 87 0.65 4.59 32.31
CA ALA C 87 -0.59 5.25 31.91
C ALA C 87 -0.35 6.49 31.03
N VAL C 88 0.69 7.26 31.35
CA VAL C 88 1.05 8.43 30.57
C VAL C 88 1.43 8.03 29.14
N VAL C 89 2.29 7.03 29.00
CA VAL C 89 2.70 6.51 27.69
C VAL C 89 1.51 5.99 26.87
N LEU C 90 0.62 5.26 27.54
CA LEU C 90 -0.58 4.75 26.87
C LEU C 90 -1.50 5.88 26.43
N ALA C 91 -1.64 6.91 27.26
CA ALA C 91 -2.45 8.07 26.88
C ALA C 91 -1.86 8.76 25.65
N LEU C 92 -0.53 8.95 25.65
CA LEU C 92 0.13 9.52 24.46
C LEU C 92 -0.07 8.65 23.21
N GLU C 93 -0.07 7.33 23.35
CA GLU C 93 -0.34 6.48 22.19
C GLU C 93 -1.77 6.65 21.70
N VAL C 94 -2.73 6.76 22.62
CA VAL C 94 -4.12 7.08 22.23
C VAL C 94 -4.17 8.37 21.40
N VAL C 95 -3.54 9.43 21.94
CA VAL C 95 -3.52 10.71 21.25
C VAL C 95 -2.92 10.57 19.83
N ALA C 96 -1.81 9.85 19.71
CA ALA C 96 -1.19 9.61 18.40
C ALA C 96 -2.13 8.89 17.44
N ARG C 97 -2.78 7.81 17.90
CA ARG C 97 -3.67 7.06 17.03
C ARG C 97 -4.83 7.93 16.53
N VAL C 98 -5.39 8.72 17.45
CA VAL C 98 -6.50 9.60 17.07
C VAL C 98 -6.04 10.68 16.05
N ALA C 99 -4.89 11.29 16.33
CA ALA C 99 -4.38 12.33 15.45
C ALA C 99 -4.03 11.79 14.08
N ILE C 100 -3.49 10.58 14.04
CA ILE C 100 -3.17 9.96 12.74
C ILE C 100 -4.45 9.68 11.91
N GLU C 101 -5.46 9.10 12.57
CA GLU C 101 -6.74 8.90 11.88
C GLU C 101 -7.33 10.21 11.40
N ALA C 102 -7.28 11.25 12.25
CA ALA C 102 -7.77 12.56 11.85
C ALA C 102 -7.02 13.13 10.65
N ALA C 103 -5.71 12.98 10.63
CA ALA C 103 -4.92 13.46 9.51
C ALA C 103 -5.31 12.79 8.22
N ARG C 104 -5.59 11.49 8.29
CA ARG C 104 -6.04 10.75 7.11
C ARG C 104 -7.42 11.16 6.55
N ARG C 105 -8.24 11.75 7.40
CA ARG C 105 -9.65 12.04 7.09
C ARG C 105 -9.91 13.50 6.79
N GLY C 106 -8.89 14.34 6.90
CA GLY C 106 -9.05 15.77 6.67
C GLY C 106 -9.70 16.45 7.86
N ASN C 107 -9.58 15.83 9.03
CA ASN C 107 -10.22 16.36 10.22
C ASN C 107 -9.22 17.23 10.97
N VAL C 108 -9.16 18.48 10.53
CA VAL C 108 -8.15 19.39 11.06
C VAL C 108 -8.43 19.76 12.52
N LEU C 109 -9.71 19.87 12.90
CA LEU C 109 -10.01 20.15 14.31
C LEU C 109 -9.46 19.06 15.21
N ALA C 110 -9.62 17.80 14.80
CA ALA C 110 -9.24 16.67 15.65
C ALA C 110 -7.72 16.59 15.73
N VAL C 111 -7.03 16.91 14.62
CA VAL C 111 -5.57 16.98 14.69
C VAL C 111 -5.15 18.05 15.70
N ILE C 112 -5.74 19.24 15.62
CA ILE C 112 -5.40 20.29 16.56
C ILE C 112 -5.66 19.88 18.01
N LEU C 113 -6.85 19.33 18.27
CA LEU C 113 -7.22 18.91 19.62
C LEU C 113 -6.23 17.85 20.15
N ALA C 114 -5.95 16.85 19.32
CA ALA C 114 -5.05 15.76 19.74
C ALA C 114 -3.65 16.30 20.03
N LEU C 115 -3.11 17.11 19.14
CA LEU C 115 -1.77 17.61 19.39
C LEU C 115 -1.70 18.53 20.61
N GLU C 116 -2.77 19.30 20.85
CA GLU C 116 -2.81 20.10 22.08
C GLU C 116 -2.79 19.22 23.35
N VAL C 117 -3.48 18.09 23.32
CA VAL C 117 -3.40 17.17 24.45
C VAL C 117 -2.03 16.53 24.58
N ALA C 118 -1.39 16.21 23.46
CA ALA C 118 0.02 15.77 23.54
C ALA C 118 0.88 16.83 24.23
N LEU C 119 0.72 18.08 23.81
CA LEU C 119 1.46 19.17 24.44
C LEU C 119 1.15 19.27 25.94
N GLU C 120 -0.13 19.14 26.31
CA GLU C 120 -0.50 19.23 27.73
C GLU C 120 0.07 18.06 28.54
N ILE C 121 0.08 16.86 27.96
CA ILE C 121 0.70 15.72 28.67
C ILE C 121 2.19 16.00 28.89
N ALA C 122 2.88 16.50 27.85
CA ALA C 122 4.30 16.84 28.04
C ALA C 122 4.49 17.96 29.07
N ARG C 123 3.64 18.98 29.04
CA ARG C 123 3.74 20.10 29.98
C ARG C 123 3.52 19.66 31.43
N GLU C 124 2.51 18.80 31.65
CA GLU C 124 2.14 18.38 33.01
C GLU C 124 3.02 17.27 33.56
N SER C 125 3.56 16.43 32.70
CA SER C 125 4.33 15.29 33.15
C SER C 125 5.65 15.68 33.83
N GLY C 126 6.31 16.72 33.34
CA GLY C 126 7.56 17.16 33.92
C GLY C 126 8.66 16.10 33.83
N THR C 127 8.57 15.24 32.83
CA THR C 127 9.66 14.31 32.55
C THR C 127 10.21 14.58 31.15
N GLU C 128 11.52 14.40 31.01
CA GLU C 128 12.12 14.48 29.71
C GLU C 128 11.54 13.48 28.73
N GLU C 129 11.29 12.27 29.22
CA GLU C 129 10.76 11.23 28.36
C GLU C 129 9.42 11.60 27.77
N ALA C 130 8.54 12.20 28.57
CA ALA C 130 7.24 12.60 28.02
C ALA C 130 7.36 13.67 26.94
N ALA C 131 8.32 14.59 27.11
CA ALA C 131 8.58 15.59 26.06
C ALA C 131 9.06 14.89 24.81
N LEU C 132 10.01 13.96 24.95
CA LEU C 132 10.50 13.21 23.78
C LEU C 132 9.39 12.44 23.05
N LEU C 133 8.56 11.76 23.83
CA LEU C 133 7.48 11.00 23.24
C LEU C 133 6.45 11.92 22.58
N ALA C 134 6.17 13.07 23.20
CA ALA C 134 5.23 14.00 22.58
C ALA C 134 5.78 14.50 21.24
N VAL C 135 7.07 14.80 21.21
CA VAL C 135 7.66 15.19 19.94
C VAL C 135 7.58 14.07 18.89
N GLU C 136 7.77 12.83 19.32
CA GLU C 136 7.56 11.67 18.43
C GLU C 136 6.12 11.54 17.92
N VAL C 137 5.13 11.82 18.79
CA VAL C 137 3.76 11.88 18.34
C VAL C 137 3.61 12.94 17.25
N VAL C 138 4.12 14.16 17.50
CA VAL C 138 3.98 15.23 16.52
C VAL C 138 4.62 14.82 15.20
N VAL C 139 5.81 14.20 15.27
CA VAL C 139 6.47 13.75 14.03
C VAL C 139 5.63 12.72 13.26
N ARG C 140 5.06 11.76 13.97
CA ARG C 140 4.21 10.74 13.33
C ARG C 140 3.02 11.39 12.63
N VAL C 141 2.40 12.36 13.31
CA VAL C 141 1.25 13.05 12.73
C VAL C 141 1.69 13.89 11.51
N SER C 142 2.82 14.61 11.60
CA SER C 142 3.38 15.32 10.49
C SER C 142 3.63 14.41 9.27
N ASP C 143 4.27 13.27 9.52
CA ASP C 143 4.52 12.29 8.46
C ASP C 143 3.24 11.87 7.77
N GLU C 144 2.25 11.52 8.57
CA GLU C 144 0.97 11.11 7.96
C GLU C 144 0.30 12.22 7.15
N ALA C 145 0.31 13.43 7.71
CA ALA C 145 -0.28 14.57 7.06
C ALA C 145 0.42 14.88 5.73
N LYS C 146 1.74 14.80 5.69
CA LYS C 146 2.48 14.98 4.43
C LYS C 146 2.05 13.90 3.44
N LYS C 147 1.98 12.66 3.90
CA LYS C 147 1.60 11.55 3.02
C LYS C 147 0.21 11.74 2.39
N GLN C 148 -0.73 12.25 3.19
CA GLN C 148 -2.12 12.44 2.75
C GLN C 148 -2.40 13.77 2.05
N GLY C 149 -1.43 14.68 2.05
CA GLY C 149 -1.61 16.02 1.47
C GLY C 149 -2.53 16.88 2.31
N ASN C 150 -2.40 16.76 3.63
CA ASN C 150 -3.22 17.51 4.56
C ASN C 150 -2.37 18.66 5.07
N ALA C 151 -2.35 19.75 4.31
CA ALA C 151 -1.43 20.85 4.60
C ALA C 151 -1.77 21.53 5.92
N VAL C 152 -3.07 21.62 6.27
CA VAL C 152 -3.44 22.20 7.57
C VAL C 152 -2.79 21.44 8.73
N ALA C 153 -2.83 20.11 8.65
CA ALA C 153 -2.26 19.27 9.70
C ALA C 153 -0.73 19.32 9.74
N VAL C 154 -0.09 19.44 8.56
CA VAL C 154 1.35 19.63 8.56
C VAL C 154 1.68 20.92 9.31
N ALA C 155 0.94 21.97 9.00
CA ALA C 155 1.22 23.26 9.63
C ALA C 155 0.96 23.22 11.14
N VAL C 156 -0.13 22.58 11.54
CA VAL C 156 -0.44 22.44 12.95
C VAL C 156 0.64 21.66 13.69
N ALA C 157 1.08 20.56 13.09
CA ALA C 157 2.18 19.79 13.71
C ALA C 157 3.42 20.65 13.83
N GLU C 158 3.78 21.41 12.80
CA GLU C 158 4.95 22.27 12.91
C GLU C 158 4.77 23.29 14.06
N GLN C 159 3.58 23.87 14.17
CA GLN C 159 3.32 24.83 15.25
C GLN C 159 3.52 24.22 16.66
N VAL C 160 2.94 23.04 16.84
CA VAL C 160 3.05 22.37 18.13
C VAL C 160 4.50 21.92 18.41
N ALA C 161 5.20 21.40 17.40
CA ALA C 161 6.63 21.10 17.56
C ALA C 161 7.39 22.34 18.04
N LYS C 162 7.16 23.46 17.37
CA LYS C 162 7.84 24.69 17.74
C LYS C 162 7.54 25.06 19.19
N LYS C 163 6.27 24.95 19.57
CA LYS C 163 5.89 25.29 20.94
C LYS C 163 6.55 24.40 21.99
N ILE C 164 6.55 23.09 21.75
CA ILE C 164 7.23 22.17 22.65
C ILE C 164 8.72 22.53 22.70
N LEU C 165 9.32 22.77 21.53
CA LEU C 165 10.75 23.06 21.49
C LEU C 165 11.10 24.39 22.18
N GLU C 166 10.22 25.40 22.09
CA GLU C 166 10.47 26.66 22.79
C GLU C 166 10.22 26.61 24.29
N GLU C 167 9.14 25.94 24.69
CA GLU C 167 8.63 26.01 26.06
C GLU C 167 8.95 24.83 26.99
N SER C 168 9.35 23.68 26.41
CA SER C 168 9.58 22.50 27.23
C SER C 168 10.74 22.69 28.20
N ASP D 1 -63.17 -4.57 -42.20
CA ASP D 1 -64.48 -4.37 -42.77
C ASP D 1 -65.25 -3.40 -41.87
N GLU D 2 -65.20 -3.65 -40.56
CA GLU D 2 -65.90 -2.83 -39.58
C GLU D 2 -65.64 -1.35 -39.81
N ARG D 3 -64.39 -0.99 -40.06
CA ARG D 3 -64.01 0.38 -40.34
C ARG D 3 -64.81 0.96 -41.53
N ARG D 4 -64.97 0.15 -42.57
CA ARG D 4 -65.69 0.55 -43.77
C ARG D 4 -67.20 0.62 -43.49
N GLU D 5 -67.65 -0.29 -42.65
CA GLU D 5 -69.04 -0.37 -42.23
C GLU D 5 -69.37 0.87 -41.37
N LEU D 6 -68.43 1.20 -40.48
CA LEU D 6 -68.58 2.33 -39.59
C LEU D 6 -68.45 3.59 -40.42
N GLU D 7 -67.69 3.50 -41.51
CA GLU D 7 -67.58 4.61 -42.44
C GLU D 7 -68.93 4.90 -43.10
N LYS D 8 -69.59 3.84 -43.57
CA LYS D 8 -70.93 3.99 -44.14
C LYS D 8 -71.90 4.61 -43.14
N VAL D 9 -71.91 4.04 -41.93
CA VAL D 9 -72.77 4.53 -40.84
C VAL D 9 -72.49 6.01 -40.56
N ALA D 10 -71.22 6.37 -40.44
CA ALA D 10 -70.83 7.77 -40.17
C ALA D 10 -71.39 8.71 -41.24
N VAL D 11 -71.15 8.34 -42.50
CA VAL D 11 -71.62 9.16 -43.63
C VAL D 11 -73.13 9.41 -43.55
N LYS D 12 -73.87 8.32 -43.41
CA LYS D 12 -75.33 8.43 -43.35
C LYS D 12 -75.82 9.21 -42.12
N ALA D 13 -75.21 8.94 -40.98
CA ALA D 13 -75.63 9.61 -39.75
C ALA D 13 -75.30 11.11 -39.73
N ILE D 14 -74.14 11.49 -40.25
CA ILE D 14 -73.76 12.89 -40.31
C ILE D 14 -74.69 13.64 -41.24
N MET D 15 -74.95 13.03 -42.42
CA MET D 15 -75.86 13.69 -43.34
C MET D 15 -77.26 13.83 -42.69
N ALA D 16 -77.71 12.79 -41.99
CA ALA D 16 -78.99 12.87 -41.26
C ALA D 16 -78.98 13.95 -40.16
N ALA D 17 -77.88 14.10 -39.46
CA ALA D 17 -77.78 15.14 -38.44
C ALA D 17 -77.83 16.54 -39.07
N MET D 18 -77.25 16.69 -40.26
CA MET D 18 -77.31 17.97 -40.98
C MET D 18 -78.73 18.37 -41.42
N LEU D 19 -79.57 17.37 -41.70
CA LEU D 19 -80.91 17.55 -42.27
C LEU D 19 -82.09 17.49 -41.27
N GLY D 20 -81.84 17.20 -40.01
CA GLY D 20 -82.92 17.09 -39.05
C GLY D 20 -83.70 15.78 -39.17
N ASN D 21 -83.01 14.74 -39.63
CA ASN D 21 -83.63 13.43 -39.85
C ASN D 21 -83.35 12.55 -38.64
N THR D 22 -84.16 12.78 -37.61
CA THR D 22 -83.97 12.12 -36.33
C THR D 22 -84.08 10.60 -36.46
N ASP D 23 -85.06 10.15 -37.25
CA ASP D 23 -85.26 8.71 -37.41
C ASP D 23 -84.02 8.01 -37.96
N GLU D 24 -83.41 8.60 -38.99
CA GLU D 24 -82.22 8.03 -39.61
C GLU D 24 -81.00 8.13 -38.69
N VAL D 25 -80.82 9.25 -38.00
CA VAL D 25 -79.72 9.36 -37.03
C VAL D 25 -79.83 8.26 -35.98
N ARG D 26 -81.05 8.07 -35.44
CA ARG D 26 -81.30 7.01 -34.45
C ARG D 26 -80.93 5.63 -34.99
N GLU D 27 -81.44 5.30 -36.17
CA GLU D 27 -81.15 3.99 -36.76
C GLU D 27 -79.63 3.76 -36.98
N GLN D 28 -78.95 4.76 -37.56
CA GLN D 28 -77.52 4.62 -37.85
C GLN D 28 -76.68 4.51 -36.56
N LEU D 29 -77.01 5.31 -35.56
CA LEU D 29 -76.26 5.20 -34.29
C LEU D 29 -76.47 3.82 -33.64
N GLN D 30 -77.69 3.28 -33.76
CA GLN D 30 -77.93 1.92 -33.25
C GLN D 30 -77.05 0.93 -33.98
N ARG D 31 -76.84 1.14 -35.28
CA ARG D 31 -75.94 0.24 -35.99
C ARG D 31 -74.49 0.40 -35.58
N ALA D 32 -74.04 1.62 -35.29
CA ALA D 32 -72.68 1.78 -34.75
C ALA D 32 -72.52 1.01 -33.45
N LEU D 33 -73.54 1.10 -32.60
CA LEU D 33 -73.50 0.35 -31.33
C LEU D 33 -73.39 -1.14 -31.59
N GLU D 34 -74.22 -1.62 -32.52
CA GLU D 34 -74.20 -3.05 -32.81
C GLU D 34 -72.88 -3.53 -33.42
N ILE D 35 -72.26 -2.70 -34.26
CA ILE D 35 -70.95 -3.05 -34.78
C ILE D 35 -69.93 -3.17 -33.66
N ALA D 36 -69.93 -2.20 -32.73
CA ALA D 36 -69.01 -2.30 -31.59
C ALA D 36 -69.29 -3.59 -30.82
N ARG D 37 -70.57 -3.88 -30.62
CA ARG D 37 -70.99 -5.11 -29.94
C ARG D 37 -70.49 -6.37 -30.63
N GLU D 38 -70.67 -6.43 -31.94
CA GLU D 38 -70.33 -7.63 -32.69
C GLU D 38 -68.83 -7.85 -32.79
N SER D 39 -68.07 -6.76 -32.88
CA SER D 39 -66.62 -6.83 -33.06
C SER D 39 -65.84 -7.32 -31.84
N GLY D 40 -66.26 -6.93 -30.65
CA GLY D 40 -65.62 -7.41 -29.44
C GLY D 40 -64.18 -6.96 -29.25
N THR D 41 -63.82 -5.80 -29.79
CA THR D 41 -62.49 -5.24 -29.60
C THR D 41 -62.54 -3.78 -29.12
N LEU D 42 -61.50 -3.32 -28.46
CA LEU D 42 -61.42 -1.94 -28.03
C LEU D 42 -61.26 -1.08 -29.25
N LEU D 43 -60.59 -1.58 -30.29
CA LEU D 43 -60.39 -0.75 -31.46
C LEU D 43 -61.75 -0.42 -32.11
N ALA D 44 -62.66 -1.40 -32.12
CA ALA D 44 -64.00 -1.18 -32.66
C ALA D 44 -64.79 -0.19 -31.79
N VAL D 45 -64.65 -0.32 -30.48
CA VAL D 45 -65.25 0.65 -29.55
C VAL D 45 -64.76 2.05 -29.82
N VAL D 46 -63.44 2.20 -29.98
CA VAL D 46 -62.84 3.49 -30.25
C VAL D 46 -63.41 4.09 -31.53
N LEU D 47 -63.44 3.28 -32.59
CA LEU D 47 -63.98 3.74 -33.87
C LEU D 47 -65.45 4.14 -33.79
N ALA D 48 -66.23 3.31 -33.12
CA ALA D 48 -67.66 3.63 -32.96
C ALA D 48 -67.85 4.91 -32.17
N LEU D 49 -67.10 5.09 -31.09
CA LEU D 49 -67.20 6.34 -30.33
C LEU D 49 -66.75 7.53 -31.15
N GLU D 50 -65.74 7.35 -32.00
CA GLU D 50 -65.37 8.46 -32.89
C GLU D 50 -66.51 8.80 -33.86
N VAL D 51 -67.18 7.79 -34.41
CA VAL D 51 -68.36 8.06 -35.25
C VAL D 51 -69.44 8.82 -34.48
N VAL D 52 -69.75 8.34 -33.29
CA VAL D 52 -70.72 9.00 -32.45
C VAL D 52 -70.32 10.46 -32.19
N ALA D 53 -69.04 10.70 -31.89
CA ALA D 53 -68.57 12.05 -31.66
C ALA D 53 -68.77 12.96 -32.86
N ARG D 54 -68.37 12.46 -34.03
CA ARG D 54 -68.51 13.26 -35.25
C ARG D 54 -69.98 13.62 -35.54
N VAL D 55 -70.87 12.64 -35.36
CA VAL D 55 -72.30 12.89 -35.55
C VAL D 55 -72.83 13.94 -34.58
N ALA D 56 -72.48 13.79 -33.31
CA ALA D 56 -72.94 14.72 -32.28
C ALA D 56 -72.35 16.11 -32.47
N ILE D 57 -71.12 16.20 -32.94
CA ILE D 57 -70.52 17.52 -33.17
C ILE D 57 -71.24 18.22 -34.32
N GLU D 58 -71.48 17.48 -35.39
CA GLU D 58 -72.22 18.05 -36.51
C GLU D 58 -73.62 18.50 -36.05
N ALA D 59 -74.29 17.65 -35.28
CA ALA D 59 -75.60 18.01 -34.74
C ALA D 59 -75.53 19.25 -33.86
N ALA D 60 -74.51 19.35 -33.03
CA ALA D 60 -74.38 20.50 -32.14
C ALA D 60 -74.19 21.77 -32.95
N ARG D 61 -73.49 21.68 -34.08
CA ARG D 61 -73.30 22.86 -34.94
C ARG D 61 -74.59 23.34 -35.61
N LYS D 62 -75.50 22.42 -35.84
CA LYS D 62 -76.75 22.63 -36.57
C LYS D 62 -77.99 22.94 -35.72
N GLY D 63 -77.88 22.86 -34.40
CA GLY D 63 -79.03 23.04 -33.52
C GLY D 63 -79.91 21.77 -33.50
N ASN D 64 -79.31 20.62 -33.80
CA ASN D 64 -80.09 19.39 -33.89
C ASN D 64 -80.04 18.69 -32.55
N THR D 65 -80.95 19.11 -31.68
CA THR D 65 -80.94 18.66 -30.28
C THR D 65 -81.22 17.18 -30.16
N ASP D 66 -82.13 16.71 -31.00
CA ASP D 66 -82.48 15.26 -30.99
C ASP D 66 -81.27 14.41 -31.29
N ALA D 67 -80.53 14.79 -32.33
CA ALA D 67 -79.38 13.99 -32.72
C ALA D 67 -78.25 14.04 -31.68
N VAL D 68 -78.04 15.20 -31.04
CA VAL D 68 -77.08 15.24 -29.96
C VAL D 68 -77.48 14.28 -28.86
N ARG D 69 -78.75 14.33 -28.47
CA ARG D 69 -79.25 13.45 -27.41
C ARG D 69 -79.08 11.96 -27.78
N GLU D 70 -79.51 11.59 -29.00
CA GLU D 70 -79.41 10.20 -29.47
C GLU D 70 -77.96 9.73 -29.47
N ALA D 71 -77.10 10.60 -29.98
CA ALA D 71 -75.68 10.22 -30.06
C ALA D 71 -75.05 10.04 -28.68
N LEU D 72 -75.31 10.96 -27.78
CA LEU D 72 -74.72 10.81 -26.47
C LEU D 72 -75.29 9.65 -25.66
N GLU D 73 -76.57 9.32 -25.86
CA GLU D 73 -77.12 8.09 -25.27
C GLU D 73 -76.37 6.86 -25.79
N VAL D 74 -76.04 6.86 -27.08
CA VAL D 74 -75.28 5.71 -27.58
C VAL D 74 -73.84 5.69 -27.02
N ALA D 75 -73.20 6.85 -26.86
CA ALA D 75 -71.92 6.86 -26.17
C ALA D 75 -72.03 6.27 -24.76
N LEU D 76 -73.08 6.67 -24.02
CA LEU D 76 -73.35 6.15 -22.68
C LEU D 76 -73.51 4.62 -22.73
N GLU D 77 -74.26 4.12 -23.71
CA GLU D 77 -74.46 2.68 -23.78
C GLU D 77 -73.19 1.92 -24.14
N ILE D 78 -72.39 2.47 -25.05
CA ILE D 78 -71.10 1.88 -25.38
C ILE D 78 -70.28 1.87 -24.08
N ALA D 79 -70.29 2.95 -23.29
CA ALA D 79 -69.55 2.94 -22.01
C ALA D 79 -70.11 1.89 -21.05
N ARG D 80 -71.42 1.69 -21.05
CA ARG D 80 -72.02 0.65 -20.19
C ARG D 80 -71.64 -0.77 -20.64
N GLU D 81 -71.67 -1.03 -21.95
CA GLU D 81 -71.52 -2.40 -22.46
C GLU D 81 -70.09 -2.92 -22.67
N SER D 82 -69.14 -2.00 -22.82
CA SER D 82 -67.78 -2.39 -23.16
C SER D 82 -67.02 -3.10 -22.04
N GLY D 83 -67.33 -2.78 -20.80
CA GLY D 83 -66.71 -3.38 -19.63
C GLY D 83 -65.28 -2.96 -19.37
N THR D 84 -64.86 -1.82 -19.94
CA THR D 84 -63.52 -1.30 -19.69
C THR D 84 -63.50 0.15 -19.26
N LYS D 85 -62.49 0.50 -18.48
CA LYS D 85 -62.29 1.89 -18.05
C LYS D 85 -61.96 2.77 -19.24
N VAL D 86 -61.17 2.23 -20.15
CA VAL D 86 -60.83 2.95 -21.38
C VAL D 86 -62.08 3.40 -22.13
N ALA D 87 -63.09 2.55 -22.26
CA ALA D 87 -64.31 2.96 -22.94
C ALA D 87 -65.04 4.09 -22.21
N VAL D 88 -65.06 4.03 -20.87
CA VAL D 88 -65.68 5.07 -20.07
C VAL D 88 -64.96 6.42 -20.28
N VAL D 89 -63.64 6.42 -20.21
CA VAL D 89 -62.83 7.62 -20.43
C VAL D 89 -63.04 8.20 -21.84
N LEU D 90 -63.07 7.32 -22.84
CA LEU D 90 -63.32 7.76 -24.22
C LEU D 90 -64.72 8.36 -24.37
N ALA D 91 -65.71 7.75 -23.73
CA ALA D 91 -67.07 8.29 -23.77
C ALA D 91 -67.11 9.68 -23.15
N LEU D 92 -66.46 9.84 -21.99
CA LEU D 92 -66.38 11.18 -21.38
C LEU D 92 -65.67 12.20 -22.27
N GLU D 93 -64.64 11.77 -23.02
CA GLU D 93 -64.00 12.72 -23.94
C GLU D 93 -64.94 13.09 -25.08
N VAL D 94 -65.72 12.14 -25.59
CA VAL D 94 -66.75 12.47 -26.58
C VAL D 94 -67.71 13.53 -26.05
N VAL D 95 -68.23 13.29 -24.84
CA VAL D 95 -69.14 14.23 -24.21
C VAL D 95 -68.51 15.64 -24.09
N ALA D 96 -67.25 15.70 -23.65
CA ALA D 96 -66.54 16.98 -23.56
C ALA D 96 -66.42 17.68 -24.90
N ARG D 97 -66.03 16.96 -25.95
CA ARG D 97 -65.86 17.56 -27.27
C ARG D 97 -67.20 18.12 -27.77
N VAL D 98 -68.26 17.35 -27.58
CA VAL D 98 -69.58 17.81 -28.02
C VAL D 98 -70.03 19.07 -27.24
N ALA D 99 -69.86 19.03 -25.92
CA ALA D 99 -70.27 20.14 -25.09
C ALA D 99 -69.47 21.39 -25.39
N ILE D 100 -68.18 21.23 -25.67
CA ILE D 100 -67.36 22.40 -26.04
C ILE D 100 -67.82 23.02 -27.37
N GLU D 101 -68.04 22.18 -28.38
CA GLU D 101 -68.57 22.69 -29.65
C GLU D 101 -69.91 23.38 -29.45
N ALA D 102 -70.80 22.79 -28.64
CA ALA D 102 -72.08 23.39 -28.35
C ALA D 102 -71.94 24.76 -27.67
N ALA D 103 -71.02 24.85 -26.72
CA ALA D 103 -70.79 26.12 -26.03
C ALA D 103 -70.36 27.20 -26.98
N ARG D 104 -69.50 26.83 -27.94
CA ARG D 104 -69.06 27.79 -28.96
C ARG D 104 -70.14 28.30 -29.91
N ARG D 105 -71.21 27.52 -30.07
CA ARG D 105 -72.25 27.76 -31.08
C ARG D 105 -73.52 28.33 -30.50
N GLY D 106 -73.58 28.51 -29.18
CA GLY D 106 -74.78 29.01 -28.53
C GLY D 106 -75.85 27.93 -28.42
N ASN D 107 -75.42 26.67 -28.46
CA ASN D 107 -76.37 25.56 -28.43
C ASN D 107 -76.54 25.11 -26.98
N VAL D 108 -77.44 25.81 -26.30
CA VAL D 108 -77.62 25.57 -24.86
C VAL D 108 -78.24 24.21 -24.59
N LEU D 109 -79.14 23.74 -25.47
CA LEU D 109 -79.70 22.41 -25.26
C LEU D 109 -78.62 21.35 -25.28
N ALA D 110 -77.67 21.47 -26.22
CA ALA D 110 -76.65 20.43 -26.40
C ALA D 110 -75.68 20.48 -25.22
N VAL D 111 -75.39 21.68 -24.71
CA VAL D 111 -74.57 21.76 -23.50
C VAL D 111 -75.27 21.03 -22.36
N ILE D 112 -76.55 21.32 -22.15
CA ILE D 112 -77.30 20.65 -21.09
C ILE D 112 -77.29 19.12 -21.25
N LEU D 113 -77.62 18.66 -22.46
CA LEU D 113 -77.65 17.22 -22.72
C LEU D 113 -76.30 16.56 -22.45
N ALA D 114 -75.23 17.19 -22.97
CA ALA D 114 -73.89 16.64 -22.80
C ALA D 114 -73.49 16.57 -21.33
N LEU D 115 -73.71 17.67 -20.61
CA LEU D 115 -73.32 17.65 -19.20
C LEU D 115 -74.14 16.67 -18.38
N GLU D 116 -75.42 16.49 -18.73
CA GLU D 116 -76.23 15.46 -18.06
C GLU D 116 -75.66 14.04 -18.30
N VAL D 117 -75.19 13.78 -19.52
CA VAL D 117 -74.55 12.49 -19.75
C VAL D 117 -73.22 12.36 -19.02
N ALA D 118 -72.46 13.43 -18.90
CA ALA D 118 -71.26 13.37 -18.03
C ALA D 118 -71.67 13.00 -16.61
N LEU D 119 -72.71 13.66 -16.10
CA LEU D 119 -73.19 13.35 -14.76
C LEU D 119 -73.63 11.88 -14.65
N GLU D 120 -74.35 11.38 -15.67
CA GLU D 120 -74.80 9.98 -15.63
C GLU D 120 -73.63 9.00 -15.68
N ILE D 121 -72.61 9.30 -16.48
CA ILE D 121 -71.41 8.43 -16.52
C ILE D 121 -70.76 8.41 -15.13
N ALA D 122 -70.62 9.59 -14.51
CA ALA D 122 -70.06 9.60 -13.13
C ALA D 122 -70.95 8.84 -12.13
N ARG D 123 -72.26 9.02 -12.22
CA ARG D 123 -73.19 8.34 -11.31
C ARG D 123 -73.14 6.82 -11.47
N GLU D 124 -73.11 6.33 -12.72
CA GLU D 124 -73.15 4.88 -12.98
C GLU D 124 -71.81 4.19 -12.82
N SER D 125 -70.72 4.92 -13.04
CA SER D 125 -69.41 4.30 -13.00
C SER D 125 -69.00 3.84 -11.60
N GLY D 126 -69.37 4.58 -10.58
CA GLY D 126 -69.02 4.22 -9.21
C GLY D 126 -67.52 4.18 -8.97
N THR D 127 -66.77 4.97 -9.73
CA THR D 127 -65.35 5.16 -9.47
C THR D 127 -65.07 6.61 -9.15
N GLU D 128 -64.13 6.82 -8.24
CA GLU D 128 -63.67 8.16 -7.97
C GLU D 128 -63.12 8.85 -9.21
N GLU D 129 -62.38 8.10 -10.01
CA GLU D 129 -61.77 8.68 -11.19
C GLU D 129 -62.80 9.21 -12.16
N ALA D 130 -63.90 8.48 -12.36
CA ALA D 130 -64.93 8.98 -13.26
C ALA D 130 -65.58 10.27 -12.76
N ALA D 131 -65.75 10.38 -11.44
CA ALA D 131 -66.25 11.64 -10.86
C ALA D 131 -65.27 12.75 -11.13
N LEU D 132 -63.98 12.51 -10.87
CA LEU D 132 -62.96 13.53 -11.15
C LEU D 132 -62.93 13.97 -12.62
N LEU D 133 -62.99 13.01 -13.52
CA LEU D 133 -62.98 13.32 -14.93
C LEU D 133 -64.23 14.07 -15.35
N ALA D 134 -65.39 13.68 -14.78
CA ALA D 134 -66.61 14.40 -15.12
C ALA D 134 -66.53 15.86 -14.65
N VAL D 135 -65.98 16.05 -13.45
CA VAL D 135 -65.78 17.43 -13.00
C VAL D 135 -64.83 18.22 -13.94
N GLU D 136 -63.78 17.55 -14.42
CA GLU D 136 -62.90 18.16 -15.42
C GLU D 136 -63.60 18.50 -16.74
N VAL D 137 -64.51 17.62 -17.19
CA VAL D 137 -65.34 17.95 -18.34
C VAL D 137 -66.15 19.23 -18.05
N VAL D 138 -66.82 19.28 -16.90
CA VAL D 138 -67.64 20.44 -16.57
C VAL D 138 -66.78 21.70 -16.56
N VAL D 139 -65.58 21.61 -15.97
CA VAL D 139 -64.68 22.78 -15.95
C VAL D 139 -64.29 23.23 -17.36
N ARG D 140 -63.96 22.28 -18.23
CA ARG D 140 -63.59 22.63 -19.62
C ARG D 140 -64.74 23.34 -20.32
N VAL D 141 -65.96 22.83 -20.12
CA VAL D 141 -67.12 23.45 -20.75
C VAL D 141 -67.39 24.85 -20.15
N SER D 142 -67.28 25.00 -18.82
CA SER D 142 -67.38 26.29 -18.20
C SER D 142 -66.36 27.30 -18.76
N ASP D 143 -65.11 26.88 -18.86
CA ASP D 143 -64.06 27.73 -19.42
C ASP D 143 -64.41 28.19 -20.82
N GLU D 144 -64.84 27.26 -21.65
CA GLU D 144 -65.21 27.65 -23.02
C GLU D 144 -66.40 28.61 -23.07
N ALA D 145 -67.41 28.33 -22.26
CA ALA D 145 -68.59 29.15 -22.19
C ALA D 145 -68.25 30.57 -21.71
N LYS D 146 -67.39 30.70 -20.73
CA LYS D 146 -66.94 32.03 -20.29
C LYS D 146 -66.24 32.74 -21.45
N LYS D 147 -65.35 32.01 -22.13
CA LYS D 147 -64.60 32.61 -23.24
C LYS D 147 -65.52 33.13 -24.36
N GLN D 148 -66.58 32.39 -24.65
CA GLN D 148 -67.52 32.73 -25.73
C GLN D 148 -68.66 33.67 -25.32
N GLY D 149 -68.79 33.94 -24.03
CA GLY D 149 -69.88 34.77 -23.51
C GLY D 149 -71.22 34.05 -23.57
N ASN D 150 -71.19 32.76 -23.28
CA ASN D 150 -72.40 31.94 -23.31
C ASN D 150 -72.84 31.76 -21.88
N ALA D 151 -73.62 32.73 -21.38
CA ALA D 151 -73.95 32.76 -19.96
C ALA D 151 -74.84 31.58 -19.59
N VAL D 152 -75.74 31.15 -20.49
CA VAL D 152 -76.58 29.98 -20.19
C VAL D 152 -75.71 28.74 -19.88
N ALA D 153 -74.69 28.53 -20.70
CA ALA D 153 -73.80 27.38 -20.54
C ALA D 153 -72.93 27.51 -19.28
N VAL D 154 -72.50 28.72 -18.93
CA VAL D 154 -71.76 28.90 -17.69
C VAL D 154 -72.68 28.47 -16.53
N ALA D 155 -73.93 28.92 -16.58
CA ALA D 155 -74.84 28.61 -15.48
C ALA D 155 -75.14 27.10 -15.42
N VAL D 156 -75.35 26.49 -16.57
CA VAL D 156 -75.58 25.05 -16.62
C VAL D 156 -74.41 24.27 -16.07
N ALA D 157 -73.19 24.66 -16.47
CA ALA D 157 -72.00 23.99 -15.93
C ALA D 157 -71.94 24.15 -14.42
N GLU D 158 -72.22 25.36 -13.91
CA GLU D 158 -72.20 25.53 -12.44
C GLU D 158 -73.24 24.60 -11.78
N GLN D 159 -74.43 24.51 -12.38
CA GLN D 159 -75.47 23.65 -11.81
C GLN D 159 -75.03 22.16 -11.74
N VAL D 160 -74.47 21.69 -12.83
CA VAL D 160 -74.02 20.30 -12.87
C VAL D 160 -72.82 20.06 -11.94
N ALA D 161 -71.88 21.00 -11.87
CA ALA D 161 -70.79 20.90 -10.89
C ALA D 161 -71.37 20.77 -9.47
N LYS D 162 -72.32 21.63 -9.15
CA LYS D 162 -72.92 21.58 -7.81
C LYS D 162 -73.56 20.23 -7.57
N LYS D 163 -74.28 19.72 -8.56
CA LYS D 163 -74.94 18.42 -8.39
C LYS D 163 -73.95 17.28 -8.18
N ILE D 164 -72.90 17.24 -8.99
CA ILE D 164 -71.87 16.22 -8.81
C ILE D 164 -71.26 16.38 -7.40
N LEU D 165 -70.95 17.63 -7.02
CA LEU D 165 -70.32 17.85 -5.72
C LEU D 165 -71.24 17.48 -4.55
N GLU D 166 -72.54 17.71 -4.67
CA GLU D 166 -73.47 17.31 -3.60
C GLU D 166 -73.76 15.82 -3.54
N GLU D 167 -73.93 15.20 -4.70
CA GLU D 167 -74.45 13.84 -4.80
C GLU D 167 -73.43 12.72 -5.05
N SER D 168 -72.23 13.07 -5.51
CA SER D 168 -71.24 12.03 -5.84
C SER D 168 -70.81 11.24 -4.63
N ASP E 1 -62.73 42.62 6.00
CA ASP E 1 -63.82 43.55 5.79
C ASP E 1 -63.45 44.41 4.57
N GLU E 2 -62.20 44.90 4.55
CA GLU E 2 -61.72 45.74 3.45
C GLU E 2 -62.04 45.13 2.09
N ARG E 3 -61.82 43.84 1.95
CA ARG E 3 -62.14 43.13 0.72
C ARG E 3 -63.61 43.31 0.31
N ARG E 4 -64.48 43.22 1.30
CA ARG E 4 -65.93 43.35 1.09
C ARG E 4 -66.29 44.82 0.79
N GLU E 5 -65.57 45.71 1.44
CA GLU E 5 -65.74 47.15 1.27
C GLU E 5 -65.27 47.53 -0.16
N LEU E 6 -64.15 46.94 -0.56
CA LEU E 6 -63.57 47.20 -1.86
C LEU E 6 -64.45 46.54 -2.90
N GLU E 7 -65.12 45.46 -2.48
CA GLU E 7 -66.09 44.80 -3.35
C GLU E 7 -67.27 45.73 -3.65
N LYS E 8 -67.80 46.36 -2.60
CA LYS E 8 -68.89 47.34 -2.77
C LYS E 8 -68.45 48.47 -3.71
N VAL E 9 -67.27 49.04 -3.40
CA VAL E 9 -66.71 50.12 -4.21
C VAL E 9 -66.56 49.70 -5.68
N ALA E 10 -66.00 48.52 -5.90
CA ALA E 10 -65.82 48.00 -7.27
C ALA E 10 -67.14 47.93 -8.03
N VAL E 11 -68.13 47.32 -7.37
CA VAL E 11 -69.46 47.18 -7.98
C VAL E 11 -70.02 48.52 -8.42
N LYS E 12 -70.04 49.45 -7.47
CA LYS E 12 -70.58 50.79 -7.76
C LYS E 12 -69.79 51.54 -8.83
N ALA E 13 -68.47 51.47 -8.75
CA ALA E 13 -67.62 52.18 -9.71
C ALA E 13 -67.70 51.59 -11.13
N ILE E 14 -67.76 50.27 -11.25
CA ILE E 14 -67.87 49.65 -12.55
C ILE E 14 -69.20 50.01 -13.19
N MET E 15 -70.27 49.91 -12.39
CA MET E 15 -71.57 50.28 -12.93
C MET E 15 -71.56 51.76 -13.37
N ALA E 16 -70.96 52.63 -12.56
CA ALA E 16 -70.82 54.04 -12.94
C ALA E 16 -69.99 54.25 -14.21
N ALA E 17 -68.94 53.48 -14.38
CA ALA E 17 -68.13 53.58 -15.60
C ALA E 17 -68.93 53.12 -16.83
N MET E 18 -69.80 52.11 -16.66
CA MET E 18 -70.65 51.66 -17.77
C MET E 18 -71.68 52.72 -18.20
N LEU E 19 -72.12 53.56 -17.27
CA LEU E 19 -73.20 54.54 -17.50
C LEU E 19 -72.77 55.99 -17.78
N GLY E 20 -71.48 56.28 -17.74
CA GLY E 20 -71.03 57.65 -17.96
C GLY E 20 -71.25 58.55 -16.75
N ASN E 21 -71.24 57.96 -15.56
CA ASN E 21 -71.49 58.69 -14.31
C ASN E 21 -70.16 59.04 -13.69
N THR E 22 -69.59 60.12 -14.22
CA THR E 22 -68.25 60.55 -13.83
C THR E 22 -68.18 60.89 -12.34
N ASP E 23 -69.22 61.56 -11.84
CA ASP E 23 -69.23 61.97 -10.44
C ASP E 23 -69.13 60.76 -9.50
N GLU E 24 -69.90 59.72 -9.78
CA GLU E 24 -69.90 58.52 -8.96
C GLU E 24 -68.60 57.72 -9.12
N VAL E 25 -68.07 57.61 -10.34
CA VAL E 25 -66.76 56.96 -10.51
C VAL E 25 -65.69 57.65 -9.68
N ARG E 26 -65.67 58.99 -9.74
CA ARG E 26 -64.71 59.78 -8.96
C ARG E 26 -64.85 59.51 -7.45
N GLU E 27 -66.07 59.60 -6.96
CA GLU E 27 -66.29 59.37 -5.52
C GLU E 27 -65.85 57.95 -5.08
N GLN E 28 -66.26 56.91 -5.84
CA GLN E 28 -65.93 55.54 -5.48
C GLN E 28 -64.40 55.27 -5.55
N LEU E 29 -63.74 55.80 -6.58
CA LEU E 29 -62.29 55.60 -6.64
C LEU E 29 -61.57 56.30 -5.47
N GLN E 30 -62.09 57.46 -5.06
CA GLN E 30 -61.52 58.14 -3.89
C GLN E 30 -61.67 57.24 -2.66
N ARG E 31 -62.80 56.55 -2.57
CA ARG E 31 -62.95 55.62 -1.44
C ARG E 31 -62.02 54.42 -1.51
N ALA E 32 -61.77 53.89 -2.71
CA ALA E 32 -60.77 52.82 -2.82
C ALA E 32 -59.40 53.31 -2.33
N LEU E 33 -59.06 54.54 -2.72
CA LEU E 33 -57.79 55.11 -2.26
C LEU E 33 -57.75 55.20 -0.74
N GLU E 34 -58.85 55.69 -0.16
CA GLU E 34 -58.90 55.84 1.28
C GLU E 34 -58.84 54.51 2.02
N ILE E 35 -59.48 53.48 1.48
CA ILE E 35 -59.37 52.15 2.08
C ILE E 35 -57.92 51.67 2.07
N ALA E 36 -57.24 51.84 0.93
CA ALA E 36 -55.82 51.44 0.89
C ALA E 36 -55.05 52.23 1.95
N ARG E 37 -55.33 53.52 2.05
CA ARG E 37 -54.70 54.38 3.04
C ARG E 37 -54.93 53.91 4.48
N GLU E 38 -56.19 53.60 4.78
CA GLU E 38 -56.55 53.24 6.14
C GLU E 38 -56.01 51.87 6.56
N SER E 39 -55.94 50.95 5.60
CA SER E 39 -55.52 49.57 5.89
C SER E 39 -54.03 49.41 6.18
N GLY E 40 -53.18 50.17 5.50
CA GLY E 40 -51.76 50.13 5.80
C GLY E 40 -51.07 48.80 5.48
N THR E 41 -51.60 48.04 4.52
CA THR E 41 -50.96 46.80 4.09
C THR E 41 -50.78 46.75 2.56
N LEU E 42 -49.83 45.97 2.09
CA LEU E 42 -49.61 45.80 0.67
C LEU E 42 -50.79 45.03 0.11
N LEU E 43 -51.38 44.13 0.90
CA LEU E 43 -52.49 43.36 0.36
C LEU E 43 -53.66 44.29 0.02
N ALA E 44 -53.89 45.31 0.87
CA ALA E 44 -54.95 46.27 0.62
C ALA E 44 -54.63 47.13 -0.62
N VAL E 45 -53.36 47.51 -0.76
CA VAL E 45 -52.90 48.22 -1.97
C VAL E 45 -53.15 47.41 -3.21
N VAL E 46 -52.81 46.12 -3.16
CA VAL E 46 -53.01 45.24 -4.30
C VAL E 46 -54.48 45.16 -4.68
N LEU E 47 -55.32 44.96 -3.67
CA LEU E 47 -56.76 44.87 -3.91
C LEU E 47 -57.34 46.16 -4.47
N ALA E 48 -56.93 47.29 -3.90
CA ALA E 48 -57.40 48.58 -4.41
C ALA E 48 -56.95 48.81 -5.85
N LEU E 49 -55.70 48.48 -6.17
CA LEU E 49 -55.24 48.63 -7.54
C LEU E 49 -55.97 47.69 -8.47
N GLU E 50 -56.33 46.48 -8.00
CA GLU E 50 -57.15 45.61 -8.85
C GLU E 50 -58.53 46.23 -9.11
N VAL E 51 -59.14 46.82 -8.09
CA VAL E 51 -60.42 47.53 -8.31
C VAL E 51 -60.27 48.66 -9.33
N VAL E 52 -59.24 49.48 -9.16
CA VAL E 52 -58.96 50.54 -10.10
C VAL E 52 -58.79 49.99 -11.52
N ALA E 53 -58.05 48.91 -11.66
CA ALA E 53 -57.84 48.30 -12.96
C ALA E 53 -59.15 47.87 -13.62
N ARG E 54 -59.98 47.16 -12.83
CA ARG E 54 -61.25 46.69 -13.38
C ARG E 54 -62.16 47.85 -13.83
N VAL E 55 -62.20 48.91 -13.02
CA VAL E 55 -62.99 50.08 -13.38
C VAL E 55 -62.47 50.74 -14.68
N ALA E 56 -61.16 50.91 -14.74
CA ALA E 56 -60.56 51.53 -15.93
C ALA E 56 -60.70 50.67 -17.16
N ILE E 57 -60.64 49.36 -17.02
CA ILE E 57 -60.81 48.48 -18.18
C ILE E 57 -62.24 48.57 -18.70
N GLU E 58 -63.20 48.53 -17.78
CA GLU E 58 -64.58 48.68 -18.19
C GLU E 58 -64.80 50.03 -18.89
N ALA E 59 -64.25 51.09 -18.31
CA ALA E 59 -64.34 52.43 -18.91
C ALA E 59 -63.70 52.44 -20.29
N ALA E 60 -62.55 51.80 -20.45
CA ALA E 60 -61.86 51.80 -21.74
C ALA E 60 -62.71 51.09 -22.78
N ARG E 61 -63.44 50.04 -22.37
CA ARG E 61 -64.32 49.35 -23.31
C ARG E 61 -65.51 50.17 -23.79
N LYS E 62 -65.94 51.09 -22.95
CA LYS E 62 -67.14 51.91 -23.15
C LYS E 62 -66.92 53.29 -23.77
N GLY E 63 -65.67 53.70 -23.96
CA GLY E 63 -65.37 55.04 -24.45
C GLY E 63 -65.50 56.08 -23.32
N ASN E 64 -65.36 55.65 -22.07
CA ASN E 64 -65.57 56.56 -20.94
C ASN E 64 -64.24 57.14 -20.55
N THR E 65 -63.87 58.21 -21.25
CA THR E 65 -62.54 58.80 -21.12
C THR E 65 -62.33 59.39 -19.73
N ASP E 66 -63.38 59.99 -19.19
CA ASP E 66 -63.29 60.59 -17.83
C ASP E 66 -62.95 59.54 -16.80
N ALA E 67 -63.65 58.40 -16.87
CA ALA E 67 -63.43 57.36 -15.88
C ALA E 67 -62.04 56.71 -16.01
N VAL E 68 -61.55 56.54 -17.24
CA VAL E 68 -60.20 56.05 -17.40
C VAL E 68 -59.21 57.02 -16.75
N ARG E 69 -59.38 58.31 -17.03
CA ARG E 69 -58.50 59.33 -16.46
C ARG E 69 -58.53 59.32 -14.91
N GLU E 70 -59.75 59.32 -14.35
CA GLU E 70 -59.93 59.31 -12.89
C GLU E 70 -59.28 58.07 -12.27
N ALA E 71 -59.52 56.95 -12.90
CA ALA E 71 -58.98 55.70 -12.36
C ALA E 71 -57.45 55.68 -12.39
N LEU E 72 -56.87 56.08 -13.51
CA LEU E 72 -55.43 56.06 -13.57
C LEU E 72 -54.76 57.09 -12.68
N GLU E 73 -55.39 58.25 -12.47
CA GLU E 73 -54.90 59.20 -11.46
C GLU E 73 -54.89 58.56 -10.07
N VAL E 74 -55.92 57.78 -9.77
CA VAL E 74 -55.90 57.11 -8.44
C VAL E 74 -54.82 56.02 -8.38
N ALA E 75 -54.58 55.28 -9.47
CA ALA E 75 -53.45 54.36 -9.49
C ALA E 75 -52.13 55.11 -9.22
N LEU E 76 -51.95 56.25 -9.89
CA LEU E 76 -50.77 57.10 -9.68
C LEU E 76 -50.64 57.50 -8.21
N GLU E 77 -51.76 57.92 -7.61
CA GLU E 77 -51.68 58.36 -6.22
C GLU E 77 -51.38 57.20 -5.26
N ILE E 78 -51.96 56.04 -5.51
CA ILE E 78 -51.67 54.85 -4.72
C ILE E 78 -50.15 54.59 -4.89
N ALA E 79 -49.61 54.68 -6.09
CA ALA E 79 -48.16 54.50 -6.27
C ALA E 79 -47.35 55.56 -5.51
N ARG E 80 -47.85 56.79 -5.48
CA ARG E 80 -47.16 57.84 -4.72
C ARG E 80 -47.21 57.61 -3.21
N GLU E 81 -48.35 57.20 -2.68
CA GLU E 81 -48.56 57.13 -1.22
C GLU E 81 -48.09 55.85 -0.52
N SER E 82 -47.99 54.77 -1.27
CA SER E 82 -47.69 53.46 -0.66
C SER E 82 -46.27 53.32 -0.11
N GLY E 83 -45.32 54.02 -0.73
CA GLY E 83 -43.93 53.99 -0.33
C GLY E 83 -43.18 52.71 -0.61
N THR E 84 -43.70 51.90 -1.56
CA THR E 84 -43.01 50.67 -1.95
C THR E 84 -42.84 50.55 -3.45
N LYS E 85 -41.77 49.86 -3.84
CA LYS E 85 -41.50 49.56 -5.25
C LYS E 85 -42.59 48.66 -5.82
N VAL E 86 -43.02 47.70 -5.00
CA VAL E 86 -44.10 46.80 -5.41
C VAL E 86 -45.35 47.57 -5.84
N ALA E 87 -45.74 48.61 -5.10
CA ALA E 87 -46.91 49.38 -5.50
C ALA E 87 -46.71 50.10 -6.83
N VAL E 88 -45.49 50.63 -7.05
CA VAL E 88 -45.18 51.29 -8.31
C VAL E 88 -45.28 50.31 -9.50
N VAL E 89 -44.68 49.14 -9.35
CA VAL E 89 -44.74 48.09 -10.38
C VAL E 89 -46.18 47.65 -10.67
N LEU E 90 -46.97 47.48 -9.61
CA LEU E 90 -48.38 47.10 -9.77
C LEU E 90 -49.17 48.20 -10.47
N ALA E 91 -48.89 49.46 -10.14
CA ALA E 91 -49.56 50.57 -10.81
C ALA E 91 -49.21 50.59 -12.30
N LEU E 92 -47.93 50.40 -12.62
CA LEU E 92 -47.54 50.30 -14.04
C LEU E 92 -48.22 49.13 -14.76
N GLU E 93 -48.42 47.99 -14.07
CA GLU E 93 -49.13 46.89 -14.72
C GLU E 93 -50.61 47.25 -14.95
N VAL E 94 -51.23 47.95 -14.00
CA VAL E 94 -52.59 48.46 -14.23
C VAL E 94 -52.64 49.33 -15.49
N VAL E 95 -51.72 50.29 -15.57
CA VAL E 95 -51.67 51.18 -16.73
C VAL E 95 -51.51 50.38 -18.05
N ALA E 96 -50.63 49.38 -18.05
CA ALA E 96 -50.45 48.54 -19.22
C ALA E 96 -51.72 47.80 -19.62
N ARG E 97 -52.39 47.19 -18.64
CA ARG E 97 -53.62 46.43 -18.94
C ARG E 97 -54.68 47.35 -19.53
N VAL E 98 -54.82 48.53 -18.94
CA VAL E 98 -55.82 49.48 -19.44
C VAL E 98 -55.48 49.95 -20.89
N ALA E 99 -54.21 50.29 -21.10
CA ALA E 99 -53.80 50.76 -22.40
C ALA E 99 -53.93 49.68 -23.46
N ILE E 100 -53.65 48.44 -23.09
CA ILE E 100 -53.82 47.33 -24.06
C ILE E 100 -55.30 47.13 -24.44
N GLU E 101 -56.17 47.12 -23.43
CA GLU E 101 -57.61 47.04 -23.72
C GLU E 101 -58.07 48.20 -24.59
N ALA E 102 -57.61 49.41 -24.27
CA ALA E 102 -57.95 50.58 -25.08
C ALA E 102 -57.49 50.45 -26.53
N ALA E 103 -56.27 49.94 -26.72
CA ALA E 103 -55.75 49.74 -28.07
C ALA E 103 -56.59 48.80 -28.87
N ARG E 104 -57.06 47.74 -28.22
CA ARG E 104 -57.95 46.77 -28.86
C ARG E 104 -59.32 47.31 -29.29
N ARG E 105 -59.77 48.36 -28.62
CA ARG E 105 -61.13 48.88 -28.76
C ARG E 105 -61.21 50.15 -29.59
N GLY E 106 -60.07 50.67 -30.04
CA GLY E 106 -60.03 51.90 -30.80
C GLY E 106 -60.20 53.11 -29.91
N ASN E 107 -59.87 52.95 -28.63
CA ASN E 107 -60.05 54.03 -27.67
C ASN E 107 -58.76 54.81 -27.56
N VAL E 108 -58.60 55.75 -28.47
CA VAL E 108 -57.34 56.48 -28.57
C VAL E 108 -57.14 57.42 -27.38
N LEU E 109 -58.22 57.99 -26.84
CA LEU E 109 -58.07 58.83 -25.66
C LEU E 109 -57.49 58.05 -24.50
N ALA E 110 -57.97 56.81 -24.31
CA ALA E 110 -57.58 56.02 -23.15
C ALA E 110 -56.13 55.56 -23.33
N VAL E 111 -55.74 55.26 -24.57
CA VAL E 111 -54.32 54.95 -24.81
C VAL E 111 -53.45 56.15 -24.43
N ILE E 112 -53.83 57.34 -24.89
CA ILE E 112 -53.07 58.53 -24.55
C ILE E 112 -52.98 58.76 -23.04
N LEU E 113 -54.14 58.69 -22.37
CA LEU E 113 -54.18 58.90 -20.92
C LEU E 113 -53.28 57.88 -20.19
N ALA E 114 -53.42 56.62 -20.57
CA ALA E 114 -52.64 55.55 -19.91
C ALA E 114 -51.15 55.76 -20.11
N LEU E 115 -50.75 56.01 -21.36
CA LEU E 115 -49.32 56.18 -21.58
C LEU E 115 -48.75 57.43 -20.90
N GLU E 116 -49.57 58.49 -20.80
CA GLU E 116 -49.13 59.67 -20.03
C GLU E 116 -48.91 59.33 -18.55
N VAL E 117 -49.78 58.51 -17.97
CA VAL E 117 -49.54 58.07 -16.59
C VAL E 117 -48.33 57.17 -16.47
N ALA E 118 -48.08 56.31 -17.45
CA ALA E 118 -46.80 55.57 -17.45
C ALA E 118 -45.62 56.53 -17.43
N LEU E 119 -45.67 57.54 -18.30
CA LEU E 119 -44.60 58.54 -18.33
C LEU E 119 -44.47 59.25 -16.98
N GLU E 120 -45.60 59.62 -16.36
CA GLU E 120 -45.54 60.32 -15.06
C GLU E 120 -44.98 59.41 -13.96
N ILE E 121 -45.33 58.12 -13.97
CA ILE E 121 -44.76 57.20 -12.98
C ILE E 121 -43.24 57.13 -13.18
N ALA E 122 -42.79 57.00 -14.43
CA ALA E 122 -41.33 57.00 -14.67
C ALA E 122 -40.66 58.32 -14.25
N ARG E 123 -41.30 59.45 -14.56
CA ARG E 123 -40.75 60.75 -14.20
C ARG E 123 -40.64 60.95 -12.69
N GLU E 124 -41.69 60.54 -11.95
CA GLU E 124 -41.73 60.76 -10.50
C GLU E 124 -40.94 59.73 -9.70
N SER E 125 -40.82 58.52 -10.23
CA SER E 125 -40.15 57.45 -9.48
C SER E 125 -38.66 57.70 -9.28
N GLY E 126 -37.99 58.28 -10.27
CA GLY E 126 -36.56 58.53 -10.17
C GLY E 126 -35.74 57.26 -10.00
N THR E 127 -36.25 56.14 -10.52
CA THR E 127 -35.47 54.93 -10.59
C THR E 127 -35.28 54.51 -12.03
N GLU E 128 -34.12 53.95 -12.33
CA GLU E 128 -33.88 53.39 -13.64
C GLU E 128 -34.89 52.29 -13.97
N GLU E 129 -35.20 51.46 -13.00
CA GLU E 129 -36.11 50.36 -13.23
C GLU E 129 -37.48 50.84 -13.66
N ALA E 130 -37.99 51.89 -13.04
CA ALA E 130 -39.30 52.41 -13.45
C ALA E 130 -39.29 52.94 -14.89
N ALA E 131 -38.18 53.56 -15.29
CA ALA E 131 -38.05 54.00 -16.69
C ALA E 131 -38.06 52.80 -17.60
N LEU E 132 -37.29 51.76 -17.27
CA LEU E 132 -37.28 50.53 -18.09
C LEU E 132 -38.67 49.88 -18.21
N LEU E 133 -39.35 49.78 -17.08
CA LEU E 133 -40.68 49.19 -17.09
C LEU E 133 -41.66 50.04 -17.87
N ALA E 134 -41.56 51.37 -17.75
CA ALA E 134 -42.46 52.23 -18.52
C ALA E 134 -42.22 52.04 -20.02
N VAL E 135 -40.94 51.96 -20.40
CA VAL E 135 -40.67 51.67 -21.81
C VAL E 135 -41.25 50.33 -22.26
N GLU E 136 -41.17 49.32 -21.40
CA GLU E 136 -41.80 48.03 -21.67
C GLU E 136 -43.33 48.11 -21.80
N VAL E 137 -43.96 48.93 -20.97
CA VAL E 137 -45.39 49.20 -21.13
C VAL E 137 -45.64 49.80 -22.52
N VAL E 138 -44.87 50.83 -22.90
CA VAL E 138 -45.09 51.48 -24.19
C VAL E 138 -44.91 50.45 -25.32
N VAL E 139 -43.90 49.60 -25.22
CA VAL E 139 -43.69 48.58 -26.25
C VAL E 139 -44.87 47.61 -26.35
N ARG E 140 -45.39 47.16 -25.21
CA ARG E 140 -46.54 46.24 -25.20
C ARG E 140 -47.75 46.89 -25.87
N VAL E 141 -47.97 48.18 -25.56
CA VAL E 141 -49.10 48.89 -26.17
C VAL E 141 -48.87 49.08 -27.68
N SER E 142 -47.66 49.44 -28.10
CA SER E 142 -47.32 49.52 -29.49
C SER E 142 -47.58 48.20 -30.24
N ASP E 143 -47.09 47.11 -29.67
CA ASP E 143 -47.31 45.78 -30.25
C ASP E 143 -48.79 45.50 -30.45
N GLU E 144 -49.58 45.75 -29.40
CA GLU E 144 -51.02 45.51 -29.55
C GLU E 144 -51.67 46.38 -30.61
N ALA E 145 -51.31 47.66 -30.61
CA ALA E 145 -51.84 48.61 -31.57
C ALA E 145 -51.49 48.21 -33.00
N LYS E 146 -50.28 47.76 -33.24
CA LYS E 146 -49.89 47.27 -34.58
C LYS E 146 -50.77 46.06 -34.93
N LYS E 147 -50.92 45.14 -33.98
CA LYS E 147 -51.71 43.93 -34.24
C LYS E 147 -53.17 44.25 -34.63
N GLN E 148 -53.75 45.25 -33.96
CA GLN E 148 -55.15 45.64 -34.17
C GLN E 148 -55.38 46.65 -35.30
N GLY E 149 -54.30 47.20 -35.86
CA GLY E 149 -54.39 48.22 -36.89
C GLY E 149 -54.87 49.56 -36.34
N ASN E 150 -54.41 49.89 -35.14
CA ASN E 150 -54.79 51.12 -34.48
C ASN E 150 -53.66 52.09 -34.65
N ALA E 151 -53.66 52.79 -35.79
CA ALA E 151 -52.52 53.63 -36.17
C ALA E 151 -52.35 54.80 -35.20
N VAL E 152 -53.47 55.36 -34.70
CA VAL E 152 -53.36 56.45 -33.72
C VAL E 152 -52.55 56.01 -32.48
N ALA E 153 -52.85 54.81 -31.98
CA ALA E 153 -52.17 54.28 -30.80
C ALA E 153 -50.70 53.93 -31.08
N VAL E 154 -50.40 53.44 -32.28
CA VAL E 154 -49.01 53.22 -32.64
C VAL E 154 -48.27 54.55 -32.57
N ALA E 155 -48.87 55.58 -33.15
CA ALA E 155 -48.20 56.87 -33.18
C ALA E 155 -48.04 57.46 -31.76
N VAL E 156 -49.08 57.33 -30.95
CA VAL E 156 -49.00 57.81 -29.57
C VAL E 156 -47.91 57.08 -28.78
N ALA E 157 -47.85 55.76 -28.94
CA ALA E 157 -46.78 55.01 -28.28
C ALA E 157 -45.42 55.48 -28.75
N GLU E 158 -45.24 55.69 -30.06
CA GLU E 158 -43.94 56.19 -30.52
C GLU E 158 -43.62 57.56 -29.89
N GLN E 159 -44.62 58.43 -29.81
CA GLN E 159 -44.39 59.75 -29.21
C GLN E 159 -43.93 59.66 -27.74
N VAL E 160 -44.62 58.84 -26.98
CA VAL E 160 -44.28 58.67 -25.57
C VAL E 160 -42.91 57.97 -25.39
N ALA E 161 -42.62 56.97 -26.22
CA ALA E 161 -41.28 56.36 -26.20
C ALA E 161 -40.21 57.44 -26.44
N LYS E 162 -40.42 58.26 -27.46
CA LYS E 162 -39.46 59.31 -27.76
C LYS E 162 -39.28 60.24 -26.58
N LYS E 163 -40.39 60.63 -25.95
CA LYS E 163 -40.32 61.53 -24.80
C LYS E 163 -39.55 60.93 -23.62
N ILE E 164 -39.86 59.68 -23.29
CA ILE E 164 -39.13 59.01 -22.22
C ILE E 164 -37.63 58.94 -22.60
N LEU E 165 -37.35 58.57 -23.86
CA LEU E 165 -35.96 58.44 -24.28
C LEU E 165 -35.21 59.77 -24.28
N GLU E 166 -35.89 60.87 -24.62
CA GLU E 166 -35.23 62.18 -24.57
C GLU E 166 -35.07 62.74 -23.16
N GLU E 167 -36.10 62.58 -22.34
CA GLU E 167 -36.19 63.29 -21.06
C GLU E 167 -35.83 62.48 -19.79
N SER E 168 -35.82 61.15 -19.91
CA SER E 168 -35.58 60.32 -18.71
C SER E 168 -34.18 60.52 -18.15
N ASP F 1 -25.98 51.17 -49.94
CA ASP F 1 -26.75 51.90 -50.93
C ASP F 1 -27.83 50.96 -51.46
N GLU F 2 -27.43 49.73 -51.79
CA GLU F 2 -28.35 48.72 -52.32
C GLU F 2 -29.62 48.62 -51.48
N ARG F 3 -29.46 48.62 -50.16
CA ARG F 3 -30.61 48.58 -49.26
C ARG F 3 -31.58 49.74 -49.51
N ARG F 4 -31.03 50.91 -49.74
CA ARG F 4 -31.82 52.13 -49.99
C ARG F 4 -32.45 52.07 -51.39
N GLU F 5 -31.70 51.49 -52.31
CA GLU F 5 -32.14 51.30 -53.68
C GLU F 5 -33.31 50.28 -53.70
N LEU F 6 -33.13 49.23 -52.91
CA LEU F 6 -34.11 48.16 -52.82
C LEU F 6 -35.31 48.71 -52.06
N GLU F 7 -35.05 49.67 -51.19
CA GLU F 7 -36.11 50.35 -50.47
C GLU F 7 -36.99 51.14 -51.44
N LYS F 8 -36.35 51.89 -52.34
CA LYS F 8 -37.09 52.63 -53.37
C LYS F 8 -37.93 51.67 -54.23
N VAL F 9 -37.27 50.62 -54.70
CA VAL F 9 -37.93 49.60 -55.52
C VAL F 9 -39.14 49.00 -54.79
N ALA F 10 -38.94 48.63 -53.53
CA ALA F 10 -40.03 48.05 -52.72
C ALA F 10 -41.23 48.99 -52.64
N VAL F 11 -40.94 50.25 -52.30
CA VAL F 11 -42.00 51.26 -52.18
C VAL F 11 -42.83 51.36 -53.46
N LYS F 12 -42.11 51.54 -54.57
CA LYS F 12 -42.79 51.68 -55.86
C LYS F 12 -43.56 50.41 -56.28
N ALA F 13 -42.94 49.26 -56.08
CA ALA F 13 -43.57 48.00 -56.45
C ALA F 13 -44.81 47.66 -55.60
N ILE F 14 -44.74 47.91 -54.30
CA ILE F 14 -45.87 47.65 -53.43
C ILE F 14 -47.04 48.55 -53.80
N MET F 15 -46.72 49.84 -54.00
CA MET F 15 -47.79 50.75 -54.39
C MET F 15 -48.40 50.31 -55.73
N ALA F 16 -47.55 49.89 -56.67
CA ALA F 16 -48.06 49.36 -57.95
C ALA F 16 -48.91 48.09 -57.79
N ALA F 17 -48.52 47.22 -56.88
CA ALA F 17 -49.32 46.03 -56.62
C ALA F 17 -50.68 46.38 -56.01
N MET F 18 -50.72 47.41 -55.18
CA MET F 18 -51.99 47.87 -54.60
C MET F 18 -52.96 48.44 -55.65
N LEU F 19 -52.42 49.03 -56.72
CA LEU F 19 -53.20 49.74 -57.75
C LEU F 19 -53.51 48.96 -59.04
N GLY F 20 -53.00 47.76 -59.18
CA GLY F 20 -53.22 47.00 -60.41
C GLY F 20 -52.35 47.48 -61.57
N ASN F 21 -51.18 48.02 -61.24
CA ASN F 21 -50.26 48.58 -62.25
C ASN F 21 -49.22 47.53 -62.57
N THR F 22 -49.63 46.61 -63.44
CA THR F 22 -48.82 45.45 -63.78
C THR F 22 -47.49 45.88 -64.42
N ASP F 23 -47.56 46.88 -65.29
CA ASP F 23 -46.35 47.34 -65.99
C ASP F 23 -45.27 47.82 -65.01
N GLU F 24 -45.68 48.62 -64.02
CA GLU F 24 -44.76 49.15 -63.03
C GLU F 24 -44.26 48.05 -62.08
N VAL F 25 -45.14 47.14 -61.65
CA VAL F 25 -44.67 46.02 -60.82
C VAL F 25 -43.60 45.22 -61.54
N ARG F 26 -43.85 44.93 -62.83
CA ARG F 26 -42.88 44.20 -63.66
C ARG F 26 -41.53 44.92 -63.73
N GLU F 27 -41.59 46.21 -64.07
CA GLU F 27 -40.34 46.97 -64.16
C GLU F 27 -39.54 47.02 -62.83
N GLN F 28 -40.24 47.29 -61.72
CA GLN F 28 -39.58 47.38 -60.42
C GLN F 28 -38.99 46.03 -59.97
N LEU F 29 -39.74 44.94 -60.19
CA LEU F 29 -39.19 43.63 -59.81
C LEU F 29 -37.94 43.28 -60.66
N GLN F 30 -37.95 43.68 -61.94
CA GLN F 30 -36.77 43.48 -62.76
C GLN F 30 -35.60 44.23 -62.17
N ARG F 31 -35.85 45.44 -61.66
CA ARG F 31 -34.75 46.16 -61.02
C ARG F 31 -34.26 45.51 -59.72
N ALA F 32 -35.16 44.94 -58.92
CA ALA F 32 -34.71 44.19 -57.76
C ALA F 32 -33.79 43.04 -58.17
N LEU F 33 -34.18 42.35 -59.24
CA LEU F 33 -33.34 41.26 -59.74
C LEU F 33 -31.98 41.77 -60.16
N GLU F 34 -31.98 42.88 -60.87
CA GLU F 34 -30.70 43.44 -61.32
C GLU F 34 -29.81 43.91 -60.18
N ILE F 35 -30.41 44.49 -59.15
CA ILE F 35 -29.63 44.86 -57.98
C ILE F 35 -28.97 43.63 -57.34
N ALA F 36 -29.76 42.56 -57.17
CA ALA F 36 -29.17 41.33 -56.62
C ALA F 36 -28.01 40.87 -57.52
N ARG F 37 -28.24 40.92 -58.83
CA ARG F 37 -27.21 40.55 -59.80
C ARG F 37 -25.95 41.38 -59.67
N GLU F 38 -26.12 42.69 -59.58
CA GLU F 38 -24.98 43.59 -59.57
C GLU F 38 -24.18 43.52 -58.27
N SER F 39 -24.88 43.27 -57.16
CA SER F 39 -24.25 43.26 -55.83
C SER F 39 -23.36 42.06 -55.56
N GLY F 40 -23.75 40.88 -56.05
CA GLY F 40 -22.91 39.70 -55.91
C GLY F 40 -22.73 39.21 -54.49
N THR F 41 -23.69 39.47 -53.61
CA THR F 41 -23.64 38.97 -52.24
C THR F 41 -24.95 38.25 -51.84
N LEU F 42 -24.87 37.36 -50.86
CA LEU F 42 -26.04 36.67 -50.38
C LEU F 42 -26.90 37.68 -49.64
N LEU F 43 -26.29 38.68 -49.02
CA LEU F 43 -27.10 39.63 -48.28
C LEU F 43 -28.02 40.40 -49.25
N ALA F 44 -27.50 40.73 -50.44
CA ALA F 44 -28.29 41.41 -51.45
C ALA F 44 -29.41 40.50 -51.97
N VAL F 45 -29.09 39.23 -52.17
CA VAL F 45 -30.11 38.23 -52.55
C VAL F 45 -31.21 38.16 -51.54
N VAL F 46 -30.83 38.10 -50.25
CA VAL F 46 -31.80 38.03 -49.18
C VAL F 46 -32.72 39.24 -49.19
N LEU F 47 -32.12 40.42 -49.31
CA LEU F 47 -32.90 41.66 -49.34
C LEU F 47 -33.83 41.72 -50.55
N ALA F 48 -33.32 41.35 -51.71
CA ALA F 48 -34.17 41.35 -52.91
C ALA F 48 -35.33 40.37 -52.77
N LEU F 49 -35.06 39.17 -52.24
CA LEU F 49 -36.14 38.21 -52.03
C LEU F 49 -37.14 38.72 -51.00
N GLU F 50 -36.67 39.44 -49.99
CA GLU F 50 -37.63 40.03 -49.05
C GLU F 50 -38.51 41.08 -49.76
N VAL F 51 -37.92 41.90 -50.63
CA VAL F 51 -38.74 42.84 -51.41
C VAL F 51 -39.78 42.11 -52.27
N VAL F 52 -39.33 41.09 -52.98
CA VAL F 52 -40.23 40.30 -53.78
C VAL F 52 -41.37 39.70 -52.93
N ALA F 53 -41.02 39.18 -51.76
CA ALA F 53 -42.04 38.64 -50.87
C ALA F 53 -43.08 39.67 -50.46
N ARG F 54 -42.60 40.84 -50.03
CA ARG F 54 -43.53 41.89 -49.61
C ARG F 54 -44.48 42.32 -50.75
N VAL F 55 -43.91 42.47 -51.95
CA VAL F 55 -44.74 42.82 -53.11
C VAL F 55 -45.80 41.74 -53.41
N ALA F 56 -45.37 40.49 -53.41
CA ALA F 56 -46.29 39.39 -53.70
C ALA F 56 -47.34 39.23 -52.61
N ILE F 57 -46.98 39.47 -51.36
CA ILE F 57 -47.97 39.37 -50.28
C ILE F 57 -49.03 40.46 -50.42
N GLU F 58 -48.57 41.68 -50.69
CA GLU F 58 -49.52 42.76 -50.91
C GLU F 58 -50.42 42.45 -52.10
N ALA F 59 -49.84 41.94 -53.20
CA ALA F 59 -50.62 41.56 -54.36
C ALA F 59 -51.62 40.47 -54.02
N ALA F 60 -51.21 39.48 -53.23
CA ALA F 60 -52.11 38.38 -52.87
C ALA F 60 -53.28 38.90 -52.07
N ARG F 61 -53.04 39.90 -51.22
CA ARG F 61 -54.14 40.49 -50.44
C ARG F 61 -55.18 41.24 -51.28
N LYS F 62 -54.72 41.77 -52.40
CA LYS F 62 -55.50 42.64 -53.29
C LYS F 62 -56.18 41.94 -54.48
N GLY F 63 -55.91 40.66 -54.69
CA GLY F 63 -56.44 39.94 -55.84
C GLY F 63 -55.63 40.29 -57.11
N ASN F 64 -54.38 40.70 -56.94
CA ASN F 64 -53.58 41.14 -58.09
C ASN F 64 -52.78 39.96 -58.58
N THR F 65 -53.42 39.17 -59.43
CA THR F 65 -52.85 37.91 -59.88
C THR F 65 -51.60 38.11 -60.72
N ASP F 66 -51.62 39.15 -61.53
CA ASP F 66 -50.47 39.45 -62.40
C ASP F 66 -49.23 39.72 -61.55
N ALA F 67 -49.40 40.55 -60.52
CA ALA F 67 -48.26 40.92 -59.69
C ALA F 67 -47.74 39.73 -58.88
N VAL F 68 -48.62 38.85 -58.39
CA VAL F 68 -48.15 37.66 -57.73
C VAL F 68 -47.32 36.83 -58.69
N ARG F 69 -47.82 36.63 -59.90
CA ARG F 69 -47.10 35.85 -60.91
C ARG F 69 -45.71 36.45 -61.23
N GLU F 70 -45.70 37.77 -61.48
CA GLU F 70 -44.45 38.48 -61.82
C GLU F 70 -43.44 38.35 -60.68
N ALA F 71 -43.95 38.56 -59.47
CA ALA F 71 -43.05 38.49 -58.32
C ALA F 71 -42.46 37.09 -58.10
N LEU F 72 -43.30 36.08 -58.19
CA LEU F 72 -42.78 34.74 -57.99
C LEU F 72 -41.86 34.26 -59.11
N GLU F 73 -42.10 34.71 -60.35
CA GLU F 73 -41.13 34.45 -61.43
C GLU F 73 -39.78 35.08 -61.10
N VAL F 74 -39.80 36.28 -60.52
CA VAL F 74 -38.50 36.87 -60.15
C VAL F 74 -37.84 36.12 -58.98
N ALA F 75 -38.62 35.64 -58.01
CA ALA F 75 -38.04 34.78 -56.99
C ALA F 75 -37.39 33.54 -57.61
N LEU F 76 -38.09 32.91 -58.57
CA LEU F 76 -37.57 31.74 -59.28
C LEU F 76 -36.24 32.09 -59.98
N GLU F 77 -36.20 33.26 -60.64
CA GLU F 77 -34.98 33.62 -61.35
C GLU F 77 -33.82 33.92 -60.39
N ILE F 78 -34.10 34.59 -59.27
CA ILE F 78 -33.09 34.83 -58.26
C ILE F 78 -32.60 33.45 -57.80
N ALA F 79 -33.49 32.48 -57.57
CA ALA F 79 -33.05 31.13 -57.18
C ALA F 79 -32.19 30.48 -58.27
N ARG F 80 -32.55 30.71 -59.54
CA ARG F 80 -31.74 30.17 -60.64
C ARG F 80 -30.36 30.80 -60.74
N GLU F 81 -30.27 32.13 -60.59
CA GLU F 81 -29.03 32.86 -60.85
C GLU F 81 -28.01 32.95 -59.70
N SER F 82 -28.49 32.78 -58.48
CA SER F 82 -27.62 32.98 -57.31
C SER F 82 -26.54 31.92 -57.13
N GLY F 83 -26.83 30.69 -57.57
CA GLY F 83 -25.90 29.58 -57.47
C GLY F 83 -25.67 29.04 -56.07
N THR F 84 -26.61 29.31 -55.15
CA THR F 84 -26.50 28.78 -53.79
C THR F 84 -27.78 28.09 -53.33
N LYS F 85 -27.60 27.10 -52.46
CA LYS F 85 -28.73 26.39 -51.84
C LYS F 85 -29.52 27.34 -50.97
N VAL F 86 -28.83 28.21 -50.27
CA VAL F 86 -29.49 29.21 -49.42
C VAL F 86 -30.50 30.05 -50.23
N ALA F 87 -30.13 30.48 -51.43
CA ALA F 87 -31.08 31.25 -52.24
C ALA F 87 -32.32 30.44 -52.63
N VAL F 88 -32.11 29.15 -52.95
CA VAL F 88 -33.22 28.27 -53.29
C VAL F 88 -34.18 28.10 -52.11
N VAL F 89 -33.63 27.85 -50.92
CA VAL F 89 -34.44 27.71 -49.69
C VAL F 89 -35.20 29.01 -49.38
N LEU F 90 -34.53 30.14 -49.52
CA LEU F 90 -35.19 31.44 -49.29
C LEU F 90 -36.30 31.68 -50.30
N ALA F 91 -36.07 31.31 -51.56
CA ALA F 91 -37.13 31.47 -52.58
C ALA F 91 -38.33 30.60 -52.24
N LEU F 92 -38.08 29.35 -51.83
CA LEU F 92 -39.19 28.49 -51.38
C LEU F 92 -39.93 29.06 -50.18
N GLU F 93 -39.23 29.71 -49.25
CA GLU F 93 -39.93 30.34 -48.12
C GLU F 93 -40.79 31.52 -48.59
N VAL F 94 -40.28 32.30 -49.54
CA VAL F 94 -41.11 33.36 -50.15
C VAL F 94 -42.40 32.78 -50.73
N VAL F 95 -42.25 31.73 -51.54
CA VAL F 95 -43.40 31.08 -52.15
C VAL F 95 -44.41 30.60 -51.08
N ALA F 96 -43.92 29.98 -50.01
CA ALA F 96 -44.78 29.54 -48.92
C ALA F 96 -45.53 30.70 -48.27
N ARG F 97 -44.82 31.79 -47.96
CA ARG F 97 -45.47 32.93 -47.30
C ARG F 97 -46.57 33.51 -48.19
N VAL F 98 -46.27 33.63 -49.49
CA VAL F 98 -47.27 34.18 -50.41
C VAL F 98 -48.50 33.25 -50.52
N ALA F 99 -48.24 31.95 -50.66
CA ALA F 99 -49.33 30.98 -50.79
C ALA F 99 -50.17 30.93 -49.54
N ILE F 100 -49.55 31.04 -48.37
CA ILE F 100 -50.32 31.05 -47.12
C ILE F 100 -51.23 32.30 -47.01
N GLU F 101 -50.66 33.46 -47.31
CA GLU F 101 -51.49 34.68 -47.34
C GLU F 101 -52.63 34.56 -48.34
N ALA F 102 -52.34 34.02 -49.52
CA ALA F 102 -53.38 33.82 -50.53
C ALA F 102 -54.48 32.88 -50.04
N ALA F 103 -54.10 31.80 -49.37
CA ALA F 103 -55.08 30.86 -48.83
C ALA F 103 -55.99 31.51 -47.83
N ARG F 104 -55.42 32.39 -47.01
CA ARG F 104 -56.23 33.14 -46.03
C ARG F 104 -57.25 34.12 -46.62
N ARG F 105 -56.97 34.58 -47.84
CA ARG F 105 -57.73 35.66 -48.48
C ARG F 105 -58.70 35.19 -49.54
N GLY F 106 -58.72 33.88 -49.81
CA GLY F 106 -59.59 33.34 -50.84
C GLY F 106 -59.03 33.60 -52.23
N ASN F 107 -57.71 33.80 -52.30
CA ASN F 107 -57.08 34.11 -53.57
C ASN F 107 -56.57 32.83 -54.20
N VAL F 108 -57.48 32.17 -54.91
CA VAL F 108 -57.18 30.84 -55.44
C VAL F 108 -56.16 30.93 -56.58
N LEU F 109 -56.20 32.00 -57.38
CA LEU F 109 -55.19 32.14 -58.43
C LEU F 109 -53.78 32.20 -57.84
N ALA F 110 -53.62 32.94 -56.74
CA ALA F 110 -52.30 33.16 -56.17
C ALA F 110 -51.81 31.87 -55.51
N VAL F 111 -52.73 31.10 -54.91
CA VAL F 111 -52.34 29.79 -54.41
C VAL F 111 -51.83 28.92 -55.56
N ILE F 112 -52.58 28.85 -56.65
CA ILE F 112 -52.14 28.07 -57.79
C ILE F 112 -50.78 28.50 -58.33
N LEU F 113 -50.62 29.81 -58.54
CA LEU F 113 -49.36 30.35 -59.05
C LEU F 113 -48.18 30.00 -58.11
N ALA F 114 -48.38 30.23 -56.82
CA ALA F 114 -47.33 29.97 -55.83
C ALA F 114 -46.95 28.49 -55.82
N LEU F 115 -47.95 27.62 -55.75
CA LEU F 115 -47.61 26.20 -55.71
C LEU F 115 -46.95 25.71 -56.99
N GLU F 116 -47.34 26.28 -58.14
CA GLU F 116 -46.66 25.93 -59.39
C GLU F 116 -45.17 26.35 -59.36
N VAL F 117 -44.87 27.51 -58.78
CA VAL F 117 -43.47 27.89 -58.62
C VAL F 117 -42.74 27.00 -57.64
N ALA F 118 -43.39 26.58 -56.57
CA ALA F 118 -42.77 25.56 -55.69
C ALA F 118 -42.43 24.31 -56.49
N LEU F 119 -43.38 23.84 -57.29
CA LEU F 119 -43.13 22.67 -58.13
C LEU F 119 -41.96 22.92 -59.10
N GLU F 120 -41.91 24.10 -59.72
CA GLU F 120 -40.82 24.39 -60.66
C GLU F 120 -39.47 24.46 -59.95
N ILE F 121 -39.43 25.02 -58.75
CA ILE F 121 -38.16 25.04 -57.98
C ILE F 121 -37.72 23.60 -57.70
N ALA F 122 -38.66 22.75 -57.27
CA ALA F 122 -38.29 21.33 -57.04
C ALA F 122 -37.85 20.64 -58.33
N ARG F 123 -38.54 20.89 -59.44
CA ARG F 123 -38.19 20.27 -60.72
C ARG F 123 -36.81 20.70 -61.21
N GLU F 124 -36.49 22.00 -61.09
CA GLU F 124 -35.23 22.54 -61.62
C GLU F 124 -34.04 22.31 -60.70
N SER F 125 -34.28 22.22 -59.40
CA SER F 125 -33.19 22.10 -58.45
C SER F 125 -32.45 20.77 -58.54
N GLY F 126 -33.16 19.69 -58.82
CA GLY F 126 -32.54 18.38 -58.92
C GLY F 126 -31.87 17.93 -57.63
N THR F 127 -32.37 18.42 -56.51
CA THR F 127 -31.95 17.91 -55.22
C THR F 127 -33.11 17.29 -54.48
N GLU F 128 -32.83 16.23 -53.75
CA GLU F 128 -33.83 15.63 -52.89
C GLU F 128 -34.38 16.62 -51.87
N GLU F 129 -33.49 17.43 -51.31
CA GLU F 129 -33.91 18.38 -50.29
C GLU F 129 -34.91 19.38 -50.83
N ALA F 130 -34.71 19.86 -52.05
CA ALA F 130 -35.69 20.81 -52.60
C ALA F 130 -37.06 20.17 -52.82
N ALA F 131 -37.08 18.90 -53.21
CA ALA F 131 -38.35 18.17 -53.32
C ALA F 131 -39.00 18.07 -51.96
N LEU F 132 -38.24 17.69 -50.93
CA LEU F 132 -38.79 17.61 -49.58
C LEU F 132 -39.35 18.95 -49.08
N LEU F 133 -38.60 20.01 -49.30
CA LEU F 133 -39.04 21.32 -48.87
C LEU F 133 -40.27 21.77 -49.65
N ALA F 134 -40.31 21.47 -50.96
CA ALA F 134 -41.50 21.84 -51.72
C ALA F 134 -42.74 21.10 -51.21
N VAL F 135 -42.56 19.82 -50.88
CA VAL F 135 -43.69 19.10 -50.28
C VAL F 135 -44.12 19.71 -48.94
N GLU F 136 -43.15 20.15 -48.14
CA GLU F 136 -43.45 20.88 -46.90
C GLU F 136 -44.20 22.19 -47.13
N VAL F 137 -43.83 22.94 -48.18
CA VAL F 137 -44.58 24.12 -48.56
C VAL F 137 -46.04 23.71 -48.88
N VAL F 138 -46.23 22.69 -49.72
CA VAL F 138 -47.57 22.27 -50.10
C VAL F 138 -48.37 21.89 -48.85
N VAL F 139 -47.74 21.17 -47.92
CA VAL F 139 -48.44 20.79 -46.68
C VAL F 139 -48.86 22.02 -45.86
N ARG F 140 -47.97 22.99 -45.73
CA ARG F 140 -48.28 24.21 -44.97
C ARG F 140 -49.47 24.94 -45.61
N VAL F 141 -49.47 25.02 -46.93
CA VAL F 141 -50.57 25.69 -47.63
C VAL F 141 -51.88 24.89 -47.47
N SER F 142 -51.82 23.56 -47.60
CA SER F 142 -52.97 22.71 -47.34
C SER F 142 -53.55 22.91 -45.93
N ASP F 143 -52.67 22.90 -44.93
CA ASP F 143 -53.09 23.14 -43.55
C ASP F 143 -53.82 24.46 -43.40
N GLU F 144 -53.22 25.51 -43.96
CA GLU F 144 -53.89 26.81 -43.86
C GLU F 144 -55.24 26.86 -44.56
N ALA F 145 -55.30 26.29 -45.75
CA ALA F 145 -56.51 26.24 -46.53
C ALA F 145 -57.61 25.46 -45.80
N LYS F 146 -57.28 24.34 -45.18
CA LYS F 146 -58.25 23.60 -44.37
C LYS F 146 -58.75 24.49 -43.23
N LYS F 147 -57.81 25.16 -42.55
CA LYS F 147 -58.18 26.01 -41.41
C LYS F 147 -59.15 27.13 -41.81
N GLN F 148 -58.93 27.72 -42.99
CA GLN F 148 -59.74 28.84 -43.48
C GLN F 148 -61.01 28.43 -44.25
N GLY F 149 -61.16 27.14 -44.54
CA GLY F 149 -62.29 26.65 -45.33
C GLY F 149 -62.18 27.04 -46.80
N ASN F 150 -60.96 27.01 -47.31
CA ASN F 150 -60.70 27.36 -48.69
C ASN F 150 -60.55 26.08 -49.47
N ALA F 151 -61.68 25.54 -49.91
CA ALA F 151 -61.69 24.19 -50.51
C ALA F 151 -60.93 24.18 -51.83
N VAL F 152 -61.00 25.27 -52.61
CA VAL F 152 -60.23 25.33 -53.85
C VAL F 152 -58.73 25.13 -53.61
N ALA F 153 -58.22 25.82 -52.58
CA ALA F 153 -56.81 25.74 -52.24
C ALA F 153 -56.42 24.37 -51.68
N VAL F 154 -57.32 23.74 -50.91
CA VAL F 154 -57.04 22.39 -50.45
C VAL F 154 -56.88 21.48 -51.67
N ALA F 155 -57.80 21.62 -52.62
CA ALA F 155 -57.75 20.76 -53.80
C ALA F 155 -56.50 21.02 -54.64
N VAL F 156 -56.15 22.29 -54.81
CA VAL F 156 -54.94 22.64 -55.55
C VAL F 156 -53.69 22.08 -54.89
N ALA F 157 -53.61 22.22 -53.57
CA ALA F 157 -52.47 21.63 -52.85
C ALA F 157 -52.42 20.13 -53.06
N GLU F 158 -53.57 19.45 -52.97
CA GLU F 158 -53.54 18.00 -53.19
C GLU F 158 -53.05 17.67 -54.62
N GLN F 159 -53.51 18.45 -55.61
CA GLN F 159 -53.07 18.22 -56.98
C GLN F 159 -51.55 18.36 -57.16
N VAL F 160 -51.01 19.42 -56.60
CA VAL F 160 -49.57 19.67 -56.69
C VAL F 160 -48.77 18.62 -55.90
N ALA F 161 -49.24 18.24 -54.71
CA ALA F 161 -48.60 17.14 -53.97
C ALA F 161 -48.55 15.88 -54.84
N LYS F 162 -49.68 15.54 -55.44
CA LYS F 162 -49.73 14.35 -56.29
C LYS F 162 -48.72 14.46 -57.42
N LYS F 163 -48.65 15.63 -58.06
CA LYS F 163 -47.72 15.80 -59.17
C LYS F 163 -46.27 15.66 -58.75
N ILE F 164 -45.89 16.29 -57.64
CA ILE F 164 -44.54 16.15 -57.12
C ILE F 164 -44.29 14.67 -56.80
N LEU F 165 -45.24 14.02 -56.15
CA LEU F 165 -45.04 12.62 -55.77
C LEU F 165 -44.95 11.69 -56.98
N GLU F 166 -45.70 11.96 -58.05
CA GLU F 166 -45.58 11.15 -59.26
C GLU F 166 -44.33 11.40 -60.09
N GLU F 167 -43.97 12.68 -60.23
CA GLU F 167 -42.95 13.11 -61.19
C GLU F 167 -41.55 13.40 -60.63
N SER F 168 -41.44 13.61 -59.32
CA SER F 168 -40.15 13.98 -58.74
C SER F 168 -39.10 12.88 -58.90
N ASP G 1 -23.72 0.56 -51.53
CA ASP G 1 -24.80 0.81 -52.46
C ASP G 1 -26.11 0.73 -51.67
N GLU G 2 -26.25 -0.31 -50.85
CA GLU G 2 -27.45 -0.52 -50.05
C GLU G 2 -27.87 0.75 -49.31
N ARG G 3 -26.90 1.43 -48.72
CA ARG G 3 -27.15 2.69 -48.02
C ARG G 3 -27.83 3.72 -48.94
N ARG G 4 -27.36 3.80 -50.18
CA ARG G 4 -27.88 4.73 -51.16
C ARG G 4 -29.27 4.28 -51.65
N GLU G 5 -29.42 2.97 -51.72
CA GLU G 5 -30.68 2.34 -52.13
C GLU G 5 -31.73 2.59 -51.02
N LEU G 6 -31.28 2.43 -49.78
CA LEU G 6 -32.14 2.61 -48.62
C LEU G 6 -32.42 4.10 -48.49
N GLU G 7 -31.49 4.91 -48.96
CA GLU G 7 -31.69 6.35 -48.98
C GLU G 7 -32.84 6.71 -49.95
N LYS G 8 -32.80 6.13 -51.14
CA LYS G 8 -33.89 6.34 -52.11
C LYS G 8 -35.23 5.91 -51.52
N VAL G 9 -35.25 4.70 -50.97
CA VAL G 9 -36.44 4.15 -50.34
C VAL G 9 -36.98 5.07 -49.24
N ALA G 10 -36.08 5.52 -48.36
CA ALA G 10 -36.45 6.42 -47.27
C ALA G 10 -37.12 7.68 -47.79
N VAL G 11 -36.46 8.32 -48.77
CA VAL G 11 -36.99 9.54 -49.36
C VAL G 11 -38.40 9.37 -49.88
N LYS G 12 -38.57 8.33 -50.71
CA LYS G 12 -39.89 8.07 -51.29
C LYS G 12 -40.95 7.70 -50.25
N ALA G 13 -40.57 6.87 -49.29
CA ALA G 13 -41.52 6.44 -48.25
C ALA G 13 -41.93 7.58 -47.31
N ILE G 14 -40.99 8.43 -46.93
CA ILE G 14 -41.30 9.56 -46.07
C ILE G 14 -42.24 10.52 -46.77
N MET G 15 -41.91 10.82 -48.03
CA MET G 15 -42.78 11.70 -48.78
C MET G 15 -44.19 11.08 -48.90
N ALA G 16 -44.26 9.78 -49.16
CA ALA G 16 -45.55 9.08 -49.20
C ALA G 16 -46.30 9.12 -47.86
N ALA G 17 -45.58 8.99 -46.77
CA ALA G 17 -46.22 9.08 -45.46
C ALA G 17 -46.76 10.50 -45.19
N MET G 18 -46.07 11.52 -45.68
CA MET G 18 -46.55 12.89 -45.54
C MET G 18 -47.84 13.16 -46.33
N LEU G 19 -48.03 12.47 -47.44
CA LEU G 19 -49.15 12.69 -48.37
C LEU G 19 -50.35 11.75 -48.27
N GLY G 20 -50.29 10.75 -47.40
CA GLY G 20 -51.39 9.80 -47.28
C GLY G 20 -51.41 8.77 -48.42
N ASN G 21 -50.24 8.49 -48.98
CA ASN G 21 -50.11 7.56 -50.10
C ASN G 21 -49.74 6.19 -49.57
N THR G 22 -50.77 5.50 -49.11
CA THR G 22 -50.59 4.21 -48.45
C THR G 22 -49.96 3.18 -49.38
N ASP G 23 -50.40 3.19 -50.64
CA ASP G 23 -49.88 2.22 -51.59
C ASP G 23 -48.35 2.34 -51.77
N GLU G 24 -47.88 3.58 -51.91
CA GLU G 24 -46.45 3.83 -52.09
C GLU G 24 -45.66 3.55 -50.80
N VAL G 25 -46.20 3.93 -49.64
CA VAL G 25 -45.52 3.59 -48.38
C VAL G 25 -45.34 2.08 -48.25
N ARG G 26 -46.42 1.34 -48.55
CA ARG G 26 -46.37 -0.13 -48.52
C ARG G 26 -45.28 -0.70 -49.45
N GLU G 27 -45.31 -0.24 -50.70
CA GLU G 27 -44.31 -0.73 -51.67
C GLU G 27 -42.86 -0.43 -51.24
N GLN G 28 -42.61 0.82 -50.80
CA GLN G 28 -41.25 1.22 -50.42
C GLN G 28 -40.77 0.46 -49.15
N LEU G 29 -41.66 0.29 -48.18
CA LEU G 29 -41.24 -0.48 -46.98
C LEU G 29 -40.93 -1.95 -47.34
N GLN G 30 -41.70 -2.52 -48.28
CA GLN G 30 -41.40 -3.87 -48.74
C GLN G 30 -40.01 -3.91 -49.35
N ARG G 31 -39.65 -2.85 -50.08
CA ARG G 31 -38.29 -2.83 -50.63
C ARG G 31 -37.20 -2.68 -49.56
N ALA G 32 -37.46 -1.90 -48.52
CA ALA G 32 -36.50 -1.86 -47.41
C ALA G 32 -36.30 -3.25 -46.81
N LEU G 33 -37.40 -3.97 -46.64
CA LEU G 33 -37.31 -5.33 -46.12
C LEU G 33 -36.47 -6.21 -47.03
N GLU G 34 -36.73 -6.11 -48.32
CA GLU G 34 -35.99 -6.93 -49.27
C GLU G 34 -34.51 -6.59 -49.32
N ILE G 35 -34.17 -5.31 -49.21
CA ILE G 35 -32.76 -4.94 -49.14
C ILE G 35 -32.08 -5.56 -47.92
N ALA G 36 -32.76 -5.48 -46.76
CA ALA G 36 -32.18 -6.11 -45.56
C ALA G 36 -32.00 -7.61 -45.82
N ARG G 37 -33.00 -8.22 -46.44
CA ARG G 37 -32.96 -9.65 -46.79
C ARG G 37 -31.77 -9.98 -47.70
N GLU G 38 -31.61 -9.18 -48.75
CA GLU G 38 -30.59 -9.47 -49.75
C GLU G 38 -29.18 -9.25 -49.24
N SER G 39 -29.01 -8.25 -48.36
CA SER G 39 -27.69 -7.87 -47.85
C SER G 39 -27.07 -8.86 -46.88
N GLY G 40 -27.89 -9.47 -46.02
CA GLY G 40 -27.39 -10.49 -45.11
C GLY G 40 -26.41 -10.00 -44.05
N THR G 41 -26.51 -8.72 -43.68
CA THR G 41 -25.67 -8.18 -42.60
C THR G 41 -26.51 -7.45 -41.53
N LEU G 42 -25.98 -7.35 -40.33
CA LEU G 42 -26.65 -6.64 -39.27
C LEU G 42 -26.63 -5.16 -39.61
N LEU G 43 -25.59 -4.70 -40.30
CA LEU G 43 -25.54 -3.28 -40.60
C LEU G 43 -26.71 -2.90 -41.53
N ALA G 44 -27.04 -3.79 -42.48
CA ALA G 44 -28.15 -3.55 -43.38
C ALA G 44 -29.49 -3.58 -42.62
N VAL G 45 -29.61 -4.51 -41.68
CA VAL G 45 -30.78 -4.57 -40.80
C VAL G 45 -30.94 -3.29 -40.02
N VAL G 46 -29.85 -2.79 -39.45
CA VAL G 46 -29.89 -1.57 -38.68
C VAL G 46 -30.35 -0.40 -39.54
N LEU G 47 -29.77 -0.29 -40.73
CA LEU G 47 -30.14 0.79 -41.65
C LEU G 47 -31.60 0.70 -42.08
N ALA G 48 -32.05 -0.51 -42.41
CA ALA G 48 -33.46 -0.68 -42.81
C ALA G 48 -34.39 -0.33 -41.66
N LEU G 49 -34.07 -0.76 -40.44
CA LEU G 49 -34.91 -0.40 -39.29
C LEU G 49 -34.89 1.10 -39.04
N GLU G 50 -33.75 1.75 -39.28
CA GLU G 50 -33.74 3.22 -39.15
C GLU G 50 -34.67 3.87 -40.20
N VAL G 51 -34.65 3.36 -41.44
CA VAL G 51 -35.59 3.87 -42.44
C VAL G 51 -37.04 3.68 -42.01
N VAL G 52 -37.36 2.47 -41.56
CA VAL G 52 -38.69 2.19 -41.06
C VAL G 52 -39.08 3.14 -39.93
N ALA G 53 -38.16 3.38 -39.01
CA ALA G 53 -38.43 4.29 -37.90
C ALA G 53 -38.76 5.69 -38.38
N ARG G 54 -37.91 6.21 -39.29
CA ARG G 54 -38.13 7.56 -39.80
C ARG G 54 -39.49 7.70 -40.51
N VAL G 55 -39.83 6.70 -41.31
CA VAL G 55 -41.13 6.69 -41.99
C VAL G 55 -42.30 6.69 -41.00
N ALA G 56 -42.21 5.80 -40.01
CA ALA G 56 -43.28 5.70 -39.01
C ALA G 56 -43.37 6.94 -38.15
N ILE G 57 -42.24 7.57 -37.85
CA ILE G 57 -42.30 8.80 -37.04
C ILE G 57 -42.97 9.92 -37.83
N GLU G 58 -42.59 10.05 -39.09
CA GLU G 58 -43.24 11.04 -39.93
C GLU G 58 -44.74 10.77 -40.03
N ALA G 59 -45.10 9.51 -40.24
CA ALA G 59 -46.52 9.12 -40.29
C ALA G 59 -47.23 9.45 -38.99
N ALA G 60 -46.59 9.18 -37.85
CA ALA G 60 -47.21 9.44 -36.57
C ALA G 60 -47.46 10.92 -36.40
N ARG G 61 -46.55 11.75 -36.90
CA ARG G 61 -46.76 13.21 -36.82
C ARG G 61 -47.93 13.74 -37.64
N LYS G 62 -48.23 13.03 -38.71
CA LYS G 62 -49.22 13.42 -39.71
C LYS G 62 -50.63 12.81 -39.53
N GLY G 63 -50.80 11.89 -38.59
CA GLY G 63 -52.06 11.20 -38.41
C GLY G 63 -52.22 10.09 -39.47
N ASN G 64 -51.12 9.59 -40.00
CA ASN G 64 -51.19 8.60 -41.09
C ASN G 64 -51.13 7.23 -40.46
N THR G 65 -52.31 6.75 -40.05
CA THR G 65 -52.41 5.51 -39.29
C THR G 65 -51.99 4.29 -40.12
N ASP G 66 -52.35 4.33 -41.39
CA ASP G 66 -52.00 3.22 -42.30
C ASP G 66 -50.49 3.05 -42.39
N ALA G 67 -49.80 4.18 -42.58
CA ALA G 67 -48.35 4.11 -42.73
C ALA G 67 -47.64 3.69 -41.44
N VAL G 68 -48.14 4.13 -40.28
CA VAL G 68 -47.57 3.65 -39.04
C VAL G 68 -47.73 2.14 -38.95
N ARG G 69 -48.93 1.65 -39.24
CA ARG G 69 -49.19 0.21 -39.20
C ARG G 69 -48.27 -0.58 -40.14
N GLU G 70 -48.20 -0.11 -41.40
CA GLU G 70 -47.35 -0.77 -42.42
C GLU G 70 -45.89 -0.80 -41.97
N ALA G 71 -45.44 0.34 -41.48
CA ALA G 71 -44.04 0.42 -41.07
C ALA G 71 -43.73 -0.50 -39.90
N LEU G 72 -44.59 -0.50 -38.89
CA LEU G 72 -44.31 -1.36 -37.76
C LEU G 72 -44.44 -2.84 -38.06
N GLU G 73 -45.34 -3.21 -38.98
CA GLU G 73 -45.38 -4.61 -39.46
C GLU G 73 -44.05 -4.98 -40.12
N VAL G 74 -43.47 -4.05 -40.88
CA VAL G 74 -42.16 -4.38 -41.48
C VAL G 74 -41.05 -4.46 -40.43
N ALA G 75 -41.08 -3.61 -39.39
CA ALA G 75 -40.15 -3.78 -38.29
C ALA G 75 -40.29 -5.17 -37.65
N LEU G 76 -41.54 -5.59 -37.42
CA LEU G 76 -41.82 -6.92 -36.86
C LEU G 76 -41.25 -8.02 -37.76
N GLU G 77 -41.44 -7.87 -39.08
CA GLU G 77 -40.93 -8.91 -39.98
C GLU G 77 -39.40 -8.94 -40.03
N ILE G 78 -38.77 -7.77 -40.02
CA ILE G 78 -37.31 -7.70 -39.95
C ILE G 78 -36.90 -8.40 -38.65
N ALA G 79 -37.58 -8.16 -37.52
CA ALA G 79 -37.24 -8.86 -36.27
C ALA G 79 -37.44 -10.38 -36.40
N ARG G 80 -38.48 -10.80 -37.12
CA ARG G 80 -38.70 -12.23 -37.34
C ARG G 80 -37.63 -12.87 -38.22
N GLU G 81 -37.23 -12.20 -39.30
CA GLU G 81 -36.35 -12.81 -40.32
C GLU G 81 -34.84 -12.73 -40.05
N SER G 82 -34.42 -11.78 -39.24
CA SER G 82 -32.99 -11.54 -39.03
C SER G 82 -32.27 -12.63 -38.26
N GLY G 83 -32.97 -13.30 -37.36
CA GLY G 83 -32.42 -14.37 -36.54
C GLY G 83 -31.45 -13.94 -35.47
N THR G 84 -31.49 -12.66 -35.08
CA THR G 84 -30.63 -12.17 -34.00
C THR G 84 -31.39 -11.41 -32.93
N LYS G 85 -30.87 -11.48 -31.71
CA LYS G 85 -31.43 -10.73 -30.58
C LYS G 85 -31.28 -9.24 -30.82
N VAL G 86 -30.16 -8.84 -31.38
CA VAL G 86 -29.92 -7.44 -31.70
C VAL G 86 -31.03 -6.87 -32.60
N ALA G 87 -31.47 -7.61 -33.62
CA ALA G 87 -32.55 -7.12 -34.46
C ALA G 87 -33.87 -6.95 -33.69
N VAL G 88 -34.16 -7.89 -32.77
CA VAL G 88 -35.35 -7.81 -31.96
C VAL G 88 -35.32 -6.55 -31.06
N VAL G 89 -34.20 -6.33 -30.39
CA VAL G 89 -34.01 -5.15 -29.54
C VAL G 89 -34.14 -3.84 -30.34
N LEU G 90 -33.54 -3.81 -31.52
CA LEU G 90 -33.64 -2.63 -32.39
C LEU G 90 -35.08 -2.40 -32.85
N ALA G 91 -35.79 -3.47 -33.18
CA ALA G 91 -37.20 -3.34 -33.57
C ALA G 91 -38.02 -2.77 -32.41
N LEU G 92 -37.80 -3.29 -31.20
CA LEU G 92 -38.49 -2.72 -30.02
C LEU G 92 -38.15 -1.25 -29.79
N GLU G 93 -36.90 -0.84 -30.06
CA GLU G 93 -36.59 0.58 -29.92
C GLU G 93 -37.30 1.42 -30.98
N VAL G 94 -37.40 0.91 -32.20
CA VAL G 94 -38.22 1.59 -33.23
C VAL G 94 -39.66 1.80 -32.74
N VAL G 95 -40.27 0.70 -32.25
CA VAL G 95 -41.63 0.77 -31.74
C VAL G 95 -41.76 1.83 -30.62
N ALA G 96 -40.82 1.84 -29.69
CA ALA G 96 -40.81 2.84 -28.62
C ALA G 96 -40.74 4.27 -29.15
N ARG G 97 -39.82 4.53 -30.08
CA ARG G 97 -39.67 5.88 -30.62
C ARG G 97 -40.95 6.33 -31.32
N VAL G 98 -41.56 5.43 -32.10
CA VAL G 98 -42.79 5.77 -32.79
C VAL G 98 -43.94 6.06 -31.78
N ALA G 99 -44.08 5.19 -30.79
CA ALA G 99 -45.14 5.34 -29.81
C ALA G 99 -44.96 6.61 -29.00
N ILE G 100 -43.72 6.95 -28.67
CA ILE G 100 -43.46 8.20 -27.93
C ILE G 100 -43.85 9.45 -28.76
N GLU G 101 -43.42 9.46 -30.03
CA GLU G 101 -43.82 10.56 -30.91
C GLU G 101 -45.34 10.64 -31.04
N ALA G 102 -46.00 9.49 -31.19
CA ALA G 102 -47.45 9.46 -31.28
C ALA G 102 -48.11 10.01 -30.02
N ALA G 103 -47.59 9.64 -28.86
CA ALA G 103 -48.14 10.15 -27.60
C ALA G 103 -48.04 11.64 -27.50
N ARG G 104 -46.93 12.19 -27.98
CA ARG G 104 -46.75 13.65 -27.98
C ARG G 104 -47.71 14.42 -28.91
N ARG G 105 -48.21 13.75 -29.93
CA ARG G 105 -48.99 14.37 -31.01
C ARG G 105 -50.48 14.13 -30.90
N GLY G 106 -50.91 13.36 -29.90
CA GLY G 106 -52.33 13.03 -29.75
C GLY G 106 -52.76 11.97 -30.73
N ASN G 107 -51.81 11.18 -31.21
CA ASN G 107 -52.11 10.17 -32.21
C ASN G 107 -52.37 8.85 -31.51
N VAL G 108 -53.61 8.69 -31.09
CA VAL G 108 -53.98 7.53 -30.27
C VAL G 108 -53.95 6.25 -31.08
N LEU G 109 -54.31 6.31 -32.37
CA LEU G 109 -54.22 5.10 -33.19
C LEU G 109 -52.79 4.57 -33.25
N ALA G 110 -51.83 5.49 -33.41
CA ALA G 110 -50.43 5.09 -33.60
C ALA G 110 -49.89 4.54 -32.28
N VAL G 111 -50.32 5.12 -31.14
CA VAL G 111 -49.93 4.54 -29.86
C VAL G 111 -50.46 3.11 -29.76
N ILE G 112 -51.73 2.91 -30.07
CA ILE G 112 -52.29 1.57 -30.01
C ILE G 112 -51.55 0.58 -30.91
N LEU G 113 -51.34 0.99 -32.17
CA LEU G 113 -50.64 0.13 -33.13
C LEU G 113 -49.22 -0.23 -32.64
N ALA G 114 -48.50 0.78 -32.18
CA ALA G 114 -47.12 0.55 -31.71
C ALA G 114 -47.10 -0.39 -30.52
N LEU G 115 -47.95 -0.13 -29.54
CA LEU G 115 -47.93 -1.00 -28.36
C LEU G 115 -48.37 -2.43 -28.68
N GLU G 116 -49.30 -2.59 -29.63
CA GLU G 116 -49.66 -3.94 -30.06
C GLU G 116 -48.46 -4.67 -30.70
N VAL G 117 -47.67 -3.95 -31.49
CA VAL G 117 -46.46 -4.59 -32.03
C VAL G 117 -45.44 -4.89 -30.96
N ALA G 118 -45.30 -4.04 -29.95
CA ALA G 118 -44.45 -4.40 -28.80
C ALA G 118 -44.95 -5.70 -28.17
N LEU G 119 -46.26 -5.80 -27.95
CA LEU G 119 -46.83 -7.01 -27.39
C LEU G 119 -46.56 -8.22 -28.29
N GLU G 120 -46.71 -8.06 -29.61
CA GLU G 120 -46.46 -9.18 -30.53
C GLU G 120 -44.98 -9.59 -30.53
N ILE G 121 -44.06 -8.64 -30.46
CA ILE G 121 -42.63 -8.99 -30.38
C ILE G 121 -42.38 -9.79 -29.10
N ALA G 122 -42.94 -9.34 -27.97
CA ALA G 122 -42.78 -10.12 -26.73
C ALA G 122 -43.42 -11.51 -26.82
N ARG G 123 -44.61 -11.60 -27.42
CA ARG G 123 -45.28 -12.89 -27.56
C ARG G 123 -44.51 -13.86 -28.45
N GLU G 124 -43.98 -13.37 -29.57
CA GLU G 124 -43.28 -14.24 -30.53
C GLU G 124 -41.85 -14.56 -30.15
N SER G 125 -41.20 -13.66 -29.42
CA SER G 125 -39.79 -13.86 -29.09
C SER G 125 -39.55 -15.04 -28.15
N GLY G 126 -40.45 -15.26 -27.20
CA GLY G 126 -40.29 -16.36 -26.26
C GLY G 126 -39.04 -16.23 -25.40
N THR G 127 -38.59 -15.00 -25.19
CA THR G 127 -37.52 -14.74 -24.23
C THR G 127 -38.02 -13.86 -23.11
N GLU G 128 -37.52 -14.11 -21.91
CA GLU G 128 -37.81 -13.24 -20.80
C GLU G 128 -37.39 -11.81 -21.06
N GLU G 129 -36.21 -11.65 -21.66
CA GLU G 129 -35.69 -10.32 -21.92
C GLU G 129 -36.61 -9.52 -22.82
N ALA G 130 -37.16 -10.14 -23.85
CA ALA G 130 -38.08 -9.40 -24.73
C ALA G 130 -39.33 -8.94 -23.99
N ALA G 131 -39.83 -9.78 -23.08
CA ALA G 131 -40.98 -9.38 -22.25
C ALA G 131 -40.59 -8.19 -21.40
N LEU G 132 -39.44 -8.26 -20.74
CA LEU G 132 -38.97 -7.12 -19.92
C LEU G 132 -38.82 -5.82 -20.72
N LEU G 133 -38.21 -5.93 -21.89
CA LEU G 133 -38.03 -4.76 -22.72
C LEU G 133 -39.36 -4.22 -23.22
N ALA G 134 -40.30 -5.11 -23.56
CA ALA G 134 -41.60 -4.64 -24.00
C ALA G 134 -42.31 -3.89 -22.87
N VAL G 135 -42.20 -4.43 -21.66
CA VAL G 135 -42.77 -3.69 -20.53
C VAL G 135 -42.12 -2.32 -20.32
N GLU G 136 -40.80 -2.25 -20.53
CA GLU G 136 -40.09 -0.96 -20.50
C GLU G 136 -40.55 0.01 -21.59
N VAL G 137 -40.82 -0.50 -22.80
CA VAL G 137 -41.43 0.32 -23.83
C VAL G 137 -42.77 0.86 -23.35
N VAL G 138 -43.64 -0.01 -22.81
CA VAL G 138 -44.96 0.45 -22.36
C VAL G 138 -44.79 1.52 -21.29
N VAL G 139 -43.87 1.32 -20.35
CA VAL G 139 -43.65 2.33 -19.31
C VAL G 139 -43.20 3.67 -19.88
N ARG G 140 -42.28 3.64 -20.84
CA ARG G 140 -41.80 4.88 -21.47
C ARG G 140 -42.96 5.62 -22.15
N VAL G 141 -43.81 4.87 -22.84
CA VAL G 141 -44.95 5.48 -23.51
C VAL G 141 -45.96 6.03 -22.48
N SER G 142 -46.24 5.28 -21.42
CA SER G 142 -47.06 5.77 -20.33
C SER G 142 -46.54 7.07 -19.72
N ASP G 143 -45.25 7.10 -19.42
CA ASP G 143 -44.61 8.31 -18.89
C ASP G 143 -44.81 9.50 -19.81
N GLU G 144 -44.56 9.30 -21.09
CA GLU G 144 -44.75 10.41 -22.03
C GLU G 144 -46.21 10.88 -22.12
N ALA G 145 -47.12 9.92 -22.17
CA ALA G 145 -48.52 10.21 -22.25
C ALA G 145 -49.01 10.98 -21.01
N LYS G 146 -48.56 10.60 -19.83
CA LYS G 146 -48.88 11.36 -18.61
C LYS G 146 -48.35 12.78 -18.74
N LYS G 147 -47.09 12.91 -19.18
CA LYS G 147 -46.47 14.23 -19.30
C LYS G 147 -47.25 15.16 -20.26
N GLN G 148 -47.75 14.59 -21.36
CA GLN G 148 -48.47 15.37 -22.39
C GLN G 148 -49.97 15.53 -22.14
N GLY G 149 -50.50 14.82 -21.14
CA GLY G 149 -51.94 14.85 -20.85
C GLY G 149 -52.74 14.09 -21.91
N ASN G 150 -52.18 12.97 -22.37
CA ASN G 150 -52.82 12.16 -23.38
C ASN G 150 -53.45 10.98 -22.67
N ALA G 151 -54.67 11.18 -22.18
CA ALA G 151 -55.30 10.19 -21.30
C ALA G 151 -55.61 8.90 -22.07
N VAL G 152 -55.96 9.01 -23.36
CA VAL G 152 -56.20 7.80 -24.16
C VAL G 152 -54.96 6.89 -24.18
N ALA G 153 -53.80 7.50 -24.39
CA ALA G 153 -52.54 6.76 -24.44
C ALA G 153 -52.13 6.19 -23.09
N VAL G 154 -52.41 6.92 -22.00
CA VAL G 154 -52.16 6.36 -20.68
C VAL G 154 -53.00 5.10 -20.51
N ALA G 155 -54.27 5.20 -20.89
CA ALA G 155 -55.14 4.03 -20.72
C ALA G 155 -54.73 2.86 -21.59
N VAL G 156 -54.35 3.14 -22.83
CA VAL G 156 -53.87 2.10 -23.73
C VAL G 156 -52.62 1.42 -23.19
N ALA G 157 -51.68 2.22 -22.71
CA ALA G 157 -50.48 1.64 -22.11
C ALA G 157 -50.84 0.76 -20.92
N GLU G 158 -51.75 1.22 -20.05
CA GLU G 158 -52.15 0.38 -18.92
C GLU G 158 -52.76 -0.96 -19.42
N GLN G 159 -53.61 -0.87 -20.45
CA GLN G 159 -54.21 -2.08 -20.99
C GLN G 159 -53.18 -3.10 -21.50
N VAL G 160 -52.23 -2.60 -22.27
CA VAL G 160 -51.19 -3.46 -22.81
C VAL G 160 -50.26 -4.02 -21.71
N ALA G 161 -49.91 -3.18 -20.73
CA ALA G 161 -49.16 -3.68 -19.56
C ALA G 161 -49.90 -4.84 -18.90
N LYS G 162 -51.19 -4.64 -18.66
CA LYS G 162 -51.99 -5.68 -18.03
C LYS G 162 -51.97 -6.95 -18.86
N LYS G 163 -52.12 -6.81 -20.18
CA LYS G 163 -52.13 -7.98 -21.04
C LYS G 163 -50.80 -8.74 -21.02
N ILE G 164 -49.69 -8.01 -21.12
CA ILE G 164 -48.38 -8.64 -21.04
C ILE G 164 -48.25 -9.33 -19.66
N LEU G 165 -48.65 -8.64 -18.60
CA LEU G 165 -48.51 -9.21 -17.26
C LEU G 165 -49.39 -10.45 -17.05
N GLU G 166 -50.58 -10.47 -17.64
CA GLU G 166 -51.44 -11.66 -17.52
C GLU G 166 -51.01 -12.83 -18.40
N GLU G 167 -50.60 -12.53 -19.64
CA GLU G 167 -50.40 -13.56 -20.66
C GLU G 167 -48.94 -13.98 -20.94
N SER G 168 -47.98 -13.16 -20.52
CA SER G 168 -46.58 -13.48 -20.83
C SER G 168 -46.11 -14.77 -20.17
N ASP H 1 -56.16 2.31 7.59
CA ASP H 1 -57.47 2.89 7.41
C ASP H 1 -57.27 4.39 7.16
N GLU H 2 -56.43 5.02 7.99
CA GLU H 2 -56.15 6.45 7.88
C GLU H 2 -55.84 6.85 6.44
N ARG H 3 -55.02 6.07 5.77
CA ARG H 3 -54.68 6.32 4.38
C ARG H 3 -55.92 6.41 3.48
N ARG H 4 -56.87 5.50 3.73
CA ARG H 4 -58.11 5.43 2.97
C ARG H 4 -59.04 6.61 3.35
N GLU H 5 -58.98 6.96 4.63
CA GLU H 5 -59.75 8.07 5.17
C GLU H 5 -59.21 9.39 4.58
N LEU H 6 -57.88 9.47 4.51
CA LEU H 6 -57.21 10.65 3.99
C LEU H 6 -57.42 10.68 2.49
N GLU H 7 -57.58 9.49 1.91
CA GLU H 7 -57.91 9.40 0.50
C GLU H 7 -59.29 10.01 0.21
N LYS H 8 -60.27 9.65 1.04
CA LYS H 8 -61.61 10.24 0.92
C LYS H 8 -61.56 11.76 1.04
N VAL H 9 -60.88 12.21 2.11
CA VAL H 9 -60.72 13.64 2.38
C VAL H 9 -60.06 14.34 1.18
N ALA H 10 -58.98 13.78 0.67
CA ALA H 10 -58.28 14.36 -0.49
C ALA H 10 -59.20 14.53 -1.68
N VAL H 11 -59.92 13.44 -2.01
CA VAL H 11 -60.85 13.46 -3.14
C VAL H 11 -61.86 14.60 -3.01
N LYS H 12 -62.52 14.63 -1.86
CA LYS H 12 -63.54 15.67 -1.63
C LYS H 12 -62.97 17.10 -1.62
N ALA H 13 -61.82 17.26 -0.97
CA ALA H 13 -61.19 18.58 -0.89
C ALA H 13 -60.68 19.10 -2.24
N ILE H 14 -60.08 18.22 -3.04
CA ILE H 14 -59.60 18.61 -4.35
C ILE H 14 -60.76 19.02 -5.23
N MET H 15 -61.81 18.19 -5.22
CA MET H 15 -62.97 18.54 -6.02
C MET H 15 -63.55 19.88 -5.55
N ALA H 16 -63.62 20.10 -4.25
CA ALA H 16 -64.08 21.39 -3.71
C ALA H 16 -63.16 22.57 -4.12
N ALA H 17 -61.87 22.35 -4.14
CA ALA H 17 -60.95 23.40 -4.59
C ALA H 17 -61.14 23.72 -6.08
N MET H 18 -61.46 22.70 -6.88
CA MET H 18 -61.73 22.94 -8.31
C MET H 18 -63.00 23.78 -8.56
N LEU H 19 -63.98 23.66 -7.66
CA LEU H 19 -65.31 24.29 -7.82
C LEU H 19 -65.54 25.60 -7.05
N GLY H 20 -64.58 26.06 -6.27
CA GLY H 20 -64.78 27.28 -5.49
C GLY H 20 -65.67 27.07 -4.27
N ASN H 21 -65.65 25.86 -3.73
CA ASN H 21 -66.49 25.50 -2.58
C ASN H 21 -65.65 25.62 -1.32
N THR H 22 -65.54 26.86 -0.86
CA THR H 22 -64.68 27.18 0.26
C THR H 22 -65.13 26.45 1.53
N ASP H 23 -66.44 26.39 1.74
CA ASP H 23 -66.95 25.74 2.95
C ASP H 23 -66.51 24.27 3.04
N GLU H 24 -66.64 23.55 1.92
CA GLU H 24 -66.26 22.13 1.89
C GLU H 24 -64.75 21.95 1.98
N VAL H 25 -63.96 22.80 1.30
CA VAL H 25 -62.49 22.71 1.44
C VAL H 25 -62.09 22.88 2.90
N ARG H 26 -62.68 23.89 3.57
CA ARG H 26 -62.41 24.14 4.99
C ARG H 26 -62.74 22.92 5.85
N GLU H 27 -63.94 22.39 5.67
CA GLU H 27 -64.34 21.22 6.47
C GLU H 27 -63.42 20.00 6.25
N GLN H 28 -63.11 19.69 4.98
CA GLN H 28 -62.27 18.53 4.68
C GLN H 28 -60.83 18.70 5.20
N LEU H 29 -60.28 19.91 5.06
CA LEU H 29 -58.91 20.11 5.60
C LEU H 29 -58.89 19.98 7.13
N GLN H 30 -59.97 20.43 7.79
CA GLN H 30 -60.06 20.25 9.24
C GLN H 30 -60.06 18.76 9.56
N ARG H 31 -60.72 17.97 8.73
CA ARG H 31 -60.67 16.52 8.99
C ARG H 31 -59.31 15.91 8.75
N ALA H 32 -58.57 16.39 7.74
CA ALA H 32 -57.20 15.91 7.58
C ALA H 32 -56.37 16.21 8.83
N LEU H 33 -56.54 17.42 9.36
CA LEU H 33 -55.83 17.79 10.58
C LEU H 33 -56.19 16.85 11.71
N GLU H 34 -57.48 16.59 11.86
CA GLU H 34 -57.91 15.72 12.95
C GLU H 34 -57.43 14.30 12.80
N ILE H 35 -57.37 13.78 11.58
CA ILE H 35 -56.80 12.46 11.37
C ILE H 35 -55.34 12.41 11.79
N ALA H 36 -54.56 13.43 11.39
CA ALA H 36 -53.16 13.48 11.82
C ALA H 36 -53.11 13.50 13.35
N ARG H 37 -53.97 14.30 13.95
CA ARG H 37 -54.05 14.39 15.42
C ARG H 37 -54.36 13.05 16.07
N GLU H 38 -55.36 12.35 15.54
CA GLU H 38 -55.81 11.12 16.15
C GLU H 38 -54.81 9.98 15.99
N SER H 39 -54.11 9.97 14.85
CA SER H 39 -53.17 8.89 14.53
C SER H 39 -51.89 8.87 15.36
N GLY H 40 -51.35 10.05 15.67
CA GLY H 40 -50.18 10.12 16.53
C GLY H 40 -48.91 9.54 15.94
N THR H 41 -48.79 9.53 14.61
CA THR H 41 -47.57 9.06 13.95
C THR H 41 -47.05 10.08 12.93
N LEU H 42 -45.76 10.02 12.63
CA LEU H 42 -45.18 10.90 11.64
C LEU H 42 -45.70 10.47 10.28
N LEU H 43 -45.97 9.19 10.09
CA LEU H 43 -46.43 8.75 8.79
C LEU H 43 -47.80 9.40 8.48
N ALA H 44 -48.66 9.52 9.50
CA ALA H 44 -49.95 10.15 9.33
C ALA H 44 -49.80 11.64 9.05
N VAL H 45 -48.86 12.29 9.75
CA VAL H 45 -48.53 13.69 9.48
C VAL H 45 -48.08 13.88 8.05
N VAL H 46 -47.19 13.01 7.58
CA VAL H 46 -46.69 13.09 6.21
C VAL H 46 -47.83 12.97 5.21
N LEU H 47 -48.69 11.98 5.42
CA LEU H 47 -49.83 11.78 4.53
C LEU H 47 -50.79 12.96 4.54
N ALA H 48 -51.10 13.47 5.72
CA ALA H 48 -51.99 14.64 5.81
C ALA H 48 -51.38 15.85 5.11
N LEU H 49 -50.09 16.09 5.31
CA LEU H 49 -49.44 17.20 4.62
C LEU H 49 -49.43 17.00 3.13
N GLU H 50 -49.28 15.76 2.67
CA GLU H 50 -49.37 15.52 1.23
C GLU H 50 -50.80 15.85 0.71
N VAL H 51 -51.82 15.46 1.46
CA VAL H 51 -53.19 15.84 1.08
C VAL H 51 -53.35 17.36 1.01
N VAL H 52 -52.89 18.04 2.04
CA VAL H 52 -52.94 19.49 2.05
C VAL H 52 -52.21 20.09 0.84
N ALA H 53 -51.03 19.55 0.53
CA ALA H 53 -50.29 20.04 -0.61
C ALA H 53 -51.06 19.89 -1.92
N ARG H 54 -51.62 18.68 -2.13
CA ARG H 54 -52.37 18.44 -3.37
C ARG H 54 -53.58 19.38 -3.50
N VAL H 55 -54.29 19.59 -2.40
CA VAL H 55 -55.43 20.52 -2.40
C VAL H 55 -54.99 21.95 -2.74
N ALA H 56 -53.94 22.39 -2.09
CA ALA H 56 -53.44 23.76 -2.32
C ALA H 56 -52.89 23.93 -3.71
N ILE H 57 -52.26 22.90 -4.27
CA ILE H 57 -51.73 23.01 -5.63
C ILE H 57 -52.88 23.13 -6.63
N GLU H 58 -53.89 22.28 -6.45
CA GLU H 58 -55.05 22.37 -7.32
C GLU H 58 -55.70 23.75 -7.20
N ALA H 59 -55.86 24.24 -5.97
CA ALA H 59 -56.41 25.58 -5.75
C ALA H 59 -55.57 26.65 -6.42
N ALA H 60 -54.24 26.54 -6.32
CA ALA H 60 -53.36 27.54 -6.92
C ALA H 60 -53.53 27.54 -8.43
N ARG H 61 -53.76 26.38 -9.03
CA ARG H 61 -53.97 26.31 -10.48
C ARG H 61 -55.26 26.97 -10.95
N LYS H 62 -56.25 26.98 -10.08
CA LYS H 62 -57.62 27.44 -10.36
C LYS H 62 -57.92 28.89 -9.96
N GLY H 63 -56.99 29.57 -9.29
CA GLY H 63 -57.24 30.92 -8.80
C GLY H 63 -58.10 30.88 -7.53
N ASN H 64 -58.06 29.78 -6.79
CA ASN H 64 -58.93 29.63 -5.62
C ASN H 64 -58.13 30.07 -4.40
N THR H 65 -58.17 31.38 -4.17
CA THR H 65 -57.33 31.98 -3.13
C THR H 65 -57.73 31.53 -1.73
N ASP H 66 -59.03 31.38 -1.54
CA ASP H 66 -59.54 30.93 -0.23
C ASP H 66 -59.01 29.56 0.12
N ALA H 67 -59.06 28.65 -0.85
CA ALA H 67 -58.60 27.29 -0.58
C ALA H 67 -57.10 27.20 -0.36
N VAL H 68 -56.32 28.00 -1.09
CA VAL H 68 -54.88 28.05 -0.83
C VAL H 68 -54.65 28.51 0.60
N ARG H 69 -55.31 29.58 1.00
CA ARG H 69 -55.16 30.11 2.36
C ARG H 69 -55.54 29.07 3.43
N GLU H 70 -56.71 28.43 3.25
CA GLU H 70 -57.20 27.42 4.21
C GLU H 70 -56.21 26.27 4.31
N ALA H 71 -55.76 25.82 3.15
CA ALA H 71 -54.83 24.70 3.15
C ALA H 71 -53.50 25.02 3.83
N LEU H 72 -52.93 26.17 3.51
CA LEU H 72 -51.68 26.50 4.14
C LEU H 72 -51.78 26.79 5.63
N GLU H 73 -52.92 27.33 6.08
CA GLU H 73 -53.17 27.45 7.54
C GLU H 73 -53.17 26.07 8.19
N VAL H 74 -53.76 25.09 7.52
CA VAL H 74 -53.74 23.74 8.11
C VAL H 74 -52.31 23.14 8.09
N ALA H 75 -51.52 23.39 7.05
CA ALA H 75 -50.12 22.98 7.10
C ALA H 75 -49.41 23.62 8.29
N LEU H 76 -49.63 24.92 8.51
CA LEU H 76 -49.04 25.63 9.64
C LEU H 76 -49.46 24.98 10.96
N GLU H 77 -50.75 24.63 11.09
CA GLU H 77 -51.21 24.04 12.33
C GLU H 77 -50.63 22.64 12.56
N ILE H 78 -50.53 21.84 11.49
CA ILE H 78 -49.91 20.52 11.57
C ILE H 78 -48.46 20.77 12.03
N ALA H 79 -47.76 21.76 11.48
CA ALA H 79 -46.39 22.06 11.94
C ALA H 79 -46.36 22.48 13.41
N ARG H 80 -47.36 23.23 13.84
CA ARG H 80 -47.44 23.62 15.25
C ARG H 80 -47.70 22.43 16.19
N GLU H 81 -48.63 21.55 15.81
CA GLU H 81 -49.09 20.48 16.72
C GLU H 81 -48.27 19.20 16.76
N SER H 82 -47.50 18.95 15.72
CA SER H 82 -46.78 17.68 15.61
C SER H 82 -45.63 17.51 16.59
N GLY H 83 -45.00 18.62 16.96
CA GLY H 83 -43.87 18.62 17.90
C GLY H 83 -42.58 18.05 17.37
N THR H 84 -42.43 17.99 16.04
CA THR H 84 -41.19 17.52 15.44
C THR H 84 -40.64 18.47 14.38
N LYS H 85 -39.32 18.46 14.25
CA LYS H 85 -38.63 19.25 13.22
C LYS H 85 -39.01 18.74 11.84
N VAL H 86 -39.13 17.43 11.71
CA VAL H 86 -39.53 16.83 10.43
C VAL H 86 -40.87 17.40 9.94
N ALA H 87 -41.85 17.57 10.83
CA ALA H 87 -43.12 18.13 10.40
C ALA H 87 -42.98 19.60 9.93
N VAL H 88 -42.14 20.37 10.61
CA VAL H 88 -41.88 21.75 10.22
C VAL H 88 -41.24 21.81 8.82
N VAL H 89 -40.22 20.99 8.58
CA VAL H 89 -39.55 20.92 7.28
C VAL H 89 -40.52 20.50 6.16
N LEU H 90 -41.35 19.50 6.46
CA LEU H 90 -42.36 19.05 5.49
C LEU H 90 -43.38 20.14 5.19
N ALA H 91 -43.80 20.87 6.21
CA ALA H 91 -44.73 21.98 6.00
C ALA H 91 -44.11 23.04 5.12
N LEU H 92 -42.85 23.39 5.39
CA LEU H 92 -42.15 24.35 4.51
C LEU H 92 -42.03 23.85 3.07
N GLU H 93 -41.83 22.54 2.87
CA GLU H 93 -41.78 22.03 1.50
C GLU H 93 -43.15 22.13 0.83
N VAL H 94 -44.22 21.86 1.58
CA VAL H 94 -45.58 22.10 1.04
C VAL H 94 -45.74 23.55 0.57
N VAL H 95 -45.38 24.48 1.45
CA VAL H 95 -45.48 25.90 1.12
C VAL H 95 -44.68 26.24 -0.16
N ALA H 96 -43.45 25.72 -0.26
CA ALA H 96 -42.64 25.93 -1.45
C ALA H 96 -43.31 25.39 -2.72
N ARG H 97 -43.82 24.16 -2.67
CA ARG H 97 -44.45 23.57 -3.85
C ARG H 97 -45.65 24.39 -4.29
N VAL H 98 -46.46 24.82 -3.31
CA VAL H 98 -47.64 25.62 -3.66
C VAL H 98 -47.23 26.99 -4.28
N ALA H 99 -46.25 27.64 -3.65
CA ALA H 99 -45.81 28.94 -4.13
C ALA H 99 -45.20 28.83 -5.52
N ILE H 100 -44.46 27.77 -5.77
CA ILE H 100 -43.88 27.58 -7.11
C ILE H 100 -44.97 27.38 -8.19
N GLU H 101 -45.94 26.51 -7.88
CA GLU H 101 -47.06 26.35 -8.81
C GLU H 101 -47.80 27.66 -9.04
N ALA H 102 -48.04 28.42 -7.96
CA ALA H 102 -48.68 29.71 -8.09
C ALA H 102 -47.89 30.68 -8.96
N ALA H 103 -46.58 30.71 -8.79
CA ALA H 103 -45.74 31.58 -9.61
C ALA H 103 -45.84 31.25 -11.07
N ARG H 104 -45.89 29.95 -11.38
CA ARG H 104 -46.05 29.51 -12.77
C ARG H 104 -47.39 29.89 -13.43
N ARG H 105 -48.41 30.10 -12.62
CA ARG H 105 -49.80 30.29 -13.08
C ARG H 105 -50.26 31.73 -13.05
N GLY H 106 -49.42 32.64 -12.56
CA GLY H 106 -49.78 34.03 -12.45
C GLY H 106 -50.69 34.27 -11.26
N ASN H 107 -50.63 33.38 -10.27
CA ASN H 107 -51.50 33.47 -9.12
C ASN H 107 -50.78 34.21 -8.02
N VAL H 108 -50.87 35.54 -8.10
CA VAL H 108 -50.11 36.40 -7.19
C VAL H 108 -50.64 36.31 -5.77
N LEU H 109 -51.96 36.14 -5.60
CA LEU H 109 -52.48 35.98 -4.24
C LEU H 109 -51.88 34.76 -3.55
N ALA H 110 -51.77 33.65 -4.29
CA ALA H 110 -51.33 32.40 -3.71
C ALA H 110 -49.83 32.48 -3.38
N VAL H 111 -49.07 33.19 -4.24
CA VAL H 111 -47.67 33.43 -3.90
C VAL H 111 -47.57 34.21 -2.60
N ILE H 112 -48.34 35.29 -2.47
CA ILE H 112 -48.31 36.09 -1.26
C ILE H 112 -48.68 35.26 -0.02
N LEU H 113 -49.79 34.52 -0.12
CA LEU H 113 -50.26 33.70 0.99
C LEU H 113 -49.19 32.67 1.41
N ALA H 114 -48.63 31.97 0.41
CA ALA H 114 -47.62 30.94 0.69
C ALA H 114 -46.40 31.54 1.35
N LEU H 115 -45.89 32.63 0.79
CA LEU H 115 -44.68 33.22 1.39
C LEU H 115 -44.93 33.77 2.79
N GLU H 116 -46.14 34.28 3.04
CA GLU H 116 -46.48 34.71 4.41
C GLU H 116 -46.47 33.53 5.39
N VAL H 117 -46.97 32.37 4.96
CA VAL H 117 -46.89 31.19 5.82
C VAL H 117 -45.45 30.72 6.01
N ALA H 118 -44.62 30.81 4.98
CA ALA H 118 -43.18 30.55 5.19
C ALA H 118 -42.63 31.47 6.27
N LEU H 119 -42.94 32.76 6.15
CA LEU H 119 -42.48 33.72 7.15
C LEU H 119 -43.00 33.36 8.56
N GLU H 120 -44.27 32.98 8.65
CA GLU H 120 -44.85 32.63 9.97
C GLU H 120 -44.20 31.36 10.54
N ILE H 121 -43.90 30.37 9.69
CA ILE H 121 -43.20 29.17 10.19
C ILE H 121 -41.83 29.57 10.72
N ALA H 122 -41.10 30.41 9.98
CA ALA H 122 -39.79 30.88 10.49
C ALA H 122 -39.93 31.69 11.79
N ARG H 123 -40.93 32.56 11.87
CA ARG H 123 -41.14 33.37 13.07
C ARG H 123 -41.49 32.52 14.29
N GLU H 124 -42.35 31.52 14.12
CA GLU H 124 -42.83 30.70 15.24
C GLU H 124 -41.85 29.60 15.64
N SER H 125 -41.06 29.10 14.69
CA SER H 125 -40.17 27.99 14.97
C SER H 125 -39.05 28.35 15.95
N GLY H 126 -38.52 29.55 15.87
CA GLY H 126 -37.44 29.97 16.74
C GLY H 126 -36.18 29.13 16.58
N THR H 127 -35.99 28.57 15.40
CA THR H 127 -34.74 27.91 15.07
C THR H 127 -34.05 28.61 13.92
N GLU H 128 -32.74 28.65 13.97
CA GLU H 128 -31.98 29.17 12.85
C GLU H 128 -32.25 28.40 11.56
N GLU H 129 -32.35 27.08 11.69
CA GLU H 129 -32.57 26.26 10.50
C GLU H 129 -33.87 26.60 9.81
N ALA H 130 -34.94 26.85 10.57
CA ALA H 130 -36.20 27.21 9.92
C ALA H 130 -36.11 28.54 9.18
N ALA H 131 -35.37 29.49 9.74
CA ALA H 131 -35.13 30.76 9.04
C ALA H 131 -34.38 30.50 7.76
N LEU H 132 -33.31 29.71 7.82
CA LEU H 132 -32.55 29.38 6.59
C LEU H 132 -33.40 28.70 5.52
N LEU H 133 -34.21 27.74 5.94
CA LEU H 133 -35.05 27.03 5.00
C LEU H 133 -36.12 27.96 4.43
N ALA H 134 -36.68 28.85 5.26
CA ALA H 134 -37.67 29.79 4.74
C ALA H 134 -37.04 30.71 3.68
N VAL H 135 -35.82 31.17 3.96
CA VAL H 135 -35.14 31.96 2.95
C VAL H 135 -34.90 31.17 1.66
N GLU H 136 -34.57 29.89 1.78
CA GLU H 136 -34.44 29.01 0.60
C GLU H 136 -35.76 28.84 -0.16
N VAL H 137 -36.88 28.73 0.56
CA VAL H 137 -38.18 28.74 -0.09
C VAL H 137 -38.37 30.05 -0.88
N VAL H 138 -38.10 31.20 -0.24
CA VAL H 138 -38.28 32.47 -0.93
C VAL H 138 -37.41 32.53 -2.18
N VAL H 139 -36.17 32.06 -2.08
CA VAL H 139 -35.27 32.06 -3.25
C VAL H 139 -35.82 31.19 -4.38
N ARG H 140 -36.31 30.00 -4.05
CA ARG H 140 -36.87 29.10 -5.06
C ARG H 140 -38.06 29.76 -5.78
N VAL H 141 -38.92 30.42 -4.99
CA VAL H 141 -40.07 31.09 -5.58
C VAL H 141 -39.63 32.29 -6.44
N SER H 142 -38.66 33.08 -5.97
CA SER H 142 -38.08 34.14 -6.77
C SER H 142 -37.52 33.63 -8.10
N ASP H 143 -36.73 32.57 -8.04
CA ASP H 143 -36.18 31.97 -9.26
C ASP H 143 -37.27 31.58 -10.24
N GLU H 144 -38.29 30.90 -9.74
CA GLU H 144 -39.38 30.52 -10.64
C GLU H 144 -40.12 31.72 -11.25
N ALA H 145 -40.39 32.71 -10.42
CA ALA H 145 -41.07 33.91 -10.85
C ALA H 145 -40.26 34.66 -11.92
N LYS H 146 -38.95 34.76 -11.74
CA LYS H 146 -38.09 35.37 -12.77
C LYS H 146 -38.21 34.56 -14.07
N LYS H 147 -38.12 33.24 -13.95
CA LYS H 147 -38.18 32.37 -15.13
C LYS H 147 -39.49 32.55 -15.91
N GLN H 148 -40.61 32.70 -15.20
CA GLN H 148 -41.93 32.82 -15.81
C GLN H 148 -42.34 34.26 -16.19
N GLY H 149 -41.54 35.24 -15.78
CA GLY H 149 -41.86 36.65 -16.04
C GLY H 149 -43.02 37.13 -15.18
N ASN H 150 -43.05 36.66 -13.93
CA ASN H 150 -44.10 37.02 -13.00
C ASN H 150 -43.53 38.07 -12.08
N ALA H 151 -43.61 39.33 -12.52
CA ALA H 151 -42.92 40.42 -11.81
C ALA H 151 -43.55 40.65 -10.44
N VAL H 152 -44.87 40.48 -10.31
CA VAL H 152 -45.51 40.63 -9.00
C VAL H 152 -44.90 39.67 -7.97
N ALA H 153 -44.71 38.42 -8.38
CA ALA H 153 -44.15 37.40 -7.50
C ALA H 153 -42.67 37.64 -7.18
N VAL H 154 -41.91 38.16 -8.15
CA VAL H 154 -40.53 38.52 -7.86
C VAL H 154 -40.53 39.58 -6.77
N ALA H 155 -41.40 40.59 -6.93
CA ALA H 155 -41.42 41.66 -5.95
C ALA H 155 -41.87 41.18 -4.57
N VAL H 156 -42.88 40.33 -4.54
CA VAL H 156 -43.35 39.76 -3.28
C VAL H 156 -42.26 38.95 -2.60
N ALA H 157 -41.56 38.12 -3.37
CA ALA H 157 -40.44 37.36 -2.78
C ALA H 157 -39.39 38.30 -2.23
N GLU H 158 -39.03 39.36 -2.96
CA GLU H 158 -38.05 40.30 -2.42
C GLU H 158 -38.55 40.93 -1.10
N GLN H 159 -39.84 41.29 -1.07
CA GLN H 159 -40.38 41.88 0.16
C GLN H 159 -40.29 40.94 1.38
N VAL H 160 -40.67 39.69 1.15
CA VAL H 160 -40.61 38.71 2.24
C VAL H 160 -39.16 38.38 2.65
N ALA H 161 -38.25 38.27 1.67
CA ALA H 161 -36.83 38.11 1.99
C ALA H 161 -36.36 39.26 2.89
N LYS H 162 -36.69 40.49 2.50
CA LYS H 162 -36.28 41.64 3.29
C LYS H 162 -36.83 41.55 4.69
N LYS H 163 -38.11 41.18 4.82
CA LYS H 163 -38.72 41.08 6.15
C LYS H 163 -38.06 40.03 7.02
N ILE H 164 -37.80 38.85 6.46
CA ILE H 164 -37.11 37.80 7.22
C ILE H 164 -35.72 38.32 7.60
N LEU H 165 -35.02 38.96 6.66
CA LEU H 165 -33.66 39.43 6.95
C LEU H 165 -33.65 40.54 8.00
N GLU H 166 -34.66 41.42 8.01
CA GLU H 166 -34.71 42.46 9.05
C GLU H 166 -35.16 41.96 10.41
N GLU H 167 -36.16 41.08 10.44
CA GLU H 167 -36.85 40.71 11.67
C GLU H 167 -36.46 39.37 12.31
N SER H 168 -35.80 38.49 11.54
CA SER H 168 -35.49 37.16 12.06
C SER H 168 -34.51 37.23 13.23
N ASP I 1 -15.94 53.44 -10.38
CA ASP I 1 -16.71 54.44 -11.07
C ASP I 1 -17.08 53.90 -12.44
N GLU I 2 -16.08 53.33 -13.13
CA GLU I 2 -16.29 52.76 -14.46
C GLU I 2 -17.52 51.87 -14.52
N ARG I 3 -17.69 51.01 -13.51
CA ARG I 3 -18.84 50.15 -13.42
C ARG I 3 -20.17 50.93 -13.46
N ARG I 4 -20.19 52.05 -12.74
CA ARG I 4 -21.36 52.91 -12.66
C ARG I 4 -21.56 53.68 -13.99
N GLU I 5 -20.43 54.03 -14.59
CA GLU I 5 -20.42 54.72 -15.88
C GLU I 5 -20.94 53.76 -16.97
N LEU I 6 -20.48 52.51 -16.88
CA LEU I 6 -20.85 51.48 -17.84
C LEU I 6 -22.30 51.12 -17.57
N GLU I 7 -22.71 51.27 -16.32
CA GLU I 7 -24.11 51.06 -15.96
C GLU I 7 -25.01 52.09 -16.66
N LYS I 8 -24.60 53.35 -16.59
CA LYS I 8 -25.33 54.42 -17.29
C LYS I 8 -25.43 54.13 -18.79
N VAL I 9 -24.26 53.83 -19.38
CA VAL I 9 -24.18 53.50 -20.80
C VAL I 9 -25.10 52.33 -21.16
N ALA I 10 -25.04 51.26 -20.37
CA ALA I 10 -25.88 50.09 -20.60
C ALA I 10 -27.37 50.46 -20.62
N VAL I 11 -27.78 51.19 -19.59
CA VAL I 11 -29.18 51.61 -19.47
C VAL I 11 -29.64 52.36 -20.72
N LYS I 12 -28.87 53.38 -21.08
CA LYS I 12 -29.22 54.20 -22.24
C LYS I 12 -29.20 53.41 -23.56
N ALA I 13 -28.18 52.57 -23.73
CA ALA I 13 -28.05 51.79 -24.96
C ALA I 13 -29.15 50.72 -25.11
N ILE I 14 -29.50 50.05 -24.02
CA ILE I 14 -30.55 49.05 -24.06
C ILE I 14 -31.88 49.69 -24.41
N MET I 15 -32.16 50.82 -23.73
CA MET I 15 -33.40 51.50 -24.03
C MET I 15 -33.41 51.95 -25.51
N ALA I 16 -32.29 52.46 -26.00
CA ALA I 16 -32.18 52.83 -27.42
C ALA I 16 -32.36 51.62 -28.37
N ALA I 17 -31.83 50.48 -28.00
CA ALA I 17 -32.02 49.27 -28.81
C ALA I 17 -33.49 48.84 -28.84
N MET I 18 -34.20 49.02 -27.72
CA MET I 18 -35.62 48.70 -27.67
C MET I 18 -36.49 49.59 -28.58
N LEU I 19 -36.05 50.84 -28.78
CA LEU I 19 -36.82 51.87 -29.50
C LEU I 19 -36.42 52.12 -30.96
N GLY I 20 -35.39 51.45 -31.47
CA GLY I 20 -34.95 51.68 -32.83
C GLY I 20 -34.16 52.99 -33.00
N ASN I 21 -33.50 53.40 -31.92
CA ASN I 21 -32.73 54.66 -31.92
C ASN I 21 -31.27 54.34 -32.21
N THR I 22 -31.01 54.18 -33.50
CA THR I 22 -29.70 53.76 -33.95
C THR I 22 -28.61 54.75 -33.56
N ASP I 23 -28.94 56.05 -33.69
CA ASP I 23 -27.96 57.09 -33.39
C ASP I 23 -27.49 57.00 -31.92
N GLU I 24 -28.43 56.83 -31.00
CA GLU I 24 -28.10 56.74 -29.58
C GLU I 24 -27.39 55.43 -29.25
N VAL I 25 -27.81 54.31 -29.83
CA VAL I 25 -27.08 53.05 -29.61
C VAL I 25 -25.63 53.18 -30.04
N ARG I 26 -25.41 53.77 -31.22
CA ARG I 26 -24.06 54.01 -31.73
C ARG I 26 -23.22 54.86 -30.77
N GLU I 27 -23.78 56.00 -30.36
CA GLU I 27 -23.06 56.88 -29.44
C GLU I 27 -22.69 56.19 -28.10
N GLN I 28 -23.68 55.49 -27.50
CA GLN I 28 -23.44 54.83 -26.21
C GLN I 28 -22.42 53.68 -26.33
N LEU I 29 -22.51 52.91 -27.39
CA LEU I 29 -21.51 51.83 -27.55
C LEU I 29 -20.10 52.40 -27.75
N GLN I 30 -20.00 53.54 -28.46
CA GLN I 30 -18.69 54.20 -28.59
C GLN I 30 -18.17 54.59 -27.22
N ARG I 31 -19.07 55.04 -26.34
CA ARG I 31 -18.60 55.37 -24.99
C ARG I 31 -18.18 54.15 -24.18
N ALA I 32 -18.87 53.02 -24.35
CA ALA I 32 -18.39 51.79 -23.69
C ALA I 32 -16.98 51.45 -24.16
N LEU I 33 -16.76 51.59 -25.46
CA LEU I 33 -15.42 51.31 -25.99
C LEU I 33 -14.39 52.24 -25.37
N GLU I 34 -14.74 53.52 -25.31
CA GLU I 34 -13.80 54.49 -24.74
C GLU I 34 -13.52 54.26 -23.26
N ILE I 35 -14.53 53.85 -22.49
CA ILE I 35 -14.30 53.50 -21.10
C ILE I 35 -13.32 52.33 -20.98
N ALA I 36 -13.53 51.30 -21.80
CA ALA I 36 -12.58 50.17 -21.77
C ALA I 36 -11.18 50.68 -22.11
N ARG I 37 -11.10 51.53 -23.12
CA ARG I 37 -9.83 52.14 -23.53
C ARG I 37 -9.15 52.91 -22.39
N GLU I 38 -9.93 53.76 -21.73
CA GLU I 38 -9.38 54.62 -20.70
C GLU I 38 -8.95 53.87 -19.44
N SER I 39 -9.69 52.82 -19.12
CA SER I 39 -9.44 52.05 -17.89
C SER I 39 -8.19 51.19 -17.90
N GLY I 40 -7.87 50.61 -19.05
CA GLY I 40 -6.63 49.84 -19.18
C GLY I 40 -6.57 48.58 -18.32
N THR I 41 -7.72 47.98 -18.02
CA THR I 41 -7.76 46.72 -17.29
C THR I 41 -8.63 45.66 -18.00
N LEU I 42 -8.37 44.39 -17.73
CA LEU I 42 -9.17 43.33 -18.30
C LEU I 42 -10.54 43.38 -17.66
N LEU I 43 -10.61 43.81 -16.40
CA LEU I 43 -11.93 43.83 -15.75
C LEU I 43 -12.84 44.83 -16.47
N ALA I 44 -12.29 45.97 -16.91
CA ALA I 44 -13.05 46.97 -17.63
C ALA I 44 -13.46 46.43 -19.02
N VAL I 45 -12.56 45.71 -19.68
CA VAL I 45 -12.88 45.04 -20.94
C VAL I 45 -14.02 44.08 -20.77
N VAL I 46 -13.96 43.26 -19.72
CA VAL I 46 -15.01 42.28 -19.45
C VAL I 46 -16.35 42.98 -19.26
N LEU I 47 -16.34 44.02 -18.44
CA LEU I 47 -17.58 44.76 -18.19
C LEU I 47 -18.15 45.41 -19.44
N ALA I 48 -17.26 46.03 -20.22
CA ALA I 48 -17.72 46.65 -21.48
C ALA I 48 -18.29 45.61 -22.44
N LEU I 49 -17.62 44.46 -22.56
CA LEU I 49 -18.16 43.41 -23.43
C LEU I 49 -19.48 42.87 -22.90
N GLU I 50 -19.64 42.81 -21.58
CA GLU I 50 -20.95 42.41 -21.06
C GLU I 50 -22.03 43.44 -21.43
N VAL I 51 -21.70 44.73 -21.34
CA VAL I 51 -22.67 45.75 -21.79
C VAL I 51 -23.02 45.59 -23.27
N VAL I 52 -22.00 45.43 -24.10
CA VAL I 52 -22.22 45.19 -25.51
C VAL I 52 -23.12 43.98 -25.75
N ALA I 53 -22.85 42.89 -25.02
CA ALA I 53 -23.66 41.71 -25.16
C ALA I 53 -25.13 41.94 -24.82
N ARG I 54 -25.36 42.60 -23.68
CA ARG I 54 -26.74 42.88 -23.26
C ARG I 54 -27.48 43.74 -24.29
N VAL I 55 -26.80 44.76 -24.81
CA VAL I 55 -27.40 45.61 -25.84
C VAL I 55 -27.75 44.83 -27.11
N ALA I 56 -26.81 44.02 -27.56
CA ALA I 56 -27.02 43.22 -28.77
C ALA I 56 -28.08 42.17 -28.58
N ILE I 57 -28.17 41.59 -27.39
CA ILE I 57 -29.22 40.58 -27.16
C ILE I 57 -30.60 41.23 -27.18
N GLU I 58 -30.71 42.38 -26.52
CA GLU I 58 -31.97 43.10 -26.56
C GLU I 58 -32.34 43.48 -27.99
N ALA I 59 -31.36 43.97 -28.75
CA ALA I 59 -31.58 44.30 -30.16
C ALA I 59 -32.01 43.09 -30.95
N ALA I 60 -31.37 41.94 -30.72
CA ALA I 60 -31.72 40.73 -31.46
C ALA I 60 -33.13 40.32 -31.16
N ARG I 61 -33.60 40.53 -29.92
CA ARG I 61 -34.99 40.19 -29.58
C ARG I 61 -36.03 41.07 -30.28
N LYS I 62 -35.64 42.29 -30.58
CA LYS I 62 -36.50 43.34 -31.13
C LYS I 62 -36.49 43.49 -32.66
N GLY I 63 -35.62 42.76 -33.36
CA GLY I 63 -35.47 42.91 -34.80
C GLY I 63 -34.66 44.18 -35.13
N ASN I 64 -33.82 44.62 -34.20
CA ASN I 64 -33.08 45.87 -34.41
C ASN I 64 -31.72 45.52 -35.00
N THR I 65 -31.72 45.39 -36.32
CA THR I 65 -30.55 44.89 -37.03
C THR I 65 -29.37 45.87 -36.94
N ASP I 66 -29.69 47.15 -36.98
CA ASP I 66 -28.64 48.18 -36.88
C ASP I 66 -27.91 48.08 -35.57
N ALA I 67 -28.67 47.94 -34.48
CA ALA I 67 -28.04 47.89 -33.16
C ALA I 67 -27.23 46.62 -32.95
N VAL I 68 -27.70 45.49 -33.48
CA VAL I 68 -26.89 44.28 -33.42
C VAL I 68 -25.57 44.50 -34.14
N ARG I 69 -25.64 45.06 -35.34
CA ARG I 69 -24.44 45.32 -36.13
C ARG I 69 -23.46 46.25 -35.39
N GLU I 70 -23.99 47.37 -34.88
CA GLU I 70 -23.17 48.37 -34.16
C GLU I 70 -22.51 47.72 -32.94
N ALA I 71 -23.31 46.97 -32.22
CA ALA I 71 -22.77 46.34 -31.00
C ALA I 71 -21.67 45.32 -31.31
N LEU I 72 -21.90 44.48 -32.30
CA LEU I 72 -20.89 43.50 -32.60
C LEU I 72 -19.62 44.09 -33.21
N GLU I 73 -19.75 45.19 -33.97
CA GLU I 73 -18.56 45.92 -34.42
C GLU I 73 -17.75 46.43 -33.21
N VAL I 74 -18.45 46.91 -32.19
CA VAL I 74 -17.71 47.37 -31.01
C VAL I 74 -17.06 46.19 -30.26
N ALA I 75 -17.73 45.03 -30.19
CA ALA I 75 -17.07 43.85 -29.63
C ALA I 75 -15.78 43.52 -30.42
N LEU I 76 -15.88 43.56 -31.75
CA LEU I 76 -14.72 43.30 -32.63
C LEU I 76 -13.60 44.30 -32.32
N GLU I 77 -13.96 45.58 -32.16
CA GLU I 77 -12.92 46.57 -31.89
C GLU I 77 -12.28 46.40 -30.51
N ILE I 78 -13.08 46.07 -29.51
CA ILE I 78 -12.56 45.77 -28.18
C ILE I 78 -11.61 44.58 -28.35
N ALA I 79 -11.97 43.56 -29.11
CA ALA I 79 -11.06 42.42 -29.33
C ALA I 79 -9.77 42.86 -30.05
N ARG I 80 -9.89 43.80 -30.99
CA ARG I 80 -8.71 44.31 -31.67
C ARG I 80 -7.79 45.12 -30.76
N GLU I 81 -8.37 45.99 -29.91
CA GLU I 81 -7.58 46.96 -29.14
C GLU I 81 -7.01 46.47 -27.80
N SER I 82 -7.61 45.43 -27.24
CA SER I 82 -7.24 44.97 -25.91
C SER I 82 -5.86 44.33 -25.81
N GLY I 83 -5.44 43.67 -26.90
CA GLY I 83 -4.14 43.00 -26.97
C GLY I 83 -4.02 41.73 -26.15
N THR I 84 -5.15 41.11 -25.80
CA THR I 84 -5.13 39.86 -25.07
C THR I 84 -6.00 38.79 -25.71
N LYS I 85 -5.59 37.53 -25.51
CA LYS I 85 -6.37 36.38 -25.98
C LYS I 85 -7.69 36.32 -25.24
N VAL I 86 -7.66 36.61 -23.94
CA VAL I 86 -8.88 36.63 -23.15
C VAL I 86 -9.94 37.55 -23.75
N ALA I 87 -9.56 38.74 -24.21
CA ALA I 87 -10.54 39.63 -24.82
C ALA I 87 -11.13 39.05 -26.12
N VAL I 88 -10.29 38.38 -26.92
CA VAL I 88 -10.75 37.75 -28.14
C VAL I 88 -11.77 36.64 -27.83
N VAL I 89 -11.46 35.77 -26.88
CA VAL I 89 -12.36 34.70 -26.45
C VAL I 89 -13.68 35.25 -25.91
N LEU I 90 -13.61 36.30 -25.10
CA LEU I 90 -14.82 36.94 -24.57
C LEU I 90 -15.66 37.55 -25.68
N ALA I 91 -15.01 38.18 -26.66
CA ALA I 91 -15.74 38.74 -27.80
C ALA I 91 -16.46 37.64 -28.58
N LEU I 92 -15.76 36.53 -28.83
CA LEU I 92 -16.41 35.38 -29.48
C LEU I 92 -17.59 34.83 -28.68
N GLU I 93 -17.49 34.82 -27.35
CA GLU I 93 -18.64 34.37 -26.55
C GLU I 93 -19.80 35.35 -26.67
N VAL I 94 -19.52 36.65 -26.69
CA VAL I 94 -20.59 37.64 -26.96
C VAL I 94 -21.29 37.34 -28.29
N VAL I 95 -20.50 37.15 -29.34
CA VAL I 95 -21.05 36.85 -30.67
C VAL I 95 -21.93 35.58 -30.62
N ALA I 96 -21.47 34.54 -29.95
CA ALA I 96 -22.24 33.31 -29.81
C ALA I 96 -23.57 33.55 -29.11
N ARG I 97 -23.54 34.27 -27.97
CA ARG I 97 -24.77 34.51 -27.22
C ARG I 97 -25.78 35.30 -28.07
N VAL I 98 -25.28 36.30 -28.78
CA VAL I 98 -26.18 37.10 -29.62
C VAL I 98 -26.79 36.24 -30.77
N ALA I 99 -25.93 35.45 -31.43
CA ALA I 99 -26.38 34.63 -32.53
C ALA I 99 -27.37 33.58 -32.06
N ILE I 100 -27.15 33.02 -30.89
CA ILE I 100 -28.09 32.03 -30.35
C ILE I 100 -29.47 32.65 -30.06
N GLU I 101 -29.46 33.81 -29.40
CA GLU I 101 -30.72 34.53 -29.17
C GLU I 101 -31.42 34.86 -30.48
N ALA I 102 -30.66 35.33 -31.47
CA ALA I 102 -31.23 35.63 -32.78
C ALA I 102 -31.85 34.40 -33.44
N ALA I 103 -31.16 33.27 -33.34
CA ALA I 103 -31.70 32.04 -33.92
C ALA I 103 -33.00 31.65 -33.30
N ARG I 104 -33.11 31.83 -31.99
CA ARG I 104 -34.37 31.54 -31.28
C ARG I 104 -35.57 32.44 -31.67
N ARG I 105 -35.27 33.62 -32.16
CA ARG I 105 -36.27 34.68 -32.40
C ARG I 105 -36.65 34.83 -33.86
N GLY I 106 -36.00 34.08 -34.74
CA GLY I 106 -36.25 34.20 -36.17
C GLY I 106 -35.58 35.41 -36.76
N ASN I 107 -34.53 35.89 -36.09
CA ASN I 107 -33.84 37.10 -36.52
C ASN I 107 -32.67 36.70 -37.41
N VAL I 108 -32.98 36.51 -38.68
CA VAL I 108 -31.98 35.98 -39.62
C VAL I 108 -30.90 37.02 -39.89
N LEU I 109 -31.24 38.31 -39.92
CA LEU I 109 -30.21 39.32 -40.11
C LEU I 109 -29.16 39.26 -39.01
N ALA I 110 -29.62 39.10 -37.76
CA ALA I 110 -28.71 39.15 -36.62
C ALA I 110 -27.84 37.89 -36.60
N VAL I 111 -28.42 36.75 -37.01
CA VAL I 111 -27.58 35.55 -37.15
C VAL I 111 -26.48 35.80 -38.18
N ILE I 112 -26.85 36.33 -39.34
CA ILE I 112 -25.84 36.61 -40.36
C ILE I 112 -24.75 37.57 -39.87
N LEU I 113 -25.19 38.67 -39.25
CA LEU I 113 -24.24 39.67 -38.75
C LEU I 113 -23.28 39.05 -37.72
N ALA I 114 -23.86 38.30 -36.77
CA ALA I 114 -23.05 37.69 -35.71
C ALA I 114 -22.05 36.70 -36.29
N LEU I 115 -22.51 35.81 -37.17
CA LEU I 115 -21.57 34.85 -37.73
C LEU I 115 -20.49 35.49 -38.59
N GLU I 116 -20.83 36.58 -39.28
CA GLU I 116 -19.80 37.31 -40.02
C GLU I 116 -18.73 37.90 -39.08
N VAL I 117 -19.14 38.41 -37.93
CA VAL I 117 -18.15 38.87 -36.95
C VAL I 117 -17.33 37.73 -36.37
N ALA I 118 -17.94 36.57 -36.15
CA ALA I 118 -17.13 35.39 -35.76
C ALA I 118 -16.08 35.11 -36.83
N LEU I 119 -16.50 35.11 -38.09
CA LEU I 119 -15.56 34.88 -39.18
C LEU I 119 -14.45 35.94 -39.19
N GLU I 120 -14.81 37.21 -38.98
CA GLU I 120 -13.79 38.28 -38.99
C GLU I 120 -12.83 38.14 -37.81
N ILE I 121 -13.33 37.75 -36.64
CA ILE I 121 -12.43 37.52 -35.49
C ILE I 121 -11.45 36.39 -35.84
N ALA I 122 -11.96 35.30 -36.41
CA ALA I 122 -11.04 34.22 -36.81
C ALA I 122 -10.03 34.66 -37.89
N ARG I 123 -10.50 35.44 -38.87
CA ARG I 123 -9.62 35.92 -39.94
C ARG I 123 -8.53 36.86 -39.41
N GLU I 124 -8.89 37.76 -38.50
CA GLU I 124 -7.93 38.76 -38.00
C GLU I 124 -7.02 38.24 -36.91
N SER I 125 -7.49 37.27 -36.14
CA SER I 125 -6.70 36.77 -35.01
C SER I 125 -5.43 36.05 -35.43
N GLY I 126 -5.48 35.30 -36.53
CA GLY I 126 -4.32 34.57 -36.99
C GLY I 126 -3.83 33.52 -36.00
N THR I 127 -4.75 33.02 -35.17
CA THR I 127 -4.43 31.88 -34.32
C THR I 127 -5.31 30.70 -34.67
N GLU I 128 -4.74 29.51 -34.56
CA GLU I 128 -5.52 28.31 -34.74
C GLU I 128 -6.68 28.23 -33.76
N GLU I 129 -6.42 28.61 -32.52
CA GLU I 129 -7.44 28.52 -31.49
C GLU I 129 -8.65 29.39 -31.84
N ALA I 130 -8.43 30.60 -32.35
CA ALA I 130 -9.57 31.44 -32.72
C ALA I 130 -10.40 30.83 -33.84
N ALA I 131 -9.74 30.18 -34.80
CA ALA I 131 -10.47 29.47 -35.86
C ALA I 131 -11.29 28.35 -35.25
N LEU I 132 -10.69 27.55 -34.37
CA LEU I 132 -11.44 26.48 -33.70
C LEU I 132 -12.65 26.98 -32.90
N LEU I 133 -12.44 28.04 -32.15
CA LEU I 133 -13.53 28.61 -31.37
C LEU I 133 -14.61 29.19 -32.27
N ALA I 134 -14.22 29.83 -33.38
CA ALA I 134 -15.23 30.36 -34.28
C ALA I 134 -16.06 29.22 -34.89
N VAL I 135 -15.40 28.13 -35.25
CA VAL I 135 -16.15 26.98 -35.72
C VAL I 135 -17.12 26.43 -34.66
N GLU I 136 -16.67 26.42 -33.40
CA GLU I 136 -17.55 26.04 -32.29
C GLU I 136 -18.75 26.99 -32.11
N VAL I 137 -18.53 28.29 -32.29
CA VAL I 137 -19.64 29.23 -32.31
C VAL I 137 -20.63 28.85 -33.42
N VAL I 138 -20.11 28.64 -34.65
CA VAL I 138 -21.00 28.31 -35.77
C VAL I 138 -21.79 27.03 -35.45
N VAL I 139 -21.13 26.03 -34.88
CA VAL I 139 -21.83 24.79 -34.53
C VAL I 139 -22.94 25.03 -33.49
N ARG I 140 -22.66 25.82 -32.48
CA ARG I 140 -23.67 26.14 -31.45
C ARG I 140 -24.88 26.83 -32.08
N VAL I 141 -24.61 27.77 -32.99
CA VAL I 141 -25.71 28.47 -33.65
C VAL I 141 -26.49 27.52 -34.57
N SER I 142 -25.79 26.66 -35.32
CA SER I 142 -26.45 25.64 -36.12
C SER I 142 -27.35 24.73 -35.28
N ASP I 143 -26.83 24.24 -34.17
CA ASP I 143 -27.61 23.40 -33.26
C ASP I 143 -28.87 24.10 -32.81
N GLU I 144 -28.74 25.34 -32.37
CA GLU I 144 -29.94 26.07 -31.93
C GLU I 144 -30.96 26.28 -33.05
N ALA I 145 -30.46 26.66 -34.23
CA ALA I 145 -31.30 26.89 -35.37
C ALA I 145 -32.05 25.61 -35.78
N LYS I 146 -31.38 24.47 -35.76
CA LYS I 146 -32.06 23.20 -36.04
C LYS I 146 -33.15 22.96 -34.99
N LYS I 147 -32.82 23.19 -33.73
CA LYS I 147 -33.79 22.96 -32.65
C LYS I 147 -35.05 23.83 -32.80
N GLN I 148 -34.86 25.08 -33.22
CA GLN I 148 -35.97 26.04 -33.37
C GLN I 148 -36.69 25.99 -34.72
N GLY I 149 -36.16 25.23 -35.68
CA GLY I 149 -36.72 25.17 -37.02
C GLY I 149 -36.47 26.44 -37.81
N ASN I 150 -35.29 27.02 -37.62
CA ASN I 150 -34.92 28.26 -38.29
C ASN I 150 -34.02 27.88 -39.44
N ALA I 151 -34.64 27.54 -40.58
CA ALA I 151 -33.88 26.98 -41.71
C ALA I 151 -32.93 28.01 -42.29
N VAL I 152 -33.32 29.30 -42.31
CA VAL I 152 -32.40 30.34 -42.81
C VAL I 152 -31.08 30.34 -42.02
N ALA I 153 -31.20 30.25 -40.70
CA ALA I 153 -30.03 30.27 -39.83
C ALA I 153 -29.19 28.99 -39.95
N VAL I 154 -29.84 27.84 -40.17
CA VAL I 154 -29.08 26.64 -40.42
C VAL I 154 -28.25 26.83 -41.69
N ALA I 155 -28.88 27.36 -42.72
CA ALA I 155 -28.17 27.54 -43.98
C ALA I 155 -27.03 28.56 -43.85
N VAL I 156 -27.28 29.65 -43.16
CA VAL I 156 -26.24 30.65 -42.92
C VAL I 156 -25.06 30.08 -42.16
N ALA I 157 -25.35 29.31 -41.10
CA ALA I 157 -24.27 28.65 -40.36
C ALA I 157 -23.49 27.73 -41.28
N GLU I 158 -24.17 26.93 -42.10
CA GLU I 158 -23.43 26.05 -43.02
C GLU I 158 -22.53 26.88 -43.96
N GLN I 159 -23.06 27.99 -44.48
CA GLN I 159 -22.27 28.84 -45.37
C GLN I 159 -20.98 29.37 -44.70
N VAL I 160 -21.15 29.87 -43.50
CA VAL I 160 -20.00 30.41 -42.76
C VAL I 160 -19.00 29.31 -42.36
N ALA I 161 -19.50 28.14 -41.93
CA ALA I 161 -18.62 27.00 -41.69
C ALA I 161 -17.80 26.69 -42.94
N LYS I 162 -18.46 26.61 -44.08
CA LYS I 162 -17.76 26.31 -45.33
C LYS I 162 -16.69 27.35 -45.60
N LYS I 163 -17.04 28.62 -45.42
CA LYS I 163 -16.07 29.70 -45.66
C LYS I 163 -14.84 29.61 -44.76
N ILE I 164 -15.08 29.40 -43.46
CA ILE I 164 -13.97 29.25 -42.52
C ILE I 164 -13.14 28.03 -42.96
N LEU I 165 -13.80 26.93 -43.28
CA LEU I 165 -13.07 25.72 -43.65
C LEU I 165 -12.28 25.87 -44.96
N GLU I 166 -12.81 26.63 -45.92
CA GLU I 166 -12.05 26.87 -47.15
C GLU I 166 -10.92 27.87 -47.02
N GLU I 167 -11.17 28.95 -46.28
CA GLU I 167 -10.27 30.12 -46.26
C GLU I 167 -9.33 30.24 -45.05
N SER I 168 -9.63 29.54 -43.96
CA SER I 168 -8.83 29.69 -42.75
C SER I 168 -7.40 29.23 -42.94
N ASP J 1 9.83 18.74 -36.89
CA ASP J 1 8.99 19.32 -37.93
C ASP J 1 7.73 18.46 -38.03
N GLU J 2 7.91 17.14 -38.05
CA GLU J 2 6.78 16.20 -38.16
C GLU J 2 5.68 16.54 -37.17
N ARG J 3 6.06 16.83 -35.94
CA ARG J 3 5.10 17.21 -34.90
C ARG J 3 4.25 18.41 -35.33
N ARG J 4 4.90 19.39 -35.96
CA ARG J 4 4.24 20.61 -36.41
C ARG J 4 3.36 20.32 -37.65
N GLU J 5 3.87 19.40 -38.47
CA GLU J 5 3.17 18.95 -39.67
C GLU J 5 1.90 18.18 -39.25
N LEU J 6 2.08 17.33 -38.24
CA LEU J 6 1.00 16.51 -37.72
C LEU J 6 0.03 17.42 -36.99
N GLU J 7 0.57 18.51 -36.44
CA GLU J 7 -0.26 19.52 -35.82
C GLU J 7 -1.20 20.18 -36.84
N LYS J 8 -0.62 20.55 -37.99
CA LYS J 8 -1.44 21.12 -39.08
C LYS J 8 -2.53 20.14 -39.52
N VAL J 9 -2.09 18.90 -39.77
CA VAL J 9 -3.02 17.84 -40.17
C VAL J 9 -4.14 17.66 -39.15
N ALA J 10 -3.77 17.58 -37.87
CA ALA J 10 -4.77 17.42 -36.80
C ALA J 10 -5.81 18.53 -36.83
N VAL J 11 -5.32 19.78 -36.89
CA VAL J 11 -6.20 20.94 -36.90
C VAL J 11 -7.22 20.85 -38.04
N LYS J 12 -6.69 20.63 -39.25
CA LYS J 12 -7.57 20.55 -40.42
C LYS J 12 -8.54 19.37 -40.37
N ALA J 13 -8.05 18.21 -39.94
CA ALA J 13 -8.89 17.03 -39.88
C ALA J 13 -9.99 17.13 -38.81
N ILE J 14 -9.67 17.68 -37.65
CA ILE J 14 -10.65 17.85 -36.59
C ILE J 14 -11.74 18.81 -37.04
N MET J 15 -11.31 19.92 -37.62
CA MET J 15 -12.30 20.87 -38.10
C MET J 15 -13.18 20.22 -39.18
N ALA J 16 -12.58 19.44 -40.07
CA ALA J 16 -13.36 18.70 -41.08
C ALA J 16 -14.33 17.67 -40.46
N ALA J 17 -13.89 17.00 -39.41
CA ALA J 17 -14.79 16.06 -38.72
C ALA J 17 -15.96 16.78 -38.06
N MET J 18 -15.72 17.99 -37.54
CA MET J 18 -16.81 18.78 -36.95
C MET J 18 -17.87 19.22 -37.97
N LEU J 19 -17.45 19.42 -39.22
CA LEU J 19 -18.30 19.98 -40.30
C LEU J 19 -18.92 18.96 -41.28
N GLY J 20 -18.60 17.69 -41.15
CA GLY J 20 -19.12 16.70 -42.09
C GLY J 20 -18.41 16.72 -43.44
N ASN J 21 -17.14 17.13 -43.43
CA ASN J 21 -16.36 17.25 -44.66
C ASN J 21 -15.52 15.99 -44.81
N THR J 22 -16.19 14.97 -45.34
CA THR J 22 -15.59 13.64 -45.45
C THR J 22 -14.35 13.67 -46.36
N ASP J 23 -14.45 14.42 -47.45
CA ASP J 23 -13.34 14.47 -48.40
C ASP J 23 -12.05 15.00 -47.74
N GLU J 24 -12.19 16.08 -46.97
CA GLU J 24 -11.04 16.67 -46.29
C GLU J 24 -10.52 15.78 -45.16
N VAL J 25 -11.42 15.17 -44.39
CA VAL J 25 -10.97 14.22 -43.35
C VAL J 25 -10.15 13.10 -43.96
N ARG J 26 -10.65 12.54 -45.07
CA ARG J 26 -9.94 11.48 -45.78
C ARG J 26 -8.54 11.92 -46.23
N GLU J 27 -8.49 13.08 -46.90
CA GLU J 27 -7.19 13.57 -47.37
C GLU J 27 -6.18 13.82 -46.22
N GLN J 28 -6.64 14.47 -45.14
CA GLN J 28 -5.75 14.78 -44.01
C GLN J 28 -5.28 13.50 -43.29
N LEU J 29 -6.17 12.54 -43.11
CA LEU J 29 -5.73 11.29 -42.46
C LEU J 29 -4.72 10.53 -43.34
N GLN J 30 -4.89 10.60 -44.66
CA GLN J 30 -3.90 9.99 -45.56
C GLN J 30 -2.56 10.67 -45.36
N ARG J 31 -2.57 11.98 -45.15
CA ARG J 31 -1.29 12.65 -44.89
C ARG J 31 -0.68 12.28 -43.55
N ALA J 32 -1.49 12.08 -42.52
CA ALA J 32 -0.93 11.58 -41.25
C ALA J 32 -0.25 10.23 -41.46
N LEU J 33 -0.91 9.37 -42.23
CA LEU J 33 -0.31 8.06 -42.53
C LEU J 33 1.01 8.22 -43.24
N GLU J 34 1.03 9.10 -44.24
CA GLU J 34 2.26 9.30 -44.99
C GLU J 34 3.39 9.89 -44.15
N ILE J 35 3.07 10.80 -43.23
CA ILE J 35 4.08 11.32 -42.33
C ILE J 35 4.67 10.20 -41.47
N ALA J 36 3.80 9.34 -40.92
CA ALA J 36 4.32 8.22 -40.13
C ALA J 36 5.22 7.35 -41.02
N ARG J 37 4.78 7.11 -42.25
CA ARG J 37 5.57 6.34 -43.21
C ARG J 37 6.94 6.96 -43.48
N GLU J 38 6.95 8.27 -43.74
CA GLU J 38 8.18 8.93 -44.11
C GLU J 38 9.18 9.05 -42.96
N SER J 39 8.65 9.21 -41.75
CA SER J 39 9.49 9.42 -40.56
C SER J 39 10.26 8.19 -40.10
N GLY J 40 9.65 7.01 -40.19
CA GLY J 40 10.33 5.79 -39.84
C GLY J 40 10.71 5.65 -38.38
N THR J 41 9.95 6.28 -37.49
CA THR J 41 10.17 6.14 -36.05
C THR J 41 8.87 5.77 -35.30
N LEU J 42 9.01 5.15 -34.13
CA LEU J 42 7.86 4.81 -33.33
C LEU J 42 7.27 6.10 -32.79
N LEU J 43 8.11 7.11 -32.54
CA LEU J 43 7.56 8.34 -31.99
C LEU J 43 6.59 8.99 -33.01
N ALA J 44 6.94 8.91 -34.29
CA ALA J 44 6.07 9.45 -35.34
C ALA J 44 4.77 8.63 -35.44
N VAL J 45 4.89 7.31 -35.33
CA VAL J 45 3.71 6.43 -35.29
C VAL J 45 2.80 6.80 -34.14
N VAL J 46 3.39 7.00 -32.96
CA VAL J 46 2.60 7.37 -31.79
C VAL J 46 1.86 8.69 -32.01
N LEU J 47 2.59 9.67 -32.52
CA LEU J 47 1.97 10.97 -32.79
C LEU J 47 0.86 10.89 -33.82
N ALA J 48 1.11 10.16 -34.90
CA ALA J 48 0.08 9.99 -35.94
C ALA J 48 -1.15 9.29 -35.38
N LEU J 49 -0.96 8.24 -34.58
CA LEU J 49 -2.10 7.56 -33.98
C LEU J 49 -2.83 8.47 -33.00
N GLU J 50 -2.10 9.33 -32.29
CA GLU J 50 -2.80 10.29 -31.43
C GLU J 50 -3.67 11.26 -32.28
N VAL J 51 -3.13 11.73 -33.41
CA VAL J 51 -3.95 12.56 -34.30
C VAL J 51 -5.20 11.83 -34.78
N VAL J 52 -5.02 10.60 -35.24
CA VAL J 52 -6.13 9.79 -35.67
C VAL J 52 -7.17 9.63 -34.55
N ALA J 53 -6.69 9.38 -33.33
CA ALA J 53 -7.60 9.24 -32.21
C ALA J 53 -8.42 10.50 -31.96
N ARG J 54 -7.73 11.65 -31.93
CA ARG J 54 -8.43 12.91 -31.69
C ARG J 54 -9.49 13.19 -32.77
N VAL J 55 -9.14 12.94 -34.02
CA VAL J 55 -10.10 13.12 -35.11
C VAL J 55 -11.32 12.20 -34.97
N ALA J 56 -11.06 10.94 -34.68
CA ALA J 56 -12.15 9.96 -34.53
C ALA J 56 -13.01 10.26 -33.31
N ILE J 57 -12.40 10.75 -32.24
CA ILE J 57 -13.21 11.08 -31.04
C ILE J 57 -14.13 12.27 -31.34
N GLU J 58 -13.57 13.28 -31.99
CA GLU J 58 -14.40 14.41 -32.37
C GLU J 58 -15.53 13.97 -33.29
N ALA J 59 -15.21 13.12 -34.28
CA ALA J 59 -16.23 12.59 -35.18
C ALA J 59 -17.27 11.80 -34.42
N ALA J 60 -16.87 10.98 -33.45
CA ALA J 60 -17.81 10.18 -32.69
C ALA J 60 -18.75 11.08 -31.90
N ARG J 61 -18.25 12.21 -31.41
CA ARG J 61 -19.12 13.15 -30.68
C ARG J 61 -20.18 13.83 -31.55
N LYS J 62 -19.86 13.98 -32.82
CA LYS J 62 -20.67 14.70 -33.80
C LYS J 62 -21.63 13.86 -34.65
N GLY J 63 -21.57 12.53 -34.54
CA GLY J 63 -22.36 11.65 -35.37
C GLY J 63 -21.75 11.53 -36.78
N ASN J 64 -20.45 11.76 -36.90
CA ASN J 64 -19.81 11.76 -38.22
C ASN J 64 -19.26 10.38 -38.47
N THR J 65 -20.14 9.52 -38.98
CA THR J 65 -19.82 8.10 -39.14
C THR J 65 -18.72 7.87 -40.16
N ASP J 66 -18.75 8.66 -41.21
CA ASP J 66 -17.72 8.54 -42.27
C ASP J 66 -16.34 8.81 -41.71
N ALA J 67 -16.23 9.88 -40.92
CA ALA J 67 -14.91 10.25 -40.39
C ALA J 67 -14.42 9.24 -39.36
N VAL J 68 -15.31 8.67 -38.54
CA VAL J 68 -14.88 7.62 -37.64
C VAL J 68 -14.35 6.44 -38.44
N ARG J 69 -15.07 6.03 -39.48
CA ARG J 69 -14.64 4.92 -40.32
C ARG J 69 -13.27 5.18 -40.97
N GLU J 70 -13.13 6.37 -41.58
CA GLU J 70 -11.87 6.75 -42.25
C GLU J 70 -10.71 6.74 -41.26
N ALA J 71 -10.97 7.33 -40.11
CA ALA J 71 -9.90 7.41 -39.12
C ALA J 71 -9.47 6.02 -38.61
N LEU J 72 -10.43 5.18 -38.30
CA LEU J 72 -10.06 3.87 -37.81
C LEU J 72 -9.41 2.98 -38.87
N GLU J 73 -9.79 3.14 -40.13
CA GLU J 73 -9.08 2.45 -41.23
C GLU J 73 -7.61 2.90 -41.26
N VAL J 74 -7.38 4.19 -41.04
CA VAL J 74 -5.97 4.64 -41.03
C VAL J 74 -5.22 4.11 -39.80
N ALA J 75 -5.87 4.03 -38.63
CA ALA J 75 -5.24 3.36 -37.49
C ALA J 75 -4.86 1.91 -37.84
N LEU J 76 -5.80 1.19 -38.48
CA LEU J 76 -5.56 -0.19 -38.91
C LEU J 76 -4.35 -0.25 -39.86
N GLU J 77 -4.27 0.69 -40.80
CA GLU J 77 -3.16 0.66 -41.74
C GLU J 77 -1.82 0.98 -41.08
N ILE J 78 -1.82 1.95 -40.15
CA ILE J 78 -0.62 2.26 -39.38
C ILE J 78 -0.24 0.98 -38.64
N ALA J 79 -1.19 0.26 -38.03
CA ALA J 79 -0.86 -1.01 -37.35
C ALA J 79 -0.30 -2.05 -38.33
N ARG J 80 -0.83 -2.08 -39.55
CA ARG J 80 -0.30 -3.01 -40.56
C ARG J 80 1.12 -2.65 -41.01
N GLU J 81 1.38 -1.37 -41.24
CA GLU J 81 2.65 -0.94 -41.86
C GLU J 81 3.85 -0.74 -40.93
N SER J 82 3.59 -0.52 -39.65
CA SER J 82 4.65 -0.18 -38.71
C SER J 82 5.60 -1.33 -38.39
N GLY J 83 5.10 -2.56 -38.43
CA GLY J 83 5.89 -3.75 -38.15
C GLY J 83 6.28 -3.95 -36.71
N THR J 84 5.56 -3.31 -35.77
CA THR J 84 5.82 -3.49 -34.35
C THR J 84 4.57 -3.83 -33.56
N LYS J 85 4.78 -4.57 -32.47
CA LYS J 85 3.69 -4.90 -31.55
C LYS J 85 3.17 -3.66 -30.87
N VAL J 86 4.09 -2.75 -30.53
CA VAL J 86 3.72 -1.49 -29.91
C VAL J 86 2.70 -0.72 -30.78
N ALA J 87 2.91 -0.67 -32.09
CA ALA J 87 1.94 0.02 -32.95
C ALA J 87 0.55 -0.65 -32.93
N VAL J 88 0.53 -1.99 -32.91
CA VAL J 88 -0.71 -2.72 -32.84
C VAL J 88 -1.47 -2.43 -31.54
N VAL J 89 -0.76 -2.47 -30.42
CA VAL J 89 -1.34 -2.15 -29.10
C VAL J 89 -1.89 -0.71 -29.05
N LEU J 90 -1.11 0.23 -29.59
CA LEU J 90 -1.54 1.62 -29.63
C LEU J 90 -2.78 1.80 -30.52
N ALA J 91 -2.82 1.10 -31.64
CA ALA J 91 -4.00 1.16 -32.52
C ALA J 91 -5.23 0.62 -31.79
N LEU J 92 -5.08 -0.51 -31.09
CA LEU J 92 -6.19 -1.04 -30.29
C LEU J 92 -6.64 -0.06 -29.19
N GLU J 93 -5.71 0.67 -28.58
CA GLU J 93 -6.12 1.66 -27.59
C GLU J 93 -6.88 2.81 -28.25
N VAL J 94 -6.45 3.24 -29.43
CA VAL J 94 -7.23 4.24 -30.18
C VAL J 94 -8.67 3.75 -30.41
N VAL J 95 -8.79 2.53 -30.91
CA VAL J 95 -10.11 1.95 -31.16
C VAL J 95 -10.97 1.93 -29.88
N ALA J 96 -10.38 1.52 -28.75
CA ALA J 96 -11.09 1.52 -27.48
C ALA J 96 -11.56 2.91 -27.08
N ARG J 97 -10.68 3.91 -27.18
CA ARG J 97 -11.06 5.28 -26.78
C ARG J 97 -12.21 5.78 -27.64
N VAL J 98 -12.12 5.53 -28.94
CA VAL J 98 -13.19 5.99 -29.84
C VAL J 98 -14.54 5.28 -29.52
N ALA J 99 -14.47 3.95 -29.33
CA ALA J 99 -15.67 3.19 -29.05
C ALA J 99 -16.29 3.60 -27.73
N ILE J 100 -15.46 3.88 -26.74
CA ILE J 100 -16.00 4.34 -25.44
C ILE J 100 -16.71 5.71 -25.57
N GLU J 101 -16.06 6.64 -26.25
CA GLU J 101 -16.72 7.94 -26.49
C GLU J 101 -18.03 7.76 -27.26
N ALA J 102 -18.02 6.90 -28.28
CA ALA J 102 -19.23 6.63 -29.03
C ALA J 102 -20.34 6.05 -28.16
N ALA J 103 -19.98 5.12 -27.28
CA ALA J 103 -20.97 4.52 -26.38
C ALA J 103 -21.60 5.55 -25.49
N ARG J 104 -20.80 6.49 -25.02
CA ARG J 104 -21.32 7.59 -24.18
C ARG J 104 -22.29 8.55 -24.89
N ARG J 105 -22.18 8.63 -26.20
CA ARG J 105 -22.89 9.64 -27.01
C ARG J 105 -24.08 9.09 -27.75
N GLY J 106 -24.32 7.77 -27.66
CA GLY J 106 -25.41 7.14 -28.37
C GLY J 106 -25.07 6.94 -29.83
N ASN J 107 -23.77 6.90 -30.14
CA ASN J 107 -23.34 6.78 -31.53
C ASN J 107 -23.11 5.31 -31.84
N VAL J 108 -24.20 4.65 -32.21
CA VAL J 108 -24.16 3.21 -32.41
C VAL J 108 -23.36 2.84 -33.64
N LEU J 109 -23.40 3.66 -34.70
CA LEU J 109 -22.58 3.36 -35.86
C LEU J 109 -21.10 3.32 -35.50
N ALA J 110 -20.65 4.28 -34.68
CA ALA J 110 -19.23 4.41 -34.37
C ALA J 110 -18.81 3.26 -33.46
N VAL J 111 -19.70 2.83 -32.56
CA VAL J 111 -19.39 1.64 -31.77
C VAL J 111 -19.20 0.44 -32.68
N ILE J 112 -20.12 0.23 -33.62
CA ILE J 112 -20.01 -0.88 -34.54
C ILE J 112 -18.71 -0.83 -35.35
N LEU J 113 -18.43 0.34 -35.93
CA LEU J 113 -17.21 0.51 -36.74
C LEU J 113 -15.95 0.22 -35.91
N ALA J 114 -15.89 0.80 -34.71
CA ALA J 114 -14.72 0.62 -33.84
C ALA J 114 -14.54 -0.85 -33.48
N LEU J 115 -15.60 -1.50 -33.04
CA LEU J 115 -15.45 -2.90 -32.66
C LEU J 115 -15.09 -3.80 -33.83
N GLU J 116 -15.60 -3.48 -35.03
CA GLU J 116 -15.18 -4.23 -36.23
C GLU J 116 -13.68 -4.08 -36.49
N VAL J 117 -13.15 -2.87 -36.30
CA VAL J 117 -11.70 -2.71 -36.45
C VAL J 117 -10.92 -3.43 -35.36
N ALA J 118 -11.43 -3.46 -34.13
CA ALA J 118 -10.79 -4.31 -33.11
C ALA J 118 -10.76 -5.76 -33.57
N LEU J 119 -11.89 -6.25 -34.08
CA LEU J 119 -11.94 -7.62 -34.59
C LEU J 119 -10.94 -7.83 -35.74
N GLU J 120 -10.84 -6.86 -36.66
CA GLU J 120 -9.90 -7.00 -37.78
C GLU J 120 -8.45 -6.98 -37.31
N ILE J 121 -8.13 -6.15 -36.31
CA ILE J 121 -6.76 -6.16 -35.76
C ILE J 121 -6.47 -7.53 -35.16
N ALA J 122 -7.41 -8.07 -34.38
CA ALA J 122 -7.19 -9.43 -33.83
C ALA J 122 -7.07 -10.49 -34.93
N ARG J 123 -7.90 -10.41 -35.96
CA ARG J 123 -7.87 -11.39 -37.06
C ARG J 123 -6.55 -11.32 -37.83
N GLU J 124 -6.06 -10.11 -38.11
CA GLU J 124 -4.85 -9.95 -38.93
C GLU J 124 -3.55 -10.13 -38.15
N SER J 125 -3.57 -9.84 -36.86
CA SER J 125 -2.35 -9.90 -36.06
C SER J 125 -1.81 -11.32 -35.89
N GLY J 126 -2.70 -12.30 -35.76
CA GLY J 126 -2.28 -13.68 -35.59
C GLY J 126 -1.46 -13.90 -34.32
N THR J 127 -1.69 -13.06 -33.32
CA THR J 127 -1.10 -13.30 -32.00
C THR J 127 -2.20 -13.52 -30.98
N GLU J 128 -1.92 -14.39 -30.02
CA GLU J 128 -2.84 -14.57 -28.91
C GLU J 128 -3.07 -13.28 -28.14
N GLU J 129 -2.00 -12.52 -27.95
CA GLU J 129 -2.11 -11.29 -27.19
C GLU J 129 -3.06 -10.30 -27.84
N ALA J 130 -3.02 -10.17 -29.16
CA ALA J 130 -3.95 -9.25 -29.82
C ALA J 130 -5.41 -9.68 -29.66
N ALA J 131 -5.65 -11.00 -29.68
CA ALA J 131 -7.01 -11.50 -29.42
C ALA J 131 -7.42 -11.14 -28.01
N LEU J 132 -6.54 -11.38 -27.03
CA LEU J 132 -6.86 -11.02 -25.64
C LEU J 132 -7.15 -9.53 -25.46
N LEU J 133 -6.32 -8.70 -26.05
CA LEU J 133 -6.51 -7.26 -25.95
C LEU J 133 -7.78 -6.83 -26.65
N ALA J 134 -8.11 -7.43 -27.80
CA ALA J 134 -9.34 -7.08 -28.48
C ALA J 134 -10.55 -7.44 -27.62
N VAL J 135 -10.49 -8.61 -26.98
CA VAL J 135 -11.57 -8.95 -26.07
C VAL J 135 -11.69 -7.97 -24.89
N GLU J 136 -10.55 -7.50 -24.39
CA GLU J 136 -10.54 -6.46 -23.36
C GLU J 136 -11.14 -5.13 -23.84
N VAL J 137 -10.86 -4.75 -25.09
CA VAL J 137 -11.52 -3.60 -25.68
C VAL J 137 -13.05 -3.82 -25.68
N VAL J 138 -13.50 -4.98 -26.17
CA VAL J 138 -14.94 -5.23 -26.24
C VAL J 138 -15.55 -5.15 -24.84
N VAL J 139 -14.87 -5.72 -23.84
CA VAL J 139 -15.38 -5.65 -22.46
C VAL J 139 -15.49 -4.21 -21.96
N ARG J 140 -14.47 -3.40 -22.23
CA ARG J 140 -14.50 -1.99 -21.79
C ARG J 140 -15.68 -1.25 -22.44
N VAL J 141 -15.90 -1.52 -23.73
CA VAL J 141 -17.01 -0.87 -24.42
C VAL J 141 -18.36 -1.37 -23.88
N SER J 142 -18.49 -2.68 -23.64
CA SER J 142 -19.67 -3.23 -23.01
C SER J 142 -19.96 -2.58 -21.65
N ASP J 143 -18.94 -2.49 -20.81
CA ASP J 143 -19.08 -1.85 -19.50
C ASP J 143 -19.60 -0.42 -19.62
N GLU J 144 -18.98 0.33 -20.52
CA GLU J 144 -19.45 1.72 -20.69
C GLU J 144 -20.89 1.81 -21.20
N ALA J 145 -21.23 0.97 -22.17
CA ALA J 145 -22.55 0.93 -22.73
C ALA J 145 -23.60 0.56 -21.68
N LYS J 146 -23.30 -0.41 -20.82
CA LYS J 146 -24.20 -0.75 -19.72
C LYS J 146 -24.38 0.46 -18.81
N LYS J 147 -23.27 1.12 -18.47
CA LYS J 147 -23.32 2.28 -17.57
C LYS J 147 -24.20 3.40 -18.13
N GLN J 148 -24.11 3.64 -19.44
CA GLN J 148 -24.85 4.71 -20.11
C GLN J 148 -26.27 4.35 -20.56
N GLY J 149 -26.63 3.07 -20.47
CA GLY J 149 -27.94 2.60 -20.93
C GLY J 149 -28.03 2.59 -22.45
N ASN J 150 -26.93 2.22 -23.09
CA ASN J 150 -26.88 2.17 -24.55
C ASN J 150 -27.02 0.72 -24.95
N ALA J 151 -28.27 0.28 -25.07
CA ALA J 151 -28.56 -1.14 -25.27
C ALA J 151 -28.05 -1.62 -26.63
N VAL J 152 -28.11 -0.76 -27.66
CA VAL J 152 -27.57 -1.15 -28.97
C VAL J 152 -26.08 -1.51 -28.87
N ALA J 153 -25.32 -0.70 -28.15
CA ALA J 153 -23.89 -0.92 -28.00
C ALA J 153 -23.58 -2.15 -27.13
N VAL J 154 -24.41 -2.41 -26.11
CA VAL J 154 -24.23 -3.63 -25.34
C VAL J 154 -24.40 -4.83 -26.28
N ALA J 155 -25.45 -4.77 -27.09
CA ALA J 155 -25.71 -5.91 -27.99
C ALA J 155 -24.60 -6.08 -29.04
N VAL J 156 -24.13 -4.97 -29.59
CA VAL J 156 -23.04 -5.02 -30.55
C VAL J 156 -21.78 -5.60 -29.93
N ALA J 157 -21.44 -5.16 -28.72
CA ALA J 157 -20.28 -5.72 -28.04
C ALA J 157 -20.46 -7.21 -27.83
N GLU J 158 -21.64 -7.64 -27.39
CA GLU J 158 -21.84 -9.09 -27.22
C GLU J 158 -21.65 -9.83 -28.56
N GLN J 159 -22.17 -9.26 -29.64
CA GLN J 159 -22.01 -9.90 -30.95
C GLN J 159 -20.53 -10.08 -31.35
N VAL J 160 -19.78 -9.00 -31.19
CA VAL J 160 -18.36 -9.05 -31.53
C VAL J 160 -17.56 -9.98 -30.61
N ALA J 161 -17.87 -9.96 -29.30
CA ALA J 161 -17.26 -10.93 -28.38
C ALA J 161 -17.52 -12.36 -28.88
N LYS J 162 -18.77 -12.65 -29.20
CA LYS J 162 -19.11 -13.99 -29.68
C LYS J 162 -18.31 -14.34 -30.92
N LYS J 163 -18.22 -13.40 -31.86
CA LYS J 163 -17.47 -13.65 -33.09
C LYS J 163 -15.99 -13.94 -32.84
N ILE J 164 -15.36 -13.11 -32.01
CA ILE J 164 -13.96 -13.34 -31.66
C ILE J 164 -13.84 -14.72 -30.99
N LEU J 165 -14.75 -15.01 -30.06
CA LEU J 165 -14.67 -16.29 -29.34
C LEU J 165 -14.90 -17.49 -30.25
N GLU J 166 -15.78 -17.38 -31.24
CA GLU J 166 -15.98 -18.48 -32.19
C GLU J 166 -14.87 -18.65 -33.21
N GLU J 167 -14.38 -17.53 -33.75
CA GLU J 167 -13.51 -17.53 -34.91
C GLU J 167 -12.00 -17.35 -34.65
N SER J 168 -11.64 -16.84 -33.46
CA SER J 168 -10.23 -16.56 -33.19
C SER J 168 -9.38 -17.82 -33.18
N ASP K 1 -32.19 -26.20 -9.26
CA ASP K 1 -33.55 -25.93 -9.70
C ASP K 1 -34.02 -24.67 -8.99
N GLU K 2 -33.78 -24.59 -7.68
CA GLU K 2 -34.18 -23.44 -6.89
C GLU K 2 -33.78 -22.12 -7.55
N ARG K 3 -32.55 -22.07 -8.04
CA ARG K 3 -32.06 -20.88 -8.75
C ARG K 3 -32.97 -20.49 -9.93
N ARG K 4 -33.41 -21.50 -10.67
CA ARG K 4 -34.27 -21.30 -11.83
C ARG K 4 -35.70 -20.92 -11.39
N GLU K 5 -36.10 -21.50 -10.27
CA GLU K 5 -37.40 -21.24 -9.66
C GLU K 5 -37.41 -19.77 -9.14
N LEU K 6 -36.29 -19.40 -8.52
CA LEU K 6 -36.15 -18.07 -7.95
C LEU K 6 -36.00 -17.09 -9.10
N GLU K 7 -35.46 -17.58 -10.21
CA GLU K 7 -35.38 -16.78 -11.43
C GLU K 7 -36.78 -16.44 -11.96
N LYS K 8 -37.64 -17.46 -12.02
CA LYS K 8 -39.03 -17.24 -12.43
C LYS K 8 -39.71 -16.23 -11.52
N VAL K 9 -39.59 -16.47 -10.21
CA VAL K 9 -40.18 -15.58 -9.19
C VAL K 9 -39.67 -14.14 -9.36
N ALA K 10 -38.36 -13.99 -9.52
CA ALA K 10 -37.76 -12.66 -9.70
C ALA K 10 -38.37 -11.93 -10.90
N VAL K 11 -38.40 -12.64 -12.03
CA VAL K 11 -38.95 -12.07 -13.26
C VAL K 11 -40.38 -11.55 -13.06
N LYS K 12 -41.22 -12.43 -12.53
CA LYS K 12 -42.62 -12.06 -12.30
C LYS K 12 -42.79 -10.93 -11.28
N ALA K 13 -42.04 -11.00 -10.20
CA ALA K 13 -42.13 -9.98 -9.15
C ALA K 13 -41.62 -8.60 -9.60
N ILE K 14 -40.53 -8.58 -10.35
CA ILE K 14 -39.99 -7.32 -10.84
C ILE K 14 -40.97 -6.67 -11.81
N MET K 15 -41.49 -7.50 -12.73
CA MET K 15 -42.47 -6.96 -13.66
C MET K 15 -43.69 -6.43 -12.90
N ALA K 16 -44.15 -7.16 -11.89
CA ALA K 16 -45.26 -6.69 -11.05
C ALA K 16 -44.93 -5.39 -10.29
N ALA K 17 -43.71 -5.26 -9.82
CA ALA K 17 -43.31 -4.02 -9.15
C ALA K 17 -43.29 -2.83 -10.12
N MET K 18 -42.91 -3.09 -11.38
CA MET K 18 -42.92 -2.03 -12.39
C MET K 18 -44.34 -1.53 -12.74
N LEU K 19 -45.33 -2.42 -12.62
CA LEU K 19 -46.72 -2.14 -13.03
C LEU K 19 -47.71 -1.76 -11.91
N GLY K 20 -47.28 -1.76 -10.66
CA GLY K 20 -48.19 -1.45 -9.56
C GLY K 20 -49.12 -2.59 -9.22
N ASN K 21 -48.67 -3.81 -9.47
CA ASN K 21 -49.49 -5.02 -9.23
C ASN K 21 -49.11 -5.60 -7.89
N THR K 22 -49.70 -4.99 -6.85
CA THR K 22 -49.37 -5.32 -5.48
C THR K 22 -49.69 -6.78 -5.17
N ASP K 23 -50.83 -7.25 -5.68
CA ASP K 23 -51.26 -8.63 -5.40
C ASP K 23 -50.21 -9.65 -5.90
N GLU K 24 -49.73 -9.44 -7.13
CA GLU K 24 -48.74 -10.35 -7.71
C GLU K 24 -47.38 -10.22 -7.02
N VAL K 25 -46.95 -9.00 -6.70
CA VAL K 25 -45.69 -8.85 -5.95
C VAL K 25 -45.75 -9.62 -4.63
N ARG K 26 -46.87 -9.46 -3.91
CA ARG K 26 -47.08 -10.18 -2.65
C ARG K 26 -46.99 -11.69 -2.83
N GLU K 27 -47.74 -12.20 -3.80
CA GLU K 27 -47.72 -13.66 -4.03
C GLU K 27 -46.31 -14.20 -4.38
N GLN K 28 -45.61 -13.50 -5.31
CA GLN K 28 -44.28 -13.95 -5.74
C GLN K 28 -43.26 -13.87 -4.59
N LEU K 29 -43.31 -12.80 -3.79
CA LEU K 29 -42.36 -12.71 -2.67
C LEU K 29 -42.63 -13.83 -1.64
N GLN K 30 -43.91 -14.17 -1.44
CA GLN K 30 -44.23 -15.29 -0.55
C GLN K 30 -43.62 -16.57 -1.09
N ARG K 31 -43.62 -16.73 -2.41
CA ARG K 31 -42.98 -17.92 -2.97
C ARG K 31 -41.46 -17.92 -2.82
N ALA K 32 -40.82 -16.75 -2.93
CA ALA K 32 -39.38 -16.69 -2.65
C ALA K 32 -39.10 -17.13 -1.21
N LEU K 33 -39.94 -16.66 -0.29
CA LEU K 33 -39.77 -17.05 1.11
C LEU K 33 -39.90 -18.56 1.26
N GLU K 34 -40.93 -19.11 0.62
CA GLU K 34 -41.14 -20.55 0.72
C GLU K 34 -40.02 -21.38 0.11
N ILE K 35 -39.46 -20.91 -1.01
CA ILE K 35 -38.32 -21.60 -1.58
C ILE K 35 -37.13 -21.60 -0.61
N ALA K 36 -36.86 -20.44 0.00
CA ALA K 36 -35.77 -20.40 0.99
C ALA K 36 -36.07 -21.39 2.12
N ARG K 37 -37.33 -21.41 2.56
CA ARG K 37 -37.77 -22.33 3.60
C ARG K 37 -37.56 -23.79 3.22
N GLU K 38 -37.97 -24.14 2.01
CA GLU K 38 -37.92 -25.53 1.59
C GLU K 38 -36.51 -26.02 1.35
N SER K 39 -35.64 -25.13 0.87
CA SER K 39 -34.27 -25.50 0.51
C SER K 39 -33.35 -25.79 1.70
N GLY K 40 -33.51 -25.04 2.79
CA GLY K 40 -32.74 -25.31 3.99
C GLY K 40 -31.24 -25.07 3.86
N THR K 41 -30.83 -24.17 2.97
CA THR K 41 -29.42 -23.80 2.83
C THR K 41 -29.22 -22.28 2.88
N LEU K 42 -28.01 -21.85 3.25
CA LEU K 42 -27.69 -20.45 3.28
C LEU K 42 -27.64 -19.95 1.85
N LEU K 43 -27.22 -20.81 0.91
CA LEU K 43 -27.13 -20.35 -0.46
C LEU K 43 -28.52 -19.97 -0.98
N ALA K 44 -29.54 -20.75 -0.60
CA ALA K 44 -30.92 -20.46 -1.01
C ALA K 44 -31.41 -19.16 -0.35
N VAL K 45 -31.06 -18.96 0.92
CA VAL K 45 -31.36 -17.72 1.63
C VAL K 45 -30.75 -16.53 0.93
N VAL K 46 -29.48 -16.66 0.55
CA VAL K 46 -28.78 -15.59 -0.15
C VAL K 46 -29.48 -15.24 -1.46
N LEU K 47 -29.79 -16.27 -2.22
CA LEU K 47 -30.48 -16.06 -3.51
C LEU K 47 -31.85 -15.43 -3.34
N ALA K 48 -32.61 -15.91 -2.36
CA ALA K 48 -33.94 -15.32 -2.12
C ALA K 48 -33.82 -13.87 -1.69
N LEU K 49 -32.87 -13.56 -0.81
CA LEU K 49 -32.67 -12.16 -0.42
C LEU K 49 -32.23 -11.30 -1.59
N GLU K 50 -31.42 -11.87 -2.49
CA GLU K 50 -31.06 -11.09 -3.69
C GLU K 50 -32.31 -10.81 -4.55
N VAL K 51 -33.19 -11.80 -4.70
CA VAL K 51 -34.45 -11.55 -5.42
C VAL K 51 -35.28 -10.46 -4.76
N VAL K 52 -35.44 -10.56 -3.44
CA VAL K 52 -36.14 -9.55 -2.70
C VAL K 52 -35.52 -8.16 -2.90
N ALA K 53 -34.20 -8.09 -2.86
CA ALA K 53 -33.53 -6.82 -3.07
C ALA K 53 -33.81 -6.22 -4.43
N ARG K 54 -33.69 -7.06 -5.47
CA ARG K 54 -33.94 -6.58 -6.83
C ARG K 54 -35.39 -6.06 -7.00
N VAL K 55 -36.34 -6.80 -6.45
CA VAL K 55 -37.75 -6.37 -6.51
C VAL K 55 -37.96 -5.03 -5.79
N ALA K 56 -37.41 -4.92 -4.59
CA ALA K 56 -37.56 -3.69 -3.81
C ALA K 56 -36.85 -2.51 -4.45
N ILE K 57 -35.71 -2.76 -5.09
CA ILE K 57 -35.00 -1.65 -5.75
C ILE K 57 -35.81 -1.15 -6.94
N GLU K 58 -36.33 -2.08 -7.74
CA GLU K 58 -37.17 -1.69 -8.84
C GLU K 58 -38.40 -0.93 -8.35
N ALA K 59 -39.03 -1.42 -7.29
CA ALA K 59 -40.18 -0.73 -6.69
C ALA K 59 -39.80 0.66 -6.22
N ALA K 60 -38.63 0.80 -5.58
CA ALA K 60 -38.21 2.10 -5.07
C ALA K 60 -38.00 3.07 -6.22
N ARG K 61 -37.52 2.58 -7.36
CA ARG K 61 -37.34 3.47 -8.52
C ARG K 61 -38.66 3.97 -9.12
N LYS K 62 -39.70 3.19 -8.97
CA LYS K 62 -41.02 3.42 -9.56
C LYS K 62 -42.04 4.14 -8.67
N GLY K 63 -41.72 4.38 -7.40
CA GLY K 63 -42.67 4.96 -6.46
C GLY K 63 -43.67 3.90 -5.98
N ASN K 64 -43.29 2.63 -6.02
CA ASN K 64 -44.23 1.56 -5.67
C ASN K 64 -44.03 1.23 -4.21
N THR K 65 -44.72 2.00 -3.36
CA THR K 65 -44.52 1.92 -1.92
C THR K 65 -44.97 0.58 -1.36
N ASP K 66 -46.06 0.07 -1.90
CA ASP K 66 -46.59 -1.23 -1.45
C ASP K 66 -45.56 -2.33 -1.67
N ALA K 67 -44.97 -2.35 -2.86
CA ALA K 67 -44.01 -3.41 -3.18
C ALA K 67 -42.74 -3.29 -2.35
N VAL K 68 -42.27 -2.07 -2.07
CA VAL K 68 -41.13 -1.92 -1.19
C VAL K 68 -41.46 -2.48 0.18
N ARG K 69 -42.62 -2.13 0.71
CA ARG K 69 -43.05 -2.62 2.02
C ARG K 69 -43.13 -4.16 2.06
N GLU K 70 -43.80 -4.74 1.05
CA GLU K 70 -43.97 -6.20 0.97
C GLU K 70 -42.60 -6.89 0.91
N ALA K 71 -41.75 -6.34 0.06
CA ALA K 71 -40.42 -6.96 -0.10
C ALA K 71 -39.59 -6.90 1.19
N LEU K 72 -39.57 -5.74 1.83
CA LEU K 72 -38.79 -5.66 3.04
C LEU K 72 -39.35 -6.46 4.20
N GLU K 73 -40.68 -6.62 4.28
CA GLU K 73 -41.28 -7.55 5.25
C GLU K 73 -40.79 -8.98 4.99
N VAL K 74 -40.68 -9.35 3.72
CA VAL K 74 -40.18 -10.71 3.44
C VAL K 74 -38.68 -10.83 3.79
N ALA K 75 -37.88 -9.79 3.55
CA ALA K 75 -36.50 -9.81 4.03
C ALA K 75 -36.45 -10.01 5.56
N LEU K 76 -37.30 -9.26 6.29
CA LEU K 76 -37.38 -9.39 7.74
C LEU K 76 -37.74 -10.82 8.14
N GLU K 77 -38.71 -11.42 7.44
CA GLU K 77 -39.10 -12.78 7.80
C GLU K 77 -38.01 -13.81 7.50
N ILE K 78 -37.33 -13.65 6.37
CA ILE K 78 -36.20 -14.51 6.03
C ILE K 78 -35.17 -14.33 7.17
N ALA K 79 -34.91 -13.10 7.62
CA ALA K 79 -33.96 -12.92 8.75
C ALA K 79 -34.48 -13.59 10.03
N ARG K 80 -35.79 -13.55 10.27
CA ARG K 80 -36.35 -14.23 11.43
C ARG K 80 -36.24 -15.76 11.35
N GLU K 81 -36.53 -16.33 10.18
CA GLU K 81 -36.65 -17.79 10.06
C GLU K 81 -35.36 -18.57 9.80
N SER K 82 -34.34 -17.89 9.29
CA SER K 82 -33.11 -18.58 8.88
C SER K 82 -32.27 -19.11 10.04
N GLY K 83 -32.32 -18.44 11.18
CA GLY K 83 -31.58 -18.82 12.37
C GLY K 83 -30.08 -18.60 12.31
N THR K 84 -29.63 -17.72 11.41
CA THR K 84 -28.21 -17.40 11.32
C THR K 84 -27.95 -15.90 11.33
N LYS K 85 -26.77 -15.55 11.85
CA LYS K 85 -26.32 -14.15 11.85
C LYS K 85 -26.10 -13.67 10.43
N VAL K 86 -25.56 -14.55 9.59
CA VAL K 86 -25.33 -14.21 8.19
C VAL K 86 -26.64 -13.76 7.50
N ALA K 87 -27.75 -14.44 7.76
CA ALA K 87 -29.01 -14.01 7.15
C ALA K 87 -29.46 -12.63 7.64
N VAL K 88 -29.24 -12.34 8.93
CA VAL K 88 -29.58 -11.04 9.49
C VAL K 88 -28.75 -9.93 8.84
N VAL K 89 -27.44 -10.14 8.73
CA VAL K 89 -26.53 -9.19 8.07
C VAL K 89 -26.92 -8.96 6.60
N LEU K 90 -27.23 -10.03 5.89
CA LEU K 90 -27.65 -9.93 4.50
C LEU K 90 -28.98 -9.16 4.37
N ALA K 91 -29.90 -9.41 5.28
CA ALA K 91 -31.18 -8.67 5.28
C ALA K 91 -30.93 -7.18 5.50
N LEU K 92 -30.07 -6.85 6.47
CA LEU K 92 -29.71 -5.44 6.67
C LEU K 92 -29.06 -4.81 5.45
N GLU K 93 -28.23 -5.57 4.72
CA GLU K 93 -27.64 -5.02 3.50
C GLU K 93 -28.71 -4.79 2.42
N VAL K 94 -29.67 -5.69 2.31
CA VAL K 94 -30.82 -5.46 1.41
C VAL K 94 -31.52 -4.14 1.76
N VAL K 95 -31.85 -3.98 3.04
CA VAL K 95 -32.51 -2.76 3.51
C VAL K 95 -31.70 -1.50 3.15
N ALA K 96 -30.39 -1.55 3.38
CA ALA K 96 -29.51 -0.43 3.02
C ALA K 96 -29.55 -0.12 1.54
N ARG K 97 -29.42 -1.14 0.69
CA ARG K 97 -29.42 -0.91 -0.75
C ARG K 97 -30.74 -0.28 -1.21
N VAL K 98 -31.85 -0.79 -0.68
CA VAL K 98 -33.15 -0.25 -1.05
C VAL K 98 -33.29 1.23 -0.59
N ALA K 99 -32.91 1.49 0.66
CA ALA K 99 -33.02 2.83 1.20
C ALA K 99 -32.14 3.81 0.46
N ILE K 100 -30.94 3.37 0.07
CA ILE K 100 -30.05 4.25 -0.71
C ILE K 100 -30.65 4.59 -2.09
N GLU K 101 -31.15 3.57 -2.79
CA GLU K 101 -31.83 3.84 -4.07
C GLU K 101 -33.01 4.77 -3.89
N ALA K 102 -33.81 4.55 -2.84
CA ALA K 102 -34.94 5.42 -2.56
C ALA K 102 -34.51 6.87 -2.30
N ALA K 103 -33.44 7.03 -1.54
CA ALA K 103 -32.93 8.38 -1.27
C ALA K 103 -32.53 9.09 -2.53
N ARG K 104 -31.92 8.37 -3.45
CA ARG K 104 -31.53 8.94 -4.75
C ARG K 104 -32.70 9.38 -5.65
N ARG K 105 -33.86 8.77 -5.45
CA ARG K 105 -35.02 8.92 -6.32
C ARG K 105 -36.09 9.83 -5.77
N GLY K 106 -35.90 10.34 -4.54
CA GLY K 106 -36.90 11.18 -3.91
C GLY K 106 -38.05 10.37 -3.38
N ASN K 107 -37.80 9.08 -3.11
CA ASN K 107 -38.86 8.20 -2.65
C ASN K 107 -38.83 8.15 -1.13
N VAL K 108 -39.51 9.13 -0.55
CA VAL K 108 -39.46 9.30 0.91
C VAL K 108 -40.20 8.18 1.62
N LEU K 109 -41.29 7.67 1.04
CA LEU K 109 -41.97 6.54 1.66
C LEU K 109 -41.05 5.34 1.79
N ALA K 110 -40.27 5.06 0.75
CA ALA K 110 -39.44 3.86 0.72
C ALA K 110 -38.27 4.03 1.70
N VAL K 111 -37.75 5.26 1.82
CA VAL K 111 -36.74 5.51 2.85
C VAL K 111 -37.31 5.21 4.23
N ILE K 112 -38.49 5.74 4.51
CA ILE K 112 -39.12 5.50 5.80
C ILE K 112 -39.34 4.02 6.08
N LEU K 113 -39.92 3.32 5.09
CA LEU K 113 -40.19 1.88 5.24
C LEU K 113 -38.89 1.10 5.49
N ALA K 114 -37.87 1.38 4.69
CA ALA K 114 -36.59 0.68 4.82
C ALA K 114 -35.97 0.92 6.19
N LEU K 115 -35.91 2.18 6.60
CA LEU K 115 -35.29 2.45 7.90
C LEU K 115 -36.08 1.86 9.07
N GLU K 116 -37.41 1.81 8.94
CA GLU K 116 -38.21 1.14 9.97
C GLU K 116 -37.88 -0.37 10.05
N VAL K 117 -37.67 -1.01 8.91
CA VAL K 117 -37.23 -2.41 8.95
C VAL K 117 -35.85 -2.57 9.51
N ALA K 118 -34.93 -1.65 9.22
CA ALA K 118 -33.62 -1.68 9.91
C ALA K 118 -33.81 -1.61 11.41
N LEU K 119 -34.66 -0.68 11.87
CA LEU K 119 -34.94 -0.57 13.29
C LEU K 119 -35.54 -1.86 13.86
N GLU K 120 -36.48 -2.47 13.12
CA GLU K 120 -37.10 -3.72 13.61
C GLU K 120 -36.08 -4.86 13.66
N ILE K 121 -35.19 -4.94 12.68
CA ILE K 121 -34.14 -5.99 12.73
C ILE K 121 -33.26 -5.77 13.97
N ALA K 122 -32.87 -4.51 14.23
CA ALA K 122 -32.08 -4.25 15.45
C ALA K 122 -32.86 -4.57 16.73
N ARG K 123 -34.14 -4.21 16.76
CA ARG K 123 -34.98 -4.47 17.95
C ARG K 123 -35.15 -5.96 18.21
N GLU K 124 -35.40 -6.75 17.15
CA GLU K 124 -35.67 -8.18 17.30
C GLU K 124 -34.43 -9.03 17.47
N SER K 125 -33.30 -8.58 16.90
CA SER K 125 -32.08 -9.38 16.94
C SER K 125 -31.51 -9.55 18.34
N GLY K 126 -31.60 -8.51 19.17
CA GLY K 126 -31.07 -8.56 20.52
C GLY K 126 -29.56 -8.80 20.56
N THR K 127 -28.87 -8.37 19.51
CA THR K 127 -27.41 -8.36 19.53
C THR K 127 -26.89 -6.95 19.40
N GLU K 128 -25.79 -6.68 20.08
CA GLU K 128 -25.12 -5.40 19.91
C GLU K 128 -24.72 -5.15 18.46
N GLU K 129 -24.22 -6.20 17.81
CA GLU K 129 -23.76 -6.05 16.45
C GLU K 129 -24.87 -5.61 15.52
N ALA K 130 -26.07 -6.16 15.67
CA ALA K 130 -27.17 -5.74 14.81
C ALA K 130 -27.55 -4.28 15.02
N ALA K 131 -27.47 -3.81 16.27
CA ALA K 131 -27.71 -2.38 16.55
C ALA K 131 -26.66 -1.56 15.85
N LEU K 132 -25.38 -1.94 15.98
CA LEU K 132 -24.31 -1.21 15.31
C LEU K 132 -24.47 -1.15 13.79
N LEU K 133 -24.80 -2.30 13.20
CA LEU K 133 -25.00 -2.35 11.76
C LEU K 133 -26.21 -1.53 11.34
N ALA K 134 -27.29 -1.56 12.13
CA ALA K 134 -28.45 -0.76 11.78
C ALA K 134 -28.10 0.74 11.82
N VAL K 135 -27.33 1.14 12.83
CA VAL K 135 -26.88 2.52 12.84
C VAL K 135 -26.02 2.88 11.62
N GLU K 136 -25.17 1.94 11.21
CA GLU K 136 -24.38 2.12 9.96
C GLU K 136 -25.26 2.24 8.72
N VAL K 137 -26.34 1.45 8.64
CA VAL K 137 -27.31 1.61 7.56
C VAL K 137 -27.88 3.02 7.60
N VAL K 138 -28.34 3.48 8.78
CA VAL K 138 -28.94 4.82 8.88
C VAL K 138 -27.93 5.87 8.42
N VAL K 139 -26.67 5.73 8.84
CA VAL K 139 -25.64 6.70 8.43
C VAL K 139 -25.44 6.71 6.91
N ARG K 140 -25.39 5.54 6.30
CA ARG K 140 -25.22 5.45 4.84
C ARG K 140 -26.39 6.15 4.12
N VAL K 141 -27.60 5.91 4.62
CA VAL K 141 -28.77 6.54 4.01
C VAL K 141 -28.75 8.07 4.22
N SER K 142 -28.39 8.52 5.43
CA SER K 142 -28.22 9.94 5.69
C SER K 142 -27.19 10.58 4.74
N ASP K 143 -26.04 9.95 4.60
CA ASP K 143 -25.00 10.44 3.68
C ASP K 143 -25.53 10.59 2.28
N GLU K 144 -26.22 9.55 1.79
CA GLU K 144 -26.77 9.65 0.43
C GLU K 144 -27.81 10.76 0.27
N ALA K 145 -28.70 10.86 1.26
CA ALA K 145 -29.74 11.86 1.26
C ALA K 145 -29.15 13.28 1.28
N LYS K 146 -28.10 13.51 2.07
CA LYS K 146 -27.43 14.81 2.06
C LYS K 146 -26.85 15.07 0.67
N LYS K 147 -26.20 14.06 0.10
CA LYS K 147 -25.57 14.22 -1.23
C LYS K 147 -26.60 14.59 -2.30
N GLN K 148 -27.78 13.99 -2.24
CA GLN K 148 -28.84 14.21 -3.23
C GLN K 148 -29.76 15.40 -2.95
N GLY K 149 -29.64 16.00 -1.78
CA GLY K 149 -30.51 17.11 -1.37
C GLY K 149 -31.91 16.64 -1.05
N ASN K 150 -32.01 15.47 -0.42
CA ASN K 150 -33.29 14.88 -0.07
C ASN K 150 -33.50 15.14 1.41
N ALA K 151 -34.04 16.32 1.72
CA ALA K 151 -34.13 16.77 3.11
C ALA K 151 -35.08 15.89 3.91
N VAL K 152 -36.16 15.41 3.29
CA VAL K 152 -37.07 14.50 4.00
C VAL K 152 -36.34 13.25 4.52
N ALA K 153 -35.50 12.67 3.67
CA ALA K 153 -34.75 11.47 4.02
C ALA K 153 -33.67 11.76 5.05
N VAL K 154 -33.04 12.93 5.01
CA VAL K 154 -32.08 13.29 6.04
C VAL K 154 -32.83 13.32 7.38
N ALA K 155 -33.99 13.96 7.38
CA ALA K 155 -34.74 14.07 8.64
C ALA K 155 -35.21 12.71 9.15
N VAL K 156 -35.69 11.87 8.25
CA VAL K 156 -36.11 10.52 8.62
C VAL K 156 -34.97 9.72 9.21
N ALA K 157 -33.80 9.79 8.55
CA ALA K 157 -32.63 9.09 9.10
C ALA K 157 -32.29 9.61 10.48
N GLU K 158 -32.31 10.93 10.67
CA GLU K 158 -32.02 11.45 12.02
C GLU K 158 -33.04 10.92 13.05
N GLN K 159 -34.32 10.89 12.66
CA GLN K 159 -35.34 10.38 13.57
C GLN K 159 -35.09 8.92 14.00
N VAL K 160 -34.79 8.09 13.01
CA VAL K 160 -34.54 6.68 13.29
C VAL K 160 -33.24 6.48 14.09
N ALA K 161 -32.18 7.24 13.76
CA ALA K 161 -30.96 7.20 14.58
C ALA K 161 -31.30 7.53 16.04
N LYS K 162 -32.05 8.60 16.24
CA LYS K 162 -32.43 8.98 17.60
C LYS K 162 -33.17 7.87 18.30
N LYS K 163 -34.13 7.25 17.59
CA LYS K 163 -34.91 6.17 18.19
C LYS K 163 -34.04 4.97 18.58
N ILE K 164 -33.16 4.55 17.68
CA ILE K 164 -32.25 3.45 18.00
C ILE K 164 -31.39 3.86 19.21
N LEU K 165 -30.87 5.08 19.18
CA LEU K 165 -30.00 5.52 20.28
C LEU K 165 -30.74 5.62 21.62
N GLU K 166 -32.00 6.03 21.62
CA GLU K 166 -32.77 6.07 22.86
C GLU K 166 -33.23 4.70 23.37
N GLU K 167 -33.68 3.86 22.44
CA GLU K 167 -34.38 2.62 22.80
C GLU K 167 -33.57 1.31 22.75
N SER K 168 -32.43 1.34 22.05
CA SER K 168 -31.66 0.10 21.88
C SER K 168 -31.13 -0.42 23.20
N ASP L 1 -17.36 30.82 23.65
CA ASP L 1 -18.34 31.83 23.32
C ASP L 1 -18.08 32.27 21.88
N GLU L 2 -16.81 32.53 21.56
CA GLU L 2 -16.42 32.98 20.23
C GLU L 2 -17.06 32.11 19.14
N ARG L 3 -17.03 30.81 19.32
CA ARG L 3 -17.64 29.87 18.39
C ARG L 3 -19.13 30.19 18.15
N ARG L 4 -19.81 30.50 19.24
CA ARG L 4 -21.25 30.81 19.19
C ARG L 4 -21.48 32.20 18.56
N GLU L 5 -20.53 33.10 18.84
CA GLU L 5 -20.55 34.45 18.30
C GLU L 5 -20.30 34.38 16.77
N LEU L 6 -19.35 33.52 16.40
CA LEU L 6 -18.97 33.35 15.01
C LEU L 6 -20.10 32.60 14.33
N GLU L 7 -20.82 31.79 15.10
CA GLU L 7 -21.99 31.10 14.59
C GLU L 7 -23.09 32.12 14.22
N LYS L 8 -23.33 33.07 15.11
CA LYS L 8 -24.30 34.14 14.82
C LYS L 8 -23.90 34.91 13.56
N VAL L 9 -22.63 35.32 13.54
CA VAL L 9 -22.08 36.07 12.40
C VAL L 9 -22.24 35.27 11.09
N ALA L 10 -21.89 34.00 11.12
CA ALA L 10 -22.01 33.13 9.95
C ALA L 10 -23.44 33.10 9.42
N VAL L 11 -24.37 32.84 10.35
CA VAL L 11 -25.80 32.77 9.99
C VAL L 11 -26.26 34.05 9.27
N LYS L 12 -25.99 35.17 9.93
CA LYS L 12 -26.40 36.46 9.35
C LYS L 12 -25.72 36.78 8.02
N ALA L 13 -24.42 36.51 7.94
CA ALA L 13 -23.66 36.80 6.72
C ALA L 13 -24.07 35.90 5.53
N ILE L 14 -24.31 34.62 5.80
CA ILE L 14 -24.73 33.72 4.74
C ILE L 14 -26.09 34.12 4.21
N MET L 15 -27.01 34.41 5.15
CA MET L 15 -28.32 34.84 4.71
C MET L 15 -28.21 36.14 3.88
N ALA L 16 -27.37 37.07 4.32
CA ALA L 16 -27.12 38.31 3.56
C ALA L 16 -26.51 38.04 2.18
N ALA L 17 -25.60 37.08 2.09
CA ALA L 17 -25.02 36.73 0.80
C ALA L 17 -26.08 36.12 -0.15
N MET L 18 -27.01 35.35 0.41
CA MET L 18 -28.11 34.79 -0.40
C MET L 18 -29.05 35.86 -0.97
N LEU L 19 -29.21 36.97 -0.25
CA LEU L 19 -30.17 38.03 -0.59
C LEU L 19 -29.63 39.27 -1.32
N GLY L 20 -28.31 39.34 -1.54
CA GLY L 20 -27.74 40.51 -2.18
C GLY L 20 -27.63 41.71 -1.24
N ASN L 21 -27.50 41.44 0.04
CA ASN L 21 -27.43 42.51 1.07
C ASN L 21 -25.97 42.77 1.38
N THR L 22 -25.36 43.57 0.51
CA THR L 22 -23.94 43.84 0.58
C THR L 22 -23.57 44.54 1.90
N ASP L 23 -24.41 45.47 2.31
CA ASP L 23 -24.13 46.21 3.55
C ASP L 23 -24.01 45.28 4.77
N GLU L 24 -24.96 44.35 4.88
CA GLU L 24 -24.95 43.41 6.00
C GLU L 24 -23.81 42.40 5.89
N VAL L 25 -23.52 41.90 4.69
CA VAL L 25 -22.36 41.00 4.53
C VAL L 25 -21.08 41.69 4.99
N ARG L 26 -20.90 42.95 4.55
CA ARG L 26 -19.74 43.74 4.95
C ARG L 26 -19.64 43.89 6.47
N GLU L 27 -20.74 44.30 7.09
CA GLU L 27 -20.73 44.47 8.54
C GLU L 27 -20.40 43.16 9.31
N GLN L 28 -21.06 42.06 8.91
CA GLN L 28 -20.85 40.77 9.59
C GLN L 28 -19.41 40.25 9.39
N LEU L 29 -18.87 40.38 8.18
CA LEU L 29 -17.49 39.92 7.98
C LEU L 29 -16.49 40.77 8.81
N GLN L 30 -16.78 42.08 8.94
CA GLN L 30 -15.94 42.91 9.80
C GLN L 30 -15.98 42.39 11.23
N ARG L 31 -17.16 41.94 11.66
CA ARG L 31 -17.22 41.37 13.01
C ARG L 31 -16.49 40.05 13.16
N ALA L 32 -16.51 39.21 12.12
CA ALA L 32 -15.68 37.99 12.17
C ALA L 32 -14.21 38.34 12.33
N LEU L 33 -13.78 39.36 11.58
CA LEU L 33 -12.39 39.80 11.68
C LEU L 33 -12.08 40.27 13.10
N GLU L 34 -12.98 41.07 13.65
CA GLU L 34 -12.76 41.58 14.99
C GLU L 34 -12.75 40.49 16.06
N ILE L 35 -13.60 39.48 15.91
CA ILE L 35 -13.55 38.35 16.83
C ILE L 35 -12.21 37.64 16.77
N ALA L 36 -11.71 37.39 15.55
CA ALA L 36 -10.39 36.76 15.42
C ALA L 36 -9.35 37.66 16.11
N ARG L 37 -9.45 38.96 15.89
CA ARG L 37 -8.55 39.92 16.50
C ARG L 37 -8.58 39.87 18.03
N GLU L 38 -9.79 39.86 18.58
CA GLU L 38 -9.95 39.92 20.02
C GLU L 38 -9.52 38.64 20.72
N SER L 39 -9.74 37.50 20.06
CA SER L 39 -9.46 36.20 20.64
C SER L 39 -7.98 35.86 20.78
N GLY L 40 -7.16 36.26 19.81
CA GLY L 40 -5.73 36.05 19.91
C GLY L 40 -5.28 34.61 19.87
N THR L 41 -6.06 33.73 19.24
CA THR L 41 -5.68 32.33 19.08
C THR L 41 -5.77 31.87 17.61
N LEU L 42 -5.02 30.83 17.26
CA LEU L 42 -5.08 30.29 15.93
C LEU L 42 -6.42 29.61 15.77
N LEU L 43 -6.98 29.05 16.84
CA LEU L 43 -8.26 28.36 16.69
C LEU L 43 -9.33 29.37 16.27
N ALA L 44 -9.29 30.58 16.82
CA ALA L 44 -10.24 31.62 16.47
C ALA L 44 -10.04 32.07 15.00
N VAL L 45 -8.78 32.19 14.60
CA VAL L 45 -8.46 32.49 13.19
C VAL L 45 -9.02 31.44 12.27
N VAL L 46 -8.83 30.17 12.63
CA VAL L 46 -9.33 29.07 11.81
C VAL L 46 -10.85 29.15 11.68
N LEU L 47 -11.52 29.35 12.81
CA LEU L 47 -12.98 29.45 12.79
C LEU L 47 -13.47 30.65 11.97
N ALA L 48 -12.83 31.79 12.15
CA ALA L 48 -13.22 32.97 11.38
C ALA L 48 -13.01 32.75 9.89
N LEU L 49 -11.88 32.15 9.51
CA LEU L 49 -11.65 31.86 8.09
C LEU L 49 -12.66 30.85 7.57
N GLU L 50 -13.07 29.89 8.39
CA GLU L 50 -14.12 28.97 7.93
C GLU L 50 -15.44 29.75 7.70
N VAL L 51 -15.78 30.67 8.59
CA VAL L 51 -16.97 31.50 8.36
C VAL L 51 -16.87 32.30 7.05
N VAL L 52 -15.74 32.94 6.86
CA VAL L 52 -15.50 33.67 5.64
C VAL L 52 -15.64 32.77 4.41
N ALA L 53 -15.08 31.57 4.48
CA ALA L 53 -15.18 30.63 3.37
C ALA L 53 -16.62 30.28 3.04
N ARG L 54 -17.39 29.93 4.10
CA ARG L 54 -18.79 29.57 3.88
C ARG L 54 -19.60 30.71 3.25
N VAL L 55 -19.37 31.93 3.75
CA VAL L 55 -20.05 33.10 3.18
C VAL L 55 -19.70 33.30 1.70
N ALA L 56 -18.40 33.23 1.40
CA ALA L 56 -17.94 33.43 0.02
C ALA L 56 -18.41 32.32 -0.90
N ILE L 57 -18.49 31.09 -0.40
CA ILE L 57 -18.97 29.98 -1.25
C ILE L 57 -20.45 30.19 -1.58
N GLU L 58 -21.23 30.54 -0.56
CA GLU L 58 -22.63 30.82 -0.80
C GLU L 58 -22.79 31.97 -1.80
N ALA L 59 -22.01 33.03 -1.62
CA ALA L 59 -22.04 34.16 -2.54
C ALA L 59 -21.66 33.73 -3.95
N ALA L 60 -20.64 32.88 -4.09
CA ALA L 60 -20.20 32.44 -5.40
C ALA L 60 -21.30 31.65 -6.08
N ARG L 61 -22.07 30.88 -5.31
CA ARG L 61 -23.18 30.12 -5.89
C ARG L 61 -24.32 30.98 -6.42
N LYS L 62 -24.49 32.14 -5.81
CA LYS L 62 -25.59 33.08 -6.07
C LYS L 62 -25.30 34.20 -7.06
N GLY L 63 -24.06 34.33 -7.53
CA GLY L 63 -23.68 35.44 -8.41
C GLY L 63 -23.48 36.73 -7.60
N ASN L 64 -23.18 36.61 -6.32
CA ASN L 64 -23.07 37.80 -5.45
C ASN L 64 -21.63 38.23 -5.42
N THR L 65 -21.25 39.01 -6.43
CA THR L 65 -19.86 39.38 -6.64
C THR L 65 -19.33 40.25 -5.51
N ASP L 66 -20.18 41.13 -5.03
CA ASP L 66 -19.79 42.03 -3.92
C ASP L 66 -19.41 41.23 -2.69
N ALA L 67 -20.25 40.25 -2.35
CA ALA L 67 -19.99 39.47 -1.14
C ALA L 67 -18.75 38.59 -1.29
N VAL L 68 -18.50 38.03 -2.47
CA VAL L 68 -17.26 37.30 -2.67
C VAL L 68 -16.08 38.21 -2.45
N ARG L 69 -16.12 39.41 -3.04
CA ARG L 69 -15.03 40.37 -2.90
C ARG L 69 -14.80 40.75 -1.42
N GLU L 70 -15.89 41.10 -0.73
CA GLU L 70 -15.80 41.50 0.70
C GLU L 70 -15.22 40.36 1.54
N ALA L 71 -15.72 39.17 1.28
CA ALA L 71 -15.24 38.03 2.06
C ALA L 71 -13.76 37.73 1.84
N LEU L 72 -13.34 37.73 0.58
CA LEU L 72 -11.94 37.46 0.34
C LEU L 72 -11.01 38.56 0.80
N GLU L 73 -11.44 39.82 0.78
CA GLU L 73 -10.66 40.90 1.41
C GLU L 73 -10.49 40.63 2.90
N VAL L 74 -11.54 40.14 3.55
CA VAL L 74 -11.38 39.84 4.99
C VAL L 74 -10.45 38.63 5.20
N ALA L 75 -10.50 37.61 4.34
CA ALA L 75 -9.52 36.54 4.42
C ALA L 75 -8.08 37.10 4.29
N LEU L 76 -7.87 37.99 3.32
CA LEU L 76 -6.58 38.63 3.11
C LEU L 76 -6.15 39.38 4.38
N GLU L 77 -7.08 40.12 5.01
CA GLU L 77 -6.71 40.86 6.19
C GLU L 77 -6.39 39.96 7.39
N ILE L 78 -7.17 38.88 7.55
CA ILE L 78 -6.89 37.90 8.58
C ILE L 78 -5.47 37.35 8.30
N ALA L 79 -5.14 37.05 7.04
CA ALA L 79 -3.77 36.58 6.73
C ALA L 79 -2.72 37.65 7.05
N ARG L 80 -3.04 38.91 6.81
CA ARG L 80 -2.10 39.99 7.16
C ARG L 80 -1.91 40.15 8.67
N GLU L 81 -2.99 40.09 9.44
CA GLU L 81 -2.94 40.43 10.87
C GLU L 81 -2.54 39.31 11.83
N SER L 82 -2.69 38.06 11.40
CA SER L 82 -2.46 36.93 12.29
C SER L 82 -1.01 36.70 12.66
N GLY L 83 -0.09 37.04 11.76
CA GLY L 83 1.34 36.87 11.96
C GLY L 83 1.85 35.46 11.94
N THR L 84 1.09 34.54 11.33
CA THR L 84 1.52 33.16 11.20
C THR L 84 1.42 32.63 9.79
N LYS L 85 2.31 31.69 9.46
CA LYS L 85 2.28 31.02 8.16
C LYS L 85 1.02 30.20 8.02
N VAL L 86 0.60 29.56 9.12
CA VAL L 86 -0.63 28.77 9.12
C VAL L 86 -1.83 29.62 8.67
N ALA L 87 -1.95 30.86 9.15
CA ALA L 87 -3.07 31.69 8.71
C ALA L 87 -3.01 32.01 7.21
N VAL L 88 -1.80 32.25 6.69
CA VAL L 88 -1.62 32.51 5.27
C VAL L 88 -2.05 31.30 4.42
N VAL L 89 -1.59 30.10 4.81
CA VAL L 89 -1.96 28.85 4.12
C VAL L 89 -3.48 28.62 4.16
N LEU L 90 -4.08 28.85 5.33
CA LEU L 90 -5.53 28.69 5.46
C LEU L 90 -6.29 29.70 4.59
N ALA L 91 -5.80 30.93 4.53
CA ALA L 91 -6.43 31.94 3.67
C ALA L 91 -6.35 31.52 2.21
N LEU L 92 -5.19 31.04 1.78
CA LEU L 92 -5.06 30.52 0.40
C LEU L 92 -6.00 29.34 0.13
N GLU L 93 -6.21 28.47 1.13
CA GLU L 93 -7.16 27.37 0.92
C GLU L 93 -8.60 27.91 0.80
N VAL L 94 -8.95 28.91 1.59
CA VAL L 94 -10.25 29.57 1.41
C VAL L 94 -10.41 30.09 -0.02
N VAL L 95 -9.42 30.83 -0.49
CA VAL L 95 -9.44 31.38 -1.83
C VAL L 95 -9.63 30.26 -2.89
N ALA L 96 -8.89 29.16 -2.74
CA ALA L 96 -9.03 28.03 -3.65
C ALA L 96 -10.43 27.44 -3.65
N ARG L 97 -11.00 27.22 -2.45
CA ARG L 97 -12.34 26.63 -2.38
C ARG L 97 -13.36 27.54 -3.04
N VAL L 98 -13.25 28.84 -2.78
CA VAL L 98 -14.20 29.78 -3.39
C VAL L 98 -14.06 29.80 -4.94
N ALA L 99 -12.81 29.86 -5.41
CA ALA L 99 -12.56 29.92 -6.84
C ALA L 99 -13.03 28.64 -7.53
N ILE L 100 -12.84 27.50 -6.88
CA ILE L 100 -13.32 26.24 -7.46
C ILE L 100 -14.86 26.20 -7.57
N GLU L 101 -15.53 26.60 -6.49
CA GLU L 101 -17.00 26.68 -6.55
C GLU L 101 -17.45 27.65 -7.64
N ALA L 102 -16.79 28.80 -7.74
CA ALA L 102 -17.11 29.77 -8.78
C ALA L 102 -16.93 29.20 -10.19
N ALA L 103 -15.84 28.47 -10.39
CA ALA L 103 -15.59 27.86 -11.69
C ALA L 103 -16.68 26.89 -12.07
N ARG L 104 -17.15 26.13 -11.10
CA ARG L 104 -18.26 25.19 -11.33
C ARG L 104 -19.61 25.83 -11.70
N ARG L 105 -19.79 27.08 -11.29
CA ARG L 105 -21.08 27.78 -11.39
C ARG L 105 -21.14 28.78 -12.52
N GLY L 106 -20.04 28.97 -13.24
CA GLY L 106 -19.98 29.95 -14.30
C GLY L 106 -19.83 31.35 -13.77
N ASN L 107 -19.31 31.46 -12.55
CA ASN L 107 -19.19 32.77 -11.91
C ASN L 107 -17.80 33.32 -12.18
N VAL L 108 -17.68 33.96 -13.34
CA VAL L 108 -16.38 34.42 -13.81
C VAL L 108 -15.86 35.58 -12.96
N LEU L 109 -16.75 36.44 -12.46
CA LEU L 109 -16.28 37.51 -11.58
C LEU L 109 -15.62 36.96 -10.34
N ALA L 110 -16.21 35.91 -9.75
CA ALA L 110 -15.73 35.37 -8.49
C ALA L 110 -14.40 34.64 -8.72
N VAL L 111 -14.27 33.99 -9.88
CA VAL L 111 -12.97 33.40 -10.21
C VAL L 111 -11.91 34.49 -10.29
N ILE L 112 -12.20 35.57 -11.01
CA ILE L 112 -11.25 36.66 -11.12
C ILE L 112 -10.87 37.24 -9.75
N LEU L 113 -11.89 37.54 -8.95
CA LEU L 113 -11.65 38.12 -7.61
C LEU L 113 -10.78 37.17 -6.76
N ALA L 114 -11.14 35.90 -6.74
CA ALA L 114 -10.40 34.91 -5.93
C ALA L 114 -8.96 34.81 -6.38
N LEU L 115 -8.75 34.66 -7.69
CA LEU L 115 -7.36 34.54 -8.15
C LEU L 115 -6.53 35.79 -7.92
N GLU L 116 -7.18 36.97 -8.00
CA GLU L 116 -6.47 38.21 -7.66
C GLU L 116 -6.03 38.22 -6.18
N VAL L 117 -6.89 37.73 -5.29
CA VAL L 117 -6.47 37.62 -3.89
C VAL L 117 -5.38 36.59 -3.69
N ALA L 118 -5.41 35.49 -4.42
CA ALA L 118 -4.26 34.55 -4.38
C ALA L 118 -2.98 35.28 -4.79
N LEU L 119 -3.05 36.04 -5.89
CA LEU L 119 -1.90 36.79 -6.34
C LEU L 119 -1.44 37.80 -5.27
N GLU L 120 -2.38 38.49 -4.62
CA GLU L 120 -2.01 39.47 -3.59
C GLU L 120 -1.39 38.79 -2.37
N ILE L 121 -1.90 37.62 -1.98
CA ILE L 121 -1.27 36.89 -0.86
C ILE L 121 0.16 36.52 -1.23
N ALA L 122 0.37 36.01 -2.46
CA ALA L 122 1.74 35.70 -2.88
C ALA L 122 2.64 36.95 -2.93
N ARG L 123 2.10 38.06 -3.44
CA ARG L 123 2.87 39.30 -3.53
C ARG L 123 3.26 39.84 -2.16
N GLU L 124 2.32 39.82 -1.20
CA GLU L 124 2.57 40.40 0.12
C GLU L 124 3.35 39.48 1.06
N SER L 125 3.22 38.18 0.87
CA SER L 125 3.86 37.23 1.79
C SER L 125 5.38 37.26 1.70
N GLY L 126 5.93 37.46 0.52
CA GLY L 126 7.39 37.48 0.35
C GLY L 126 8.05 36.18 0.74
N THR L 127 7.32 35.07 0.63
CA THR L 127 7.92 33.76 0.79
C THR L 127 7.80 32.97 -0.49
N GLU L 128 8.81 32.16 -0.77
CA GLU L 128 8.74 31.26 -1.90
C GLU L 128 7.56 30.30 -1.79
N GLU L 129 7.32 29.80 -0.57
CA GLU L 129 6.25 28.85 -0.38
C GLU L 129 4.90 29.43 -0.73
N ALA L 130 4.65 30.69 -0.37
CA ALA L 130 3.35 31.29 -0.73
C ALA L 130 3.18 31.43 -2.24
N ALA L 131 4.27 31.73 -2.94
CA ALA L 131 4.22 31.78 -4.41
C ALA L 131 3.89 30.40 -4.95
N LEU L 132 4.57 29.37 -4.45
CA LEU L 132 4.28 28.00 -4.89
C LEU L 132 2.83 27.58 -4.64
N LEU L 133 2.34 27.89 -3.45
CA LEU L 133 0.97 27.54 -3.12
C LEU L 133 -0.02 28.32 -3.96
N ALA L 134 0.27 29.60 -4.23
CA ALA L 134 -0.63 30.38 -5.07
C ALA L 134 -0.68 29.79 -6.48
N VAL L 135 0.48 29.38 -7.00
CA VAL L 135 0.47 28.72 -8.29
C VAL L 135 -0.35 27.41 -8.28
N GLU L 136 -0.25 26.66 -7.18
CA GLU L 136 -1.08 25.46 -7.00
C GLU L 136 -2.58 25.77 -6.95
N VAL L 137 -2.96 26.87 -6.29
CA VAL L 137 -4.34 27.33 -6.33
C VAL L 137 -4.75 27.59 -7.79
N VAL L 138 -3.94 28.35 -8.53
CA VAL L 138 -4.28 28.68 -9.91
C VAL L 138 -4.45 27.39 -10.72
N VAL L 139 -3.54 26.44 -10.53
CA VAL L 139 -3.65 25.15 -11.26
C VAL L 139 -4.94 24.41 -10.93
N ARG L 140 -5.30 24.36 -9.65
CA ARG L 140 -6.54 23.68 -9.23
C ARG L 140 -7.76 24.33 -9.89
N VAL L 141 -7.76 25.67 -9.92
CA VAL L 141 -8.88 26.38 -10.53
C VAL L 141 -8.90 26.16 -12.06
N SER L 142 -7.74 26.20 -12.72
CA SER L 142 -7.65 25.86 -14.12
C SER L 142 -8.18 24.46 -14.43
N ASP L 143 -7.76 23.47 -13.65
CA ASP L 143 -8.25 22.10 -13.81
C ASP L 143 -9.76 22.03 -13.72
N GLU L 144 -10.31 22.67 -12.70
CA GLU L 144 -11.78 22.64 -12.57
C GLU L 144 -12.49 23.32 -13.73
N ALA L 145 -11.97 24.47 -14.14
CA ALA L 145 -12.54 25.22 -15.23
C ALA L 145 -12.50 24.42 -16.53
N LYS L 146 -11.41 23.74 -16.81
CA LYS L 146 -11.32 22.87 -17.99
C LYS L 146 -12.40 21.78 -17.88
N LYS L 147 -12.50 21.17 -16.70
CA LYS L 147 -13.47 20.07 -16.51
C LYS L 147 -14.91 20.54 -16.76
N GLN L 148 -15.24 21.74 -16.32
CA GLN L 148 -16.60 22.30 -16.45
C GLN L 148 -16.89 23.02 -17.78
N GLY L 149 -15.86 23.22 -18.60
CA GLY L 149 -16.00 23.96 -19.85
C GLY L 149 -16.22 25.44 -19.63
N ASN L 150 -15.51 25.97 -18.63
CA ASN L 150 -15.61 27.38 -18.29
C ASN L 150 -14.40 28.08 -18.89
N ALA L 151 -14.52 28.46 -20.16
CA ALA L 151 -13.36 28.96 -20.90
C ALA L 151 -12.89 30.30 -20.33
N VAL L 152 -13.81 31.14 -19.85
CA VAL L 152 -13.40 32.42 -19.23
C VAL L 152 -12.45 32.17 -18.04
N ALA L 153 -12.81 31.21 -17.21
CA ALA L 153 -12.00 30.89 -16.02
C ALA L 153 -10.67 30.23 -16.39
N VAL L 154 -10.64 29.41 -17.44
CA VAL L 154 -9.37 28.87 -17.90
C VAL L 154 -8.47 30.04 -18.31
N ALA L 155 -9.03 30.98 -19.06
CA ALA L 155 -8.21 32.09 -19.52
C ALA L 155 -7.73 32.97 -18.37
N VAL L 156 -8.62 33.24 -17.42
CA VAL L 156 -8.24 34.02 -16.24
C VAL L 156 -7.14 33.34 -15.44
N ALA L 157 -7.27 32.03 -15.24
CA ALA L 157 -6.21 31.30 -14.54
C ALA L 157 -4.90 31.40 -15.30
N GLU L 158 -4.93 31.25 -16.63
CA GLU L 158 -3.67 31.38 -17.38
C GLU L 158 -3.08 32.79 -17.20
N GLN L 159 -3.93 33.81 -17.24
CA GLN L 159 -3.44 35.18 -17.05
C GLN L 159 -2.74 35.39 -15.70
N VAL L 160 -3.39 34.91 -14.65
CA VAL L 160 -2.82 35.05 -13.30
C VAL L 160 -1.55 34.20 -13.13
N ALA L 161 -1.53 32.98 -13.68
CA ALA L 161 -0.30 32.18 -13.69
C ALA L 161 0.84 32.96 -14.34
N LYS L 162 0.56 33.52 -15.51
CA LYS L 162 1.59 34.29 -16.22
C LYS L 162 2.07 35.44 -15.37
N LYS L 163 1.15 36.16 -14.73
CA LYS L 163 1.54 37.30 -13.90
C LYS L 163 2.42 36.89 -12.72
N ILE L 164 2.02 35.83 -12.02
CA ILE L 164 2.83 35.34 -10.91
C ILE L 164 4.21 34.92 -11.45
N LEU L 165 4.22 34.21 -12.59
CA LEU L 165 5.49 33.74 -13.14
C LEU L 165 6.39 34.89 -13.60
N GLU L 166 5.82 35.96 -14.15
CA GLU L 166 6.63 37.11 -14.54
C GLU L 166 7.12 37.98 -13.39
N GLU L 167 6.22 38.21 -12.41
CA GLU L 167 6.44 39.22 -11.38
C GLU L 167 6.91 38.71 -10.00
N SER L 168 6.74 37.41 -9.74
CA SER L 168 7.08 36.87 -8.41
C SER L 168 8.56 36.98 -8.12
N ASP M 1 28.45 16.26 37.58
CA ASP M 1 27.57 17.31 37.12
C ASP M 1 27.64 17.33 35.59
N GLU M 2 28.85 17.28 35.05
CA GLU M 2 29.06 17.30 33.60
C GLU M 2 28.15 16.32 32.89
N ARG M 3 28.03 15.10 33.42
CA ARG M 3 27.15 14.09 32.86
C ARG M 3 25.71 14.58 32.75
N ARG M 4 25.24 15.28 33.79
CA ARG M 4 23.89 15.80 33.85
C ARG M 4 23.73 17.01 32.90
N GLU M 5 24.81 17.76 32.79
CA GLU M 5 24.88 18.92 31.91
C GLU M 5 24.85 18.44 30.44
N LEU M 6 25.61 17.37 30.20
CA LEU M 6 25.71 16.78 28.87
C LEU M 6 24.39 16.09 28.57
N GLU M 7 23.74 15.64 29.62
CA GLU M 7 22.40 15.06 29.48
C GLU M 7 21.41 16.11 28.99
N LYS M 8 21.43 17.29 29.62
CA LYS M 8 20.58 18.40 29.17
C LYS M 8 20.85 18.75 27.71
N VAL M 9 22.14 18.93 27.40
CA VAL M 9 22.58 19.25 26.05
C VAL M 9 22.09 18.20 25.05
N ALA M 10 22.28 16.92 25.38
CA ALA M 10 21.85 15.83 24.50
C ALA M 10 20.35 15.91 24.21
N VAL M 11 19.56 16.05 25.28
CA VAL M 11 18.11 16.14 25.15
C VAL M 11 17.70 17.25 24.17
N LYS M 12 18.23 18.45 24.44
CA LYS M 12 17.88 19.60 23.61
C LYS M 12 18.36 19.45 22.15
N ALA M 13 19.58 18.96 21.99
CA ALA M 13 20.15 18.80 20.65
C ALA M 13 19.43 17.72 19.81
N ILE M 14 19.08 16.60 20.44
CA ILE M 14 18.37 15.54 19.76
C ILE M 14 17.00 16.03 19.31
N MET M 15 16.31 16.70 20.24
CA MET M 15 15.00 17.22 19.87
C MET M 15 15.14 18.24 18.72
N ALA M 16 16.16 19.09 18.78
CA ALA M 16 16.42 20.03 17.68
C ALA M 16 16.75 19.33 16.35
N ALA M 17 17.50 18.25 16.42
CA ALA M 17 17.79 17.48 15.20
C ALA M 17 16.52 16.84 14.61
N MET M 18 15.60 16.41 15.47
CA MET M 18 14.33 15.86 15.00
C MET M 18 13.44 16.89 14.28
N LEU M 19 13.55 18.16 14.68
CA LEU M 19 12.68 19.25 14.20
C LEU M 19 13.26 20.15 13.09
N GLY M 20 14.51 19.95 12.70
CA GLY M 20 15.11 20.80 11.68
C GLY M 20 15.53 22.17 12.24
N ASN M 21 15.85 22.20 13.52
CA ASN M 21 16.23 23.46 14.19
C ASN M 21 17.74 23.54 14.23
N THR M 22 18.28 23.99 13.10
CA THR M 22 19.72 24.03 12.90
C THR M 22 20.41 24.95 13.93
N ASP M 23 19.77 26.09 14.17
CA ASP M 23 20.36 27.06 15.10
C ASP M 23 20.56 26.45 16.51
N GLU M 24 19.54 25.76 17.00
CA GLU M 24 19.61 25.14 18.33
C GLU M 24 20.59 23.96 18.34
N VAL M 25 20.59 23.13 17.29
CA VAL M 25 21.58 22.03 17.24
C VAL M 25 23.00 22.58 17.31
N ARG M 26 23.26 23.64 16.54
CA ARG M 26 24.57 24.30 16.54
C ARG M 26 24.95 24.81 17.94
N GLU M 27 24.03 25.55 18.56
CA GLU M 27 24.32 26.06 19.90
C GLU M 27 24.59 24.96 20.94
N GLN M 28 23.74 23.91 20.95
CA GLN M 28 23.90 22.83 21.92
C GLN M 28 25.21 22.04 21.68
N LEU M 29 25.54 21.77 20.43
CA LEU M 29 26.80 21.05 20.17
C LEU M 29 28.02 21.89 20.60
N GLN M 30 27.93 23.21 20.42
CA GLN M 30 29.01 24.08 20.89
C GLN M 30 29.14 23.95 22.40
N ARG M 31 28.01 23.83 23.09
CA ARG M 31 28.11 23.63 24.54
C ARG M 31 28.68 22.28 24.94
N ALA M 32 28.37 21.23 24.19
CA ALA M 32 29.04 19.94 24.46
C ALA M 32 30.54 20.08 24.32
N LEU M 33 30.97 20.78 23.27
CA LEU M 33 32.40 20.98 23.07
C LEU M 33 33.00 21.74 24.25
N GLU M 34 32.32 22.78 24.67
CA GLU M 34 32.83 23.57 25.78
C GLU M 34 32.88 22.80 27.10
N ILE M 35 31.91 21.94 27.35
CA ILE M 35 31.96 21.09 28.53
C ILE M 35 33.18 20.17 28.48
N ALA M 36 33.42 19.54 27.32
CA ALA M 36 34.61 18.69 27.20
C ALA M 36 35.85 19.53 27.47
N ARG M 37 35.89 20.74 26.91
CA ARG M 37 37.00 21.66 27.12
C ARG M 37 37.22 21.99 28.59
N GLU M 38 36.13 22.33 29.28
CA GLU M 38 36.24 22.78 30.66
C GLU M 38 36.60 21.66 31.61
N SER M 39 36.13 20.44 31.32
CA SER M 39 36.35 19.29 32.21
C SER M 39 37.77 18.75 32.23
N GLY M 40 38.45 18.77 31.08
CA GLY M 40 39.84 18.35 31.04
C GLY M 40 40.09 16.88 31.35
N THR M 41 39.10 16.02 31.09
CA THR M 41 39.27 14.58 31.27
C THR M 41 38.87 13.79 30.01
N LEU M 42 39.40 12.58 29.86
CA LEU M 42 39.05 11.74 28.75
C LEU M 42 37.61 11.28 28.95
N LEU M 43 37.20 11.11 30.21
CA LEU M 43 35.84 10.64 30.42
C LEU M 43 34.83 11.68 29.89
N ALA M 44 35.13 12.97 30.08
CA ALA M 44 34.27 14.02 29.58
C ALA M 44 34.28 14.05 28.04
N VAL M 45 35.45 13.85 27.45
CA VAL M 45 35.56 13.73 25.99
C VAL M 45 34.72 12.59 25.47
N VAL M 46 34.80 11.44 26.12
CA VAL M 46 34.03 10.28 25.71
C VAL M 46 32.53 10.58 25.77
N LEU M 47 32.10 11.16 26.87
CA LEU M 47 30.69 11.51 27.02
C LEU M 47 30.21 12.52 25.99
N ALA M 48 31.02 13.54 25.77
CA ALA M 48 30.66 14.56 24.75
C ALA M 48 30.58 13.92 23.36
N LEU M 49 31.54 13.07 23.01
CA LEU M 49 31.48 12.40 21.71
C LEU M 49 30.28 11.47 21.62
N GLU M 50 29.90 10.84 22.73
CA GLU M 50 28.66 10.03 22.68
C GLU M 50 27.44 10.92 22.43
N VAL M 51 27.38 12.09 23.07
CA VAL M 51 26.28 13.02 22.77
C VAL M 51 26.26 13.43 21.30
N VAL M 52 27.42 13.81 20.78
CA VAL M 52 27.53 14.16 19.39
C VAL M 52 27.07 13.02 18.48
N ALA M 53 27.48 11.79 18.81
CA ALA M 53 27.06 10.64 18.02
C ALA M 53 25.55 10.47 18.00
N ARG M 54 24.94 10.53 19.19
CA ARG M 54 23.49 10.37 19.27
C ARG M 54 22.74 11.44 18.47
N VAL M 55 23.19 12.68 18.57
CA VAL M 55 22.59 13.76 17.80
C VAL M 55 22.71 13.53 16.29
N ALA M 56 23.91 13.18 15.86
CA ALA M 56 24.15 12.93 14.43
C ALA M 56 23.39 11.73 13.92
N ILE M 57 23.24 10.70 14.74
CA ILE M 57 22.48 9.52 14.29
C ILE M 57 21.01 9.88 14.12
N GLU M 58 20.47 10.61 15.10
CA GLU M 58 19.09 11.03 14.98
C GLU M 58 18.91 11.92 13.73
N ALA M 59 19.84 12.84 13.51
CA ALA M 59 19.80 13.69 12.32
C ALA M 59 19.87 12.86 11.05
N ALA M 60 20.73 11.85 11.03
CA ALA M 60 20.89 11.02 9.83
C ALA M 60 19.59 10.28 9.55
N ARG M 61 18.87 9.87 10.59
CA ARG M 61 17.58 9.19 10.39
C ARG M 61 16.49 10.08 9.80
N LYS M 62 16.59 11.37 10.09
CA LYS M 62 15.59 12.38 9.73
C LYS M 62 15.84 13.15 8.44
N GLY M 63 16.99 12.95 7.79
CA GLY M 63 17.35 13.72 6.61
C GLY M 63 17.85 15.12 7.00
N ASN M 64 18.35 15.27 8.22
CA ASN M 64 18.75 16.60 8.70
C ASN M 64 20.23 16.77 8.41
N THR M 65 20.52 17.21 7.19
CA THR M 65 21.89 17.27 6.71
C THR M 65 22.71 18.30 7.48
N ASP M 66 22.08 19.41 7.81
CA ASP M 66 22.77 20.47 8.56
C ASP M 66 23.25 19.95 9.90
N ALA M 67 22.36 19.25 10.61
CA ALA M 67 22.73 18.76 11.93
C ALA M 67 23.80 17.67 11.88
N VAL M 68 23.77 16.80 10.87
CA VAL M 68 24.84 15.84 10.72
C VAL M 68 26.16 16.58 10.52
N ARG M 69 26.17 17.56 9.63
CA ARG M 69 27.38 18.34 9.37
C ARG M 69 27.92 19.02 10.64
N GLU M 70 27.02 19.72 11.34
CA GLU M 70 27.39 20.44 12.58
C GLU M 70 27.96 19.47 13.61
N ALA M 71 27.28 18.35 13.76
CA ALA M 71 27.73 17.38 14.76
C ALA M 71 29.10 16.79 14.43
N LEU M 72 29.29 16.41 13.17
CA LEU M 72 30.57 15.84 12.84
C LEU M 72 31.72 16.85 12.86
N GLU M 73 31.44 18.12 12.55
CA GLU M 73 32.46 19.18 12.74
C GLU M 73 32.85 19.26 14.23
N VAL M 74 31.87 19.14 15.12
CA VAL M 74 32.23 19.17 16.55
C VAL M 74 33.02 17.93 16.96
N ALA M 75 32.70 16.74 16.42
CA ALA M 75 33.54 15.58 16.66
C ALA M 75 34.98 15.84 16.19
N LEU M 76 35.13 16.41 15.00
CA LEU M 76 36.45 16.75 14.46
C LEU M 76 37.18 17.71 15.40
N GLU M 77 36.48 18.71 15.91
CA GLU M 77 37.13 19.67 16.80
C GLU M 77 37.53 19.05 18.14
N ILE M 78 36.68 18.20 18.69
CA ILE M 78 37.00 17.47 19.91
C ILE M 78 38.26 16.64 19.59
N ALA M 79 38.33 15.98 18.44
CA ALA M 79 39.55 15.22 18.08
C ALA M 79 40.77 16.14 17.96
N ARG M 80 40.58 17.34 17.43
CA ARG M 80 41.69 18.29 17.34
C ARG M 80 42.16 18.79 18.70
N GLU M 81 41.23 19.11 19.60
CA GLU M 81 41.57 19.78 20.87
C GLU M 81 41.99 18.89 22.04
N SER M 82 41.59 17.62 21.99
CA SER M 82 41.83 16.72 23.13
C SER M 82 43.28 16.35 23.34
N GLY M 83 44.07 16.29 22.27
CA GLY M 83 45.48 15.95 22.31
C GLY M 83 45.79 14.50 22.62
N THR M 84 44.82 13.61 22.39
CA THR M 84 45.05 12.18 22.59
C THR M 84 44.63 11.34 21.40
N LYS M 85 45.33 10.21 21.23
CA LYS M 85 44.99 9.25 20.17
C LYS M 85 43.62 8.64 20.43
N VAL M 86 43.33 8.39 21.71
CA VAL M 86 42.02 7.85 22.08
C VAL M 86 40.88 8.73 21.58
N ALA M 87 41.00 10.06 21.72
CA ALA M 87 39.95 10.94 21.22
C ALA M 87 39.79 10.85 19.69
N VAL M 88 40.91 10.75 18.97
CA VAL M 88 40.88 10.61 17.52
C VAL M 88 40.16 9.32 17.11
N VAL M 89 40.51 8.20 17.74
CA VAL M 89 39.87 6.90 17.48
C VAL M 89 38.37 6.94 17.78
N LEU M 90 38.01 7.55 18.91
CA LEU M 90 36.60 7.68 19.28
C LEU M 90 35.84 8.56 18.27
N ALA M 91 36.46 9.63 17.81
CA ALA M 91 35.83 10.49 16.80
C ALA M 91 35.60 9.70 15.50
N LEU M 92 36.61 8.94 15.07
CA LEU M 92 36.43 8.08 13.89
C LEU M 92 35.31 7.04 14.08
N GLU M 93 35.16 6.50 15.29
CA GLU M 93 34.06 5.57 15.52
C GLU M 93 32.70 6.29 15.44
N VAL M 94 32.62 7.50 15.97
CA VAL M 94 31.40 8.31 15.80
C VAL M 94 31.06 8.47 14.31
N VAL M 95 32.06 8.89 13.53
CA VAL M 95 31.86 9.08 12.10
C VAL M 95 31.36 7.78 11.43
N ALA M 96 31.96 6.65 11.76
CA ALA M 96 31.53 5.36 11.23
C ALA M 96 30.08 5.05 11.58
N ARG M 97 29.71 5.23 12.86
CA ARG M 97 28.34 4.92 13.27
C ARG M 97 27.34 5.78 12.51
N VAL M 98 27.66 7.07 12.39
CA VAL M 98 26.75 7.98 11.68
C VAL M 98 26.62 7.58 10.18
N ALA M 99 27.76 7.32 9.55
CA ALA M 99 27.76 6.97 8.14
C ALA M 99 27.03 5.65 7.89
N ILE M 100 27.18 4.70 8.80
CA ILE M 100 26.45 3.43 8.65
C ILE M 100 24.92 3.63 8.76
N GLU M 101 24.51 4.39 9.78
CA GLU M 101 23.07 4.70 9.88
C GLU M 101 22.56 5.43 8.65
N ALA M 102 23.34 6.40 8.15
CA ALA M 102 22.97 7.11 6.94
C ALA M 102 22.84 6.19 5.73
N ALA M 103 23.77 5.25 5.59
CA ALA M 103 23.70 4.30 4.48
C ALA M 103 22.46 3.47 4.53
N ARG M 104 22.06 3.07 5.73
CA ARG M 104 20.83 2.30 5.91
C ARG M 104 19.53 3.05 5.56
N ARG M 105 19.58 4.37 5.64
CA ARG M 105 18.39 5.23 5.52
C ARG M 105 18.27 5.92 4.17
N GLY M 106 19.24 5.72 3.30
CA GLY M 106 19.23 6.38 2.00
C GLY M 106 19.66 7.83 2.11
N ASN M 107 20.40 8.15 3.17
CA ASN M 107 20.79 9.53 3.41
C ASN M 107 22.16 9.76 2.81
N VAL M 108 22.17 10.07 1.52
CA VAL M 108 23.42 10.16 0.78
C VAL M 108 24.22 11.38 1.20
N LEU M 109 23.55 12.49 1.55
CA LEU M 109 24.29 13.65 2.04
C LEU M 109 25.09 13.31 3.29
N ALA M 110 24.48 12.56 4.21
CA ALA M 110 25.09 12.29 5.50
C ALA M 110 26.26 11.31 5.31
N VAL M 111 26.11 10.37 4.36
CA VAL M 111 27.24 9.51 4.03
C VAL M 111 28.41 10.35 3.52
N ILE M 112 28.13 11.25 2.57
CA ILE M 112 29.18 12.10 2.05
C ILE M 112 29.87 12.93 3.14
N LEU M 113 29.05 13.58 3.96
CA LEU M 113 29.58 14.43 5.04
C LEU M 113 30.46 13.60 6.00
N ALA M 114 29.95 12.45 6.42
CA ALA M 114 30.68 11.59 7.36
C ALA M 114 32.00 11.13 6.76
N LEU M 115 31.97 10.63 5.52
CA LEU M 115 33.22 10.16 4.94
C LEU M 115 34.22 11.28 4.71
N GLU M 116 33.74 12.49 4.40
CA GLU M 116 34.65 13.63 4.29
C GLU M 116 35.34 13.94 5.63
N VAL M 117 34.58 13.83 6.73
CA VAL M 117 35.22 14.02 8.04
C VAL M 117 36.19 12.90 8.38
N ALA M 118 35.89 11.67 7.98
CA ALA M 118 36.90 10.60 8.13
C ALA M 118 38.16 10.97 7.36
N LEU M 119 38.01 11.42 6.12
CA LEU M 119 39.15 11.84 5.33
C LEU M 119 39.92 12.99 6.02
N GLU M 120 39.20 13.97 6.56
CA GLU M 120 39.86 15.10 7.23
C GLU M 120 40.59 14.65 8.50
N ILE M 121 40.01 13.71 9.26
CA ILE M 121 40.72 13.20 10.44
C ILE M 121 42.01 12.51 10.00
N ALA M 122 41.93 11.68 8.95
CA ALA M 122 43.16 11.04 8.45
C ALA M 122 44.19 12.07 7.94
N ARG M 123 43.73 13.09 7.22
CA ARG M 123 44.62 14.11 6.69
C ARG M 123 45.30 14.92 7.80
N GLU M 124 44.55 15.28 8.84
CA GLU M 124 45.09 16.13 9.91
C GLU M 124 45.90 15.36 10.95
N SER M 125 45.57 14.09 11.15
CA SER M 125 46.24 13.32 12.19
C SER M 125 47.71 13.06 11.91
N GLY M 126 48.08 12.85 10.65
CA GLY M 126 49.46 12.60 10.29
C GLY M 126 50.02 11.33 10.94
N THR M 127 49.14 10.38 11.23
CA THR M 127 49.58 9.06 11.65
C THR M 127 49.14 8.00 10.67
N GLU M 128 49.98 7.00 10.50
CA GLU M 128 49.60 5.87 9.68
C GLU M 128 48.34 5.19 10.20
N GLU M 129 48.26 5.05 11.52
CA GLU M 129 47.12 4.37 12.11
C GLU M 129 45.81 5.06 11.79
N ALA M 130 45.79 6.40 11.82
CA ALA M 130 44.55 7.10 11.49
C ALA M 130 44.13 6.89 10.04
N ALA M 131 45.12 6.82 9.14
CA ALA M 131 44.81 6.50 7.73
C ALA M 131 44.22 5.11 7.64
N LEU M 132 44.84 4.14 8.31
CA LEU M 132 44.31 2.77 8.30
C LEU M 132 42.88 2.68 8.85
N LEU M 133 42.65 3.34 9.97
CA LEU M 133 41.33 3.33 10.56
C LEU M 133 40.31 4.04 9.66
N ALA M 134 40.71 5.15 9.03
CA ALA M 134 39.79 5.82 8.13
C ALA M 134 39.42 4.91 6.96
N VAL M 135 40.42 4.21 6.42
CA VAL M 135 40.09 3.25 5.37
C VAL M 135 39.13 2.15 5.84
N GLU M 136 39.32 1.68 7.08
CA GLU M 136 38.39 0.73 7.70
C GLU M 136 36.97 1.29 7.86
N VAL M 137 36.85 2.57 8.22
CA VAL M 137 35.55 3.23 8.25
C VAL M 137 34.94 3.19 6.85
N VAL M 138 35.70 3.58 5.82
CA VAL M 138 35.16 3.61 4.47
C VAL M 138 34.70 2.21 4.06
N VAL M 139 35.49 1.19 4.39
CA VAL M 139 35.10 -0.19 4.06
C VAL M 139 33.79 -0.60 4.74
N ARG M 140 33.66 -0.27 6.02
CA ARG M 140 32.44 -0.60 6.77
C ARG M 140 31.22 0.06 6.13
N VAL M 141 31.38 1.33 5.74
CA VAL M 141 30.28 2.05 5.10
C VAL M 141 29.96 1.45 3.72
N SER M 142 30.99 1.12 2.92
CA SER M 142 30.80 0.44 1.67
C SER M 142 30.04 -0.88 1.83
N ASP M 143 30.46 -1.70 2.79
CA ASP M 143 29.78 -2.96 3.07
C ASP M 143 28.31 -2.75 3.37
N GLU M 144 28.03 -1.80 4.25
CA GLU M 144 26.61 -1.54 4.57
C GLU M 144 25.81 -1.06 3.37
N ALA M 145 26.39 -0.15 2.60
CA ALA M 145 25.74 0.39 1.42
C ALA M 145 25.46 -0.70 0.39
N LYS M 146 26.40 -1.62 0.18
CA LYS M 146 26.15 -2.75 -0.72
C LYS M 146 24.99 -3.58 -0.17
N LYS M 147 25.01 -3.85 1.13
CA LYS M 147 23.96 -4.68 1.74
C LYS M 147 22.56 -4.06 1.56
N GLN M 148 22.47 -2.74 1.69
CA GLN M 148 21.20 -2.02 1.60
C GLN M 148 20.77 -1.61 0.18
N GLY M 149 21.66 -1.80 -0.79
CA GLY M 149 21.40 -1.39 -2.17
C GLY M 149 21.43 0.12 -2.33
N ASN M 150 22.35 0.76 -1.63
CA ASN M 150 22.49 2.21 -1.68
C ASN M 150 23.66 2.51 -2.59
N ALA M 151 23.38 2.58 -3.88
CA ALA M 151 24.44 2.68 -4.89
C ALA M 151 25.18 4.01 -4.78
N VAL M 152 24.47 5.10 -4.42
CA VAL M 152 25.14 6.39 -4.24
C VAL M 152 26.24 6.30 -3.16
N ALA M 153 25.91 5.65 -2.05
CA ALA M 153 26.86 5.49 -0.95
C ALA M 153 28.02 4.56 -1.29
N VAL M 154 27.76 3.51 -2.08
CA VAL M 154 28.85 2.66 -2.53
C VAL M 154 29.81 3.51 -3.35
N ALA M 155 29.26 4.32 -4.25
CA ALA M 155 30.11 5.13 -5.11
C ALA M 155 30.89 6.18 -4.32
N VAL M 156 30.23 6.81 -3.36
CA VAL M 156 30.90 7.79 -2.50
C VAL M 156 32.02 7.15 -1.71
N ALA M 157 31.76 5.98 -1.14
CA ALA M 157 32.83 5.28 -0.41
C ALA M 157 33.99 4.96 -1.34
N GLU M 158 33.71 4.49 -2.55
CA GLU M 158 34.83 4.21 -3.48
C GLU M 158 35.62 5.50 -3.78
N GLN M 159 34.91 6.61 -3.97
CA GLN M 159 35.60 7.88 -4.23
C GLN M 159 36.54 8.30 -3.09
N VAL M 160 36.02 8.22 -1.88
CA VAL M 160 36.83 8.59 -0.71
C VAL M 160 38.00 7.61 -0.48
N ALA M 161 37.76 6.30 -0.66
CA ALA M 161 38.86 5.33 -0.62
C ALA M 161 39.96 5.72 -1.61
N LYS M 162 39.56 6.01 -2.84
CA LYS M 162 40.53 6.39 -3.86
C LYS M 162 41.31 7.62 -3.42
N LYS M 163 40.61 8.62 -2.90
CA LYS M 163 41.27 9.84 -2.46
C LYS M 163 42.29 9.60 -1.34
N ILE M 164 41.88 8.83 -0.33
CA ILE M 164 42.81 8.50 0.75
C ILE M 164 44.00 7.74 0.15
N LEU M 165 43.73 6.77 -0.72
CA LEU M 165 44.81 5.97 -1.29
C LEU M 165 45.76 6.79 -2.17
N GLU M 166 45.24 7.78 -2.89
CA GLU M 166 46.11 8.65 -3.70
C GLU M 166 46.90 9.68 -2.90
N GLU M 167 46.22 10.29 -1.92
CA GLU M 167 46.75 11.47 -1.23
C GLU M 167 47.38 11.25 0.16
N SER M 168 47.09 10.11 0.79
CA SER M 168 47.57 9.88 2.15
C SER M 168 49.10 9.80 2.21
N ASP N 1 43.00 -15.02 -20.38
CA ASP N 1 42.08 -14.58 -21.41
C ASP N 1 40.72 -15.21 -21.11
N GLU N 2 40.72 -16.51 -20.80
CA GLU N 2 39.49 -17.24 -20.50
C GLU N 2 38.62 -16.48 -19.50
N ARG N 3 39.24 -15.95 -18.45
CA ARG N 3 38.53 -15.17 -17.44
C ARG N 3 37.78 -13.98 -18.07
N ARG N 4 38.43 -13.32 -19.01
CA ARG N 4 37.87 -12.16 -19.69
C ARG N 4 36.76 -12.60 -20.68
N GLU N 5 36.99 -13.77 -21.27
CA GLU N 5 36.05 -14.38 -22.20
C GLU N 5 34.78 -14.80 -21.42
N LEU N 6 35.03 -15.38 -20.24
CA LEU N 6 33.95 -15.86 -19.38
C LEU N 6 33.26 -14.64 -18.80
N GLU N 7 34.00 -13.55 -18.66
CA GLU N 7 33.43 -12.29 -18.22
C GLU N 7 32.43 -11.76 -19.26
N LYS N 8 32.84 -11.78 -20.53
CA LYS N 8 31.93 -11.38 -21.62
C LYS N 8 30.67 -12.24 -21.62
N VAL N 9 30.88 -13.55 -21.58
CA VAL N 9 29.77 -14.52 -21.55
C VAL N 9 28.83 -14.24 -20.38
N ALA N 10 29.40 -14.06 -19.19
CA ALA N 10 28.59 -13.78 -18.00
C ALA N 10 27.72 -12.54 -18.18
N VAL N 11 28.35 -11.46 -18.65
CA VAL N 11 27.63 -10.20 -18.86
C VAL N 11 26.43 -10.39 -19.79
N LYS N 12 26.71 -11.00 -20.95
CA LYS N 12 25.64 -11.22 -21.92
C LYS N 12 24.55 -12.16 -21.42
N ALA N 13 24.95 -13.24 -20.77
CA ALA N 13 23.99 -14.22 -20.27
C ALA N 13 23.11 -13.67 -19.13
N ILE N 14 23.70 -12.91 -18.22
CA ILE N 14 22.94 -12.31 -17.13
C ILE N 14 21.93 -11.33 -17.66
N MET N 15 22.40 -10.48 -18.59
CA MET N 15 21.46 -9.53 -19.17
C MET N 15 20.33 -10.28 -19.90
N ALA N 16 20.66 -11.33 -20.62
CA ALA N 16 19.63 -12.17 -21.27
C ALA N 16 18.67 -12.82 -20.27
N ALA N 17 19.19 -13.27 -19.15
CA ALA N 17 18.31 -13.84 -18.12
C ALA N 17 17.37 -12.79 -17.53
N MET N 18 17.84 -11.56 -17.40
CA MET N 18 16.98 -10.46 -16.91
C MET N 18 15.83 -10.12 -17.86
N LEU N 19 16.05 -10.31 -19.15
CA LEU N 19 15.11 -9.91 -20.22
C LEU N 19 14.20 -11.01 -20.79
N GLY N 20 14.37 -12.26 -20.37
CA GLY N 20 13.57 -13.34 -20.92
C GLY N 20 14.03 -13.78 -22.31
N ASN N 21 15.32 -13.61 -22.58
CA ASN N 21 15.90 -13.94 -23.89
C ASN N 21 16.52 -15.31 -23.80
N THR N 22 15.65 -16.31 -23.93
CA THR N 22 16.04 -17.70 -23.76
C THR N 22 17.09 -18.11 -24.79
N ASP N 23 16.90 -17.65 -26.03
CA ASP N 23 17.83 -18.03 -27.09
C ASP N 23 19.27 -17.58 -26.78
N GLU N 24 19.42 -16.34 -26.33
CA GLU N 24 20.73 -15.79 -25.99
C GLU N 24 21.32 -16.44 -24.73
N VAL N 25 20.49 -16.69 -23.71
CA VAL N 25 21.00 -17.41 -22.52
C VAL N 25 21.55 -18.76 -22.91
N ARG N 26 20.79 -19.49 -23.74
CA ARG N 26 21.22 -20.81 -24.24
C ARG N 26 22.58 -20.73 -24.97
N GLU N 27 22.65 -19.80 -25.92
CA GLU N 27 23.91 -19.67 -26.68
C GLU N 27 25.11 -19.33 -25.79
N GLN N 28 24.95 -18.36 -24.88
CA GLN N 28 26.05 -17.93 -24.01
C GLN N 28 26.46 -19.05 -23.04
N LEU N 29 25.50 -19.77 -22.47
CA LEU N 29 25.88 -20.87 -21.57
C LEU N 29 26.63 -21.98 -22.34
N GLN N 30 26.23 -22.23 -23.60
CA GLN N 30 26.97 -23.19 -24.42
C GLN N 30 28.41 -22.72 -24.59
N ARG N 31 28.59 -21.41 -24.75
CA ARG N 31 29.98 -20.93 -24.86
C ARG N 31 30.76 -21.05 -23.56
N ALA N 32 30.12 -20.86 -22.40
CA ALA N 32 30.82 -21.11 -21.14
C ALA N 32 31.28 -22.56 -21.06
N LEU N 33 30.38 -23.47 -21.47
CA LEU N 33 30.75 -24.89 -21.47
C LEU N 33 31.94 -25.13 -22.37
N GLU N 34 31.90 -24.55 -23.57
CA GLU N 34 33.00 -24.76 -24.50
C GLU N 34 34.32 -24.18 -24.01
N ILE N 35 34.27 -23.03 -23.35
CA ILE N 35 35.49 -22.47 -22.76
C ILE N 35 36.08 -23.43 -21.71
N ALA N 36 35.21 -23.96 -20.84
CA ALA N 36 35.71 -24.92 -19.85
C ALA N 36 36.33 -26.11 -20.58
N ARG N 37 35.66 -26.59 -21.63
CA ARG N 37 36.16 -27.69 -22.44
C ARG N 37 37.52 -27.41 -23.05
N GLU N 38 37.66 -26.23 -23.64
CA GLU N 38 38.88 -25.89 -24.36
C GLU N 38 40.06 -25.66 -23.42
N SER N 39 39.79 -25.11 -22.23
CA SER N 39 40.84 -24.76 -21.28
C SER N 39 41.51 -25.94 -20.60
N GLY N 40 40.75 -26.98 -20.29
CA GLY N 40 41.32 -28.19 -19.71
C GLY N 40 41.92 -28.02 -18.32
N THR N 41 41.41 -27.06 -17.55
CA THR N 41 41.86 -26.87 -16.17
C THR N 41 40.68 -26.82 -15.19
N LEU N 42 40.93 -27.14 -13.92
CA LEU N 42 39.91 -27.07 -12.91
C LEU N 42 39.59 -25.60 -12.67
N LEU N 43 40.58 -24.73 -12.83
CA LEU N 43 40.30 -23.32 -12.57
C LEU N 43 39.27 -22.79 -13.58
N ALA N 44 39.36 -23.24 -14.84
CA ALA N 44 38.41 -22.85 -15.87
C ALA N 44 37.02 -23.43 -15.57
N VAL N 45 36.98 -24.68 -15.11
CA VAL N 45 35.72 -25.30 -14.67
C VAL N 45 35.09 -24.52 -13.55
N VAL N 46 35.88 -24.12 -12.57
CA VAL N 46 35.37 -23.35 -11.44
C VAL N 46 34.78 -22.02 -11.91
N LEU N 47 35.52 -21.33 -12.77
CA LEU N 47 35.04 -20.06 -13.29
C LEU N 47 33.77 -20.21 -14.12
N ALA N 48 33.74 -21.22 -14.98
CA ALA N 48 32.52 -21.45 -15.78
C ALA N 48 31.32 -21.77 -14.88
N LEU N 49 31.53 -22.62 -13.87
CA LEU N 49 30.42 -22.91 -12.96
C LEU N 49 29.99 -21.69 -12.18
N GLU N 50 30.94 -20.81 -11.83
CA GLU N 50 30.53 -19.55 -11.18
C GLU N 50 29.67 -18.70 -12.14
N VAL N 51 30.05 -18.63 -13.42
CA VAL N 51 29.21 -17.92 -14.39
C VAL N 51 27.81 -18.52 -14.49
N VAL N 52 27.75 -19.84 -14.60
CA VAL N 52 26.49 -20.53 -14.64
C VAL N 52 25.64 -20.22 -13.39
N ALA N 53 26.29 -20.24 -12.23
CA ALA N 53 25.57 -19.94 -11.00
C ALA N 53 24.98 -18.53 -10.99
N ARG N 54 25.80 -17.55 -11.37
CA ARG N 54 25.33 -16.17 -11.40
C ARG N 54 24.13 -15.99 -12.36
N VAL N 55 24.23 -16.61 -13.54
CA VAL N 55 23.13 -16.54 -14.50
C VAL N 55 21.85 -17.17 -13.94
N ALA N 56 21.98 -18.35 -13.36
CA ALA N 56 20.83 -19.06 -12.80
C ALA N 56 20.23 -18.33 -11.61
N ILE N 57 21.08 -17.69 -10.80
CA ILE N 57 20.54 -16.94 -9.65
C ILE N 57 19.75 -15.73 -10.13
N GLU N 58 20.31 -15.01 -11.11
CA GLU N 58 19.57 -13.90 -11.66
C GLU N 58 18.25 -14.35 -12.27
N ALA N 59 18.29 -15.46 -13.02
CA ALA N 59 17.07 -16.03 -13.60
C ALA N 59 16.07 -16.41 -12.52
N ALA N 60 16.54 -17.01 -11.43
CA ALA N 60 15.64 -17.42 -10.36
C ALA N 60 14.97 -16.22 -9.73
N ARG N 61 15.69 -15.09 -9.64
CA ARG N 61 15.10 -13.88 -9.08
C ARG N 61 14.00 -13.27 -9.95
N LYS N 62 14.11 -13.49 -11.25
CA LYS N 62 13.23 -12.91 -12.28
C LYS N 62 12.05 -13.77 -12.72
N GLY N 63 11.96 -15.01 -12.26
CA GLY N 63 10.92 -15.92 -12.71
C GLY N 63 11.26 -16.49 -14.10
N ASN N 64 12.54 -16.53 -14.44
CA ASN N 64 12.93 -16.96 -15.79
C ASN N 64 13.25 -18.44 -15.72
N THR N 65 12.20 -19.24 -15.85
CA THR N 65 12.30 -20.68 -15.65
C THR N 65 13.17 -21.35 -16.72
N ASP N 66 13.05 -20.85 -17.93
CA ASP N 66 13.85 -21.40 -19.05
C ASP N 66 15.33 -21.24 -18.77
N ALA N 67 15.72 -20.04 -18.34
CA ALA N 67 17.14 -19.78 -18.10
C ALA N 67 17.68 -20.58 -16.91
N VAL N 68 16.88 -20.76 -15.85
CA VAL N 68 17.31 -21.61 -14.76
C VAL N 68 17.55 -23.02 -15.28
N ARG N 69 16.61 -23.55 -16.05
CA ARG N 69 16.74 -24.89 -16.60
C ARG N 69 18.00 -25.04 -17.48
N GLU N 70 18.18 -24.08 -18.40
CA GLU N 70 19.34 -24.10 -19.32
C GLU N 70 20.64 -24.06 -18.53
N ALA N 71 20.67 -23.17 -17.56
CA ALA N 71 21.89 -23.02 -16.77
C ALA N 71 22.23 -24.29 -15.97
N LEU N 72 21.23 -24.86 -15.31
CA LEU N 72 21.52 -26.04 -14.55
C LEU N 72 21.85 -27.27 -15.39
N GLU N 73 21.27 -27.37 -16.59
CA GLU N 73 21.70 -28.41 -17.54
C GLU N 73 23.18 -28.24 -17.89
N VAL N 74 23.61 -27.00 -18.06
CA VAL N 74 25.04 -26.81 -18.36
C VAL N 74 25.92 -27.14 -17.14
N ALA N 75 25.48 -26.81 -15.91
CA ALA N 75 26.20 -27.26 -14.74
C ALA N 75 26.32 -28.81 -14.72
N LEU N 76 25.21 -29.48 -15.01
CA LEU N 76 25.20 -30.95 -15.08
C LEU N 76 26.21 -31.45 -16.12
N GLU N 77 26.24 -30.82 -17.29
CA GLU N 77 27.16 -31.26 -18.32
C GLU N 77 28.62 -31.01 -17.96
N ILE N 78 28.91 -29.86 -17.34
CA ILE N 78 30.24 -29.57 -16.85
C ILE N 78 30.58 -30.67 -15.84
N ALA N 79 29.67 -31.04 -14.95
CA ALA N 79 29.95 -32.14 -13.99
C ALA N 79 30.19 -33.47 -14.72
N ARG N 80 29.45 -33.71 -15.79
CA ARG N 80 29.68 -34.94 -16.57
C ARG N 80 31.03 -34.96 -17.28
N GLU N 81 31.41 -33.84 -17.89
CA GLU N 81 32.60 -33.80 -18.77
C GLU N 81 33.95 -33.58 -18.10
N SER N 82 33.95 -33.00 -16.90
CA SER N 82 35.19 -32.63 -16.24
C SER N 82 36.03 -33.80 -15.75
N GLY N 83 35.38 -34.90 -15.38
CA GLY N 83 36.04 -36.09 -14.89
C GLY N 83 36.65 -35.99 -13.51
N THR N 84 36.19 -35.03 -12.71
CA THR N 84 36.67 -34.89 -11.35
C THR N 84 35.54 -34.80 -10.32
N LYS N 85 35.84 -35.28 -9.11
CA LYS N 85 34.89 -35.17 -7.99
C LYS N 85 34.67 -33.72 -7.62
N VAL N 86 35.74 -32.93 -7.67
CA VAL N 86 35.65 -31.51 -7.38
C VAL N 86 34.60 -30.82 -8.27
N ALA N 87 34.58 -31.14 -9.57
CA ALA N 87 33.57 -30.53 -10.44
C ALA N 87 32.14 -30.93 -10.06
N VAL N 88 31.95 -32.20 -9.67
CA VAL N 88 30.66 -32.67 -9.25
C VAL N 88 30.18 -31.93 -7.98
N VAL N 89 31.06 -31.81 -6.99
CA VAL N 89 30.76 -31.08 -5.75
C VAL N 89 30.43 -29.60 -6.02
N LEU N 90 31.21 -28.98 -6.89
CA LEU N 90 30.95 -27.58 -7.27
C LEU N 90 29.62 -27.43 -7.99
N ALA N 91 29.29 -28.37 -8.87
CA ALA N 91 28.00 -28.34 -9.56
C ALA N 91 26.85 -28.45 -8.55
N LEU N 92 26.98 -29.39 -7.60
CA LEU N 92 25.96 -29.50 -6.55
C LEU N 92 25.83 -28.21 -5.71
N GLU N 93 26.95 -27.53 -5.45
CA GLU N 93 26.85 -26.26 -4.72
C GLU N 93 26.14 -25.19 -5.56
N VAL N 94 26.41 -25.16 -6.86
CA VAL N 94 25.65 -24.26 -7.75
C VAL N 94 24.13 -24.53 -7.64
N VAL N 95 23.76 -25.82 -7.77
CA VAL N 95 22.37 -26.20 -7.67
C VAL N 95 21.74 -25.75 -6.33
N ALA N 96 22.47 -25.96 -5.23
CA ALA N 96 22.00 -25.52 -3.91
C ALA N 96 21.78 -24.01 -3.86
N ARG N 97 22.76 -23.23 -4.34
CA ARG N 97 22.63 -21.77 -4.27
C ARG N 97 21.42 -21.30 -5.09
N VAL N 98 21.25 -21.89 -6.27
CA VAL N 98 20.11 -21.50 -7.11
C VAL N 98 18.75 -21.86 -6.43
N ALA N 99 18.69 -23.08 -5.90
CA ALA N 99 17.47 -23.54 -5.26
C ALA N 99 17.13 -22.72 -4.03
N ILE N 100 18.16 -22.34 -3.28
CA ILE N 100 17.92 -21.49 -2.10
C ILE N 100 17.38 -20.09 -2.49
N GLU N 101 18.02 -19.48 -3.48
CA GLU N 101 17.49 -18.20 -3.99
C GLU N 101 16.06 -18.33 -4.49
N ALA N 102 15.78 -19.41 -5.23
CA ALA N 102 14.43 -19.65 -5.71
C ALA N 102 13.43 -19.81 -4.58
N ALA N 103 13.82 -20.53 -3.53
CA ALA N 103 12.93 -20.70 -2.39
C ALA N 103 12.59 -19.40 -1.73
N ARG N 104 13.58 -18.51 -1.64
CA ARG N 104 13.36 -17.18 -1.08
C ARG N 104 12.41 -16.26 -1.88
N ARG N 105 12.31 -16.53 -3.17
CA ARG N 105 11.60 -15.66 -4.13
C ARG N 105 10.23 -16.18 -4.52
N GLY N 106 9.86 -17.35 -4.03
CA GLY N 106 8.58 -17.95 -4.41
C GLY N 106 8.63 -18.57 -5.79
N ASN N 107 9.84 -18.91 -6.24
CA ASN N 107 10.01 -19.44 -7.58
C ASN N 107 9.98 -20.96 -7.51
N VAL N 108 8.78 -21.49 -7.54
CA VAL N 108 8.59 -22.92 -7.33
C VAL N 108 9.12 -23.72 -8.51
N LEU N 109 9.00 -23.20 -9.74
CA LEU N 109 9.56 -23.91 -10.88
C LEU N 109 11.06 -24.11 -10.72
N ALA N 110 11.76 -23.07 -10.27
CA ALA N 110 13.22 -23.11 -10.19
C ALA N 110 13.65 -24.05 -9.07
N VAL N 111 12.88 -24.08 -7.97
CA VAL N 111 13.16 -25.06 -6.93
C VAL N 111 13.03 -26.48 -7.50
N ILE N 112 11.94 -26.75 -8.21
CA ILE N 112 11.76 -28.06 -8.80
C ILE N 112 12.89 -28.44 -9.76
N LEU N 113 13.22 -27.51 -10.67
CA LEU N 113 14.28 -27.76 -11.66
C LEU N 113 15.62 -28.04 -10.94
N ALA N 114 15.96 -27.20 -9.97
CA ALA N 114 17.23 -27.35 -9.25
C ALA N 114 17.29 -28.69 -8.53
N LEU N 115 16.24 -29.02 -7.79
CA LEU N 115 16.27 -30.29 -7.06
C LEU N 115 16.30 -31.50 -7.98
N GLU N 116 15.64 -31.40 -9.14
CA GLU N 116 15.74 -32.50 -10.13
C GLU N 116 17.18 -32.67 -10.62
N VAL N 117 17.90 -31.57 -10.85
CA VAL N 117 19.30 -31.68 -11.22
C VAL N 117 20.16 -32.24 -10.10
N ALA N 118 19.87 -31.88 -8.84
CA ALA N 118 20.55 -32.54 -7.72
C ALA N 118 20.33 -34.04 -7.78
N LEU N 119 19.07 -34.45 -7.97
CA LEU N 119 18.75 -35.86 -8.08
C LEU N 119 19.51 -36.52 -9.24
N GLU N 120 19.57 -35.85 -10.40
CA GLU N 120 20.27 -36.42 -11.56
C GLU N 120 21.78 -36.53 -11.29
N ILE N 121 22.36 -35.55 -10.62
CA ILE N 121 23.81 -35.64 -10.29
C ILE N 121 24.02 -36.85 -9.38
N ALA N 122 23.16 -37.02 -8.36
CA ALA N 122 23.29 -38.20 -7.49
C ALA N 122 23.08 -39.52 -8.27
N ARG N 123 22.10 -39.56 -9.15
CA ARG N 123 21.83 -40.76 -9.94
C ARG N 123 22.98 -41.12 -10.86
N GLU N 124 23.57 -40.13 -11.53
CA GLU N 124 24.64 -40.38 -12.51
C GLU N 124 26.00 -40.58 -11.90
N SER N 125 26.25 -39.96 -10.74
CA SER N 125 27.56 -40.04 -10.13
C SER N 125 27.94 -41.44 -9.65
N GLY N 126 26.97 -42.20 -9.14
CA GLY N 126 27.24 -43.53 -8.65
C GLY N 126 28.23 -43.57 -7.50
N THR N 127 28.29 -42.48 -6.73
CA THR N 127 29.05 -42.48 -5.49
C THR N 127 28.14 -42.24 -4.31
N GLU N 128 28.45 -42.87 -3.20
CA GLU N 128 27.73 -42.61 -1.97
C GLU N 128 27.80 -41.14 -1.57
N GLU N 129 28.99 -40.56 -1.73
CA GLU N 129 29.17 -39.18 -1.32
C GLU N 129 28.25 -38.24 -2.08
N ALA N 130 28.08 -38.46 -3.38
CA ALA N 130 27.18 -37.58 -4.14
C ALA N 130 25.73 -37.71 -3.68
N ALA N 131 25.32 -38.92 -3.31
CA ALA N 131 23.98 -39.11 -2.74
C ALA N 131 23.86 -38.34 -1.45
N LEU N 132 24.85 -38.48 -0.56
CA LEU N 132 24.83 -37.73 0.70
C LEU N 132 24.77 -36.21 0.52
N LEU N 133 25.60 -35.71 -0.40
CA LEU N 133 25.60 -34.29 -0.66
C LEU N 133 24.28 -33.83 -1.28
N ALA N 134 23.71 -34.64 -2.18
CA ALA N 134 22.42 -34.26 -2.75
C ALA N 134 21.35 -34.19 -1.66
N VAL N 135 21.36 -35.15 -0.75
CA VAL N 135 20.42 -35.07 0.35
C VAL N 135 20.64 -33.82 1.22
N GLU N 136 21.90 -33.45 1.43
CA GLU N 136 22.21 -32.19 2.12
C GLU N 136 21.72 -30.94 1.37
N VAL N 137 21.82 -30.95 0.04
CA VAL N 137 21.22 -29.87 -0.75
C VAL N 137 19.71 -29.82 -0.49
N VAL N 138 19.03 -30.98 -0.58
CA VAL N 138 17.59 -30.99 -0.37
C VAL N 138 17.25 -30.46 1.01
N VAL N 139 18.01 -30.87 2.03
CA VAL N 139 17.75 -30.37 3.39
C VAL N 139 17.91 -28.86 3.50
N ARG N 140 18.98 -28.32 2.89
CA ARG N 140 19.20 -26.86 2.91
C ARG N 140 18.03 -26.12 2.26
N VAL N 141 17.56 -26.65 1.13
CA VAL N 141 16.43 -26.02 0.44
C VAL N 141 15.15 -26.14 1.27
N SER N 142 14.89 -27.30 1.88
CA SER N 142 13.78 -27.47 2.78
C SER N 142 13.81 -26.46 3.95
N ASP N 143 14.97 -26.33 4.58
CA ASP N 143 15.14 -25.37 5.67
C ASP N 143 14.79 -23.96 5.23
N GLU N 144 15.34 -23.57 4.08
CA GLU N 144 15.03 -22.21 3.60
C GLU N 144 13.55 -22.01 3.29
N ALA N 145 12.95 -22.99 2.64
CA ALA N 145 11.55 -22.94 2.29
C ALA N 145 10.66 -22.86 3.53
N LYS N 146 10.98 -23.62 4.58
CA LYS N 146 10.24 -23.51 5.84
C LYS N 146 10.39 -22.10 6.40
N LYS N 147 11.61 -21.58 6.40
CA LYS N 147 11.87 -20.24 6.94
C LYS N 147 11.06 -19.15 6.21
N GLN N 148 10.95 -19.27 4.90
CA GLN N 148 10.25 -18.29 4.06
C GLN N 148 8.73 -18.52 3.92
N GLY N 149 8.24 -19.64 4.41
CA GLY N 149 6.82 -19.99 4.26
C GLY N 149 6.47 -20.36 2.84
N ASN N 150 7.38 -21.06 2.17
CA ASN N 150 7.17 -21.48 0.80
C ASN N 150 6.77 -22.94 0.83
N ALA N 151 5.47 -23.18 1.01
CA ALA N 151 4.98 -24.54 1.24
C ALA N 151 5.18 -25.41 0.01
N VAL N 152 5.05 -24.85 -1.20
CA VAL N 152 5.30 -25.63 -2.41
C VAL N 152 6.72 -26.21 -2.42
N ALA N 153 7.70 -25.38 -2.07
CA ALA N 153 9.09 -25.81 -2.04
C ALA N 153 9.38 -26.81 -0.92
N VAL N 154 8.72 -26.67 0.23
CA VAL N 154 8.88 -27.66 1.28
C VAL N 154 8.39 -29.01 0.74
N ALA N 155 7.24 -28.99 0.08
CA ALA N 155 6.68 -30.24 -0.42
C ALA N 155 7.56 -30.85 -1.52
N VAL N 156 8.06 -30.01 -2.41
CA VAL N 156 8.96 -30.49 -3.47
C VAL N 156 10.22 -31.10 -2.89
N ALA N 157 10.82 -30.43 -1.90
CA ALA N 157 12.00 -31.00 -1.24
C ALA N 157 11.66 -32.33 -0.61
N GLU N 158 10.53 -32.44 0.08
CA GLU N 158 10.17 -33.75 0.67
C GLU N 158 10.04 -34.82 -0.43
N GLN N 159 9.41 -34.46 -1.54
CA GLN N 159 9.26 -35.43 -2.65
C GLN N 159 10.61 -35.94 -3.18
N VAL N 160 11.52 -35.00 -3.41
CA VAL N 160 12.83 -35.37 -3.92
C VAL N 160 13.65 -36.16 -2.89
N ALA N 161 13.58 -35.77 -1.61
CA ALA N 161 14.21 -36.56 -0.55
C ALA N 161 13.69 -38.00 -0.59
N LYS N 162 12.38 -38.15 -0.65
CA LYS N 162 11.79 -39.49 -0.70
C LYS N 162 12.31 -40.27 -1.88
N LYS N 163 12.36 -39.61 -3.05
CA LYS N 163 12.84 -40.30 -4.25
C LYS N 163 14.29 -40.76 -4.14
N ILE N 164 15.16 -39.87 -3.65
CA ILE N 164 16.55 -40.25 -3.45
C ILE N 164 16.61 -41.41 -2.45
N LEU N 165 15.85 -41.31 -1.36
CA LEU N 165 15.89 -42.35 -0.33
C LEU N 165 15.35 -43.69 -0.84
N GLU N 166 14.34 -43.67 -1.70
CA GLU N 166 13.83 -44.93 -2.27
C GLU N 166 14.72 -45.54 -3.35
N GLU N 167 15.25 -44.68 -4.23
CA GLU N 167 15.90 -45.13 -5.46
C GLU N 167 17.44 -45.14 -5.46
N SER N 168 18.06 -44.43 -4.52
CA SER N 168 19.53 -44.33 -4.52
C SER N 168 20.19 -45.67 -4.28
N ASP O 1 0.99 -43.81 23.89
CA ASP O 1 -0.38 -43.44 23.57
C ASP O 1 -0.56 -41.97 23.95
N GLU O 2 -0.08 -41.60 25.15
CA GLU O 2 -0.20 -40.23 25.65
C GLU O 2 0.26 -39.22 24.61
N ARG O 3 1.37 -39.49 23.95
CA ARG O 3 1.88 -38.63 22.89
C ARG O 3 0.84 -38.40 21.78
N ARG O 4 0.15 -39.48 21.42
CA ARG O 4 -0.86 -39.43 20.37
C ARG O 4 -2.13 -38.71 20.87
N GLU O 5 -2.40 -38.92 22.15
CA GLU O 5 -3.53 -38.29 22.83
C GLU O 5 -3.26 -36.76 22.93
N LEU O 6 -2.02 -36.44 23.27
CA LEU O 6 -1.61 -35.05 23.42
C LEU O 6 -1.54 -34.44 22.04
N GLU O 7 -1.27 -35.28 21.04
CA GLU O 7 -1.29 -34.83 19.65
C GLU O 7 -2.71 -34.41 19.25
N LYS O 8 -3.69 -35.25 19.58
CA LYS O 8 -5.09 -34.90 19.32
C LYS O 8 -5.48 -33.58 20.00
N VAL O 9 -5.15 -33.52 21.29
CA VAL O 9 -5.43 -32.32 22.09
C VAL O 9 -4.79 -31.07 21.47
N ALA O 10 -3.52 -31.19 21.10
CA ALA O 10 -2.79 -30.06 20.48
C ALA O 10 -3.50 -29.57 19.23
N VAL O 11 -3.83 -30.53 18.34
CA VAL O 11 -4.50 -30.20 17.09
C VAL O 11 -5.78 -29.41 17.32
N LYS O 12 -6.63 -29.98 18.18
CA LYS O 12 -7.92 -29.33 18.48
C LYS O 12 -7.76 -27.96 19.16
N ALA O 13 -6.84 -27.89 20.12
CA ALA O 13 -6.63 -26.64 20.84
C ALA O 13 -6.03 -25.52 19.97
N ILE O 14 -5.07 -25.87 19.10
CA ILE O 14 -4.48 -24.89 18.22
C ILE O 14 -5.52 -24.35 17.26
N MET O 15 -6.29 -25.28 16.68
CA MET O 15 -7.34 -24.83 15.77
C MET O 15 -8.35 -23.93 16.51
N ALA O 16 -8.70 -24.29 17.73
CA ALA O 16 -9.58 -23.44 18.55
C ALA O 16 -8.97 -22.07 18.86
N ALA O 17 -7.67 -22.03 19.13
CA ALA O 17 -7.00 -20.75 19.36
C ALA O 17 -7.00 -19.87 18.10
N MET O 18 -6.88 -20.49 16.93
CA MET O 18 -6.93 -19.74 15.67
C MET O 18 -8.32 -19.12 15.40
N LEU O 19 -9.37 -19.76 15.89
CA LEU O 19 -10.77 -19.36 15.61
C LEU O 19 -11.49 -18.55 16.70
N GLY O 20 -10.85 -18.30 17.83
CA GLY O 20 -11.50 -17.57 18.91
C GLY O 20 -12.51 -18.43 19.68
N ASN O 21 -12.27 -19.73 19.72
CA ASN O 21 -13.18 -20.68 20.38
C ASN O 21 -12.65 -20.95 21.78
N THR O 22 -12.97 -20.02 22.67
CA THR O 22 -12.45 -20.05 24.03
C THR O 22 -12.90 -21.31 24.76
N ASP O 23 -14.16 -21.68 24.57
CA ASP O 23 -14.69 -22.85 25.26
C ASP O 23 -13.90 -24.12 24.92
N GLU O 24 -13.62 -24.32 23.65
CA GLU O 24 -12.87 -25.50 23.20
C GLU O 24 -11.41 -25.44 23.64
N VAL O 25 -10.77 -24.27 23.55
CA VAL O 25 -9.38 -24.14 24.06
C VAL O 25 -9.33 -24.53 25.53
N ARG O 26 -10.27 -24.01 26.32
CA ARG O 26 -10.34 -24.34 27.75
C ARG O 26 -10.49 -25.85 27.99
N GLU O 27 -11.45 -26.45 27.30
CA GLU O 27 -11.66 -27.90 27.48
C GLU O 27 -10.41 -28.73 27.10
N GLN O 28 -9.80 -28.42 25.94
CA GLN O 28 -8.64 -29.19 25.48
C GLN O 28 -7.43 -29.00 26.41
N LEU O 29 -7.20 -27.77 26.88
CA LEU O 29 -6.06 -27.57 27.80
C LEU O 29 -6.30 -28.32 29.12
N GLN O 30 -7.56 -28.39 29.58
CA GLN O 30 -7.86 -29.17 30.78
C GLN O 30 -7.51 -30.63 30.53
N ARG O 31 -7.77 -31.11 29.32
CA ARG O 31 -7.38 -32.50 29.04
C ARG O 31 -5.89 -32.71 28.97
N ALA O 32 -5.13 -31.74 28.45
CA ALA O 32 -3.67 -31.86 28.52
C ALA O 32 -3.20 -31.96 29.97
N LEU O 33 -3.80 -31.14 30.82
CA LEU O 33 -3.44 -31.20 32.24
C LEU O 33 -3.73 -32.57 32.82
N GLU O 34 -4.92 -33.08 32.51
CA GLU O 34 -5.29 -34.38 33.02
C GLU O 34 -4.41 -35.51 32.52
N ILE O 35 -4.00 -35.45 31.26
CA ILE O 35 -3.07 -36.44 30.75
C ILE O 35 -1.74 -36.40 31.51
N ALA O 36 -1.22 -35.20 31.74
CA ALA O 36 0.02 -35.09 32.53
C ALA O 36 -0.22 -35.70 33.92
N ARG O 37 -1.36 -35.39 34.50
CA ARG O 37 -1.74 -35.93 35.81
C ARG O 37 -1.78 -37.46 35.83
N GLU O 38 -2.44 -38.02 34.82
CA GLU O 38 -2.64 -39.47 34.79
C GLU O 38 -1.36 -40.24 34.51
N SER O 39 -0.49 -39.65 33.70
CA SER O 39 0.75 -40.32 33.27
C SER O 39 1.81 -40.45 34.36
N GLY O 40 1.94 -39.44 35.22
CA GLY O 40 2.87 -39.53 36.33
C GLY O 40 4.34 -39.59 35.95
N THR O 41 4.69 -39.03 34.79
CA THR O 41 6.09 -38.95 34.37
C THR O 41 6.51 -37.52 33.97
N LEU O 42 7.79 -37.23 34.05
CA LEU O 42 8.29 -35.94 33.64
C LEU O 42 8.16 -35.83 32.14
N LEU O 43 8.29 -36.96 31.43
CA LEU O 43 8.20 -36.88 29.97
C LEU O 43 6.80 -36.41 29.56
N ALA O 44 5.77 -36.89 30.28
CA ALA O 44 4.40 -36.47 29.99
C ALA O 44 4.20 -34.99 30.33
N VAL O 45 4.79 -34.54 31.44
CA VAL O 45 4.77 -33.12 31.80
C VAL O 45 5.41 -32.27 30.73
N VAL O 46 6.56 -32.71 30.23
CA VAL O 46 7.26 -31.98 29.19
C VAL O 46 6.40 -31.86 27.94
N LEU O 47 5.82 -32.99 27.53
CA LEU O 47 4.96 -32.99 26.34
C LEU O 47 3.73 -32.10 26.52
N ALA O 48 3.09 -32.20 27.67
CA ALA O 48 1.91 -31.35 27.93
C ALA O 48 2.29 -29.87 27.92
N LEU O 49 3.42 -29.52 28.54
CA LEU O 49 3.85 -28.12 28.51
C LEU O 49 4.20 -27.68 27.10
N GLU O 50 4.76 -28.58 26.29
CA GLU O 50 4.99 -28.20 24.88
C GLU O 50 3.66 -27.94 24.15
N VAL O 51 2.65 -28.77 24.40
CA VAL O 51 1.33 -28.50 23.81
C VAL O 51 0.77 -27.15 24.26
N VAL O 52 0.83 -26.89 25.55
CA VAL O 52 0.40 -25.62 26.08
C VAL O 52 1.15 -24.45 25.42
N ALA O 53 2.46 -24.59 25.27
CA ALA O 53 3.24 -23.55 24.63
C ALA O 53 2.80 -23.28 23.20
N ARG O 54 2.63 -24.36 22.42
CA ARG O 54 2.21 -24.20 21.03
C ARG O 54 0.85 -23.50 20.92
N VAL O 55 -0.09 -23.91 21.77
CA VAL O 55 -1.40 -23.28 21.79
C VAL O 55 -1.33 -21.78 22.13
N ALA O 56 -0.57 -21.47 23.16
CA ALA O 56 -0.42 -20.07 23.59
C ALA O 56 0.31 -19.23 22.57
N ILE O 57 1.29 -19.81 21.88
CA ILE O 57 2.01 -19.06 20.84
C ILE O 57 1.07 -18.74 19.68
N GLU O 58 0.31 -19.74 19.25
CA GLU O 58 -0.66 -19.51 18.20
C GLU O 58 -1.66 -18.44 18.62
N ALA O 59 -2.16 -18.54 19.85
CA ALA O 59 -3.10 -17.53 20.38
C ALA O 59 -2.45 -16.16 20.40
N ALA O 60 -1.20 -16.06 20.82
CA ALA O 60 -0.52 -14.77 20.89
C ALA O 60 -0.40 -14.16 19.51
N ARG O 61 -0.20 -15.00 18.49
CA ARG O 61 -0.11 -14.48 17.12
C ARG O 61 -1.43 -13.93 16.57
N LYS O 62 -2.52 -14.45 17.08
CA LYS O 62 -3.88 -14.16 16.62
C LYS O 62 -4.64 -13.08 17.41
N GLY O 63 -4.07 -12.58 18.51
CA GLY O 63 -4.76 -11.63 19.37
C GLY O 63 -5.80 -12.35 20.25
N ASN O 64 -5.59 -13.63 20.51
CA ASN O 64 -6.59 -14.41 21.27
C ASN O 64 -6.18 -14.39 22.73
N THR O 65 -6.61 -13.32 23.41
CA THR O 65 -6.17 -13.06 24.77
C THR O 65 -6.69 -14.12 25.74
N ASP O 66 -7.91 -14.57 25.50
CA ASP O 66 -8.51 -15.61 26.37
C ASP O 66 -7.69 -16.88 26.33
N ALA O 67 -7.32 -17.30 25.12
CA ALA O 67 -6.57 -18.55 24.98
C ALA O 67 -5.16 -18.44 25.57
N VAL O 68 -4.51 -17.29 25.43
CA VAL O 68 -3.22 -17.13 26.08
C VAL O 68 -3.38 -17.26 27.59
N ARG O 69 -4.38 -16.58 28.14
CA ARG O 69 -4.63 -16.65 29.58
C ARG O 69 -4.90 -18.10 30.05
N GLU O 70 -5.80 -18.79 29.35
CA GLU O 70 -6.17 -20.18 29.69
C GLU O 70 -4.93 -21.09 29.64
N ALA O 71 -4.17 -20.91 28.57
CA ALA O 71 -2.99 -21.76 28.41
C ALA O 71 -1.95 -21.52 29.51
N LEU O 72 -1.68 -20.27 29.80
CA LEU O 72 -0.68 -20.01 30.82
C LEU O 72 -1.14 -20.39 32.23
N GLU O 73 -2.43 -20.30 32.51
CA GLU O 73 -2.97 -20.83 33.77
C GLU O 73 -2.72 -22.35 33.86
N VAL O 74 -2.89 -23.04 32.74
CA VAL O 74 -2.62 -24.49 32.78
C VAL O 74 -1.11 -24.77 32.95
N ALA O 75 -0.24 -23.97 32.33
CA ALA O 75 1.19 -24.11 32.60
C ALA O 75 1.48 -23.92 34.11
N LEU O 76 0.88 -22.89 34.70
CA LEU O 76 1.03 -22.62 36.14
C LEU O 76 0.56 -23.83 36.96
N GLU O 77 -0.57 -24.41 36.58
CA GLU O 77 -1.08 -25.55 37.35
C GLU O 77 -0.20 -26.79 37.20
N ILE O 78 0.30 -27.04 35.99
CA ILE O 78 1.24 -28.13 35.76
C ILE O 78 2.45 -27.86 36.66
N ALA O 79 2.95 -26.61 36.72
CA ALA O 79 4.09 -26.31 37.62
C ALA O 79 3.72 -26.55 39.09
N ARG O 80 2.50 -26.23 39.47
CA ARG O 80 2.05 -26.48 40.85
C ARG O 80 1.95 -27.97 41.17
N GLU O 81 1.40 -28.77 40.26
CA GLU O 81 1.06 -30.17 40.55
C GLU O 81 2.19 -31.20 40.35
N SER O 82 3.18 -30.86 39.54
CA SER O 82 4.22 -31.83 39.19
C SER O 82 5.17 -32.17 40.32
N GLY O 83 5.40 -31.23 41.22
CA GLY O 83 6.29 -31.43 42.37
C GLY O 83 7.77 -31.49 42.05
N THR O 84 8.17 -30.96 40.89
CA THR O 84 9.58 -30.92 40.52
C THR O 84 10.03 -29.53 40.08
N LYS O 85 11.32 -29.26 40.33
CA LYS O 85 11.93 -28.00 39.88
C LYS O 85 11.96 -27.95 38.37
N VAL O 86 12.24 -29.09 37.74
CA VAL O 86 12.25 -29.16 36.28
C VAL O 86 10.92 -28.68 35.69
N ALA O 87 9.78 -29.08 36.26
CA ALA O 87 8.51 -28.60 35.74
C ALA O 87 8.34 -27.08 35.88
N VAL O 88 8.80 -26.53 37.00
CA VAL O 88 8.74 -25.09 37.22
C VAL O 88 9.58 -24.34 36.17
N VAL O 89 10.81 -24.79 35.95
CA VAL O 89 11.71 -24.20 34.95
C VAL O 89 11.10 -24.28 33.54
N LEU O 90 10.54 -25.43 33.21
CA LEU O 90 9.89 -25.61 31.89
C LEU O 90 8.68 -24.69 31.74
N ALA O 91 7.90 -24.54 32.81
CA ALA O 91 6.75 -23.63 32.76
C ALA O 91 7.22 -22.19 32.54
N LEU O 92 8.26 -21.77 33.25
CA LEU O 92 8.84 -20.43 33.01
C LEU O 92 9.35 -20.26 31.58
N GLU O 93 9.94 -21.31 30.99
CA GLU O 93 10.36 -21.18 29.59
C GLU O 93 9.16 -21.05 28.65
N VAL O 94 8.09 -21.79 28.92
CA VAL O 94 6.84 -21.59 28.16
C VAL O 94 6.38 -20.13 28.21
N VAL O 95 6.31 -19.59 29.44
CA VAL O 95 5.89 -18.21 29.63
C VAL O 95 6.80 -17.23 28.83
N ALA O 96 8.11 -17.45 28.90
CA ALA O 96 9.04 -16.62 28.13
C ALA O 96 8.79 -16.69 26.63
N ARG O 97 8.63 -17.90 26.09
CA ARG O 97 8.41 -18.04 24.65
C ARG O 97 7.13 -17.33 24.22
N VAL O 98 6.07 -17.49 25.02
CA VAL O 98 4.81 -16.85 24.69
C VAL O 98 4.93 -15.30 24.73
N ALA O 99 5.57 -14.81 25.80
CA ALA O 99 5.72 -13.37 25.97
C ALA O 99 6.58 -12.78 24.87
N ILE O 100 7.62 -13.49 24.45
CA ILE O 100 8.46 -13.01 23.36
C ILE O 100 7.69 -12.92 22.03
N GLU O 101 6.95 -13.99 21.72
CA GLU O 101 6.10 -13.95 20.51
C GLU O 101 5.09 -12.81 20.58
N ALA O 102 4.47 -12.62 21.75
CA ALA O 102 3.52 -11.52 21.92
C ALA O 102 4.17 -10.16 21.72
N ALA O 103 5.38 -9.98 22.25
CA ALA O 103 6.09 -8.72 22.07
C ALA O 103 6.36 -8.42 20.62
N ARG O 104 6.70 -9.46 19.86
CA ARG O 104 6.93 -9.30 18.42
C ARG O 104 5.69 -8.91 17.60
N ARG O 105 4.52 -9.25 18.12
CA ARG O 105 3.25 -9.12 17.38
C ARG O 105 2.41 -7.93 17.82
N GLY O 106 2.87 -7.18 18.81
CA GLY O 106 2.11 -6.04 19.32
C GLY O 106 0.99 -6.49 20.21
N ASN O 107 1.10 -7.69 20.78
CA ASN O 107 0.04 -8.24 21.60
C ASN O 107 0.32 -7.90 23.05
N VAL O 108 -0.11 -6.71 23.44
CA VAL O 108 0.21 -6.19 24.75
C VAL O 108 -0.53 -6.95 25.84
N LEU O 109 -1.75 -7.40 25.57
CA LEU O 109 -2.46 -8.20 26.58
C LEU O 109 -1.69 -9.46 26.91
N ALA O 110 -1.14 -10.13 25.88
CA ALA O 110 -0.50 -11.42 26.08
C ALA O 110 0.83 -11.21 26.80
N VAL O 111 1.51 -10.10 26.51
CA VAL O 111 2.72 -9.78 27.29
C VAL O 111 2.36 -9.61 28.76
N ILE O 112 1.33 -8.83 29.04
CA ILE O 112 0.91 -8.63 30.42
C ILE O 112 0.55 -9.95 31.12
N LEU O 113 -0.28 -10.75 30.46
CA LEU O 113 -0.71 -12.04 31.03
C LEU O 113 0.51 -12.94 31.31
N ALA O 114 1.40 -13.04 30.32
CA ALA O 114 2.58 -13.90 30.48
C ALA O 114 3.47 -13.44 31.63
N LEU O 115 3.75 -12.14 31.67
CA LEU O 115 4.62 -11.67 32.75
C LEU O 115 3.97 -11.80 34.13
N GLU O 116 2.64 -11.65 34.20
CA GLU O 116 1.96 -11.90 35.48
C GLU O 116 2.11 -13.37 35.92
N VAL O 117 2.03 -14.30 34.98
CA VAL O 117 2.27 -15.70 35.34
C VAL O 117 3.71 -15.95 35.74
N ALA O 118 4.67 -15.30 35.09
CA ALA O 118 6.07 -15.38 35.58
C ALA O 118 6.14 -14.89 37.01
N LEU O 119 5.52 -13.76 37.30
CA LEU O 119 5.51 -13.23 38.66
C LEU O 119 4.85 -14.22 39.65
N GLU O 120 3.73 -14.83 39.23
CA GLU O 120 3.05 -15.79 40.12
C GLU O 120 3.90 -17.05 40.35
N ILE O 121 4.61 -17.53 39.32
CA ILE O 121 5.50 -18.69 39.52
C ILE O 121 6.59 -18.31 40.52
N ALA O 122 7.19 -17.13 40.37
CA ALA O 122 8.20 -16.70 41.35
C ALA O 122 7.62 -16.54 42.77
N ARG O 123 6.42 -15.97 42.87
CA ARG O 123 5.78 -15.78 44.17
C ARG O 123 5.46 -17.11 44.85
N GLU O 124 4.94 -18.08 44.10
CA GLU O 124 4.52 -19.36 44.68
C GLU O 124 5.65 -20.34 44.90
N SER O 125 6.70 -20.24 44.10
CA SER O 125 7.80 -21.21 44.19
C SER O 125 8.58 -21.11 45.49
N GLY O 126 8.78 -19.89 46.00
CA GLY O 126 9.52 -19.70 47.23
C GLY O 126 10.96 -20.17 47.14
N THR O 127 11.52 -20.14 45.92
CA THR O 127 12.94 -20.38 45.75
C THR O 127 13.60 -19.16 45.17
N GLU O 128 14.84 -18.91 45.58
CA GLU O 128 15.62 -17.85 44.99
C GLU O 128 15.80 -18.05 43.49
N GLU O 129 16.04 -19.29 43.09
CA GLU O 129 16.28 -19.57 41.68
C GLU O 129 15.08 -19.20 40.84
N ALA O 130 13.87 -19.48 41.30
CA ALA O 130 12.69 -19.10 40.50
C ALA O 130 12.55 -17.60 40.35
N ALA O 131 12.91 -16.86 41.40
CA ALA O 131 12.91 -15.38 41.31
C ALA O 131 13.92 -14.95 40.27
N LEU O 132 15.13 -15.50 40.34
CA LEU O 132 16.16 -15.15 39.34
C LEU O 132 15.74 -15.46 37.90
N LEU O 133 15.17 -16.64 37.71
CA LEU O 133 14.72 -17.02 36.38
C LEU O 133 13.57 -16.14 35.92
N ALA O 134 12.65 -15.78 36.82
CA ALA O 134 11.56 -14.90 36.42
C ALA O 134 12.10 -13.54 36.00
N VAL O 135 13.08 -13.03 36.75
CA VAL O 135 13.69 -11.78 36.32
C VAL O 135 14.37 -11.89 34.94
N GLU O 136 15.01 -13.04 34.69
CA GLU O 136 15.58 -13.30 33.36
C GLU O 136 14.52 -13.37 32.25
N VAL O 137 13.36 -13.96 32.54
CA VAL O 137 12.24 -13.91 31.60
C VAL O 137 11.87 -12.45 31.32
N VAL O 138 11.69 -11.64 32.37
CA VAL O 138 11.29 -10.24 32.18
C VAL O 138 12.34 -9.53 31.33
N VAL O 139 13.62 -9.76 31.60
CA VAL O 139 14.68 -9.12 30.80
C VAL O 139 14.61 -9.53 29.32
N ARG O 140 14.41 -10.81 29.06
CA ARG O 140 14.30 -11.29 27.67
C ARG O 140 13.13 -10.61 26.94
N VAL O 141 12.00 -10.50 27.64
CA VAL O 141 10.83 -9.86 27.05
C VAL O 141 11.09 -8.35 26.84
N SER O 142 11.71 -7.67 27.80
CA SER O 142 12.11 -6.29 27.64
C SER O 142 13.02 -6.09 26.43
N ASP O 143 14.04 -6.92 26.31
CA ASP O 143 14.95 -6.87 25.17
C ASP O 143 14.21 -6.98 23.86
N GLU O 144 13.33 -7.97 23.77
CA GLU O 144 12.57 -8.12 22.52
C GLU O 144 11.66 -6.94 22.21
N ALA O 145 10.98 -6.44 23.24
CA ALA O 145 10.10 -5.32 23.10
C ALA O 145 10.86 -4.05 22.65
N LYS O 146 12.04 -3.82 23.20
CA LYS O 146 12.87 -2.70 22.75
C LYS O 146 13.23 -2.89 21.27
N LYS O 147 13.64 -4.11 20.92
CA LYS O 147 14.04 -4.39 19.53
C LYS O 147 12.89 -4.14 18.54
N GLN O 148 11.67 -4.49 18.92
CA GLN O 148 10.49 -4.36 18.06
C GLN O 148 9.79 -2.99 18.12
N GLY O 149 10.20 -2.14 19.06
CA GLY O 149 9.57 -0.85 19.26
C GLY O 149 8.18 -0.98 19.88
N ASN O 150 8.06 -1.91 20.81
CA ASN O 150 6.79 -2.16 21.47
C ASN O 150 6.87 -1.51 22.84
N ALA O 151 6.54 -0.21 22.88
CA ALA O 151 6.77 0.58 24.10
C ALA O 151 5.86 0.10 25.22
N VAL O 152 4.63 -0.33 24.91
CA VAL O 152 3.74 -0.86 25.96
C VAL O 152 4.40 -2.04 26.70
N ALA O 153 4.99 -2.95 25.92
CA ALA O 153 5.63 -4.14 26.49
C ALA O 153 6.91 -3.79 27.27
N VAL O 154 7.66 -2.80 26.81
CA VAL O 154 8.82 -2.35 27.58
C VAL O 154 8.33 -1.85 28.94
N ALA O 155 7.27 -1.05 28.91
CA ALA O 155 6.78 -0.49 30.18
C ALA O 155 6.22 -1.59 31.10
N VAL O 156 5.50 -2.53 30.54
CA VAL O 156 4.98 -3.64 31.33
C VAL O 156 6.09 -4.46 31.95
N ALA O 157 7.13 -4.76 31.16
CA ALA O 157 8.28 -5.49 31.70
C ALA O 157 8.91 -4.70 32.83
N GLU O 158 9.10 -3.39 32.66
CA GLU O 158 9.68 -2.60 33.75
C GLU O 158 8.80 -2.67 35.02
N GLN O 159 7.47 -2.59 34.83
CA GLN O 159 6.56 -2.68 35.97
C GLN O 159 6.70 -4.00 36.75
N VAL O 160 6.71 -5.09 36.00
CA VAL O 160 6.84 -6.41 36.61
C VAL O 160 8.21 -6.62 37.26
N ALA O 161 9.28 -6.16 36.60
CA ALA O 161 10.61 -6.18 37.22
C ALA O 161 10.59 -5.45 38.57
N LYS O 162 10.01 -4.25 38.57
CA LYS O 162 9.94 -3.47 39.81
C LYS O 162 9.18 -4.25 40.88
N LYS O 163 8.05 -4.85 40.50
CA LYS O 163 7.26 -5.60 41.47
C LYS O 163 8.02 -6.79 42.06
N ILE O 164 8.67 -7.56 41.20
CA ILE O 164 9.46 -8.69 41.68
C ILE O 164 10.57 -8.14 42.60
N LEU O 165 11.23 -7.07 42.19
CA LEU O 165 12.33 -6.52 42.99
C LEU O 165 11.86 -5.96 44.33
N GLU O 166 10.67 -5.37 44.39
CA GLU O 166 10.14 -4.88 45.66
C GLU O 166 9.60 -5.96 46.58
N GLU O 167 8.89 -6.94 46.00
CA GLU O 167 8.12 -7.90 46.77
C GLU O 167 8.73 -9.30 46.97
N SER O 168 9.73 -9.65 46.15
CA SER O 168 10.29 -11.00 46.23
C SER O 168 10.97 -11.26 47.56
N ASP P 1 27.00 -18.39 59.20
CA ASP P 1 25.86 -17.52 59.02
C ASP P 1 26.24 -16.47 57.97
N GLU P 2 27.44 -15.89 58.12
CA GLU P 2 27.93 -14.86 57.21
C GLU P 2 27.77 -15.28 55.75
N ARG P 3 28.11 -16.53 55.45
CA ARG P 3 27.96 -17.07 54.11
C ARG P 3 26.51 -16.95 53.60
N ARG P 4 25.57 -17.23 54.49
CA ARG P 4 24.14 -17.19 54.16
C ARG P 4 23.67 -15.72 54.04
N GLU P 5 24.27 -14.88 54.88
CA GLU P 5 23.99 -13.46 54.88
C GLU P 5 24.54 -12.83 53.57
N LEU P 6 25.73 -13.27 53.20
CA LEU P 6 26.39 -12.79 52.00
C LEU P 6 25.65 -13.36 50.80
N GLU P 7 25.04 -14.53 51.00
CA GLU P 7 24.21 -15.12 49.97
C GLU P 7 22.98 -14.25 49.70
N LYS P 8 22.32 -13.82 50.78
CA LYS P 8 21.17 -12.92 50.64
C LYS P 8 21.58 -11.64 49.91
N VAL P 9 22.67 -11.03 50.40
CA VAL P 9 23.20 -9.80 49.80
C VAL P 9 23.50 -9.99 48.31
N ALA P 10 24.18 -11.08 47.98
CA ALA P 10 24.51 -11.38 46.58
C ALA P 10 23.26 -11.44 45.70
N VAL P 11 22.28 -12.21 46.17
CA VAL P 11 21.02 -12.36 45.43
C VAL P 11 20.37 -11.01 45.13
N LYS P 12 20.20 -10.23 46.20
CA LYS P 12 19.57 -8.92 46.05
C LYS P 12 20.38 -7.95 45.16
N ALA P 13 21.69 -7.94 45.35
CA ALA P 13 22.55 -7.04 44.58
C ALA P 13 22.63 -7.41 43.09
N ILE P 14 22.70 -8.70 42.78
CA ILE P 14 22.74 -9.15 41.40
C ILE P 14 21.44 -8.80 40.71
N MET P 15 20.32 -9.08 41.39
CA MET P 15 19.05 -8.74 40.78
C MET P 15 18.96 -7.21 40.56
N ALA P 16 19.42 -6.43 41.53
CA ALA P 16 19.46 -4.96 41.37
C ALA P 16 20.37 -4.52 40.21
N ALA P 17 21.50 -5.18 40.04
CA ALA P 17 22.37 -4.85 38.92
C ALA P 17 21.73 -5.18 37.57
N MET P 18 20.94 -6.26 37.53
CA MET P 18 20.21 -6.61 36.29
C MET P 18 19.14 -5.57 35.91
N LEU P 19 18.56 -4.91 36.91
CA LEU P 19 17.42 -3.99 36.72
C LEU P 19 17.74 -2.49 36.69
N GLY P 20 19.00 -2.11 36.88
CA GLY P 20 19.34 -0.70 36.90
C GLY P 20 18.95 0.00 38.20
N ASN P 21 18.91 -0.76 39.29
CA ASN P 21 18.51 -0.23 40.59
C ASN P 21 19.75 0.12 41.38
N THR P 22 20.27 1.31 41.06
CA THR P 22 21.53 1.77 41.62
C THR P 22 21.45 1.89 43.15
N ASP P 23 20.32 2.41 43.63
CA ASP P 23 20.16 2.61 45.07
C ASP P 23 20.30 1.29 45.84
N GLU P 24 19.64 0.24 45.34
CA GLU P 24 19.68 -1.07 46.00
C GLU P 24 21.06 -1.72 45.85
N VAL P 25 21.68 -1.62 44.67
CA VAL P 25 23.05 -2.15 44.53
C VAL P 25 23.99 -1.50 45.54
N ARG P 26 23.90 -0.18 45.66
CA ARG P 26 24.72 0.57 46.64
C ARG P 26 24.49 0.07 48.07
N GLU P 27 23.23 -0.01 48.46
CA GLU P 27 22.93 -0.46 49.83
C GLU P 27 23.44 -1.90 50.11
N GLN P 28 23.19 -2.83 49.18
CA GLN P 28 23.61 -4.21 49.37
C GLN P 28 25.15 -4.36 49.40
N LEU P 29 25.84 -3.63 48.53
CA LEU P 29 27.31 -3.71 48.55
C LEU P 29 27.87 -3.14 49.87
N GLN P 30 27.23 -2.08 50.40
CA GLN P 30 27.64 -1.55 51.69
C GLN P 30 27.46 -2.63 52.77
N ARG P 31 26.40 -3.41 52.66
CA ARG P 31 26.25 -4.49 53.63
C ARG P 31 27.27 -5.60 53.48
N ALA P 32 27.67 -5.93 52.25
CA ALA P 32 28.77 -6.89 52.08
C ALA P 32 30.03 -6.38 52.76
N LEU P 33 30.30 -5.09 52.57
CA LEU P 33 31.48 -4.50 53.22
C LEU P 33 31.39 -4.63 54.73
N GLU P 34 30.21 -4.30 55.26
CA GLU P 34 30.04 -4.38 56.71
C GLU P 34 30.15 -5.80 57.26
N ILE P 35 29.64 -6.78 56.53
CA ILE P 35 29.82 -8.16 56.95
C ILE P 35 31.30 -8.53 57.01
N ALA P 36 32.05 -8.16 55.97
CA ALA P 36 33.50 -8.43 56.00
C ALA P 36 34.12 -7.75 57.22
N ARG P 37 33.72 -6.51 57.47
CA ARG P 37 34.19 -5.75 58.62
C ARG P 37 33.88 -6.45 59.95
N GLU P 38 32.65 -6.90 60.10
CA GLU P 38 32.21 -7.47 61.36
C GLU P 38 32.83 -8.84 61.63
N SER P 39 33.05 -9.60 60.56
CA SER P 39 33.57 -10.97 60.69
C SER P 39 35.04 -11.07 61.10
N GLY P 40 35.87 -10.16 60.61
CA GLY P 40 37.27 -10.14 61.02
C GLY P 40 38.08 -11.35 60.59
N THR P 41 37.70 -11.99 59.49
CA THR P 41 38.47 -13.11 58.93
C THR P 41 38.78 -12.93 57.44
N LEU P 42 39.83 -13.56 56.96
CA LEU P 42 40.17 -13.51 55.56
C LEU P 42 39.12 -14.27 54.79
N LEU P 43 38.54 -15.31 55.40
CA LEU P 43 37.55 -16.08 54.66
C LEU P 43 36.33 -15.20 54.35
N ALA P 44 35.95 -14.34 55.30
CA ALA P 44 34.83 -13.43 55.09
C ALA P 44 35.17 -12.38 54.01
N VAL P 45 36.41 -11.88 54.04
CA VAL P 45 36.89 -10.98 53.00
C VAL P 45 36.82 -11.62 51.63
N VAL P 46 37.27 -12.87 51.53
CA VAL P 46 37.24 -13.59 50.27
C VAL P 46 35.81 -13.73 49.76
N LEU P 47 34.91 -14.13 50.66
CA LEU P 47 33.50 -14.29 50.27
C LEU P 47 32.87 -12.97 49.84
N ALA P 48 33.13 -11.91 50.60
CA ALA P 48 32.59 -10.60 50.23
C ALA P 48 33.13 -10.14 48.88
N LEU P 49 34.42 -10.32 48.64
CA LEU P 49 34.98 -9.94 47.34
C LEU P 49 34.40 -10.80 46.23
N GLU P 50 34.12 -12.07 46.50
CA GLU P 50 33.45 -12.88 45.47
C GLU P 50 32.05 -12.32 45.17
N VAL P 51 31.31 -11.93 46.21
CA VAL P 51 30.01 -11.29 45.97
C VAL P 51 30.13 -10.03 45.13
N VAL P 52 31.06 -9.17 45.50
CA VAL P 52 31.31 -7.96 44.75
C VAL P 52 31.65 -8.28 43.29
N ALA P 53 32.50 -9.28 43.07
CA ALA P 53 32.84 -9.67 41.71
C ALA P 53 31.64 -10.11 40.90
N ARG P 54 30.82 -10.98 41.49
CA ARG P 54 29.63 -11.46 40.79
C ARG P 54 28.68 -10.31 40.41
N VAL P 55 28.48 -9.39 41.35
CA VAL P 55 27.62 -8.23 41.09
C VAL P 55 28.18 -7.36 39.95
N ALA P 56 29.46 -7.08 40.02
CA ALA P 56 30.11 -6.26 38.99
C ALA P 56 30.14 -6.93 37.64
N ILE P 57 30.29 -8.25 37.62
CA ILE P 57 30.30 -8.96 36.33
C ILE P 57 28.91 -8.91 35.70
N GLU P 58 27.89 -9.14 36.51
CA GLU P 58 26.53 -9.03 36.00
C GLU P 58 26.25 -7.62 35.49
N ALA P 59 26.67 -6.61 36.26
CA ALA P 59 26.51 -5.22 35.84
C ALA P 59 27.25 -4.95 34.54
N ALA P 60 28.46 -5.47 34.40
CA ALA P 60 29.24 -5.24 33.19
C ALA P 60 28.54 -5.85 31.98
N ARG P 61 27.88 -7.00 32.17
CA ARG P 61 27.15 -7.62 31.07
C ARG P 61 25.93 -6.83 30.60
N LYS P 62 25.34 -6.08 31.52
CA LYS P 62 24.10 -5.32 31.33
C LYS P 62 24.26 -3.85 30.94
N GLY P 63 25.48 -3.32 30.91
CA GLY P 63 25.70 -1.92 30.65
C GLY P 63 25.38 -1.07 31.89
N ASN P 64 25.46 -1.66 33.06
CA ASN P 64 25.09 -0.94 34.29
C ASN P 64 26.33 -0.32 34.88
N THR P 65 26.66 0.87 34.37
CA THR P 65 27.92 1.52 34.71
C THR P 65 27.97 1.92 36.17
N ASP P 66 26.83 2.35 36.69
CA ASP P 66 26.76 2.75 38.12
C ASP P 66 27.11 1.59 39.01
N ALA P 67 26.52 0.44 38.74
CA ALA P 67 26.76 -0.72 39.59
C ALA P 67 28.20 -1.24 39.49
N VAL P 68 28.80 -1.19 38.30
CA VAL P 68 30.19 -1.55 38.20
C VAL P 68 31.04 -0.62 39.06
N ARG P 69 30.78 0.68 38.95
CA ARG P 69 31.52 1.67 39.73
C ARG P 69 31.37 1.42 41.25
N GLU P 70 30.12 1.26 41.70
CA GLU P 70 29.82 1.04 43.13
C GLU P 70 30.53 -0.23 43.62
N ALA P 71 30.43 -1.27 42.82
CA ALA P 71 31.04 -2.54 43.23
C ALA P 71 32.57 -2.45 43.33
N LEU P 72 33.19 -1.85 42.34
CA LEU P 72 34.63 -1.75 42.40
C LEU P 72 35.13 -0.81 43.48
N GLU P 73 34.39 0.25 43.80
CA GLU P 73 34.72 1.08 44.97
C GLU P 73 34.68 0.25 46.25
N VAL P 74 33.69 -0.64 46.35
CA VAL P 74 33.66 -1.49 47.56
C VAL P 74 34.83 -2.50 47.58
N ALA P 75 35.22 -3.05 46.42
CA ALA P 75 36.42 -3.86 46.38
C ALA P 75 37.65 -3.07 46.86
N LEU P 76 37.77 -1.83 46.38
CA LEU P 76 38.87 -0.95 46.80
C LEU P 76 38.84 -0.74 48.32
N GLU P 77 37.65 -0.50 48.87
CA GLU P 77 37.58 -0.28 50.32
C GLU P 77 37.89 -1.52 51.13
N ILE P 78 37.43 -2.69 50.67
CA ILE P 78 37.77 -3.95 51.31
C ILE P 78 39.31 -4.07 51.24
N ALA P 79 39.93 -3.76 50.11
CA ALA P 79 41.41 -3.81 50.04
C ALA P 79 42.06 -2.81 51.01
N ARG P 80 41.45 -1.64 51.17
CA ARG P 80 41.99 -0.66 52.13
C ARG P 80 41.86 -1.12 53.58
N GLU P 81 40.70 -1.68 53.94
CA GLU P 81 40.39 -1.97 55.35
C GLU P 81 40.90 -3.30 55.91
N SER P 82 41.17 -4.26 55.04
CA SER P 82 41.52 -5.61 55.48
C SER P 82 42.90 -5.72 56.12
N GLY P 83 43.84 -4.88 55.70
CA GLY P 83 45.19 -4.86 56.22
C GLY P 83 46.06 -6.03 55.82
N THR P 84 45.70 -6.72 54.74
CA THR P 84 46.51 -7.83 54.24
C THR P 84 46.81 -7.72 52.75
N LYS P 85 47.97 -8.27 52.37
CA LYS P 85 48.36 -8.33 50.96
C LYS P 85 47.41 -9.22 50.19
N VAL P 86 47.00 -10.32 50.82
CA VAL P 86 46.04 -11.23 50.19
C VAL P 86 44.76 -10.49 49.76
N ALA P 87 44.22 -9.62 50.61
CA ALA P 87 43.03 -8.88 50.21
C ALA P 87 43.28 -7.96 49.01
N VAL P 88 44.45 -7.32 48.97
CA VAL P 88 44.80 -6.46 47.85
C VAL P 88 44.88 -7.26 46.54
N VAL P 89 45.56 -8.40 46.58
CA VAL P 89 45.68 -9.29 45.42
C VAL P 89 44.31 -9.78 44.94
N LEU P 90 43.46 -10.17 45.89
CA LEU P 90 42.11 -10.61 45.55
C LEU P 90 41.28 -9.48 44.94
N ALA P 91 41.42 -8.27 45.47
CA ALA P 91 40.72 -7.13 44.90
C ALA P 91 41.17 -6.87 43.47
N LEU P 92 42.48 -6.91 43.23
CA LEU P 92 42.99 -6.78 41.85
C LEU P 92 42.48 -7.88 40.92
N GLU P 93 42.32 -9.12 41.42
CA GLU P 93 41.76 -10.16 40.58
C GLU P 93 40.29 -9.89 40.26
N VAL P 94 39.53 -9.38 41.24
CA VAL P 94 38.15 -8.95 40.96
C VAL P 94 38.12 -7.91 39.83
N VAL P 95 38.96 -6.88 39.97
CA VAL P 95 39.04 -5.83 38.95
C VAL P 95 39.35 -6.42 37.56
N ALA P 96 40.33 -7.33 37.50
CA ALA P 96 40.67 -7.98 36.23
C ALA P 96 39.49 -8.74 35.64
N ARG P 97 38.80 -9.55 36.45
CA ARG P 97 37.68 -10.34 35.95
C ARG P 97 36.58 -9.42 35.40
N VAL P 98 36.30 -8.35 36.13
CA VAL P 98 35.26 -7.42 35.67
C VAL P 98 35.67 -6.73 34.34
N ALA P 99 36.92 -6.27 34.29
CA ALA P 99 37.40 -5.58 33.10
C ALA P 99 37.43 -6.49 31.90
N ILE P 100 37.80 -7.76 32.12
CA ILE P 100 37.80 -8.72 31.00
C ILE P 100 36.38 -8.97 30.46
N GLU P 101 35.43 -9.19 31.38
CA GLU P 101 34.03 -9.34 30.95
C GLU P 101 33.54 -8.11 30.21
N ALA P 102 33.87 -6.92 30.72
CA ALA P 102 33.50 -5.68 30.06
C ALA P 102 34.09 -5.56 28.66
N ALA P 103 35.35 -5.94 28.52
CA ALA P 103 35.99 -5.89 27.21
C ALA P 103 35.30 -6.78 26.21
N ARG P 104 34.87 -7.96 26.67
CA ARG P 104 34.12 -8.89 25.81
C ARG P 104 32.75 -8.40 25.35
N ARG P 105 32.15 -7.49 26.11
CA ARG P 105 30.77 -7.05 25.92
C ARG P 105 30.65 -5.68 25.26
N GLY P 106 31.78 -5.03 24.99
CA GLY P 106 31.76 -3.70 24.42
C GLY P 106 31.42 -2.65 25.45
N ASN P 107 31.66 -2.96 26.72
CA ASN P 107 31.31 -2.05 27.80
C ASN P 107 32.52 -1.21 28.14
N VAL P 108 32.67 -0.12 27.38
CA VAL P 108 33.87 0.70 27.49
C VAL P 108 33.89 1.46 28.81
N LEU P 109 32.73 1.88 29.33
CA LEU P 109 32.72 2.54 30.63
C LEU P 109 33.27 1.64 31.72
N ALA P 110 32.88 0.36 31.69
CA ALA P 110 33.25 -0.57 32.76
C ALA P 110 34.74 -0.89 32.65
N VAL P 111 35.26 -0.97 31.42
CA VAL P 111 36.71 -1.13 31.26
C VAL P 111 37.43 0.06 31.89
N ILE P 112 36.99 1.27 31.56
CA ILE P 112 37.62 2.46 32.13
C ILE P 112 37.57 2.47 33.65
N LEU P 113 36.38 2.22 34.21
CA LEU P 113 36.21 2.22 35.66
C LEU P 113 37.11 1.17 36.33
N ALA P 114 37.12 -0.04 35.76
CA ALA P 114 37.93 -1.12 36.34
C ALA P 114 39.41 -0.78 36.30
N LEU P 115 39.89 -0.33 35.15
CA LEU P 115 41.32 -0.01 35.07
C LEU P 115 41.71 1.16 35.97
N GLU P 116 40.80 2.13 36.14
CA GLU P 116 41.08 3.22 37.09
C GLU P 116 41.21 2.68 38.54
N VAL P 117 40.38 1.72 38.91
CA VAL P 117 40.53 1.11 40.23
C VAL P 117 41.81 0.29 40.34
N ALA P 118 42.21 -0.40 39.28
CA ALA P 118 43.54 -1.05 39.29
C ALA P 118 44.63 0.00 39.54
N LEU P 119 44.56 1.12 38.83
CA LEU P 119 45.54 2.19 39.03
C LEU P 119 45.51 2.71 40.47
N GLU P 120 44.30 2.90 41.03
CA GLU P 120 44.20 3.40 42.41
C GLU P 120 44.75 2.39 43.42
N ILE P 121 44.51 1.10 43.20
CA ILE P 121 45.09 0.08 44.10
C ILE P 121 46.62 0.15 44.04
N ALA P 122 47.17 0.25 42.82
CA ALA P 122 48.64 0.38 42.71
C ALA P 122 49.15 1.67 43.37
N ARG P 123 48.45 2.78 43.17
CA ARG P 123 48.86 4.06 43.75
C ARG P 123 48.81 4.04 45.28
N GLU P 124 47.77 3.46 45.86
CA GLU P 124 47.59 3.45 47.31
C GLU P 124 48.40 2.39 48.03
N SER P 125 48.67 1.27 47.36
CA SER P 125 49.36 0.17 48.01
C SER P 125 50.81 0.48 48.37
N GLY P 126 51.50 1.24 47.54
CA GLY P 126 52.88 1.60 47.80
C GLY P 126 53.80 0.37 47.86
N THR P 127 53.42 -0.69 47.15
CA THR P 127 54.32 -1.82 46.99
C THR P 127 54.65 -2.01 45.51
N GLU P 128 55.88 -2.43 45.26
CA GLU P 128 56.26 -2.79 43.91
C GLU P 128 55.39 -3.88 43.33
N GLU P 129 55.07 -4.88 44.16
CA GLU P 129 54.28 -6.00 43.69
C GLU P 129 52.91 -5.56 43.21
N ALA P 130 52.26 -4.63 43.92
CA ALA P 130 50.96 -4.18 43.46
C ALA P 130 51.02 -3.44 42.13
N ALA P 131 52.10 -2.69 41.91
CA ALA P 131 52.31 -2.04 40.61
C ALA P 131 52.47 -3.10 39.54
N LEU P 132 53.31 -4.11 39.79
CA LEU P 132 53.48 -5.19 38.82
C LEU P 132 52.18 -5.93 38.49
N LEU P 133 51.41 -6.24 39.53
CA LEU P 133 50.15 -6.93 39.31
C LEU P 133 49.16 -6.05 38.57
N ALA P 134 49.13 -4.74 38.88
CA ALA P 134 48.23 -3.85 38.16
C ALA P 134 48.60 -3.79 36.68
N VAL P 135 49.90 -3.74 36.40
CA VAL P 135 50.31 -3.79 35.00
C VAL P 135 49.90 -5.10 34.31
N GLU P 136 49.98 -6.21 35.04
CA GLU P 136 49.49 -7.50 34.53
C GLU P 136 47.98 -7.51 34.27
N VAL P 137 47.21 -6.86 35.16
CA VAL P 137 45.78 -6.68 34.90
C VAL P 137 45.59 -5.90 33.59
N VAL P 138 46.29 -4.78 33.43
CA VAL P 138 46.13 -3.97 32.23
C VAL P 138 46.47 -4.80 30.99
N VAL P 139 47.55 -5.58 31.07
CA VAL P 139 47.93 -6.43 29.92
C VAL P 139 46.85 -7.45 29.58
N ARG P 140 46.28 -8.09 30.60
CA ARG P 140 45.21 -9.09 30.38
C ARG P 140 44.01 -8.44 29.70
N VAL P 141 43.65 -7.24 30.15
CA VAL P 141 42.52 -6.54 29.56
C VAL P 141 42.84 -6.10 28.12
N SER P 142 44.06 -5.60 27.87
CA SER P 142 44.49 -5.29 26.53
C SER P 142 44.42 -6.50 25.58
N ASP P 143 44.94 -7.63 26.04
CA ASP P 143 44.88 -8.88 25.26
C ASP P 143 43.46 -9.24 24.90
N GLU P 144 42.57 -9.19 25.89
CA GLU P 144 41.17 -9.52 25.58
C GLU P 144 40.52 -8.55 24.60
N ALA P 145 40.77 -7.26 24.80
CA ALA P 145 40.24 -6.24 23.94
C ALA P 145 40.73 -6.39 22.50
N LYS P 146 42.01 -6.70 22.31
CA LYS P 146 42.54 -6.97 20.97
C LYS P 146 41.80 -8.17 20.38
N LYS P 147 41.64 -9.23 21.17
CA LYS P 147 40.98 -10.45 20.68
C LYS P 147 39.54 -10.18 20.21
N GLN P 148 38.83 -9.34 20.96
CA GLN P 148 37.42 -9.02 20.67
C GLN P 148 37.20 -7.89 19.67
N GLY P 149 38.26 -7.18 19.30
CA GLY P 149 38.16 -6.03 18.42
C GLY P 149 37.52 -4.83 19.10
N ASN P 150 37.86 -4.64 20.37
CA ASN P 150 37.31 -3.55 21.16
C ASN P 150 38.38 -2.48 21.22
N ALA P 151 38.41 -1.63 20.20
CA ALA P 151 39.50 -0.67 20.05
C ALA P 151 39.48 0.37 21.17
N VAL P 152 38.30 0.77 21.64
CA VAL P 152 38.23 1.70 22.77
C VAL P 152 38.98 1.16 24.01
N ALA P 153 38.74 -0.12 24.30
CA ALA P 153 39.37 -0.76 25.45
C ALA P 153 40.87 -0.96 25.26
N VAL P 154 41.32 -1.24 24.03
CA VAL P 154 42.74 -1.32 23.78
C VAL P 154 43.36 0.05 24.10
N ALA P 155 42.72 1.10 23.61
CA ALA P 155 43.28 2.44 23.83
C ALA P 155 43.28 2.82 25.32
N VAL P 156 42.20 2.50 26.01
CA VAL P 156 42.12 2.76 27.44
C VAL P 156 43.20 2.03 28.22
N ALA P 157 43.39 0.74 27.88
CA ALA P 157 44.46 -0.02 28.53
C ALA P 157 45.81 0.61 28.26
N GLU P 158 46.07 1.03 27.01
CA GLU P 158 47.36 1.68 26.74
C GLU P 158 47.51 2.96 27.58
N GLN P 159 46.44 3.75 27.68
CA GLN P 159 46.49 4.97 28.48
C GLN P 159 46.85 4.71 29.97
N VAL P 160 46.17 3.73 30.54
CA VAL P 160 46.42 3.39 31.93
C VAL P 160 47.82 2.78 32.14
N ALA P 161 48.27 1.92 31.21
CA ALA P 161 49.65 1.43 31.26
C ALA P 161 50.63 2.60 31.27
N LYS P 162 50.44 3.54 30.36
CA LYS P 162 51.33 4.69 30.29
C LYS P 162 51.32 5.45 31.61
N LYS P 163 50.14 5.66 32.17
CA LYS P 163 50.04 6.40 33.44
C LYS P 163 50.77 5.68 34.59
N ILE P 164 50.55 4.38 34.72
CA ILE P 164 51.25 3.61 35.75
C ILE P 164 52.76 3.72 35.48
N LEU P 165 53.17 3.55 34.22
CA LEU P 165 54.60 3.58 33.92
C LEU P 165 55.23 4.96 34.17
N GLU P 166 54.50 6.05 33.92
CA GLU P 166 55.02 7.38 34.22
C GLU P 166 55.03 7.75 35.69
N GLU P 167 53.96 7.39 36.40
CA GLU P 167 53.70 7.89 37.75
C GLU P 167 54.02 6.94 38.91
N SER P 168 54.16 5.64 38.63
CA SER P 168 54.38 4.68 39.70
C SER P 168 55.71 4.90 40.41
N ASP Q 1 67.11 0.90 8.53
CA ASP Q 1 66.36 1.71 7.59
C ASP Q 1 65.41 0.77 6.83
N GLU Q 2 65.95 -0.37 6.38
CA GLU Q 2 65.16 -1.35 5.63
C GLU Q 2 63.84 -1.66 6.33
N ARG Q 3 63.89 -1.85 7.64
CA ARG Q 3 62.69 -2.10 8.43
C ARG Q 3 61.64 -1.00 8.25
N ARG Q 4 62.11 0.23 8.24
CA ARG Q 4 61.24 1.41 8.09
C ARG Q 4 60.72 1.51 6.64
N GLU Q 5 61.59 1.12 5.73
CA GLU Q 5 61.28 1.10 4.30
C GLU Q 5 60.21 0.01 4.03
N LEU Q 6 60.42 -1.13 4.68
CA LEU Q 6 59.52 -2.27 4.54
C LEU Q 6 58.23 -1.92 5.25
N GLU Q 7 58.35 -1.09 6.28
CA GLU Q 7 57.17 -0.60 6.98
C GLU Q 7 56.30 0.25 6.05
N LYS Q 8 56.95 1.18 5.32
CA LYS Q 8 56.23 2.00 4.34
C LYS Q 8 55.54 1.12 3.29
N VAL Q 9 56.32 0.19 2.74
CA VAL Q 9 55.82 -0.74 1.73
C VAL Q 9 54.61 -1.52 2.26
N ALA Q 10 54.75 -2.06 3.47
CA ALA Q 10 53.66 -2.83 4.09
C ALA Q 10 52.37 -2.00 4.19
N VAL Q 11 52.52 -0.80 4.73
CA VAL Q 11 51.37 0.10 4.88
C VAL Q 11 50.64 0.33 3.56
N LYS Q 12 51.43 0.72 2.56
CA LYS Q 12 50.84 1.00 1.24
C LYS Q 12 50.22 -0.25 0.59
N ALA Q 13 50.92 -1.37 0.68
CA ALA Q 13 50.43 -2.61 0.07
C ALA Q 13 49.16 -3.16 0.75
N ILE Q 14 49.11 -3.09 2.08
CA ILE Q 14 47.95 -3.55 2.81
C ILE Q 14 46.73 -2.70 2.46
N MET Q 15 46.95 -1.38 2.46
CA MET Q 15 45.84 -0.51 2.11
C MET Q 15 45.39 -0.79 0.66
N ALA Q 16 46.33 -1.01 -0.24
CA ALA Q 16 45.98 -1.38 -1.62
C ALA Q 16 45.23 -2.72 -1.71
N ALA Q 17 45.62 -3.69 -0.90
CA ALA Q 17 44.91 -4.96 -0.89
C ALA Q 17 43.48 -4.81 -0.36
N MET Q 18 43.28 -3.91 0.61
CA MET Q 18 41.94 -3.64 1.12
C MET Q 18 41.01 -3.00 0.08
N LEU Q 19 41.57 -2.22 -0.84
CA LEU Q 19 40.81 -1.43 -1.83
C LEU Q 19 40.69 -2.01 -3.24
N GLY Q 20 41.30 -3.16 -3.51
CA GLY Q 20 41.25 -3.74 -4.84
C GLY Q 20 42.17 -3.03 -5.84
N ASN Q 21 43.25 -2.45 -5.34
CA ASN Q 21 44.19 -1.69 -6.17
C ASN Q 21 45.35 -2.60 -6.54
N THR Q 22 45.09 -3.41 -7.55
CA THR Q 22 46.03 -4.44 -7.97
C THR Q 22 47.36 -3.83 -8.42
N ASP Q 23 47.27 -2.72 -9.16
CA ASP Q 23 48.48 -2.08 -9.68
C ASP Q 23 49.43 -1.67 -8.53
N GLU Q 24 48.88 -1.06 -7.50
CA GLU Q 24 49.67 -0.61 -6.36
C GLU Q 24 50.19 -1.79 -5.53
N VAL Q 25 49.36 -2.81 -5.32
CA VAL Q 25 49.85 -4.01 -4.60
C VAL Q 25 51.05 -4.61 -5.33
N ARG Q 26 50.93 -4.74 -6.66
CA ARG Q 26 52.02 -5.26 -7.49
C ARG Q 26 53.30 -4.43 -7.34
N GLU Q 27 53.17 -3.11 -7.49
CA GLU Q 27 54.34 -2.25 -7.38
C GLU Q 27 55.02 -2.34 -5.98
N GLN Q 28 54.22 -2.29 -4.91
CA GLN Q 28 54.77 -2.33 -3.56
C GLN Q 28 55.43 -3.69 -3.25
N LEU Q 29 54.80 -4.78 -3.68
CA LEU Q 29 55.43 -6.10 -3.44
C LEU Q 29 56.76 -6.22 -4.21
N GLN Q 30 56.82 -5.64 -5.42
CA GLN Q 30 58.08 -5.64 -6.16
C GLN Q 30 59.14 -4.89 -5.36
N ARG Q 31 58.73 -3.80 -4.70
CA ARG Q 31 59.72 -3.09 -3.88
C ARG Q 31 60.16 -3.88 -2.64
N ALA Q 32 59.24 -4.63 -2.02
CA ALA Q 32 59.67 -5.51 -0.93
C ALA Q 32 60.72 -6.51 -1.42
N LEU Q 33 60.47 -7.07 -2.61
CA LEU Q 33 61.44 -8.00 -3.17
C LEU Q 33 62.78 -7.34 -3.38
N GLU Q 34 62.75 -6.14 -3.95
CA GLU Q 34 64.00 -5.43 -4.19
C GLU Q 34 64.75 -5.06 -2.93
N ILE Q 35 64.03 -4.69 -1.87
CA ILE Q 35 64.68 -4.42 -0.61
C ILE Q 35 65.38 -5.68 -0.07
N ALA Q 36 64.68 -6.83 -0.14
CA ALA Q 36 65.34 -8.07 0.29
C ALA Q 36 66.59 -8.32 -0.56
N ARG Q 37 66.47 -8.09 -1.86
CA ARG Q 37 67.59 -8.24 -2.78
C ARG Q 37 68.77 -7.34 -2.42
N GLU Q 38 68.47 -6.07 -2.17
CA GLU Q 38 69.53 -5.10 -1.91
C GLU Q 38 70.23 -5.31 -0.58
N SER Q 39 69.46 -5.76 0.42
CA SER Q 39 69.99 -5.92 1.78
C SER Q 39 70.95 -7.08 1.96
N GLY Q 40 70.71 -8.19 1.28
CA GLY Q 40 71.63 -9.32 1.33
C GLY Q 40 71.75 -10.00 2.69
N THR Q 41 70.70 -9.94 3.50
CA THR Q 41 70.68 -10.63 4.79
C THR Q 41 69.42 -11.49 4.96
N LEU Q 42 69.49 -12.51 5.81
CA LEU Q 42 68.35 -13.35 6.08
C LEU Q 42 67.35 -12.52 6.87
N LEU Q 43 67.82 -11.59 7.68
CA LEU Q 43 66.87 -10.81 8.48
C LEU Q 43 65.98 -9.98 7.53
N ALA Q 44 66.56 -9.44 6.46
CA ALA Q 44 65.79 -8.68 5.49
C ALA Q 44 64.79 -9.59 4.74
N VAL Q 45 65.24 -10.80 4.40
CA VAL Q 45 64.35 -11.80 3.79
C VAL Q 45 63.19 -12.10 4.68
N VAL Q 46 63.46 -12.32 5.98
CA VAL Q 46 62.41 -12.62 6.93
C VAL Q 46 61.39 -11.49 7.01
N LEU Q 47 61.90 -10.27 7.12
CA LEU Q 47 61.02 -9.10 7.18
C LEU Q 47 60.18 -8.92 5.92
N ALA Q 48 60.82 -9.09 4.77
CA ALA Q 48 60.08 -8.98 3.50
C ALA Q 48 59.00 -10.05 3.40
N LEU Q 49 59.33 -11.29 3.77
CA LEU Q 49 58.32 -12.35 3.75
C LEU Q 49 57.21 -12.07 4.75
N GLU Q 50 57.52 -11.48 5.89
CA GLU Q 50 56.44 -11.09 6.81
C GLU Q 50 55.53 -10.02 6.18
N VAL Q 51 56.12 -9.05 5.49
CA VAL Q 51 55.28 -8.07 4.77
C VAL Q 51 54.38 -8.73 3.74
N VAL Q 52 54.97 -9.61 2.93
CA VAL Q 52 54.21 -10.35 1.95
C VAL Q 52 53.07 -11.13 2.60
N ALA Q 53 53.36 -11.79 3.72
CA ALA Q 53 52.33 -12.54 4.41
C ALA Q 53 51.18 -11.66 4.87
N ARG Q 54 51.51 -10.53 5.50
CA ARG Q 54 50.47 -9.62 5.98
C ARG Q 54 49.58 -9.11 4.83
N VAL Q 55 50.22 -8.75 3.71
CA VAL Q 55 49.47 -8.30 2.55
C VAL Q 55 48.52 -9.39 2.01
N ALA Q 56 49.06 -10.59 1.87
CA ALA Q 56 48.27 -11.71 1.35
C ALA Q 56 47.15 -12.09 2.30
N ILE Q 57 47.39 -12.01 3.60
CA ILE Q 57 46.33 -12.34 4.56
C ILE Q 57 45.20 -11.33 4.48
N GLU Q 58 45.57 -10.06 4.43
CA GLU Q 58 44.56 -9.03 4.27
C GLU Q 58 43.77 -9.23 2.98
N ALA Q 59 44.48 -9.52 1.89
CA ALA Q 59 43.83 -9.80 0.60
C ALA Q 59 42.90 -10.99 0.70
N ALA Q 60 43.34 -12.05 1.38
CA ALA Q 60 42.52 -13.26 1.51
C ALA Q 60 41.25 -12.95 2.26
N ARG Q 61 41.33 -12.06 3.26
CA ARG Q 61 40.12 -11.68 4.01
C ARG Q 61 39.10 -10.89 3.19
N LYS Q 62 39.59 -10.17 2.21
CA LYS Q 62 38.80 -9.25 1.37
C LYS Q 62 38.28 -9.82 0.04
N GLY Q 63 38.68 -11.03 -0.32
CA GLY Q 63 38.31 -11.61 -1.61
C GLY Q 63 39.19 -11.02 -2.73
N ASN Q 64 40.38 -10.54 -2.39
CA ASN Q 64 41.22 -9.88 -3.39
C ASN Q 64 42.16 -10.91 -3.97
N THR Q 65 41.66 -11.62 -4.98
CA THR Q 65 42.37 -12.76 -5.55
C THR Q 65 43.66 -12.35 -6.23
N ASP Q 66 43.61 -11.20 -6.89
CA ASP Q 66 44.81 -10.69 -7.59
C ASP Q 66 45.93 -10.44 -6.61
N ALA Q 67 45.62 -9.80 -5.50
CA ALA Q 67 46.65 -9.48 -4.53
C ALA Q 67 47.22 -10.72 -3.84
N VAL Q 68 46.37 -11.72 -3.56
CA VAL Q 68 46.89 -12.97 -3.03
C VAL Q 68 47.87 -13.59 -4.02
N ARG Q 69 47.48 -13.64 -5.29
CA ARG Q 69 48.34 -14.21 -6.32
C ARG Q 69 49.69 -13.46 -6.42
N GLU Q 70 49.61 -12.13 -6.50
CA GLU Q 70 50.83 -11.29 -6.62
C GLU Q 70 51.74 -11.50 -5.42
N ALA Q 71 51.12 -11.51 -4.24
CA ALA Q 71 51.93 -11.68 -3.03
C ALA Q 71 52.62 -13.04 -2.96
N LEU Q 72 51.87 -14.10 -3.27
CA LEU Q 72 52.49 -15.40 -3.21
C LEU Q 72 53.53 -15.64 -4.29
N GLU Q 73 53.37 -15.04 -5.47
CA GLU Q 73 54.43 -15.07 -6.49
C GLU Q 73 55.70 -14.39 -5.95
N VAL Q 74 55.53 -13.30 -5.22
CA VAL Q 74 56.74 -12.66 -4.66
C VAL Q 74 57.37 -13.52 -3.55
N ALA Q 75 56.55 -14.20 -2.72
CA ALA Q 75 57.12 -15.16 -1.78
C ALA Q 75 57.93 -16.24 -2.51
N LEU Q 76 57.36 -16.78 -3.59
CA LEU Q 76 58.04 -17.78 -4.42
C LEU Q 76 59.38 -17.23 -4.94
N GLU Q 77 59.37 -15.99 -5.43
CA GLU Q 77 60.61 -15.43 -5.96
C GLU Q 77 61.66 -15.18 -4.88
N ILE Q 78 61.23 -14.71 -3.70
CA ILE Q 78 62.13 -14.54 -2.58
C ILE Q 78 62.70 -15.94 -2.27
N ALA Q 79 61.89 -16.99 -2.26
CA ALA Q 79 62.42 -18.35 -2.02
C ALA Q 79 63.41 -18.78 -3.12
N ARG Q 80 63.14 -18.39 -4.37
CA ARG Q 80 64.07 -18.70 -5.45
C ARG Q 80 65.39 -17.95 -5.33
N GLU Q 81 65.35 -16.66 -4.99
CA GLU Q 81 66.54 -15.80 -5.04
C GLU Q 81 67.45 -15.81 -3.81
N SER Q 82 66.90 -16.19 -2.67
CA SER Q 82 67.65 -16.10 -1.41
C SER Q 82 68.80 -17.08 -1.28
N GLY Q 83 68.67 -18.26 -1.90
CA GLY Q 83 69.67 -19.30 -1.87
C GLY Q 83 69.84 -20.01 -0.55
N THR Q 84 68.81 -19.96 0.31
CA THR Q 84 68.85 -20.67 1.58
C THR Q 84 67.62 -21.52 1.82
N LYS Q 85 67.81 -22.60 2.57
CA LYS Q 85 66.70 -23.48 2.97
C LYS Q 85 65.75 -22.73 3.89
N VAL Q 86 66.31 -21.92 4.78
CA VAL Q 86 65.50 -21.11 5.68
C VAL Q 86 64.49 -20.24 4.91
N ALA Q 87 64.91 -19.60 3.82
CA ALA Q 87 63.98 -18.80 3.04
C ALA Q 87 62.85 -19.65 2.43
N VAL Q 88 63.19 -20.85 1.95
CA VAL Q 88 62.19 -21.74 1.39
C VAL Q 88 61.15 -22.16 2.46
N VAL Q 89 61.62 -22.55 3.64
CA VAL Q 89 60.75 -22.92 4.76
C VAL Q 89 59.85 -21.75 5.18
N LEU Q 90 60.42 -20.55 5.26
CA LEU Q 90 59.64 -19.36 5.60
C LEU Q 90 58.59 -19.05 4.53
N ALA Q 91 58.95 -19.21 3.27
CA ALA Q 91 57.99 -19.00 2.19
C ALA Q 91 56.82 -19.99 2.30
N LEU Q 92 57.15 -21.26 2.55
CA LEU Q 92 56.08 -22.26 2.77
C LEU Q 92 55.20 -21.93 3.97
N GLU Q 93 55.78 -21.37 5.04
CA GLU Q 93 54.94 -20.97 6.18
C GLU Q 93 54.02 -19.80 5.80
N VAL Q 94 54.53 -18.85 5.02
CA VAL Q 94 53.66 -17.78 4.49
C VAL Q 94 52.48 -18.37 3.72
N VAL Q 95 52.78 -19.28 2.79
CA VAL Q 95 51.74 -19.92 1.99
C VAL Q 95 50.70 -20.62 2.89
N ALA Q 96 51.15 -21.35 3.90
CA ALA Q 96 50.25 -22.00 4.84
C ALA Q 96 49.35 -21.01 5.58
N ARG Q 97 49.94 -19.93 6.10
CA ARG Q 97 49.14 -18.95 6.84
C ARG Q 97 48.07 -18.33 5.95
N VAL Q 98 48.46 -17.99 4.71
CA VAL Q 98 47.50 -17.40 3.78
C VAL Q 98 46.35 -18.40 3.45
N ALA Q 99 46.74 -19.64 3.15
CA ALA Q 99 45.76 -20.64 2.78
C ALA Q 99 44.82 -20.94 3.93
N ILE Q 100 45.35 -20.96 5.16
CA ILE Q 100 44.48 -21.19 6.32
C ILE Q 100 43.46 -20.05 6.52
N GLU Q 101 43.94 -18.80 6.43
CA GLU Q 101 43.02 -17.66 6.49
C GLU Q 101 41.98 -17.73 5.39
N ALA Q 102 42.39 -18.06 4.17
CA ALA Q 102 41.46 -18.20 3.07
C ALA Q 102 40.41 -19.28 3.32
N ALA Q 103 40.84 -20.41 3.86
CA ALA Q 103 39.90 -21.49 4.18
C ALA Q 103 38.86 -21.05 5.16
N ARG Q 104 39.27 -20.28 6.16
CA ARG Q 104 38.34 -19.74 7.16
C ARG Q 104 37.29 -18.75 6.61
N ARG Q 105 37.62 -18.11 5.50
CA ARG Q 105 36.83 -16.99 4.94
C ARG Q 105 35.98 -17.39 3.76
N GLY Q 106 36.10 -18.63 3.30
CA GLY Q 106 35.37 -19.09 2.13
C GLY Q 106 36.01 -18.60 0.85
N ASN Q 107 37.30 -18.29 0.92
CA ASN Q 107 38.00 -17.74 -0.23
C ASN Q 107 38.67 -18.88 -0.98
N VAL Q 108 37.88 -19.49 -1.85
CA VAL Q 108 38.34 -20.70 -2.54
C VAL Q 108 39.43 -20.37 -3.55
N LEU Q 109 39.37 -19.20 -4.20
CA LEU Q 109 40.45 -18.83 -5.12
C LEU Q 109 41.78 -18.76 -4.41
N ALA Q 110 41.79 -18.17 -3.20
CA ALA Q 110 43.04 -17.94 -2.49
C ALA Q 110 43.58 -19.28 -1.98
N VAL Q 111 42.69 -20.19 -1.58
CA VAL Q 111 43.16 -21.53 -1.22
C VAL Q 111 43.83 -22.19 -2.43
N ILE Q 112 43.18 -22.14 -3.59
CA ILE Q 112 43.77 -22.72 -4.78
C ILE Q 112 45.13 -22.12 -5.12
N LEU Q 113 45.18 -20.78 -5.13
CA LEU Q 113 46.44 -20.07 -5.45
C LEU Q 113 47.56 -20.47 -4.47
N ALA Q 114 47.23 -20.44 -3.18
CA ALA Q 114 48.23 -20.76 -2.15
C ALA Q 114 48.74 -22.20 -2.31
N LEU Q 115 47.82 -23.14 -2.46
CA LEU Q 115 48.27 -24.53 -2.58
C LEU Q 115 49.07 -24.78 -3.85
N GLU Q 116 48.72 -24.07 -4.94
CA GLU Q 116 49.53 -24.17 -6.16
C GLU Q 116 50.97 -23.66 -5.93
N VAL Q 117 51.11 -22.58 -5.17
CA VAL Q 117 52.47 -22.12 -4.84
C VAL Q 117 53.19 -23.09 -3.93
N ALA Q 118 52.50 -23.71 -2.99
CA ALA Q 118 53.13 -24.80 -2.21
C ALA Q 118 53.64 -25.88 -3.14
N LEU Q 119 52.80 -26.30 -4.09
CA LEU Q 119 53.22 -27.31 -5.05
C LEU Q 119 54.43 -26.84 -5.87
N GLU Q 120 54.43 -25.58 -6.31
CA GLU Q 120 55.56 -25.07 -7.09
C GLU Q 120 56.84 -25.01 -6.26
N ILE Q 121 56.74 -24.63 -4.99
CA ILE Q 121 57.93 -24.63 -4.12
C ILE Q 121 58.47 -26.06 -4.01
N ALA Q 122 57.59 -27.03 -3.78
CA ALA Q 122 58.05 -28.43 -3.72
C ALA Q 122 58.66 -28.90 -5.05
N ARG Q 123 58.04 -28.53 -6.17
CA ARG Q 123 58.54 -28.93 -7.49
C ARG Q 123 59.91 -28.34 -7.78
N GLU Q 124 60.10 -27.05 -7.47
CA GLU Q 124 61.35 -26.35 -7.79
C GLU Q 124 62.47 -26.63 -6.80
N SER Q 125 62.14 -26.90 -5.56
CA SER Q 125 63.17 -27.09 -4.54
C SER Q 125 64.02 -28.32 -4.75
N GLY Q 126 63.43 -29.40 -5.24
CA GLY Q 126 64.18 -30.64 -5.47
C GLY Q 126 64.77 -31.21 -4.19
N THR Q 127 64.14 -30.94 -3.05
CA THR Q 127 64.51 -31.60 -1.81
C THR Q 127 63.35 -32.41 -1.28
N GLU Q 128 63.67 -33.54 -0.68
CA GLU Q 128 62.65 -34.32 -0.01
C GLU Q 128 61.94 -33.53 1.08
N GLU Q 129 62.71 -32.75 1.83
CA GLU Q 129 62.13 -31.99 2.93
C GLU Q 129 61.09 -31.01 2.44
N ALA Q 130 61.33 -30.33 1.32
CA ALA Q 130 60.34 -29.39 0.82
C ALA Q 130 59.04 -30.09 0.40
N ALA Q 131 59.17 -31.30 -0.16
CA ALA Q 131 57.97 -32.09 -0.50
C ALA Q 131 57.22 -32.43 0.78
N LEU Q 132 57.95 -32.91 1.80
CA LEU Q 132 57.30 -33.22 3.08
C LEU Q 132 56.57 -32.02 3.71
N LEU Q 133 57.25 -30.89 3.71
CA LEU Q 133 56.66 -29.68 4.27
C LEU Q 133 55.47 -29.23 3.45
N ALA Q 134 55.54 -29.33 2.12
CA ALA Q 134 54.40 -28.95 1.30
C ALA Q 134 53.20 -29.84 1.60
N VAL Q 135 53.46 -31.14 1.76
CA VAL Q 135 52.36 -32.02 2.15
C VAL Q 135 51.76 -31.65 3.52
N GLU Q 136 52.62 -31.25 4.45
CA GLU Q 136 52.16 -30.75 5.75
C GLU Q 136 51.32 -29.47 5.64
N VAL Q 137 51.72 -28.56 4.74
CA VAL Q 137 50.89 -27.39 4.45
C VAL Q 137 49.51 -27.85 3.95
N VAL Q 138 49.48 -28.76 2.97
CA VAL Q 138 48.20 -29.21 2.42
C VAL Q 138 47.35 -29.83 3.53
N VAL Q 139 47.96 -30.63 4.39
CA VAL Q 139 47.20 -31.24 5.50
C VAL Q 139 46.62 -30.18 6.45
N ARG Q 140 47.41 -29.17 6.79
CA ARG Q 140 46.93 -28.10 7.68
C ARG Q 140 45.72 -27.38 7.05
N VAL Q 141 45.83 -27.11 5.74
CA VAL Q 141 44.74 -26.43 5.05
C VAL Q 141 43.50 -27.35 4.98
N SER Q 142 43.68 -28.63 4.67
CA SER Q 142 42.59 -29.58 4.71
C SER Q 142 41.89 -29.63 6.08
N ASP Q 143 42.68 -29.73 7.14
CA ASP Q 143 42.14 -29.72 8.50
C ASP Q 143 41.29 -28.50 8.76
N GLU Q 144 41.83 -27.33 8.41
CA GLU Q 144 41.04 -26.11 8.63
C GLU Q 144 39.75 -26.06 7.82
N ALA Q 145 39.84 -26.47 6.56
CA ALA Q 145 38.71 -26.50 5.67
C ALA Q 145 37.62 -27.45 6.18
N LYS Q 146 38.00 -28.62 6.67
CA LYS Q 146 37.04 -29.55 7.28
C LYS Q 146 36.38 -28.87 8.49
N LYS Q 147 37.18 -28.24 9.33
CA LYS Q 147 36.66 -27.59 10.54
C LYS Q 147 35.63 -26.50 10.21
N GLN Q 148 35.89 -25.73 9.16
CA GLN Q 148 35.02 -24.61 8.75
C GLN Q 148 33.86 -25.00 7.83
N GLY Q 149 33.85 -26.23 7.34
CA GLY Q 149 32.83 -26.69 6.40
C GLY Q 149 33.02 -26.08 5.02
N ASN Q 150 34.28 -25.96 4.61
CA ASN Q 150 34.62 -25.38 3.32
C ASN Q 150 34.94 -26.53 2.39
N ALA Q 151 33.90 -27.08 1.77
CA ALA Q 151 34.05 -28.32 1.00
C ALA Q 151 34.91 -28.08 -0.24
N VAL Q 152 34.80 -26.90 -0.86
CA VAL Q 152 35.66 -26.60 -2.02
C VAL Q 152 37.15 -26.72 -1.65
N ALA Q 153 37.52 -26.15 -0.51
CA ALA Q 153 38.90 -26.18 -0.06
C ALA Q 153 39.37 -27.58 0.35
N VAL Q 154 38.47 -28.38 0.93
CA VAL Q 154 38.82 -29.76 1.22
C VAL Q 154 39.15 -30.46 -0.09
N ALA Q 155 38.30 -30.25 -1.08
CA ALA Q 155 38.52 -30.93 -2.36
C ALA Q 155 39.82 -30.45 -3.05
N VAL Q 156 40.05 -29.16 -3.01
CA VAL Q 156 41.28 -28.60 -3.58
C VAL Q 156 42.51 -29.16 -2.89
N ALA Q 157 42.49 -29.21 -1.56
CA ALA Q 157 43.61 -29.80 -0.83
C ALA Q 157 43.81 -31.26 -1.24
N GLU Q 158 42.73 -32.03 -1.34
CA GLU Q 158 42.90 -33.43 -1.77
C GLU Q 158 43.52 -33.50 -3.18
N GLN Q 159 43.08 -32.63 -4.08
CA GLN Q 159 43.64 -32.62 -5.43
C GLN Q 159 45.16 -32.35 -5.45
N VAL Q 160 45.55 -31.33 -4.69
CA VAL Q 160 46.97 -30.97 -4.63
C VAL Q 160 47.80 -32.06 -3.92
N ALA Q 161 47.27 -32.64 -2.84
CA ALA Q 161 47.94 -33.79 -2.21
C ALA Q 161 48.17 -34.90 -3.23
N LYS Q 162 47.13 -35.24 -3.98
CA LYS Q 162 47.25 -36.29 -4.99
C LYS Q 162 48.33 -35.95 -5.99
N LYS Q 163 48.34 -34.69 -6.46
CA LYS Q 163 49.34 -34.28 -7.44
C LYS Q 163 50.77 -34.38 -6.92
N ILE Q 164 50.99 -33.88 -5.70
CA ILE Q 164 52.30 -34.00 -5.09
C ILE Q 164 52.66 -35.49 -4.95
N LEU Q 165 51.71 -36.30 -4.49
CA LEU Q 165 52.00 -37.71 -4.28
C LEU Q 165 52.27 -38.45 -5.60
N GLU Q 166 51.60 -38.08 -6.69
CA GLU Q 166 51.88 -38.71 -7.99
C GLU Q 166 53.16 -38.24 -8.65
N GLU Q 167 53.42 -36.93 -8.57
CA GLU Q 167 54.47 -36.29 -9.37
C GLU Q 167 55.80 -35.98 -8.66
N SER Q 168 55.78 -35.96 -7.32
CA SER Q 168 56.99 -35.58 -6.58
C SER Q 168 58.13 -36.56 -6.80
N ASP R 1 34.42 -58.03 5.13
CA ASP R 1 33.15 -57.85 4.47
C ASP R 1 32.23 -57.09 5.42
N GLU R 2 32.20 -57.53 6.68
CA GLU R 2 31.35 -56.90 7.71
C GLU R 2 31.50 -55.38 7.70
N ARG R 3 32.74 -54.90 7.62
CA ARG R 3 33.01 -53.48 7.56
C ARG R 3 32.27 -52.79 6.41
N ARG R 4 32.26 -53.46 5.25
CA ARG R 4 31.60 -52.95 4.05
C ARG R 4 30.07 -53.04 4.19
N GLU R 5 29.65 -54.09 4.86
CA GLU R 5 28.24 -54.33 5.14
C GLU R 5 27.73 -53.25 6.13
N LEU R 6 28.57 -52.98 7.13
CA LEU R 6 28.25 -52.00 8.16
C LEU R 6 28.33 -50.63 7.53
N GLU R 7 29.18 -50.51 6.51
CA GLU R 7 29.27 -49.27 5.75
C GLU R 7 27.96 -48.99 5.01
N LYS R 8 27.42 -50.02 4.35
CA LYS R 8 26.12 -49.89 3.68
C LYS R 8 25.04 -49.48 4.67
N VAL R 9 24.98 -50.23 5.78
CA VAL R 9 24.00 -49.96 6.84
C VAL R 9 24.12 -48.52 7.36
N ALA R 10 25.35 -48.09 7.63
CA ALA R 10 25.58 -46.73 8.12
C ALA R 10 25.04 -45.68 7.15
N VAL R 11 25.41 -45.84 5.88
CA VAL R 11 24.95 -44.92 4.83
C VAL R 11 23.44 -44.78 4.81
N LYS R 12 22.79 -45.94 4.73
CA LYS R 12 21.32 -45.95 4.67
C LYS R 12 20.66 -45.39 5.95
N ALA R 13 21.19 -45.77 7.10
CA ALA R 13 20.63 -45.32 8.37
C ALA R 13 20.83 -43.81 8.61
N ILE R 14 22.00 -43.28 8.26
CA ILE R 14 22.26 -41.87 8.42
C ILE R 14 21.33 -41.06 7.53
N MET R 15 21.23 -41.50 6.27
CA MET R 15 20.33 -40.80 5.37
C MET R 15 18.89 -40.85 5.89
N ALA R 16 18.47 -42.00 6.40
CA ALA R 16 17.14 -42.14 7.02
C ALA R 16 16.96 -41.23 8.25
N ALA R 17 17.99 -41.11 9.05
CA ALA R 17 17.91 -40.21 10.20
C ALA R 17 17.80 -38.74 9.78
N MET R 18 18.46 -38.38 8.68
CA MET R 18 18.35 -37.01 8.15
C MET R 18 16.93 -36.67 7.63
N LEU R 19 16.21 -37.68 7.15
CA LEU R 19 14.90 -37.50 6.50
C LEU R 19 13.67 -37.79 7.35
N GLY R 20 13.84 -38.24 8.59
CA GLY R 20 12.69 -38.58 9.42
C GLY R 20 12.05 -39.91 9.06
N ASN R 21 12.86 -40.82 8.52
CA ASN R 21 12.36 -42.13 8.06
C ASN R 21 12.62 -43.15 9.16
N THR R 22 11.72 -43.13 10.13
CA THR R 22 11.87 -43.94 11.33
C THR R 22 11.89 -45.44 10.98
N ASP R 23 11.04 -45.84 10.05
CA ASP R 23 10.96 -47.26 9.68
C ASP R 23 12.31 -47.78 9.15
N GLU R 24 12.93 -47.00 8.27
CA GLU R 24 14.22 -47.39 7.69
C GLU R 24 15.34 -47.33 8.73
N VAL R 25 15.36 -46.30 9.57
CA VAL R 25 16.37 -46.26 10.65
C VAL R 25 16.28 -47.51 11.53
N ARG R 26 15.05 -47.86 11.91
CA ARG R 26 14.81 -49.06 12.72
C ARG R 26 15.34 -50.33 12.03
N GLU R 27 14.94 -50.51 10.77
CA GLU R 27 15.40 -51.70 10.05
C GLU R 27 16.94 -51.78 9.93
N GLN R 28 17.58 -50.67 9.56
CA GLN R 28 19.03 -50.66 9.38
C GLN R 28 19.78 -50.89 10.71
N LEU R 29 19.29 -50.28 11.79
CA LEU R 29 19.96 -50.51 13.08
C LEU R 29 19.82 -51.97 13.53
N GLN R 30 18.67 -52.58 13.22
CA GLN R 30 18.49 -54.02 13.52
C GLN R 30 19.52 -54.82 12.74
N ARG R 31 19.79 -54.41 11.51
CA ARG R 31 20.83 -55.14 10.76
C ARG R 31 22.23 -54.93 11.31
N ALA R 32 22.55 -53.73 11.81
CA ALA R 32 23.84 -53.55 12.48
C ALA R 32 23.96 -54.49 13.68
N LEU R 33 22.88 -54.59 14.44
CA LEU R 33 22.88 -55.50 15.58
C LEU R 33 23.13 -56.94 15.13
N GLU R 34 22.43 -57.34 14.08
CA GLU R 34 22.59 -58.70 13.60
C GLU R 34 23.98 -58.98 13.06
N ILE R 35 24.60 -58.01 12.39
CA ILE R 35 25.97 -58.18 11.95
C ILE R 35 26.92 -58.39 13.14
N ALA R 36 26.75 -57.56 14.18
CA ALA R 36 27.58 -57.76 15.38
C ALA R 36 27.35 -59.17 15.93
N ARG R 37 26.09 -59.58 15.97
CA ARG R 37 25.73 -60.91 16.45
C ARG R 37 26.39 -62.02 15.64
N GLU R 38 26.32 -61.90 14.32
CA GLU R 38 26.82 -62.95 13.45
C GLU R 38 28.34 -63.04 13.44
N SER R 39 29.00 -61.90 13.59
CA SER R 39 30.47 -61.85 13.52
C SER R 39 31.19 -62.44 14.72
N GLY R 40 30.63 -62.26 15.92
CA GLY R 40 31.22 -62.86 17.11
C GLY R 40 32.59 -62.34 17.48
N THR R 41 32.90 -61.09 17.13
CA THR R 41 34.17 -60.47 17.53
C THR R 41 33.95 -59.09 18.19
N LEU R 42 34.89 -58.66 19.00
CA LEU R 42 34.81 -57.36 19.62
C LEU R 42 35.00 -56.31 18.55
N LEU R 43 35.78 -56.61 17.52
CA LEU R 43 36.01 -55.61 16.49
C LEU R 43 34.68 -55.30 15.78
N ALA R 44 33.85 -56.32 15.55
CA ALA R 44 32.56 -56.13 14.92
C ALA R 44 31.61 -55.33 15.84
N VAL R 45 31.67 -55.63 17.14
CA VAL R 45 30.91 -54.86 18.14
C VAL R 45 31.30 -53.41 18.11
N VAL R 46 32.61 -53.14 18.08
CA VAL R 46 33.11 -51.78 18.05
C VAL R 46 32.60 -51.04 16.82
N LEU R 47 32.71 -51.70 15.66
CA LEU R 47 32.25 -51.09 14.42
C LEU R 47 30.75 -50.84 14.41
N ALA R 48 29.98 -51.80 14.89
CA ALA R 48 28.53 -51.61 14.96
C ALA R 48 28.17 -50.47 15.89
N LEU R 49 28.82 -50.39 17.05
CA LEU R 49 28.55 -49.28 17.97
C LEU R 49 28.96 -47.95 17.36
N GLU R 50 30.04 -47.93 16.58
CA GLU R 50 30.39 -46.68 15.89
C GLU R 50 29.29 -46.29 14.88
N VAL R 51 28.75 -47.27 14.14
CA VAL R 51 27.63 -46.96 13.25
C VAL R 51 26.43 -46.40 14.01
N VAL R 52 26.07 -47.07 15.09
CA VAL R 52 24.98 -46.60 15.93
C VAL R 52 25.23 -45.17 16.42
N ALA R 53 26.47 -44.89 16.86
CA ALA R 53 26.80 -43.55 17.31
C ALA R 53 26.61 -42.50 16.23
N ARG R 54 27.15 -42.80 15.04
CA ARG R 54 27.03 -41.84 13.94
C ARG R 54 25.56 -41.55 13.58
N VAL R 55 24.76 -42.61 13.53
CA VAL R 55 23.33 -42.45 13.25
C VAL R 55 22.63 -41.59 14.31
N ALA R 56 22.90 -41.90 15.57
CA ALA R 56 22.27 -41.15 16.68
C ALA R 56 22.76 -39.71 16.72
N ILE R 57 24.01 -39.46 16.39
CA ILE R 57 24.51 -38.08 16.39
C ILE R 57 23.83 -37.27 15.29
N GLU R 58 23.73 -37.87 14.10
CA GLU R 58 23.04 -37.19 13.03
C GLU R 58 21.58 -36.93 13.41
N ALA R 59 20.92 -37.92 14.00
CA ALA R 59 19.55 -37.75 14.46
C ALA R 59 19.45 -36.64 15.49
N ALA R 60 20.39 -36.59 16.43
CA ALA R 60 20.35 -35.57 17.48
C ALA R 60 20.48 -34.19 16.87
N ARG R 61 21.28 -34.06 15.80
CA ARG R 61 21.42 -32.76 15.13
C ARG R 61 20.16 -32.28 14.43
N LYS R 62 19.36 -33.23 13.99
CA LYS R 62 18.15 -33.00 13.18
C LYS R 62 16.83 -32.92 13.95
N GLY R 63 16.83 -33.17 15.25
CA GLY R 63 15.61 -33.21 16.04
C GLY R 63 14.85 -34.54 15.81
N ASN R 64 15.56 -35.58 15.41
CA ASN R 64 14.90 -36.84 15.08
C ASN R 64 14.90 -37.72 16.31
N THR R 65 13.90 -37.49 17.15
CA THR R 65 13.84 -38.13 18.47
C THR R 65 13.67 -39.64 18.36
N ASP R 66 12.88 -40.06 17.38
CA ASP R 66 12.65 -41.50 17.17
C ASP R 66 13.96 -42.21 16.86
N ALA R 67 14.74 -41.62 15.95
CA ALA R 67 15.99 -42.28 15.56
C ALA R 67 17.01 -42.30 16.68
N VAL R 68 17.07 -41.24 17.51
CA VAL R 68 17.95 -41.28 18.66
C VAL R 68 17.53 -42.42 19.58
N ARG R 69 16.24 -42.52 19.86
CA ARG R 69 15.73 -43.58 20.73
C ARG R 69 16.06 -44.98 20.18
N GLU R 70 15.77 -45.19 18.89
CA GLU R 70 16.02 -46.50 18.25
C GLU R 70 17.51 -46.85 18.31
N ALA R 71 18.32 -45.85 18.00
CA ALA R 71 19.77 -46.11 18.01
C ALA R 71 20.30 -46.45 19.40
N LEU R 72 19.89 -45.68 20.39
CA LEU R 72 20.39 -45.98 21.71
C LEU R 72 19.86 -47.28 22.30
N GLU R 73 18.63 -47.68 21.95
CA GLU R 73 18.14 -49.02 22.30
C GLU R 73 19.03 -50.09 21.70
N VAL R 74 19.46 -49.88 20.45
CA VAL R 74 20.36 -50.89 19.86
C VAL R 74 21.74 -50.89 20.54
N ALA R 75 22.27 -49.72 20.92
CA ALA R 75 23.49 -49.71 21.72
C ALA R 75 23.30 -50.50 23.02
N LEU R 76 22.17 -50.29 23.71
CA LEU R 76 21.85 -51.03 24.93
C LEU R 76 21.82 -52.53 24.67
N GLU R 77 21.20 -52.94 23.56
CA GLU R 77 21.13 -54.37 23.28
C GLU R 77 22.49 -54.98 22.93
N ILE R 78 23.31 -54.25 22.18
CA ILE R 78 24.67 -54.67 21.89
C ILE R 78 25.38 -54.81 23.25
N ALA R 79 25.22 -53.87 24.17
CA ALA R 79 25.85 -54.00 25.49
C ALA R 79 25.32 -55.23 26.25
N ARG R 80 24.02 -55.51 26.11
CA ARG R 80 23.46 -56.71 26.75
C ARG R 80 23.98 -58.01 26.16
N GLU R 81 24.08 -58.09 24.83
CA GLU R 81 24.38 -59.36 24.14
C GLU R 81 25.87 -59.73 23.99
N SER R 82 26.74 -58.73 24.06
CA SER R 82 28.16 -58.96 23.79
C SER R 82 28.89 -59.77 24.86
N GLY R 83 28.44 -59.65 26.11
CA GLY R 83 29.02 -60.36 27.24
C GLY R 83 30.40 -59.89 27.67
N THR R 84 30.75 -58.64 27.31
CA THR R 84 32.02 -58.08 27.75
C THR R 84 31.87 -56.71 28.37
N LYS R 85 32.79 -56.39 29.29
CA LYS R 85 32.84 -55.07 29.92
C LYS R 85 33.18 -54.01 28.89
N VAL R 86 34.08 -54.35 27.97
CA VAL R 86 34.47 -53.44 26.91
C VAL R 86 33.23 -52.97 26.11
N ALA R 87 32.32 -53.88 25.78
CA ALA R 87 31.12 -53.46 25.05
C ALA R 87 30.24 -52.50 25.87
N VAL R 88 30.12 -52.75 27.17
CA VAL R 88 29.36 -51.89 28.05
C VAL R 88 29.97 -50.47 28.10
N VAL R 89 31.28 -50.39 28.28
CA VAL R 89 32.00 -49.11 28.30
C VAL R 89 31.84 -48.35 26.97
N LEU R 90 31.97 -49.07 25.86
CA LEU R 90 31.79 -48.47 24.54
C LEU R 90 30.36 -47.96 24.34
N ALA R 91 29.38 -48.72 24.81
CA ALA R 91 27.99 -48.28 24.71
C ALA R 91 27.77 -47.01 25.52
N LEU R 92 28.32 -46.97 26.74
CA LEU R 92 28.24 -45.73 27.54
C LEU R 92 28.92 -44.54 26.85
N GLU R 93 30.04 -44.77 26.16
CA GLU R 93 30.67 -43.67 25.44
C GLU R 93 29.79 -43.20 24.27
N VAL R 94 29.15 -44.13 23.57
CA VAL R 94 28.17 -43.74 22.54
C VAL R 94 27.08 -42.83 23.14
N VAL R 95 26.49 -43.28 24.24
CA VAL R 95 25.46 -42.51 24.91
C VAL R 95 25.96 -41.10 25.29
N ALA R 96 27.16 -41.00 25.83
CA ALA R 96 27.75 -39.70 26.16
C ALA R 96 27.91 -38.81 24.94
N ARG R 97 28.46 -39.35 23.85
CA ARG R 97 28.66 -38.54 22.65
C ARG R 97 27.33 -38.01 22.11
N VAL R 98 26.33 -38.89 22.09
CA VAL R 98 25.01 -38.46 21.59
C VAL R 98 24.40 -37.36 22.50
N ALA R 99 24.46 -37.59 23.81
CA ALA R 99 23.89 -36.64 24.75
C ALA R 99 24.61 -35.30 24.69
N ILE R 100 25.93 -35.32 24.51
CA ILE R 100 26.67 -34.07 24.39
C ILE R 100 26.27 -33.28 23.11
N GLU R 101 26.20 -33.99 21.99
CA GLU R 101 25.72 -33.34 20.76
C GLU R 101 24.31 -32.78 20.93
N ALA R 102 23.43 -33.56 21.57
CA ALA R 102 22.08 -33.10 21.81
C ALA R 102 22.05 -31.84 22.69
N ALA R 103 22.87 -31.82 23.72
CA ALA R 103 22.94 -30.64 24.59
C ALA R 103 23.36 -29.40 23.85
N ARG R 104 24.31 -29.57 22.92
CA ARG R 104 24.76 -28.44 22.09
C ARG R 104 23.70 -27.88 21.12
N ARG R 105 22.73 -28.71 20.77
CA ARG R 105 21.75 -28.41 19.71
C ARG R 105 20.39 -28.01 20.24
N GLY R 106 20.22 -28.04 21.56
CA GLY R 106 18.93 -27.73 22.16
C GLY R 106 17.95 -28.88 22.02
N ASN R 107 18.48 -30.09 21.86
CA ASN R 107 17.64 -31.25 21.65
C ASN R 107 17.40 -31.92 23.00
N VAL R 108 16.39 -31.41 23.69
CA VAL R 108 16.12 -31.86 25.05
C VAL R 108 15.60 -33.28 25.08
N LEU R 109 14.81 -33.68 24.08
CA LEU R 109 14.35 -35.07 24.04
C LEU R 109 15.52 -36.04 23.98
N ALA R 110 16.53 -35.71 23.15
CA ALA R 110 17.64 -36.63 22.92
C ALA R 110 18.52 -36.68 24.17
N VAL R 111 18.66 -35.55 24.87
CA VAL R 111 19.36 -35.58 26.15
C VAL R 111 18.63 -36.52 27.12
N ILE R 112 17.32 -36.37 27.24
CA ILE R 112 16.56 -37.23 28.13
C ILE R 112 16.70 -38.71 27.77
N LEU R 113 16.52 -39.02 26.48
CA LEU R 113 16.63 -40.41 26.02
C LEU R 113 18.02 -40.99 26.32
N ALA R 114 19.06 -40.22 25.99
CA ALA R 114 20.43 -40.69 26.21
C ALA R 114 20.70 -40.94 27.69
N LEU R 115 20.34 -39.97 28.52
CA LEU R 115 20.62 -40.17 29.94
C LEU R 115 19.82 -41.32 30.55
N GLU R 116 18.59 -41.54 30.05
CA GLU R 116 17.83 -42.71 30.51
C GLU R 116 18.53 -44.03 30.13
N VAL R 117 19.11 -44.09 28.93
CA VAL R 117 19.89 -45.27 28.58
C VAL R 117 21.15 -45.41 29.40
N ALA R 118 21.81 -44.31 29.74
CA ALA R 118 22.93 -44.40 30.70
C ALA R 118 22.45 -45.00 32.02
N LEU R 119 21.32 -44.51 32.51
CA LEU R 119 20.76 -45.04 33.75
C LEU R 119 20.45 -46.55 33.61
N GLU R 120 19.86 -46.94 32.49
CA GLU R 120 19.52 -48.37 32.28
C GLU R 120 20.78 -49.24 32.20
N ILE R 121 21.83 -48.74 31.55
CA ILE R 121 23.09 -49.51 31.50
C ILE R 121 23.62 -49.68 32.92
N ALA R 122 23.62 -48.61 33.72
CA ALA R 122 24.07 -48.75 35.12
C ALA R 122 23.17 -49.69 35.93
N ARG R 123 21.86 -49.61 35.73
CA ARG R 123 20.92 -50.48 36.46
C ARG R 123 21.11 -51.96 36.10
N GLU R 124 21.30 -52.26 34.81
CA GLU R 124 21.39 -53.64 34.35
C GLU R 124 22.77 -54.25 34.53
N SER R 125 23.81 -53.43 34.50
CA SER R 125 25.16 -53.95 34.59
C SER R 125 25.49 -54.57 35.93
N GLY R 126 24.99 -54.01 37.02
CA GLY R 126 25.25 -54.54 38.35
C GLY R 126 26.73 -54.50 38.72
N THR R 127 27.46 -53.56 38.13
CA THR R 127 28.83 -53.31 38.55
C THR R 127 28.97 -51.90 39.10
N GLU R 128 29.81 -51.76 40.09
CA GLU R 128 30.13 -50.43 40.59
C GLU R 128 30.71 -49.53 39.51
N GLU R 129 31.58 -50.11 38.70
CA GLU R 129 32.23 -49.32 37.66
C GLU R 129 31.23 -48.74 36.68
N ALA R 130 30.22 -49.50 36.29
CA ALA R 130 29.22 -48.96 35.37
C ALA R 130 28.43 -47.81 35.99
N ALA R 131 28.15 -47.90 37.29
CA ALA R 131 27.49 -46.78 37.99
C ALA R 131 28.39 -45.57 37.96
N LEU R 132 29.68 -45.76 38.29
CA LEU R 132 30.63 -44.62 38.25
C LEU R 132 30.73 -43.98 36.86
N LEU R 133 30.83 -44.81 35.85
CA LEU R 133 30.93 -44.29 34.49
C LEU R 133 29.64 -43.59 34.08
N ALA R 134 28.48 -44.14 34.47
CA ALA R 134 27.23 -43.47 34.13
C ALA R 134 27.16 -42.09 34.80
N VAL R 135 27.59 -42.02 36.06
CA VAL R 135 27.63 -40.71 36.70
C VAL R 135 28.59 -39.74 35.99
N GLU R 136 29.71 -40.25 35.51
CA GLU R 136 30.63 -39.44 34.68
C GLU R 136 30.01 -38.97 33.37
N VAL R 137 29.21 -39.83 32.72
CA VAL R 137 28.45 -39.40 31.55
C VAL R 137 27.52 -38.25 31.94
N VAL R 138 26.75 -38.41 33.02
CA VAL R 138 25.81 -37.37 33.43
C VAL R 138 26.56 -36.06 33.70
N VAL R 139 27.71 -36.15 34.36
CA VAL R 139 28.50 -34.93 34.63
C VAL R 139 28.96 -34.25 33.34
N ARG R 140 29.44 -35.04 32.38
CA ARG R 140 29.89 -34.48 31.10
C ARG R 140 28.74 -33.76 30.39
N VAL R 141 27.56 -34.38 30.41
CA VAL R 141 26.40 -33.77 29.78
C VAL R 141 25.97 -32.49 30.53
N SER R 142 25.96 -32.53 31.86
CA SER R 142 25.70 -31.35 32.65
C SER R 142 26.67 -30.19 32.33
N ASP R 143 27.96 -30.51 32.30
CA ASP R 143 28.97 -29.50 31.94
C ASP R 143 28.69 -28.87 30.59
N GLU R 144 28.42 -29.71 29.60
CA GLU R 144 28.11 -29.15 28.28
C GLU R 144 26.86 -28.28 28.25
N ALA R 145 25.81 -28.76 28.92
CA ALA R 145 24.56 -28.04 29.00
C ALA R 145 24.74 -26.68 29.69
N LYS R 146 25.50 -26.63 30.76
CA LYS R 146 25.80 -25.35 31.42
C LYS R 146 26.53 -24.43 30.43
N LYS R 147 27.52 -24.98 29.74
CA LYS R 147 28.31 -24.18 28.79
C LYS R 147 27.44 -23.57 27.68
N GLN R 148 26.48 -24.34 27.19
CA GLN R 148 25.60 -23.92 26.09
C GLN R 148 24.36 -23.13 26.52
N GLY R 149 24.10 -23.06 27.82
CA GLY R 149 22.90 -22.40 28.35
C GLY R 149 21.64 -23.20 28.06
N ASN R 150 21.76 -24.51 28.17
CA ASN R 150 20.63 -25.41 27.93
C ASN R 150 20.09 -25.82 29.28
N ALA R 151 19.20 -25.00 29.83
CA ALA R 151 18.75 -25.19 31.21
C ALA R 151 17.94 -26.47 31.34
N VAL R 152 17.16 -26.84 30.30
CA VAL R 152 16.41 -28.10 30.36
C VAL R 152 17.34 -29.30 30.57
N ALA R 153 18.45 -29.32 29.83
CA ALA R 153 19.41 -30.40 29.92
C ALA R 153 20.17 -30.40 31.25
N VAL R 154 20.46 -29.22 31.80
CA VAL R 154 21.07 -29.17 33.11
C VAL R 154 20.12 -29.83 34.11
N ALA R 155 18.84 -29.46 34.02
CA ALA R 155 17.88 -30.00 34.97
C ALA R 155 17.70 -31.52 34.81
N VAL R 156 17.65 -31.97 33.57
CA VAL R 156 17.53 -33.40 33.29
C VAL R 156 18.73 -34.18 33.83
N ALA R 157 19.93 -33.64 33.60
CA ALA R 157 21.13 -34.28 34.15
C ALA R 157 21.06 -34.33 35.68
N GLU R 158 20.64 -33.24 36.31
CA GLU R 158 20.53 -33.28 37.78
C GLU R 158 19.51 -34.37 38.23
N GLN R 159 18.39 -34.46 37.51
CA GLN R 159 17.39 -35.47 37.86
C GLN R 159 17.94 -36.91 37.77
N VAL R 160 18.63 -37.18 36.68
CA VAL R 160 19.20 -38.51 36.48
C VAL R 160 20.33 -38.80 37.49
N ALA R 161 21.19 -37.81 37.76
CA ALA R 161 22.20 -37.97 38.82
C ALA R 161 21.52 -38.34 40.15
N LYS R 162 20.49 -37.61 40.50
CA LYS R 162 19.78 -37.89 41.75
C LYS R 162 19.25 -39.31 41.75
N LYS R 163 18.65 -39.73 40.64
CA LYS R 163 18.09 -41.08 40.56
C LYS R 163 19.15 -42.17 40.72
N ILE R 164 20.27 -42.01 40.01
CA ILE R 164 21.37 -42.97 40.14
C ILE R 164 21.85 -42.96 41.60
N LEU R 165 22.01 -41.76 42.17
CA LEU R 165 22.52 -41.69 43.54
C LEU R 165 21.54 -42.28 44.57
N GLU R 166 20.24 -42.14 44.35
CA GLU R 166 19.27 -42.75 45.27
C GLU R 166 19.11 -44.26 45.10
N GLU R 167 19.08 -44.72 43.85
CA GLU R 167 18.69 -46.09 43.52
C GLU R 167 19.81 -47.08 43.22
N SER R 168 21.01 -46.57 42.93
CA SER R 168 22.11 -47.47 42.54
C SER R 168 22.52 -48.40 43.68
N ASP S 1 36.90 -57.88 55.77
CA ASP S 1 35.56 -57.38 55.56
C ASP S 1 35.64 -55.85 55.54
N GLU S 2 36.36 -55.28 56.52
CA GLU S 2 36.52 -53.84 56.64
C GLU S 2 36.90 -53.21 55.31
N ARG S 3 37.84 -53.82 54.60
CA ARG S 3 38.26 -53.34 53.30
C ARG S 3 37.08 -53.23 52.32
N ARG S 4 36.21 -54.22 52.35
CA ARG S 4 35.04 -54.27 51.48
C ARG S 4 33.98 -53.25 51.93
N GLU S 5 33.92 -53.08 53.24
CA GLU S 5 33.01 -52.11 53.87
C GLU S 5 33.48 -50.68 53.51
N LEU S 6 34.81 -50.50 53.58
CA LEU S 6 35.41 -49.21 53.30
C LEU S 6 35.31 -48.98 51.80
N GLU S 7 35.29 -50.07 51.04
CA GLU S 7 35.10 -49.99 49.60
C GLU S 7 33.69 -49.44 49.29
N LYS S 8 32.69 -49.99 49.96
CA LYS S 8 31.31 -49.50 49.80
C LYS S 8 31.23 -48.01 50.15
N VAL S 9 31.78 -47.67 51.32
CA VAL S 9 31.79 -46.28 51.79
C VAL S 9 32.47 -45.36 50.77
N ALA S 10 33.64 -45.77 50.28
CA ALA S 10 34.38 -44.98 49.30
C ALA S 10 33.53 -44.71 48.05
N VAL S 11 32.95 -45.78 47.52
CA VAL S 11 32.11 -45.66 46.32
C VAL S 11 30.99 -44.63 46.51
N LYS S 12 30.25 -44.82 47.59
CA LYS S 12 29.13 -43.91 47.87
C LYS S 12 29.58 -42.46 48.13
N ALA S 13 30.66 -42.30 48.90
CA ALA S 13 31.15 -40.97 49.23
C ALA S 13 31.73 -40.22 48.00
N ILE S 14 32.45 -40.93 47.15
CA ILE S 14 33.00 -40.32 45.95
C ILE S 14 31.89 -39.87 45.03
N MET S 15 30.92 -40.77 44.83
CA MET S 15 29.80 -40.39 43.99
C MET S 15 29.06 -39.18 44.58
N ALA S 16 28.88 -39.15 45.89
CA ALA S 16 28.27 -37.99 46.57
C ALA S 16 29.11 -36.70 46.41
N ALA S 17 30.42 -36.83 46.47
CA ALA S 17 31.27 -35.66 46.27
C ALA S 17 31.17 -35.14 44.82
N MET S 18 31.01 -36.04 43.85
CA MET S 18 30.83 -35.63 42.46
C MET S 18 29.52 -34.86 42.22
N LEU S 19 28.49 -35.17 43.00
CA LEU S 19 27.12 -34.63 42.81
C LEU S 19 26.72 -33.46 43.72
N GLY S 20 27.56 -33.05 44.65
CA GLY S 20 27.21 -31.98 45.56
C GLY S 20 26.26 -32.43 46.66
N ASN S 21 26.33 -33.71 47.02
CA ASN S 21 25.43 -34.29 48.04
C ASN S 21 26.16 -34.29 49.37
N THR S 22 26.13 -33.13 50.00
CA THR S 22 26.86 -32.90 51.23
C THR S 22 26.39 -33.84 52.35
N ASP S 23 25.07 -34.04 52.42
CA ASP S 23 24.53 -34.89 53.48
C ASP S 23 25.07 -36.32 53.41
N GLU S 24 25.11 -36.87 52.20
CA GLU S 24 25.60 -38.23 52.00
C GLU S 24 27.11 -38.32 52.19
N VAL S 25 27.88 -37.33 51.71
CA VAL S 25 29.33 -37.32 51.98
C VAL S 25 29.60 -37.34 53.47
N ARG S 26 28.88 -36.48 54.21
CA ARG S 26 29.01 -36.43 55.67
C ARG S 26 28.72 -37.79 56.33
N GLU S 27 27.58 -38.37 55.98
CA GLU S 27 27.23 -39.66 56.56
C GLU S 27 28.27 -40.77 56.25
N GLN S 28 28.70 -40.87 54.99
CA GLN S 28 29.66 -41.91 54.60
C GLN S 28 31.03 -41.70 55.27
N LEU S 29 31.49 -40.46 55.35
CA LEU S 29 32.79 -40.23 56.03
C LEU S 29 32.70 -40.58 57.53
N GLN S 30 31.53 -40.31 58.14
CA GLN S 30 31.34 -40.71 59.54
C GLN S 30 31.46 -42.22 59.66
N ARG S 31 30.93 -42.94 58.67
CA ARG S 31 31.07 -44.39 58.73
C ARG S 31 32.51 -44.87 58.52
N ALA S 32 33.28 -44.20 57.66
CA ALA S 32 34.70 -44.54 57.56
C ALA S 32 35.39 -44.37 58.90
N LEU S 33 35.07 -43.26 59.58
CA LEU S 33 35.65 -43.02 60.90
C LEU S 33 35.29 -44.14 61.86
N GLU S 34 34.02 -44.51 61.86
CA GLU S 34 33.57 -45.56 62.76
C GLU S 34 34.19 -46.92 62.46
N ILE S 35 34.38 -47.24 61.19
CA ILE S 35 35.08 -48.47 60.85
C ILE S 35 36.52 -48.46 61.39
N ALA S 36 37.22 -47.34 61.21
CA ALA S 36 38.58 -47.25 61.77
C ALA S 36 38.52 -47.45 63.28
N ARG S 37 37.54 -46.82 63.92
CA ARG S 37 37.33 -46.94 65.36
C ARG S 37 37.09 -48.39 65.79
N GLU S 38 36.20 -49.07 65.08
CA GLU S 38 35.81 -50.41 65.47
C GLU S 38 36.91 -51.44 65.24
N SER S 39 37.71 -51.23 64.19
CA SER S 39 38.75 -52.19 63.80
C SER S 39 39.95 -52.23 64.73
N GLY S 40 40.37 -51.06 65.25
CA GLY S 40 41.46 -51.03 66.20
C GLY S 40 42.81 -51.43 65.65
N THR S 41 43.04 -51.25 64.36
CA THR S 41 44.34 -51.52 63.75
C THR S 41 44.85 -50.33 62.93
N LEU S 42 46.17 -50.24 62.75
CA LEU S 42 46.74 -49.19 61.94
C LEU S 42 46.37 -49.46 60.49
N LEU S 43 46.22 -50.72 60.11
CA LEU S 43 45.91 -50.99 58.72
C LEU S 43 44.51 -50.41 58.38
N ALA S 44 43.57 -50.51 59.33
CA ALA S 44 42.23 -49.95 59.13
C ALA S 44 42.30 -48.41 59.08
N VAL S 45 43.12 -47.81 59.94
CA VAL S 45 43.35 -46.36 59.90
C VAL S 45 43.88 -45.93 58.56
N VAL S 46 44.88 -46.67 58.05
CA VAL S 46 45.47 -46.35 56.76
C VAL S 46 44.43 -46.40 55.65
N LEU S 47 43.64 -47.48 55.64
CA LEU S 47 42.59 -47.63 54.63
C LEU S 47 41.55 -46.54 54.72
N ALA S 48 41.10 -46.23 55.94
CA ALA S 48 40.11 -45.16 56.10
C ALA S 48 40.66 -43.82 55.63
N LEU S 49 41.92 -43.51 55.99
CA LEU S 49 42.52 -42.26 55.52
C LEU S 49 42.66 -42.24 54.01
N GLU S 50 42.96 -43.40 53.40
CA GLU S 50 42.99 -43.43 51.93
C GLU S 50 41.59 -43.14 51.35
N VAL S 51 40.54 -43.70 51.95
CA VAL S 51 39.19 -43.36 51.49
C VAL S 51 38.90 -41.87 51.62
N VAL S 52 39.21 -41.31 52.78
CA VAL S 52 39.04 -39.90 52.99
C VAL S 52 39.81 -39.07 51.95
N ALA S 53 41.05 -39.47 51.66
CA ALA S 53 41.84 -38.77 50.66
C ALA S 53 41.19 -38.79 49.29
N ARG S 54 40.75 -39.98 48.86
CA ARG S 54 40.12 -40.10 47.55
C ARG S 54 38.85 -39.23 47.43
N VAL S 55 38.04 -39.25 48.49
CA VAL S 55 36.84 -38.42 48.51
C VAL S 55 37.17 -36.92 48.41
N ALA S 56 38.13 -36.50 49.21
CA ALA S 56 38.52 -35.08 49.22
C ALA S 56 39.17 -34.67 47.91
N ILE S 57 39.93 -35.56 47.28
CA ILE S 57 40.55 -35.21 46.00
C ILE S 57 39.47 -35.04 44.93
N GLU S 58 38.53 -35.97 44.90
CA GLU S 58 37.43 -35.85 43.95
C GLU S 58 36.66 -34.55 44.20
N ALA S 59 36.37 -34.25 45.47
CA ALA S 59 35.69 -33.01 45.83
C ALA S 59 36.48 -31.79 45.39
N ALA S 60 37.80 -31.82 45.59
CA ALA S 60 38.63 -30.67 45.21
C ALA S 60 38.59 -30.47 43.71
N ARG S 61 38.51 -31.55 42.93
CA ARG S 61 38.42 -31.42 41.48
C ARG S 61 37.12 -30.79 40.99
N LYS S 62 36.07 -30.99 41.76
CA LYS S 62 34.69 -30.58 41.43
C LYS S 62 34.23 -29.24 41.99
N GLY S 63 35.04 -28.59 42.83
CA GLY S 63 34.64 -27.35 43.48
C GLY S 63 33.69 -27.64 44.65
N ASN S 64 33.77 -28.83 45.22
CA ASN S 64 32.83 -29.21 46.29
C ASN S 64 33.49 -28.90 47.62
N THR S 65 33.33 -27.64 48.03
CA THR S 65 34.02 -27.13 49.21
C THR S 65 33.55 -27.82 50.48
N ASP S 66 32.26 -28.09 50.55
CA ASP S 66 31.69 -28.76 51.73
C ASP S 66 32.31 -30.12 51.93
N ALA S 67 32.41 -30.88 50.84
CA ALA S 67 32.96 -32.23 50.95
C ALA S 67 34.45 -32.23 51.29
N VAL S 68 35.21 -31.28 50.75
CA VAL S 68 36.61 -31.18 51.15
C VAL S 68 36.70 -30.90 52.65
N ARG S 69 35.90 -29.96 53.13
CA ARG S 69 35.91 -29.62 54.56
C ARG S 69 35.53 -30.83 55.44
N GLU S 70 34.44 -31.51 55.07
CA GLU S 70 33.97 -32.69 55.83
C GLU S 70 35.05 -33.78 55.86
N ALA S 71 35.63 -34.01 54.69
CA ALA S 71 36.64 -35.06 54.62
C ALA S 71 37.88 -34.74 55.45
N LEU S 72 38.36 -33.51 55.35
CA LEU S 72 39.54 -33.19 56.13
C LEU S 72 39.29 -33.13 57.63
N GLU S 73 38.08 -32.74 58.05
CA GLU S 73 37.71 -32.85 59.48
C GLU S 73 37.77 -34.31 59.93
N VAL S 74 37.32 -35.22 59.07
CA VAL S 74 37.41 -36.63 59.47
C VAL S 74 38.88 -37.13 59.50
N ALA S 75 39.73 -36.66 58.57
CA ALA S 75 41.15 -36.97 58.69
C ALA S 75 41.72 -36.46 60.03
N LEU S 76 41.37 -35.23 60.40
CA LEU S 76 41.79 -34.64 61.66
C LEU S 76 41.33 -35.52 62.84
N GLU S 77 40.07 -35.97 62.80
CA GLU S 77 39.58 -36.78 63.91
C GLU S 77 40.25 -38.15 63.98
N ILE S 78 40.49 -38.77 62.83
CA ILE S 78 41.23 -40.03 62.78
C ILE S 78 42.60 -39.74 63.40
N ALA S 79 43.26 -38.64 63.05
CA ALA S 79 44.57 -38.31 63.67
C ALA S 79 44.44 -38.11 65.19
N ARG S 80 43.35 -37.51 65.64
CA ARG S 80 43.13 -37.33 67.07
C ARG S 80 42.89 -38.65 67.80
N GLU S 81 42.08 -39.55 67.22
CA GLU S 81 41.63 -40.76 67.93
C GLU S 81 42.56 -41.98 67.87
N SER S 82 43.43 -42.02 66.87
CA SER S 82 44.27 -43.20 66.66
C SER S 82 45.34 -43.42 67.70
N GLY S 83 45.85 -42.33 68.28
CA GLY S 83 46.89 -42.38 69.29
C GLY S 83 48.26 -42.77 68.81
N THR S 84 48.52 -42.63 67.50
CA THR S 84 49.84 -42.91 66.96
C THR S 84 50.39 -41.79 66.11
N LYS S 85 51.71 -41.68 66.09
CA LYS S 85 52.41 -40.71 65.24
C LYS S 85 52.18 -41.02 63.78
N VAL S 86 52.19 -42.32 63.46
CA VAL S 86 51.93 -42.75 62.09
C VAL S 86 50.60 -42.21 61.56
N ALA S 87 49.54 -42.26 62.36
CA ALA S 87 48.26 -41.72 61.91
C ALA S 87 48.32 -40.20 61.66
N VAL S 88 49.03 -39.48 62.52
CA VAL S 88 49.20 -38.04 62.35
C VAL S 88 49.94 -37.72 61.03
N VAL S 89 51.04 -38.42 60.77
CA VAL S 89 51.81 -38.26 59.53
C VAL S 89 50.97 -38.58 58.30
N LEU S 90 50.21 -39.68 58.37
CA LEU S 90 49.33 -40.05 57.26
C LEU S 90 48.24 -39.00 57.02
N ALA S 91 47.68 -38.47 58.09
CA ALA S 91 46.67 -37.41 57.96
C ALA S 91 47.27 -36.18 57.28
N LEU S 92 48.48 -35.78 57.72
CA LEU S 92 49.16 -34.66 57.05
C LEU S 92 49.44 -34.94 55.57
N GLU S 93 49.76 -36.19 55.21
CA GLU S 93 49.95 -36.48 53.79
C GLU S 93 48.64 -36.39 53.02
N VAL S 94 47.54 -36.84 53.63
CA VAL S 94 46.21 -36.62 53.00
C VAL S 94 45.96 -35.14 52.73
N VAL S 95 46.17 -34.32 53.75
CA VAL S 95 45.98 -32.88 53.62
C VAL S 95 46.85 -32.31 52.48
N ALA S 96 48.12 -32.71 52.41
CA ALA S 96 49.00 -32.27 51.34
C ALA S 96 48.48 -32.66 49.96
N ARG S 97 48.08 -33.93 49.80
CA ARG S 97 47.59 -34.39 48.49
C ARG S 97 46.35 -33.60 48.06
N VAL S 98 45.44 -33.38 49.00
CA VAL S 98 44.24 -32.63 48.68
C VAL S 98 44.57 -31.16 48.29
N ALA S 99 45.43 -30.53 49.09
CA ALA S 99 45.80 -29.14 48.83
C ALA S 99 46.52 -29.00 47.51
N ILE S 100 47.38 -29.96 47.17
CA ILE S 100 48.07 -29.92 45.88
C ILE S 100 47.09 -30.03 44.69
N GLU S 101 46.17 -31.00 44.78
CA GLU S 101 45.13 -31.11 43.74
C GLU S 101 44.32 -29.84 43.63
N ALA S 102 43.94 -29.27 44.78
CA ALA S 102 43.19 -28.02 44.78
C ALA S 102 43.97 -26.87 44.11
N ALA S 103 45.25 -26.78 44.41
CA ALA S 103 46.07 -25.74 43.81
C ALA S 103 46.13 -25.86 42.31
N ARG S 104 46.19 -27.10 41.82
CA ARG S 104 46.18 -27.35 40.37
C ARG S 104 44.88 -26.97 39.65
N ARG S 105 43.78 -26.96 40.39
CA ARG S 105 42.43 -26.81 39.84
C ARG S 105 41.85 -25.42 40.03
N GLY S 106 42.57 -24.54 40.71
CA GLY S 106 42.07 -23.20 40.98
C GLY S 106 41.05 -23.21 42.10
N ASN S 107 41.12 -24.23 42.95
CA ASN S 107 40.15 -24.38 44.04
C ASN S 107 40.72 -23.74 45.28
N VAL S 108 40.53 -22.43 45.39
CA VAL S 108 41.14 -21.66 46.47
C VAL S 108 40.50 -21.99 47.81
N LEU S 109 39.20 -22.28 47.84
CA LEU S 109 38.58 -22.68 49.10
C LEU S 109 39.22 -23.92 49.66
N ALA S 110 39.49 -24.91 48.79
CA ALA S 110 40.00 -26.20 49.24
C ALA S 110 41.44 -26.04 49.70
N VAL S 111 42.21 -25.18 49.03
CA VAL S 111 43.55 -24.89 49.51
C VAL S 111 43.48 -24.29 50.92
N ILE S 112 42.62 -23.31 51.11
CA ILE S 112 42.48 -22.70 52.43
C ILE S 112 42.09 -23.72 53.50
N LEU S 113 41.05 -24.51 53.20
CA LEU S 113 40.58 -25.53 54.15
C LEU S 113 41.70 -26.53 54.51
N ALA S 114 42.38 -27.02 53.48
CA ALA S 114 43.46 -28.01 53.70
C ALA S 114 44.58 -27.41 54.55
N LEU S 115 45.03 -26.22 54.19
CA LEU S 115 46.12 -25.65 54.98
C LEU S 115 45.72 -25.32 56.41
N GLU S 116 44.45 -24.94 56.62
CA GLU S 116 43.97 -24.74 58.00
C GLU S 116 44.00 -26.04 58.80
N VAL S 117 43.64 -27.16 58.16
CA VAL S 117 43.77 -28.45 58.86
C VAL S 117 45.21 -28.83 59.12
N ALA S 118 46.11 -28.54 58.19
CA ALA S 118 47.55 -28.73 58.49
C ALA S 118 47.94 -27.92 59.72
N LEU S 119 47.53 -26.66 59.76
CA LEU S 119 47.82 -25.83 60.92
C LEU S 119 47.22 -26.42 62.21
N GLU S 120 45.98 -26.90 62.14
CA GLU S 120 45.35 -27.49 63.34
C GLU S 120 46.06 -28.77 63.78
N ILE S 121 46.50 -29.60 62.83
CA ILE S 121 47.26 -30.81 63.21
C ILE S 121 48.55 -30.39 63.92
N ALA S 122 49.26 -29.39 63.38
CA ALA S 122 50.47 -28.92 64.06
C ALA S 122 50.17 -28.32 65.45
N ARG S 123 49.09 -27.54 65.55
CA ARG S 123 48.72 -26.93 66.83
C ARG S 123 48.36 -27.97 67.88
N GLU S 124 47.59 -29.00 67.50
CA GLU S 124 47.11 -30.01 68.45
C GLU S 124 48.13 -31.07 68.78
N SER S 125 49.03 -31.36 67.84
CA SER S 125 50.00 -32.45 68.05
C SER S 125 51.00 -32.15 69.16
N GLY S 126 51.43 -30.91 69.28
CA GLY S 126 52.40 -30.55 70.31
C GLY S 126 53.74 -31.27 70.15
N THR S 127 54.07 -31.63 68.92
CA THR S 127 55.39 -32.14 68.62
C THR S 127 56.10 -31.23 67.64
N GLU S 128 57.41 -31.10 67.81
CA GLU S 128 58.20 -30.37 66.85
C GLU S 128 58.09 -30.96 65.45
N GLU S 129 58.10 -32.29 65.37
CA GLU S 129 58.04 -32.94 64.07
C GLU S 129 56.78 -32.59 63.32
N ALA S 130 55.64 -32.55 64.01
CA ALA S 130 54.40 -32.19 63.31
C ALA S 130 54.43 -30.77 62.77
N ALA S 131 55.05 -29.85 63.53
CA ALA S 131 55.23 -28.48 63.03
C ALA S 131 56.09 -28.48 61.79
N LEU S 132 57.22 -29.20 61.84
CA LEU S 132 58.10 -29.29 60.66
C LEU S 132 57.39 -29.87 59.43
N LEU S 133 56.64 -30.95 59.64
CA LEU S 133 55.94 -31.56 58.53
C LEU S 133 54.84 -30.65 58.01
N ALA S 134 54.15 -29.93 58.90
CA ALA S 134 53.13 -29.00 58.42
C ALA S 134 53.76 -27.90 57.57
N VAL S 135 54.90 -27.39 58.02
CA VAL S 135 55.59 -26.41 57.20
C VAL S 135 56.00 -26.98 55.82
N GLU S 136 56.43 -28.24 55.80
CA GLU S 136 56.72 -28.93 54.53
C GLU S 136 55.49 -29.08 53.63
N VAL S 137 54.32 -29.37 54.23
CA VAL S 137 53.08 -29.36 53.47
C VAL S 137 52.85 -27.98 52.86
N VAL S 138 52.96 -26.92 53.67
CA VAL S 138 52.72 -25.57 53.16
C VAL S 138 53.69 -25.27 52.01
N VAL S 139 54.96 -25.65 52.16
CA VAL S 139 55.93 -25.42 51.08
C VAL S 139 55.55 -26.16 49.79
N ARG S 140 55.14 -27.42 49.92
CA ARG S 140 54.74 -28.20 48.74
C ARG S 140 53.56 -27.53 48.02
N VAL S 141 52.59 -27.06 48.81
CA VAL S 141 51.44 -26.39 48.22
C VAL S 141 51.83 -25.06 47.56
N SER S 142 52.69 -24.27 48.23
CA SER S 142 53.24 -23.06 47.64
C SER S 142 53.95 -23.33 46.30
N ASP S 143 54.82 -24.33 46.29
CA ASP S 143 55.51 -24.71 45.06
C ASP S 143 54.54 -25.02 43.93
N GLU S 144 53.54 -25.84 44.24
CA GLU S 144 52.56 -26.17 43.19
C GLU S 144 51.77 -24.95 42.70
N ALA S 145 51.36 -24.12 43.63
CA ALA S 145 50.61 -22.92 43.32
C ALA S 145 51.44 -21.97 42.45
N LYS S 146 52.71 -21.79 42.74
CA LYS S 146 53.59 -20.98 41.90
C LYS S 146 53.65 -21.60 40.49
N LYS S 147 53.84 -22.91 40.43
CA LYS S 147 53.95 -23.60 39.14
C LYS S 147 52.69 -23.40 38.27
N GLN S 148 51.52 -23.44 38.90
CA GLN S 148 50.23 -23.33 38.20
C GLN S 148 49.74 -21.89 37.98
N GLY S 149 50.42 -20.92 38.59
CA GLY S 149 50.00 -19.52 38.51
C GLY S 149 48.73 -19.26 39.32
N ASN S 150 48.65 -19.90 40.48
CA ASN S 150 47.50 -19.76 41.36
C ASN S 150 47.90 -18.81 42.47
N ALA S 151 47.75 -17.51 42.20
CA ALA S 151 48.28 -16.49 43.11
C ALA S 151 47.54 -16.51 44.44
N VAL S 152 46.23 -16.80 44.42
CA VAL S 152 45.48 -16.88 45.68
C VAL S 152 46.09 -17.94 46.63
N ALA S 153 46.41 -19.10 46.06
CA ALA S 153 46.99 -20.19 46.83
C ALA S 153 48.42 -19.89 47.31
N VAL S 154 49.20 -19.18 46.50
CA VAL S 154 50.52 -18.77 46.95
C VAL S 154 50.35 -17.87 48.18
N ALA S 155 49.41 -16.92 48.08
CA ALA S 155 49.22 -16.01 49.20
C ALA S 155 48.71 -16.72 50.45
N VAL S 156 47.78 -17.63 50.27
CA VAL S 156 47.25 -18.42 51.38
C VAL S 156 48.35 -19.24 52.05
N ALA S 157 49.18 -19.89 51.24
CA ALA S 157 50.30 -20.63 51.81
C ALA S 157 51.23 -19.71 52.58
N GLU S 158 51.55 -18.54 52.04
CA GLU S 158 52.40 -17.61 52.79
C GLU S 158 51.76 -17.22 54.13
N GLN S 159 50.44 -16.96 54.10
CA GLN S 159 49.75 -16.61 55.34
C GLN S 159 49.84 -17.70 56.43
N VAL S 160 49.58 -18.93 56.00
CA VAL S 160 49.63 -20.05 56.93
C VAL S 160 51.07 -20.33 57.42
N ALA S 161 52.06 -20.23 56.52
CA ALA S 161 53.46 -20.33 56.94
C ALA S 161 53.76 -19.29 58.04
N LYS S 162 53.36 -18.04 57.78
CA LYS S 162 53.60 -16.99 58.76
C LYS S 162 52.95 -17.32 60.09
N LYS S 163 51.71 -17.80 60.05
CA LYS S 163 51.00 -18.14 61.29
C LYS S 163 51.69 -19.26 62.07
N ILE S 164 52.07 -20.32 61.37
CA ILE S 164 52.80 -21.41 62.03
C ILE S 164 54.10 -20.85 62.61
N LEU S 165 54.81 -20.04 61.83
CA LEU S 165 56.11 -19.51 62.30
C LEU S 165 55.95 -18.56 63.49
N GLU S 166 54.87 -17.78 63.53
CA GLU S 166 54.64 -16.90 64.70
C GLU S 166 54.13 -17.62 65.94
N GLU S 167 53.22 -18.57 65.74
CA GLU S 167 52.46 -19.17 66.85
C GLU S 167 52.92 -20.56 67.33
N SER S 168 53.70 -21.27 66.51
CA SER S 168 54.10 -22.63 66.87
C SER S 168 54.97 -22.67 68.12
N ASP T 1 73.82 -1.89 48.75
CA ASP T 1 73.02 -0.84 48.15
C ASP T 1 72.81 -1.21 46.68
N GLU T 2 73.90 -1.61 46.01
CA GLU T 2 73.85 -1.98 44.59
C GLU T 2 72.71 -2.94 44.31
N ARG T 3 72.54 -3.95 45.16
CA ARG T 3 71.46 -4.90 45.03
C ARG T 3 70.08 -4.22 44.98
N ARG T 4 69.91 -3.22 45.84
CA ARG T 4 68.67 -2.47 45.94
C ARG T 4 68.50 -1.54 44.72
N GLU T 5 69.64 -1.02 44.27
CA GLU T 5 69.69 -0.15 43.11
C GLU T 5 69.34 -0.98 41.85
N LEU T 6 69.90 -2.18 41.80
CA LEU T 6 69.70 -3.09 40.68
C LEU T 6 68.27 -3.59 40.77
N GLU T 7 67.74 -3.66 41.98
CA GLU T 7 66.35 -4.02 42.18
C GLU T 7 65.42 -2.97 41.56
N LYS T 8 65.72 -1.69 41.83
CA LYS T 8 64.95 -0.60 41.22
C LYS T 8 65.00 -0.68 39.69
N VAL T 9 66.23 -0.81 39.19
CA VAL T 9 66.46 -0.92 37.74
C VAL T 9 65.68 -2.08 37.14
N ALA T 10 65.75 -3.24 37.78
CA ALA T 10 65.04 -4.43 37.30
C ALA T 10 63.54 -4.18 37.20
N VAL T 11 62.98 -3.63 38.28
CA VAL T 11 61.54 -3.34 38.33
C VAL T 11 61.11 -2.46 37.16
N LYS T 12 61.83 -1.34 37.02
CA LYS T 12 61.49 -0.39 35.95
C LYS T 12 61.69 -0.97 34.54
N ALA T 13 62.79 -1.69 34.36
CA ALA T 13 63.09 -2.28 33.05
C ALA T 13 62.10 -3.39 32.65
N ILE T 14 61.72 -4.24 33.60
CA ILE T 14 60.77 -5.30 33.33
C ILE T 14 59.42 -4.71 32.95
N MET T 15 59.00 -3.72 33.76
CA MET T 15 57.72 -3.10 33.44
C MET T 15 57.78 -2.44 32.04
N ALA T 16 58.90 -1.78 31.73
CA ALA T 16 59.09 -1.20 30.38
C ALA T 16 59.09 -2.26 29.26
N ALA T 17 59.68 -3.41 29.53
CA ALA T 17 59.66 -4.49 28.54
C ALA T 17 58.24 -5.03 28.32
N MET T 18 57.45 -5.07 29.39
CA MET T 18 56.04 -5.50 29.26
C MET T 18 55.18 -4.55 28.41
N LEU T 19 55.53 -3.26 28.43
CA LEU T 19 54.73 -2.19 27.78
C LEU T 19 55.22 -1.70 26.42
N GLY T 20 56.34 -2.21 25.92
CA GLY T 20 56.86 -1.75 24.64
C GLY T 20 57.54 -0.38 24.73
N ASN T 21 58.09 -0.08 25.91
CA ASN T 21 58.74 1.22 26.15
C ASN T 21 60.23 1.05 25.96
N THR T 22 60.61 1.11 24.69
CA THR T 22 61.99 0.84 24.30
C THR T 22 62.95 1.87 24.92
N ASP T 23 62.52 3.13 24.94
CA ASP T 23 63.38 4.18 25.49
C ASP T 23 63.75 3.92 26.95
N GLU T 24 62.75 3.55 27.75
CA GLU T 24 62.97 3.28 29.18
C GLU T 24 63.76 1.99 29.39
N VAL T 25 63.49 0.94 28.61
CA VAL T 25 64.31 -0.29 28.72
C VAL T 25 65.77 0.02 28.45
N ARG T 26 66.02 0.79 27.38
CA ARG T 26 67.39 1.20 27.03
C ARG T 26 68.07 1.96 28.18
N GLU T 27 67.38 2.98 28.69
CA GLU T 27 67.96 3.77 29.79
C GLU T 27 68.27 2.92 31.04
N GLN T 28 67.31 2.07 31.45
CA GLN T 28 67.49 1.25 32.65
C GLN T 28 68.63 0.22 32.47
N LEU T 29 68.69 -0.41 31.30
CA LEU T 29 69.78 -1.38 31.09
C LEU T 29 71.15 -0.68 31.09
N GLN T 30 71.20 0.55 30.57
CA GLN T 30 72.45 1.32 30.65
C GLN T 30 72.83 1.55 32.10
N ARG T 31 71.83 1.80 32.94
CA ARG T 31 72.16 1.96 34.37
C ARG T 31 72.62 0.67 35.03
N ALA T 32 72.05 -0.47 34.65
CA ALA T 32 72.57 -1.74 35.17
C ALA T 32 74.04 -1.91 34.79
N LEU T 33 74.36 -1.57 33.55
CA LEU T 33 75.75 -1.66 33.11
C LEU T 33 76.64 -0.76 33.94
N GLU T 34 76.18 0.47 34.15
CA GLU T 34 76.98 1.41 34.93
C GLU T 34 77.16 0.99 36.39
N ILE T 35 76.13 0.39 36.99
CA ILE T 35 76.29 -0.14 38.33
C ILE T 35 77.35 -1.23 38.38
N ALA T 36 77.30 -2.15 37.42
CA ALA T 36 78.33 -3.20 37.37
C ALA T 36 79.71 -2.54 37.24
N ARG T 37 79.79 -1.53 36.37
CA ARG T 37 81.04 -0.80 36.16
C ARG T 37 81.55 -0.14 37.44
N GLU T 38 80.65 0.53 38.15
CA GLU T 38 81.05 1.29 39.33
C GLU T 38 81.43 0.39 40.50
N SER T 39 80.76 -0.75 40.61
CA SER T 39 80.98 -1.66 41.74
C SER T 39 82.31 -2.41 41.72
N GLY T 40 82.77 -2.81 40.54
CA GLY T 40 84.06 -3.45 40.42
C GLY T 40 84.17 -4.82 41.09
N THR T 41 83.06 -5.53 41.20
CA THR T 41 83.07 -6.89 41.75
C THR T 41 82.35 -7.89 40.82
N LEU T 42 82.70 -9.17 40.94
CA LEU T 42 82.04 -10.18 40.15
C LEU T 42 80.63 -10.34 40.67
N LEU T 43 80.41 -10.11 41.95
CA LEU T 43 79.06 -10.28 42.48
C LEU T 43 78.12 -9.25 41.82
N ALA T 44 78.61 -8.03 41.60
CA ALA T 44 77.82 -6.99 40.96
C ALA T 44 77.57 -7.35 39.48
N VAL T 45 78.58 -7.90 38.82
CA VAL T 45 78.42 -8.39 37.45
C VAL T 45 77.36 -9.46 37.37
N VAL T 46 77.40 -10.41 38.31
CA VAL T 46 76.43 -11.49 38.34
C VAL T 46 75.02 -10.94 38.50
N LEU T 47 74.86 -10.03 39.45
CA LEU T 47 73.54 -9.42 39.70
C LEU T 47 73.04 -8.63 38.49
N ALA T 48 73.92 -7.85 37.89
CA ALA T 48 73.52 -7.08 36.70
C ALA T 48 73.11 -8.02 35.56
N LEU T 49 73.88 -9.08 35.34
CA LEU T 49 73.52 -10.04 34.28
C LEU T 49 72.21 -10.74 34.61
N GLU T 50 71.94 -11.01 35.89
CA GLU T 50 70.63 -11.58 36.23
C GLU T 50 69.50 -10.58 35.91
N VAL T 51 69.71 -9.30 36.21
CA VAL T 51 68.70 -8.29 35.82
C VAL T 51 68.48 -8.27 34.32
N VAL T 52 69.57 -8.23 33.57
CA VAL T 52 69.48 -8.26 32.12
C VAL T 52 68.72 -9.50 31.63
N ALA T 53 69.02 -10.66 32.22
CA ALA T 53 68.33 -11.88 31.84
C ALA T 53 66.82 -11.80 32.08
N ARG T 54 66.45 -11.34 33.27
CA ARG T 54 65.02 -11.22 33.60
C ARG T 54 64.29 -10.28 32.64
N VAL T 55 64.92 -9.15 32.34
CA VAL T 55 64.33 -8.19 31.38
C VAL T 55 64.16 -8.82 29.99
N ALA T 56 65.20 -9.47 29.52
CA ALA T 56 65.15 -10.10 28.19
C ALA T 56 64.17 -11.25 28.14
N ILE T 57 64.03 -11.99 29.22
CA ILE T 57 63.07 -13.11 29.22
C ILE T 57 61.65 -12.56 29.16
N GLU T 58 61.38 -11.53 29.96
CA GLU T 58 60.07 -10.91 29.91
C GLU T 58 59.80 -10.35 28.51
N ALA T 59 60.78 -9.68 27.92
CA ALA T 59 60.64 -9.17 26.56
C ALA T 59 60.38 -10.29 25.57
N ALA T 60 61.09 -11.40 25.70
CA ALA T 60 60.92 -12.52 24.77
C ALA T 60 59.51 -13.07 24.88
N ARG T 61 58.94 -13.08 26.08
CA ARG T 61 57.56 -13.57 26.25
C ARG T 61 56.51 -12.67 25.60
N LYS T 62 56.81 -11.39 25.49
CA LYS T 62 55.90 -10.35 25.02
C LYS T 62 56.03 -9.98 23.54
N GLY T 63 57.01 -10.52 22.82
CA GLY T 63 57.26 -10.15 21.44
C GLY T 63 57.99 -8.79 21.36
N ASN T 64 58.70 -8.43 22.41
CA ASN T 64 59.35 -7.11 22.45
C ASN T 64 60.77 -7.27 21.94
N THR T 65 60.89 -7.21 20.61
CA THR T 65 62.16 -7.50 19.96
C THR T 65 63.22 -6.47 20.29
N ASP T 66 62.81 -5.23 20.39
CA ASP T 66 63.75 -4.14 20.73
C ASP T 66 64.38 -4.38 22.08
N ALA T 67 63.56 -4.73 23.06
CA ALA T 67 64.08 -4.93 24.42
C ALA T 67 64.98 -6.15 24.51
N VAL T 68 64.65 -7.23 23.79
CA VAL T 68 65.55 -8.37 23.76
C VAL T 68 66.91 -7.94 23.20
N ARG T 69 66.88 -7.23 22.09
CA ARG T 69 68.12 -6.76 21.46
C ARG T 69 68.95 -5.87 22.40
N GLU T 70 68.28 -4.89 23.01
CA GLU T 70 68.96 -3.96 23.94
C GLU T 70 69.57 -4.72 25.11
N ALA T 71 68.79 -5.62 25.66
CA ALA T 71 69.28 -6.38 26.81
C ALA T 71 70.49 -7.27 26.47
N LEU T 72 70.40 -7.97 25.35
CA LEU T 72 71.53 -8.81 25.01
C LEU T 72 72.77 -8.05 24.61
N GLU T 73 72.62 -6.86 23.99
CA GLU T 73 73.77 -5.98 23.76
C GLU T 73 74.43 -5.59 25.09
N VAL T 74 73.61 -5.32 26.11
CA VAL T 74 74.22 -5.00 27.40
C VAL T 74 74.90 -6.22 28.04
N ALA T 75 74.34 -7.42 27.89
CA ALA T 75 75.05 -8.61 28.33
C ALA T 75 76.41 -8.73 27.62
N LEU T 76 76.42 -8.51 26.30
CA LEU T 76 77.66 -8.54 25.52
C LEU T 76 78.67 -7.52 26.06
N GLU T 77 78.20 -6.31 26.37
CA GLU T 77 79.11 -5.29 26.86
C GLU T 77 79.65 -5.61 28.25
N ILE T 78 78.80 -6.15 29.12
CA ILE T 78 79.24 -6.59 30.44
C ILE T 78 80.31 -7.68 30.19
N ALA T 79 80.09 -8.60 29.27
CA ALA T 79 81.12 -9.62 28.97
C ALA T 79 82.41 -8.99 28.44
N ARG T 80 82.29 -7.94 27.63
CA ARG T 80 83.47 -7.24 27.13
C ARG T 80 84.23 -6.50 28.24
N GLU T 81 83.52 -5.81 29.13
CA GLU T 81 84.16 -4.91 30.11
C GLU T 81 84.66 -5.55 31.41
N SER T 82 84.12 -6.71 31.76
CA SER T 82 84.42 -7.32 33.05
C SER T 82 85.84 -7.87 33.17
N GLY T 83 86.39 -8.32 32.06
CA GLY T 83 87.75 -8.88 32.02
C GLY T 83 87.92 -10.24 32.65
N THR T 84 86.82 -10.99 32.81
CA THR T 84 86.89 -12.34 33.36
C THR T 84 86.17 -13.35 32.51
N LYS T 85 86.67 -14.59 32.55
CA LYS T 85 86.03 -15.72 31.87
C LYS T 85 84.65 -16.00 32.46
N VAL T 86 84.57 -15.88 33.79
CA VAL T 86 83.29 -16.08 34.46
C VAL T 86 82.20 -15.16 33.90
N ALA T 87 82.51 -13.88 33.65
CA ALA T 87 81.51 -12.99 33.08
C ALA T 87 81.08 -13.42 31.67
N VAL T 88 82.03 -13.90 30.86
CA VAL T 88 81.73 -14.38 29.53
C VAL T 88 80.78 -15.60 29.58
N VAL T 89 81.10 -16.56 30.43
CA VAL T 89 80.27 -17.75 30.63
C VAL T 89 78.86 -17.39 31.11
N LEU T 90 78.78 -16.47 32.06
CA LEU T 90 77.48 -16.01 32.56
C LEU T 90 76.68 -15.29 31.48
N ALA T 91 77.34 -14.50 30.65
CA ALA T 91 76.67 -13.82 29.54
C ALA T 91 76.12 -14.85 28.55
N LEU T 92 76.92 -15.86 28.22
CA LEU T 92 76.42 -16.94 27.36
C LEU T 92 75.23 -17.70 27.96
N GLU T 93 75.22 -17.88 29.29
CA GLU T 93 74.07 -18.53 29.91
C GLU T 93 72.83 -17.64 29.82
N VAL T 94 73.00 -16.33 30.01
CA VAL T 94 71.88 -15.39 29.78
C VAL T 94 71.31 -15.56 28.36
N VAL T 95 72.20 -15.52 27.37
CA VAL T 95 71.78 -15.66 25.98
C VAL T 95 71.01 -16.99 25.76
N ALA T 96 71.52 -18.08 26.32
CA ALA T 96 70.84 -19.37 26.22
C ALA T 96 69.44 -19.33 26.84
N ARG T 97 69.32 -18.79 28.04
CA ARG T 97 68.01 -18.75 28.71
C ARG T 97 67.01 -17.94 27.89
N VAL T 98 67.47 -16.79 27.38
CA VAL T 98 66.58 -15.94 26.57
C VAL T 98 66.14 -16.67 25.27
N ALA T 99 67.11 -17.28 24.59
CA ALA T 99 66.82 -17.97 23.35
C ALA T 99 65.90 -19.15 23.57
N ILE T 100 66.08 -19.87 24.67
CA ILE T 100 65.18 -20.99 24.98
C ILE T 100 63.73 -20.51 25.23
N GLU T 101 63.59 -19.47 26.04
CA GLU T 101 62.25 -18.89 26.25
C GLU T 101 61.63 -18.42 24.94
N ALA T 102 62.43 -17.77 24.10
CA ALA T 102 61.95 -17.32 22.80
C ALA T 102 61.48 -18.48 21.92
N ALA T 103 62.26 -19.56 21.91
CA ALA T 103 61.88 -20.73 21.14
C ALA T 103 60.56 -21.30 21.57
N ARG T 104 60.34 -21.32 22.88
CA ARG T 104 59.06 -21.80 23.43
C ARG T 104 57.83 -20.95 23.07
N ARG T 105 58.05 -19.68 22.77
CA ARG T 105 56.99 -18.69 22.58
C ARG T 105 56.72 -18.35 21.14
N GLY T 106 57.50 -18.91 20.21
CA GLY T 106 57.35 -18.61 18.80
C GLY T 106 57.96 -17.27 18.45
N ASN T 107 58.91 -16.82 19.27
CA ASN T 107 59.52 -15.51 19.08
C ASN T 107 60.78 -15.69 18.26
N VAL T 108 60.59 -15.72 16.94
CA VAL T 108 61.70 -16.02 16.04
C VAL T 108 62.71 -14.89 16.01
N LEU T 109 62.27 -13.64 16.13
CA LEU T 109 63.23 -12.53 16.17
C LEU T 109 64.18 -12.67 17.35
N ALA T 110 63.64 -13.05 18.52
CA ALA T 110 64.43 -13.10 19.73
C ALA T 110 65.41 -14.28 19.66
N VAL T 111 64.97 -15.38 19.04
CA VAL T 111 65.92 -16.48 18.81
C VAL T 111 67.07 -16.00 17.93
N ILE T 112 66.76 -15.34 16.82
CA ILE T 112 67.80 -14.84 15.94
C ILE T 112 68.76 -13.89 16.66
N LEU T 113 68.19 -12.92 17.38
CA LEU T 113 69.01 -11.94 18.10
C LEU T 113 69.93 -12.63 19.13
N ALA T 114 69.35 -13.55 19.91
CA ALA T 114 70.12 -14.26 20.94
C ALA T 114 71.25 -15.06 20.32
N LEU T 115 70.93 -15.84 19.29
CA LEU T 115 71.99 -16.65 18.69
C LEU T 115 73.08 -15.81 18.02
N GLU T 116 72.70 -14.65 17.46
CA GLU T 116 73.73 -13.75 16.93
C GLU T 116 74.66 -13.23 18.03
N VAL T 117 74.12 -12.93 19.21
CA VAL T 117 74.98 -12.54 20.32
C VAL T 117 75.85 -13.68 20.81
N ALA T 118 75.32 -14.90 20.82
CA ALA T 118 76.19 -16.06 21.11
C ALA T 118 77.35 -16.11 20.11
N LEU T 119 77.03 -15.96 18.83
CA LEU T 119 78.08 -15.96 17.81
C LEU T 119 79.09 -14.82 18.04
N GLU T 120 78.60 -13.63 18.39
CA GLU T 120 79.51 -12.50 18.63
C GLU T 120 80.39 -12.74 19.86
N ILE T 121 79.84 -13.33 20.91
CA ILE T 121 80.67 -13.65 22.10
C ILE T 121 81.76 -14.64 21.68
N ALA T 122 81.40 -15.68 20.92
CA ALA T 122 82.43 -16.62 20.45
C ALA T 122 83.48 -15.95 19.54
N ARG T 123 83.02 -15.08 18.64
CA ARG T 123 83.94 -14.38 17.74
C ARG T 123 84.91 -13.46 18.48
N GLU T 124 84.40 -12.72 19.48
CA GLU T 124 85.22 -11.73 20.20
C GLU T 124 86.09 -12.34 21.29
N SER T 125 85.65 -13.45 21.87
CA SER T 125 86.37 -14.04 22.98
C SER T 125 87.73 -14.60 22.58
N GLY T 126 87.84 -15.18 21.39
CA GLY T 126 89.10 -15.75 20.94
C GLY T 126 89.60 -16.89 21.82
N THR T 127 88.66 -17.57 22.48
CA THR T 127 89.00 -18.80 23.19
C THR T 127 88.27 -19.98 22.59
N GLU T 128 88.92 -21.12 22.59
CA GLU T 128 88.26 -22.34 22.17
C GLU T 128 87.04 -22.65 23.03
N GLU T 129 87.17 -22.43 24.32
CA GLU T 129 86.07 -22.74 25.23
C GLU T 129 84.83 -21.93 24.90
N ALA T 130 84.99 -20.65 24.59
CA ALA T 130 83.81 -19.85 24.24
C ALA T 130 83.13 -20.35 22.97
N ALA T 131 83.92 -20.80 22.00
CA ALA T 131 83.33 -21.41 20.78
C ALA T 131 82.57 -22.66 21.16
N LEU T 132 83.17 -23.53 21.97
CA LEU T 132 82.47 -24.74 22.41
C LEU T 132 81.16 -24.45 23.15
N LEU T 133 81.20 -23.49 24.06
CA LEU T 133 80.02 -23.14 24.82
C LEU T 133 78.96 -22.51 23.91
N ALA T 134 79.39 -21.68 22.95
CA ALA T 134 78.42 -21.11 22.03
C ALA T 134 77.72 -22.20 21.20
N VAL T 135 78.51 -23.17 20.76
CA VAL T 135 77.89 -24.30 20.06
C VAL T 135 76.90 -25.07 20.95
N GLU T 136 77.24 -25.23 22.22
CA GLU T 136 76.31 -25.83 23.19
C GLU T 136 75.03 -25.02 23.39
N VAL T 137 75.15 -23.68 23.40
CA VAL T 137 73.97 -22.83 23.42
C VAL T 137 73.11 -23.11 22.18
N VAL T 138 73.73 -23.11 20.99
CA VAL T 138 72.98 -23.34 19.76
C VAL T 138 72.27 -24.70 19.82
N VAL T 139 72.97 -25.73 20.31
CA VAL T 139 72.36 -27.06 20.42
C VAL T 139 71.15 -27.05 21.36
N ARG T 140 71.28 -26.39 22.52
CA ARG T 140 70.17 -26.31 23.48
C ARG T 140 68.96 -25.63 22.84
N VAL T 141 69.21 -24.55 22.10
CA VAL T 141 68.11 -23.84 21.45
C VAL T 141 67.49 -24.70 20.33
N SER T 142 68.31 -25.39 19.54
CA SER T 142 67.82 -26.33 18.55
C SER T 142 66.93 -27.41 19.17
N ASP T 143 67.41 -28.03 20.24
CA ASP T 143 66.63 -29.04 20.95
C ASP T 143 65.28 -28.52 21.38
N GLU T 144 65.28 -27.34 21.99
CA GLU T 144 63.99 -26.77 22.43
C GLU T 144 63.05 -26.47 21.26
N ALA T 145 63.60 -25.91 20.20
CA ALA T 145 62.84 -25.57 19.01
C ALA T 145 62.23 -26.82 18.38
N LYS T 146 62.99 -27.90 18.29
CA LYS T 146 62.46 -29.17 17.78
C LYS T 146 61.30 -29.62 18.68
N LYS T 147 61.52 -29.57 20.00
CA LYS T 147 60.49 -30.02 20.95
C LYS T 147 59.17 -29.23 20.80
N GLN T 148 59.28 -27.93 20.57
CA GLN T 148 58.11 -27.04 20.44
C GLN T 148 57.51 -26.94 19.04
N GLY T 149 58.18 -27.52 18.05
CA GLY T 149 57.73 -27.43 16.66
C GLY T 149 57.92 -26.03 16.09
N ASN T 150 59.04 -25.40 16.47
CA ASN T 150 59.35 -24.06 16.00
C ASN T 150 60.38 -24.19 14.90
N ALA T 151 59.87 -24.41 13.67
CA ALA T 151 60.76 -24.74 12.55
C ALA T 151 61.67 -23.57 12.20
N VAL T 152 61.17 -22.33 12.33
CA VAL T 152 62.02 -21.16 12.07
C VAL T 152 63.28 -21.17 12.96
N ALA T 153 63.06 -21.46 14.25
CA ALA T 153 64.16 -21.49 15.22
C ALA T 153 65.11 -22.66 14.98
N VAL T 154 64.59 -23.81 14.55
CA VAL T 154 65.46 -24.93 14.21
C VAL T 154 66.37 -24.48 13.06
N ALA T 155 65.77 -23.84 12.06
CA ALA T 155 66.56 -23.43 10.91
C ALA T 155 67.60 -22.36 11.27
N VAL T 156 67.20 -21.41 12.10
CA VAL T 156 68.13 -20.38 12.56
C VAL T 156 69.29 -20.97 13.34
N ALA T 157 68.98 -21.90 14.24
CA ALA T 157 70.06 -22.57 14.97
C ALA T 157 70.99 -23.30 14.02
N GLU T 158 70.44 -24.02 13.04
CA GLU T 158 71.33 -24.69 12.07
C GLU T 158 72.22 -23.67 11.35
N GLN T 159 71.63 -22.54 10.95
CA GLN T 159 72.42 -21.52 10.25
C GLN T 159 73.61 -20.99 11.10
N VAL T 160 73.29 -20.68 12.35
CA VAL T 160 74.33 -20.18 13.25
C VAL T 160 75.39 -21.24 13.59
N ALA T 161 74.96 -22.50 13.79
CA ALA T 161 75.92 -23.59 13.95
C ALA T 161 76.86 -23.66 12.76
N LYS T 162 76.29 -23.63 11.55
CA LYS T 162 77.12 -23.68 10.36
C LYS T 162 78.11 -22.53 10.33
N LYS T 163 77.64 -21.33 10.66
CA LYS T 163 78.53 -20.17 10.65
C LYS T 163 79.68 -20.29 11.64
N ILE T 164 79.36 -20.71 12.87
CA ILE T 164 80.41 -20.90 13.86
C ILE T 164 81.38 -21.98 13.35
N LEU T 165 80.82 -23.07 12.81
CA LEU T 165 81.69 -24.16 12.34
C LEU T 165 82.56 -23.75 11.15
N GLU T 166 82.06 -22.91 10.25
CA GLU T 166 82.89 -22.44 9.14
C GLU T 166 83.91 -21.38 9.52
N GLU T 167 83.51 -20.45 10.37
CA GLU T 167 84.30 -19.23 10.63
C GLU T 167 85.12 -19.21 11.94
N SER T 168 84.80 -20.09 12.89
CA SER T 168 85.49 -20.06 14.17
C SER T 168 86.97 -20.38 14.05
N ASP U 1 73.90 -48.68 0.13
CA ASP U 1 72.88 -48.37 -0.85
C ASP U 1 71.52 -48.65 -0.20
N GLU U 2 71.41 -49.82 0.45
CA GLU U 2 70.16 -50.23 1.11
C GLU U 2 69.60 -49.11 1.97
N ARG U 3 70.45 -48.45 2.74
CA ARG U 3 70.04 -47.34 3.57
C ARG U 3 69.35 -46.23 2.75
N ARG U 4 69.91 -45.94 1.58
CA ARG U 4 69.39 -44.92 0.69
C ARG U 4 68.08 -45.39 0.03
N GLU U 5 68.04 -46.69 -0.25
CA GLU U 5 66.89 -47.34 -0.84
C GLU U 5 65.72 -47.33 0.19
N LEU U 6 66.09 -47.63 1.44
CA LEU U 6 65.13 -47.68 2.53
C LEU U 6 64.71 -46.26 2.83
N GLU U 7 65.62 -45.32 2.57
CA GLU U 7 65.30 -43.90 2.72
C GLU U 7 64.20 -43.49 1.73
N LYS U 8 64.38 -43.90 0.46
CA LYS U 8 63.36 -43.63 -0.55
C LYS U 8 62.01 -44.23 -0.15
N VAL U 9 62.05 -45.51 0.22
CA VAL U 9 60.85 -46.24 0.65
C VAL U 9 60.17 -45.52 1.82
N ALA U 10 60.96 -45.14 2.83
CA ALA U 10 60.42 -44.44 4.00
C ALA U 10 59.69 -43.16 3.60
N VAL U 11 60.37 -42.35 2.78
CA VAL U 11 59.79 -41.09 2.32
C VAL U 11 58.43 -41.30 1.66
N LYS U 12 58.43 -42.21 0.68
CA LYS U 12 57.18 -42.48 -0.05
C LYS U 12 56.08 -43.07 0.83
N ALA U 13 56.45 -44.00 1.70
CA ALA U 13 55.47 -44.64 2.57
C ALA U 13 54.88 -43.68 3.63
N ILE U 14 55.71 -42.83 4.20
CA ILE U 14 55.25 -41.86 5.18
C ILE U 14 54.28 -40.89 4.53
N MET U 15 54.69 -40.39 3.35
CA MET U 15 53.81 -39.47 2.67
C MET U 15 52.47 -40.16 2.33
N ALA U 16 52.54 -41.41 1.89
CA ALA U 16 51.31 -42.19 1.64
C ALA U 16 50.45 -42.40 2.90
N ALA U 17 51.10 -42.64 4.03
CA ALA U 17 50.35 -42.78 5.28
C ALA U 17 49.67 -41.47 5.68
N MET U 18 50.32 -40.33 5.40
CA MET U 18 49.70 -39.03 5.69
C MET U 18 48.46 -38.74 4.84
N LEU U 19 48.42 -39.28 3.62
CA LEU U 19 47.36 -39.01 2.63
C LEU U 19 46.24 -40.05 2.51
N GLY U 20 46.31 -41.15 3.23
CA GLY U 20 45.30 -42.19 3.11
C GLY U 20 45.45 -43.03 1.85
N ASN U 21 46.69 -43.15 1.37
CA ASN U 21 46.98 -43.89 0.13
C ASN U 21 47.43 -45.30 0.51
N THR U 22 46.41 -46.13 0.77
CA THR U 22 46.65 -47.47 1.26
C THR U 22 47.45 -48.31 0.26
N ASP U 23 47.11 -48.15 -1.02
CA ASP U 23 47.78 -48.93 -2.06
C ASP U 23 49.29 -48.67 -2.08
N GLU U 24 49.68 -47.40 -1.99
CA GLU U 24 51.08 -47.02 -2.01
C GLU U 24 51.79 -47.42 -0.71
N VAL U 25 51.14 -47.26 0.44
CA VAL U 25 51.74 -47.73 1.70
C VAL U 25 52.03 -49.22 1.63
N ARG U 26 51.06 -49.99 1.14
CA ARG U 26 51.23 -51.44 0.97
C ARG U 26 52.43 -51.78 0.07
N GLU U 27 52.45 -51.15 -1.11
CA GLU U 27 53.56 -51.43 -2.03
C GLU U 27 54.95 -51.08 -1.43
N GLN U 28 55.06 -49.90 -0.81
CA GLN U 28 56.34 -49.46 -0.25
C GLN U 28 56.78 -50.36 0.93
N LEU U 29 55.84 -50.74 1.79
CA LEU U 29 56.23 -51.63 2.90
C LEU U 29 56.68 -53.01 2.38
N GLN U 30 56.04 -53.49 1.30
CA GLN U 30 56.50 -54.74 0.68
C GLN U 30 57.92 -54.58 0.20
N ARG U 31 58.26 -53.41 -0.34
CA ARG U 31 59.64 -53.22 -0.76
C ARG U 31 60.63 -53.14 0.40
N ALA U 32 60.22 -52.55 1.53
CA ALA U 32 61.09 -52.59 2.71
C ALA U 32 61.36 -54.04 3.12
N LEU U 33 60.30 -54.85 3.10
CA LEU U 33 60.48 -56.26 3.45
C LEU U 33 61.46 -56.93 2.50
N GLU U 34 61.28 -56.66 1.21
CA GLU U 34 62.17 -57.29 0.23
C GLU U 34 63.61 -56.83 0.35
N ILE U 35 63.84 -55.56 0.67
CA ILE U 35 65.19 -55.11 0.92
C ILE U 35 65.82 -55.85 2.10
N ALA U 36 65.06 -55.98 3.19
CA ALA U 36 65.59 -56.74 4.34
C ALA U 36 65.92 -58.18 3.88
N ARG U 37 65.02 -58.76 3.11
CA ARG U 37 65.22 -60.11 2.57
C ARG U 37 66.49 -60.22 1.72
N GLU U 38 66.67 -59.27 0.82
CA GLU U 38 67.79 -59.34 -0.12
C GLU U 38 69.13 -59.09 0.55
N SER U 39 69.14 -58.22 1.56
CA SER U 39 70.38 -57.82 2.23
C SER U 39 71.00 -58.90 3.12
N GLY U 40 70.17 -59.68 3.80
CA GLY U 40 70.68 -60.78 4.61
C GLY U 40 71.52 -60.37 5.80
N THR U 41 71.30 -59.18 6.35
CA THR U 41 72.00 -58.73 7.55
C THR U 41 71.02 -58.23 8.63
N LEU U 42 71.45 -58.26 9.88
CA LEU U 42 70.63 -57.77 10.96
C LEU U 42 70.55 -56.26 10.84
N LEU U 43 71.61 -55.63 10.31
CA LEU U 43 71.56 -54.17 10.22
C LEU U 43 70.44 -53.75 9.24
N ALA U 44 70.26 -54.51 8.16
CA ALA U 44 69.20 -54.23 7.20
C ALA U 44 67.82 -54.47 7.83
N VAL U 45 67.70 -55.54 8.62
CA VAL U 45 66.47 -55.81 9.37
C VAL U 45 66.14 -54.67 10.30
N VAL U 46 67.14 -54.18 11.03
CA VAL U 46 66.95 -53.08 11.95
C VAL U 46 66.45 -51.83 11.23
N LEU U 47 67.12 -51.52 10.12
CA LEU U 47 66.72 -50.35 9.33
C LEU U 47 65.31 -50.48 8.76
N ALA U 48 65.00 -51.66 8.22
CA ALA U 48 63.65 -51.87 7.69
C ALA U 48 62.59 -51.75 8.79
N LEU U 49 62.86 -52.33 9.95
CA LEU U 49 61.90 -52.20 11.06
C LEU U 49 61.78 -50.76 11.52
N GLU U 50 62.88 -50.00 11.49
CA GLU U 50 62.75 -48.57 11.81
C GLU U 50 61.86 -47.85 10.77
N VAL U 51 62.01 -48.17 9.49
CA VAL U 51 61.11 -47.59 8.48
C VAL U 51 59.66 -47.95 8.75
N VAL U 52 59.41 -49.23 9.00
CA VAL U 52 58.08 -49.67 9.33
C VAL U 52 57.51 -48.92 10.54
N ALA U 53 58.34 -48.77 11.58
CA ALA U 53 57.90 -48.04 12.76
C ALA U 53 57.50 -46.60 12.46
N ARG U 54 58.37 -45.90 11.71
CA ARG U 54 58.07 -44.51 11.37
C ARG U 54 56.76 -44.37 10.57
N VAL U 55 56.57 -45.28 9.61
CA VAL U 55 55.33 -45.26 8.82
C VAL U 55 54.10 -45.51 9.69
N ALA U 56 54.19 -46.51 10.55
CA ALA U 56 53.06 -46.84 11.44
C ALA U 56 52.79 -45.75 12.45
N ILE U 57 53.83 -45.08 12.93
CA ILE U 57 53.60 -43.99 13.89
C ILE U 57 52.90 -42.82 13.20
N GLU U 58 53.37 -42.48 12.02
CA GLU U 58 52.71 -41.42 11.27
C GLU U 58 51.25 -41.79 10.99
N ALA U 59 51.01 -43.03 10.58
CA ALA U 59 49.65 -43.51 10.35
C ALA U 59 48.81 -43.43 11.61
N ALA U 60 49.38 -43.82 12.75
CA ALA U 60 48.64 -43.79 14.01
C ALA U 60 48.25 -42.37 14.36
N ARG U 61 49.12 -41.40 14.05
CA ARG U 61 48.79 -40.00 14.32
C ARG U 61 47.64 -39.45 13.47
N LYS U 62 47.50 -40.00 12.29
CA LYS U 62 46.54 -39.56 11.27
C LYS U 62 45.20 -40.28 11.23
N GLY U 63 45.03 -41.34 12.03
CA GLY U 63 43.82 -42.14 11.99
C GLY U 63 43.83 -43.08 10.78
N ASN U 64 45.02 -43.43 10.29
CA ASN U 64 45.11 -44.25 9.08
C ASN U 64 45.23 -45.69 9.50
N THR U 65 44.08 -46.31 9.74
CA THR U 65 44.02 -47.65 10.31
C THR U 65 44.61 -48.69 9.36
N ASP U 66 44.35 -48.51 8.08
CA ASP U 66 44.86 -49.45 7.06
C ASP U 66 46.38 -49.48 7.09
N ALA U 67 46.99 -48.30 7.12
CA ALA U 67 48.44 -48.23 7.09
C ALA U 67 49.08 -48.78 8.37
N VAL U 68 48.45 -48.55 9.53
CA VAL U 68 48.96 -49.17 10.73
C VAL U 68 48.92 -50.68 10.60
N ARG U 69 47.80 -51.21 10.14
CA ARG U 69 47.66 -52.66 9.96
C ARG U 69 48.71 -53.23 9.00
N GLU U 70 48.85 -52.58 7.84
CA GLU U 70 49.82 -53.03 6.81
C GLU U 70 51.24 -53.01 7.37
N ALA U 71 51.55 -51.92 8.05
CA ALA U 71 52.91 -51.80 8.60
C ALA U 71 53.20 -52.87 9.66
N LEU U 72 52.27 -53.07 10.58
CA LEU U 72 52.53 -54.05 11.60
C LEU U 72 52.55 -55.49 11.09
N GLU U 73 51.76 -55.78 10.04
CA GLU U 73 51.88 -57.09 9.37
C GLU U 73 53.29 -57.27 8.80
N VAL U 74 53.84 -56.20 8.23
CA VAL U 74 55.21 -56.34 7.71
C VAL U 74 56.24 -56.50 8.84
N ALA U 75 56.05 -55.80 9.97
CA ALA U 75 56.91 -56.07 11.12
C ALA U 75 56.83 -57.54 11.53
N LEU U 76 55.61 -58.08 11.60
CA LEU U 76 55.40 -59.50 11.95
C LEU U 76 56.14 -60.40 10.96
N GLU U 77 56.04 -60.09 9.65
CA GLU U 77 56.70 -60.94 8.67
C GLU U 77 58.23 -60.86 8.75
N ILE U 78 58.76 -59.66 8.99
CA ILE U 78 60.19 -59.48 9.20
C ILE U 78 60.56 -60.34 10.42
N ALA U 79 59.77 -60.31 11.50
CA ALA U 79 60.07 -61.16 12.67
C ALA U 79 60.01 -62.66 12.31
N ARG U 80 59.07 -63.04 11.45
CA ARG U 80 58.99 -64.44 11.01
C ARG U 80 60.18 -64.86 10.15
N GLU U 81 60.61 -64.01 9.22
CA GLU U 81 61.60 -64.41 8.21
C GLU U 81 63.08 -64.25 8.62
N SER U 82 63.35 -63.41 9.60
CA SER U 82 64.73 -63.09 9.95
C SER U 82 65.48 -64.23 10.63
N GLY U 83 64.77 -65.07 11.37
CA GLY U 83 65.35 -66.21 12.08
C GLY U 83 66.19 -65.87 13.28
N THR U 84 66.02 -64.67 13.84
CA THR U 84 66.74 -64.27 15.05
C THR U 84 65.83 -63.74 16.13
N LYS U 85 66.27 -63.94 17.38
CA LYS U 85 65.55 -63.40 18.54
C LYS U 85 65.59 -61.89 18.52
N VAL U 86 66.72 -61.33 18.13
CA VAL U 86 66.87 -59.89 18.02
C VAL U 86 65.77 -59.27 17.12
N ALA U 87 65.49 -59.90 15.98
CA ALA U 87 64.44 -59.37 15.12
C ALA U 87 63.05 -59.41 15.78
N VAL U 88 62.77 -60.48 16.52
CA VAL U 88 61.51 -60.61 17.24
C VAL U 88 61.37 -59.50 18.30
N VAL U 89 62.41 -59.29 19.09
CA VAL U 89 62.43 -58.23 20.11
C VAL U 89 62.25 -56.83 19.49
N LEU U 90 62.94 -56.59 18.38
CA LEU U 90 62.81 -55.32 17.68
C LEU U 90 61.40 -55.13 17.13
N ALA U 91 60.81 -56.18 16.60
CA ALA U 91 59.43 -56.10 16.10
C ALA U 91 58.47 -55.77 17.24
N LEU U 92 58.64 -56.44 18.39
CA LEU U 92 57.82 -56.10 19.57
C LEU U 92 58.01 -54.65 20.03
N GLU U 93 59.23 -54.12 19.93
CA GLU U 93 59.42 -52.72 20.29
C GLU U 93 58.73 -51.79 19.30
N VAL U 94 58.76 -52.12 18.01
CA VAL U 94 57.97 -51.36 17.02
C VAL U 94 56.49 -51.34 17.41
N VAL U 95 55.94 -52.53 17.69
CA VAL U 95 54.53 -52.63 18.08
C VAL U 95 54.23 -51.76 19.31
N ALA U 96 55.09 -51.80 20.32
CA ALA U 96 54.93 -50.98 21.51
C ALA U 96 54.92 -49.48 21.19
N ARG U 97 55.88 -49.03 20.38
CA ARG U 97 55.97 -47.61 20.05
C ARG U 97 54.70 -47.15 19.32
N VAL U 98 54.25 -47.98 18.37
CA VAL U 98 53.05 -47.62 17.62
C VAL U 98 51.79 -47.57 18.55
N ALA U 99 51.66 -48.58 19.40
CA ALA U 99 50.52 -48.65 20.30
C ALA U 99 50.53 -47.50 21.28
N ILE U 100 51.70 -47.12 21.77
CA ILE U 100 51.78 -45.99 22.69
C ILE U 100 51.37 -44.66 22.01
N GLU U 101 51.89 -44.44 20.80
CA GLU U 101 51.46 -43.25 20.04
C GLU U 101 49.96 -43.27 19.79
N ALA U 102 49.42 -44.42 19.42
CA ALA U 102 47.98 -44.54 19.21
C ALA U 102 47.18 -44.23 20.46
N ALA U 103 47.65 -44.73 21.60
CA ALA U 103 46.96 -44.45 22.86
C ALA U 103 46.92 -42.99 23.17
N ARG U 104 48.01 -42.29 22.88
CA ARG U 104 48.06 -40.83 23.09
C ARG U 104 47.12 -40.01 22.19
N ARG U 105 46.75 -40.57 21.06
CA ARG U 105 46.01 -39.85 20.01
C ARG U 105 44.54 -40.21 19.95
N GLY U 106 44.11 -41.15 20.79
CA GLY U 106 42.72 -41.60 20.77
C GLY U 106 42.45 -42.53 19.62
N ASN U 107 43.50 -43.18 19.12
CA ASN U 107 43.37 -44.05 17.96
C ASN U 107 43.17 -45.47 18.45
N VAL U 108 41.90 -45.78 18.74
CA VAL U 108 41.58 -47.07 19.35
C VAL U 108 41.78 -48.22 18.37
N LEU U 109 41.52 -48.00 17.08
CA LEU U 109 41.78 -49.06 16.11
C LEU U 109 43.25 -49.46 16.11
N ALA U 110 44.14 -48.48 16.17
CA ALA U 110 45.57 -48.75 16.05
C ALA U 110 46.06 -49.44 17.32
N VAL U 111 45.50 -49.06 18.48
CA VAL U 111 45.83 -49.79 19.70
C VAL U 111 45.42 -51.26 19.56
N ILE U 112 44.20 -51.50 19.11
CA ILE U 112 43.74 -52.87 18.92
C ILE U 112 44.64 -53.67 17.97
N LEU U 113 44.92 -53.06 16.81
CA LEU U 113 45.75 -53.72 15.80
C LEU U 113 47.15 -54.05 16.36
N ALA U 114 47.75 -53.06 17.02
CA ALA U 114 49.10 -53.25 17.57
C ALA U 114 49.11 -54.35 18.63
N LEU U 115 48.17 -54.30 19.56
CA LEU U 115 48.17 -55.33 20.59
C LEU U 115 47.88 -56.72 20.05
N GLU U 116 47.04 -56.81 19.00
CA GLU U 116 46.83 -58.11 18.35
C GLU U 116 48.13 -58.65 17.72
N VAL U 117 48.93 -57.77 17.13
CA VAL U 117 50.22 -58.22 16.61
C VAL U 117 51.18 -58.62 17.72
N ALA U 118 51.16 -57.90 18.84
CA ALA U 118 51.94 -58.37 20.00
C ALA U 118 51.51 -59.77 20.40
N LEU U 119 50.19 -60.00 20.49
CA LEU U 119 49.69 -61.32 20.82
C LEU U 119 50.14 -62.37 19.79
N GLU U 120 50.08 -62.03 18.49
CA GLU U 120 50.50 -62.98 17.46
C GLU U 120 51.99 -63.28 17.53
N ILE U 121 52.82 -62.27 17.82
CA ILE U 121 54.26 -62.53 17.98
C ILE U 121 54.47 -63.49 19.16
N ALA U 122 53.79 -63.24 20.27
CA ALA U 122 53.92 -64.18 21.41
C ALA U 122 53.41 -65.59 21.07
N ARG U 123 52.30 -65.68 20.37
CA ARG U 123 51.74 -66.98 19.98
C ARG U 123 52.66 -67.75 19.04
N GLU U 124 53.24 -67.08 18.05
CA GLU U 124 54.07 -67.74 17.04
C GLU U 124 55.50 -68.01 17.50
N SER U 125 56.01 -67.18 18.40
CA SER U 125 57.40 -67.33 18.83
C SER U 125 57.67 -68.60 19.62
N GLY U 126 56.72 -69.03 20.44
CA GLY U 126 56.89 -70.23 21.24
C GLY U 126 58.06 -70.13 22.21
N THR U 127 58.38 -68.92 22.63
CA THR U 127 59.34 -68.74 23.72
C THR U 127 58.69 -68.06 24.89
N GLU U 128 59.12 -68.44 26.08
CA GLU U 128 58.66 -67.76 27.28
C GLU U 128 58.99 -66.28 27.25
N GLU U 129 60.18 -65.96 26.78
CA GLU U 129 60.61 -64.57 26.76
C GLU U 129 59.70 -63.71 25.90
N ALA U 130 59.29 -64.21 24.74
CA ALA U 130 58.39 -63.41 23.90
C ALA U 130 57.04 -63.17 24.58
N ALA U 131 56.54 -64.16 25.32
CA ALA U 131 55.30 -63.96 26.09
C ALA U 131 55.52 -62.90 27.13
N LEU U 132 56.63 -62.97 27.88
CA LEU U 132 56.92 -61.94 28.89
C LEU U 132 57.03 -60.53 28.29
N LEU U 133 57.72 -60.43 27.17
CA LEU U 133 57.88 -59.13 26.53
C LEU U 133 56.54 -58.63 25.99
N ALA U 134 55.72 -59.53 25.45
CA ALA U 134 54.42 -59.09 24.96
C ALA U 134 53.56 -58.56 26.12
N VAL U 135 53.61 -59.26 27.25
CA VAL U 135 52.90 -58.75 28.41
C VAL U 135 53.42 -57.37 28.86
N GLU U 136 54.74 -57.17 28.79
CA GLU U 136 55.33 -55.85 29.06
C GLU U 136 54.88 -54.77 28.07
N VAL U 137 54.74 -55.12 26.79
CA VAL U 137 54.16 -54.20 25.82
C VAL U 137 52.74 -53.83 26.26
N VAL U 138 51.91 -54.83 26.59
CA VAL U 138 50.53 -54.55 26.98
C VAL U 138 50.51 -53.64 28.21
N VAL U 139 51.38 -53.90 29.18
CA VAL U 139 51.42 -53.05 30.37
C VAL U 139 51.80 -51.59 30.03
N ARG U 140 52.79 -51.42 29.16
CA ARG U 140 53.21 -50.07 28.75
C ARG U 140 52.05 -49.32 28.09
N VAL U 141 51.33 -50.04 27.22
CA VAL U 141 50.19 -49.42 26.55
C VAL U 141 49.07 -49.09 27.54
N SER U 142 48.76 -50.01 28.47
CA SER U 142 47.82 -49.75 29.53
C SER U 142 48.19 -48.51 30.36
N ASP U 143 49.44 -48.42 30.77
CA ASP U 143 49.93 -47.26 31.52
C ASP U 143 49.69 -45.97 30.76
N GLU U 144 50.08 -45.97 29.49
CA GLU U 144 49.86 -44.75 28.70
C GLU U 144 48.39 -44.38 28.55
N ALA U 145 47.56 -45.38 28.28
CA ALA U 145 46.14 -45.18 28.12
C ALA U 145 45.51 -44.64 29.39
N LYS U 146 45.89 -45.16 30.56
CA LYS U 146 45.40 -44.62 31.83
C LYS U 146 45.83 -43.16 31.95
N LYS U 147 47.09 -42.87 31.64
CA LYS U 147 47.61 -41.50 31.76
C LYS U 147 46.84 -40.50 30.87
N GLN U 148 46.48 -40.93 29.67
CA GLN U 148 45.77 -40.09 28.70
C GLN U 148 44.25 -40.07 28.83
N GLY U 149 43.70 -40.94 29.67
CA GLY U 149 42.25 -41.07 29.82
C GLY U 149 41.61 -41.72 28.61
N ASN U 150 42.29 -42.71 28.05
CA ASN U 150 41.80 -43.41 26.88
C ASN U 150 41.23 -44.72 27.36
N ALA U 151 39.95 -44.69 27.78
CA ALA U 151 39.35 -45.85 28.44
C ALA U 151 39.20 -47.02 27.48
N VAL U 152 38.94 -46.75 26.19
CA VAL U 152 38.87 -47.85 25.22
C VAL U 152 40.19 -48.66 25.18
N ALA U 153 41.30 -47.94 25.16
CA ALA U 153 42.62 -48.57 25.11
C ALA U 153 42.97 -49.30 26.42
N VAL U 154 42.54 -48.76 27.55
CA VAL U 154 42.74 -49.47 28.81
C VAL U 154 42.00 -50.81 28.73
N ALA U 155 40.76 -50.76 28.25
CA ALA U 155 39.98 -51.98 28.19
C ALA U 155 40.56 -52.99 27.19
N VAL U 156 41.00 -52.50 26.05
CA VAL U 156 41.64 -53.37 25.05
C VAL U 156 42.89 -54.03 25.61
N ALA U 157 43.72 -53.24 26.28
CA ALA U 157 44.92 -53.82 26.90
C ALA U 157 44.54 -54.87 27.91
N GLU U 158 43.53 -54.61 28.76
CA GLU U 158 43.12 -55.64 29.72
C GLU U 158 42.66 -56.92 28.99
N GLN U 159 41.89 -56.75 27.91
CA GLN U 159 41.43 -57.91 27.15
C GLN U 159 42.59 -58.78 26.60
N VAL U 160 43.56 -58.09 26.00
CA VAL U 160 44.70 -58.79 25.43
C VAL U 160 45.58 -59.43 26.53
N ALA U 161 45.78 -58.73 27.65
CA ALA U 161 46.49 -59.33 28.79
C ALA U 161 45.79 -60.62 29.21
N LYS U 162 44.47 -60.55 29.37
CA LYS U 162 43.72 -61.73 29.78
C LYS U 162 43.92 -62.87 28.78
N LYS U 163 43.85 -62.55 27.49
CA LYS U 163 44.02 -63.58 26.46
C LYS U 163 45.40 -64.24 26.51
N ILE U 164 46.44 -63.42 26.61
CA ILE U 164 47.79 -63.96 26.72
C ILE U 164 47.86 -64.83 28.00
N LEU U 165 47.33 -64.32 29.10
CA LEU U 165 47.42 -65.07 30.36
C LEU U 165 46.62 -66.39 30.32
N GLU U 166 45.48 -66.41 29.62
CA GLU U 166 44.73 -67.66 29.49
C GLU U 166 45.33 -68.66 28.52
N GLU U 167 45.80 -68.17 27.37
CA GLU U 167 46.17 -69.01 26.24
C GLU U 167 47.68 -69.28 26.04
N SER U 168 48.53 -68.48 26.65
CA SER U 168 49.97 -68.62 26.42
C SER U 168 50.50 -69.96 26.94
#